data_2K46
#
_entry.id   2K46
#
loop_
_entity.id
_entity.type
_entity.pdbx_description
1 polymer 'MGC80075 protein'
2 branched alpha-D-glucopyranose-(1-3)-alpha-D-glucopyranose
#
_entity_poly.entity_id   1
_entity_poly.type   'polypeptide(L)'
_entity_poly.pdbx_seq_one_letter_code
;GAMSGLADKVIWAVNAGGESHVDVHGIHYRKDPLEGRVGRASDYGMKLPILRSNPEDQVLYQTERYNEDSFGYDIPIKEE
GEYVLVLKFAEVYFAQSQQKVFDVRVNGHTVVKDLDIFDRVGHSTAHDEIIPISIKKGKLSVQGEVSTFTGKLSVEFVKG
YYDNPKVCALFIMKGTADDVPMLQPHPGLE
;
_entity_poly.pdbx_strand_id   A
#
# COMPACT_ATOMS: atom_id res chain seq x y z
N GLY A 1 6.15 -16.96 17.50
CA GLY A 1 5.87 -18.11 16.59
C GLY A 1 6.00 -17.73 15.12
N ALA A 2 5.85 -18.73 14.25
CA ALA A 2 5.96 -18.49 12.81
C ALA A 2 5.42 -19.69 12.03
N MET A 3 4.28 -19.51 11.39
CA MET A 3 3.66 -20.57 10.60
C MET A 3 3.51 -20.14 9.14
N SER A 4 2.90 -18.97 8.93
CA SER A 4 2.69 -18.46 7.58
C SER A 4 4.02 -18.29 6.85
N GLY A 5 3.95 -18.20 5.52
CA GLY A 5 5.15 -18.04 4.72
C GLY A 5 5.11 -16.80 3.85
N LEU A 6 4.47 -15.75 4.33
CA LEU A 6 4.36 -14.50 3.59
C LEU A 6 5.64 -13.68 3.74
N ALA A 7 6.09 -13.58 4.99
CA ALA A 7 7.30 -12.86 5.32
C ALA A 7 8.49 -13.41 4.54
N ASP A 8 8.36 -14.63 4.05
CA ASP A 8 9.43 -15.29 3.31
C ASP A 8 9.60 -14.71 1.91
N LYS A 9 8.60 -14.01 1.43
CA LYS A 9 8.67 -13.43 0.09
C LYS A 9 8.77 -11.90 0.13
N VAL A 10 8.34 -11.29 1.23
CA VAL A 10 8.42 -9.83 1.36
C VAL A 10 9.75 -9.30 0.87
N ILE A 11 9.75 -8.10 0.31
CA ILE A 11 11.00 -7.52 -0.16
C ILE A 11 11.08 -6.03 0.15
N TRP A 12 9.92 -5.40 0.32
CA TRP A 12 9.90 -3.97 0.59
C TRP A 12 8.47 -3.52 0.92
N ALA A 13 8.32 -2.71 1.98
CA ALA A 13 7.00 -2.23 2.40
C ALA A 13 7.10 -0.89 3.12
N VAL A 14 6.10 -0.01 2.92
CA VAL A 14 6.13 1.29 3.57
C VAL A 14 4.75 1.83 3.94
N ASN A 15 4.57 2.21 5.20
CA ASN A 15 3.31 2.79 5.63
C ASN A 15 3.50 4.22 6.06
N ALA A 16 3.19 5.15 5.17
CA ALA A 16 3.32 6.56 5.48
C ALA A 16 2.31 6.94 6.53
N GLY A 17 2.82 7.20 7.75
CA GLY A 17 1.98 7.57 8.87
C GLY A 17 2.56 7.14 10.19
N GLY A 18 3.05 5.91 10.24
CA GLY A 18 3.63 5.37 11.46
C GLY A 18 5.14 5.42 11.44
N GLU A 19 5.77 4.37 11.96
CA GLU A 19 7.23 4.30 11.99
C GLU A 19 7.69 2.86 12.22
N SER A 20 8.44 2.33 11.25
CA SER A 20 8.98 0.97 11.33
C SER A 20 8.04 0.02 12.07
N HIS A 21 7.11 -0.64 11.35
CA HIS A 21 6.18 -1.58 12.01
C HIS A 21 6.17 -2.94 11.34
N VAL A 22 5.88 -3.98 12.13
CA VAL A 22 5.82 -5.35 11.62
C VAL A 22 4.44 -5.98 11.83
N ASP A 23 3.72 -6.17 10.73
CA ASP A 23 2.39 -6.77 10.77
C ASP A 23 2.50 -8.23 11.16
N VAL A 24 1.41 -8.77 11.73
CA VAL A 24 1.37 -10.16 12.21
C VAL A 24 2.00 -11.16 11.24
N HIS A 25 1.58 -11.14 9.98
CA HIS A 25 2.11 -12.09 9.01
C HIS A 25 3.63 -11.97 8.93
N GLY A 26 4.14 -10.83 9.38
CA GLY A 26 5.56 -10.58 9.37
C GLY A 26 5.98 -9.63 8.28
N ILE A 27 5.12 -8.66 7.99
CA ILE A 27 5.41 -7.68 6.94
C ILE A 27 5.83 -6.35 7.57
N HIS A 28 7.13 -6.01 7.43
CA HIS A 28 7.70 -4.81 8.03
C HIS A 28 7.79 -3.61 7.09
N TYR A 29 7.39 -2.45 7.63
CA TYR A 29 7.47 -1.17 6.93
C TYR A 29 8.68 -0.42 7.47
N ARG A 30 9.46 0.17 6.56
CA ARG A 30 10.66 0.91 6.96
C ARG A 30 10.38 2.42 7.08
N LYS A 31 10.46 2.90 8.32
CA LYS A 31 10.28 4.32 8.70
C LYS A 31 10.37 5.30 7.53
N ASP A 32 9.48 6.31 7.58
CA ASP A 32 9.41 7.39 6.58
C ASP A 32 10.68 7.51 5.74
N PRO A 33 10.76 6.80 4.61
CA PRO A 33 11.94 6.84 3.74
C PRO A 33 11.79 7.77 2.54
N LEU A 34 10.61 8.40 2.38
CA LEU A 34 10.39 9.29 1.24
C LEU A 34 9.93 10.68 1.68
N GLU A 35 9.33 10.77 2.87
CA GLU A 35 8.87 12.05 3.38
C GLU A 35 10.04 12.82 3.98
N GLY A 36 10.94 13.28 3.11
CA GLY A 36 12.10 13.98 3.59
C GLY A 36 13.10 13.02 4.18
N ARG A 37 12.71 11.74 4.18
CA ARG A 37 13.54 10.64 4.71
C ARG A 37 14.17 11.04 6.04
N VAL A 38 13.53 11.98 6.74
CA VAL A 38 14.01 12.44 8.04
C VAL A 38 12.83 12.89 8.91
N GLY A 39 12.84 12.47 10.17
CA GLY A 39 11.76 12.85 11.07
C GLY A 39 11.18 11.67 11.83
N ARG A 40 9.97 11.86 12.36
CA ARG A 40 9.29 10.82 13.12
C ARG A 40 7.78 10.92 12.95
N ALA A 41 7.09 9.79 13.10
CA ALA A 41 5.63 9.74 12.95
C ALA A 41 4.95 10.82 13.78
N SER A 42 4.23 11.71 13.10
CA SER A 42 3.52 12.78 13.77
C SER A 42 2.36 12.22 14.58
N ASP A 43 1.91 11.03 14.21
CA ASP A 43 0.80 10.34 14.88
C ASP A 43 -0.28 11.34 15.32
N TYR A 44 -0.76 12.13 14.36
CA TYR A 44 -1.79 13.12 14.63
C TYR A 44 -3.18 12.53 14.45
N GLY A 45 -3.29 11.53 13.58
CA GLY A 45 -4.57 10.90 13.32
C GLY A 45 -4.61 9.44 13.74
N MET A 46 -3.79 9.09 14.74
CA MET A 46 -3.75 7.73 15.24
C MET A 46 -5.14 7.29 15.68
N LYS A 47 -5.94 8.27 16.08
CA LYS A 47 -7.31 8.02 16.53
C LYS A 47 -8.12 7.40 15.39
N LEU A 48 -9.31 6.89 15.73
CA LEU A 48 -10.20 6.27 14.76
C LEU A 48 -9.60 4.95 14.26
N PRO A 49 -9.44 3.96 15.15
CA PRO A 49 -8.87 2.65 14.80
C PRO A 49 -9.59 1.99 13.63
N ILE A 50 -8.84 1.61 12.59
CA ILE A 50 -9.44 0.93 11.44
C ILE A 50 -10.14 -0.34 11.95
N LEU A 51 -11.34 -0.58 11.42
CA LEU A 51 -12.15 -1.73 11.84
C LEU A 51 -11.68 -3.06 11.24
N ARG A 52 -11.49 -3.09 9.92
CA ARG A 52 -11.08 -4.32 9.24
C ARG A 52 -9.60 -4.62 9.42
N SER A 53 -9.04 -4.31 10.59
CA SER A 53 -7.64 -4.58 10.87
C SER A 53 -7.39 -4.84 12.35
N ASN A 54 -6.62 -5.89 12.63
CA ASN A 54 -6.26 -6.24 14.01
C ASN A 54 -5.45 -5.09 14.63
N PRO A 55 -5.55 -4.85 15.96
CA PRO A 55 -4.83 -3.74 16.63
C PRO A 55 -3.41 -3.45 16.13
N GLU A 56 -2.61 -4.49 15.89
CA GLU A 56 -1.23 -4.25 15.47
C GLU A 56 -1.17 -3.83 14.01
N ASP A 57 -1.74 -4.64 13.16
CA ASP A 57 -1.73 -4.33 11.75
C ASP A 57 -2.68 -3.16 11.50
N GLN A 58 -3.31 -2.69 12.59
CA GLN A 58 -4.21 -1.55 12.54
C GLN A 58 -3.40 -0.28 12.47
N VAL A 59 -2.58 -0.04 13.49
CA VAL A 59 -1.72 1.13 13.49
C VAL A 59 -0.97 1.21 12.17
N LEU A 60 -0.54 0.05 11.65
CA LEU A 60 0.16 0.03 10.37
C LEU A 60 -0.77 0.46 9.23
N TYR A 61 -1.79 -0.37 8.97
CA TYR A 61 -2.78 -0.10 7.94
C TYR A 61 -3.43 1.27 8.15
N GLN A 62 -3.10 1.90 9.26
CA GLN A 62 -3.64 3.20 9.60
C GLN A 62 -2.53 4.26 9.64
N THR A 63 -2.50 5.04 10.72
CA THR A 63 -1.52 6.14 10.87
C THR A 63 -1.48 7.03 9.61
N GLU A 64 -1.01 8.28 9.74
CA GLU A 64 -0.99 9.19 8.59
C GLU A 64 0.25 10.07 8.51
N ARG A 65 0.70 10.32 7.28
CA ARG A 65 1.85 11.17 7.00
C ARG A 65 1.54 12.07 5.82
N TYR A 66 1.89 13.35 5.93
CA TYR A 66 1.63 14.32 4.86
C TYR A 66 2.93 14.88 4.30
N ASN A 67 3.03 14.89 2.97
CA ASN A 67 4.21 15.42 2.29
C ASN A 67 3.92 16.79 1.68
N GLU A 68 3.19 16.80 0.56
CA GLU A 68 2.86 18.06 -0.10
C GLU A 68 2.03 17.85 -1.37
N ASP A 69 2.57 17.07 -2.32
CA ASP A 69 1.88 16.84 -3.60
C ASP A 69 2.70 15.86 -4.43
N SER A 70 2.02 15.00 -5.19
CA SER A 70 2.72 14.02 -6.02
C SER A 70 3.80 13.34 -5.19
N PHE A 71 3.37 12.43 -4.33
CA PHE A 71 4.32 11.73 -3.47
C PHE A 71 4.88 10.58 -4.28
N GLY A 72 6.15 10.23 -4.06
CA GLY A 72 6.71 9.15 -4.83
C GLY A 72 7.57 8.18 -4.07
N TYR A 73 7.26 6.90 -4.24
CA TYR A 73 7.98 5.82 -3.57
C TYR A 73 8.85 5.05 -4.56
N ASP A 74 9.99 4.57 -4.08
CA ASP A 74 10.93 3.82 -4.91
C ASP A 74 11.16 2.41 -4.36
N ILE A 75 11.02 1.41 -5.23
CA ILE A 75 11.24 0.03 -4.83
C ILE A 75 12.30 -0.65 -5.72
N PRO A 76 13.59 -0.53 -5.38
CA PRO A 76 14.66 -1.18 -6.16
C PRO A 76 14.43 -2.69 -6.27
N ILE A 77 14.47 -3.21 -7.49
CA ILE A 77 14.27 -4.65 -7.71
C ILE A 77 15.46 -5.26 -8.45
N LYS A 78 15.69 -6.55 -8.21
CA LYS A 78 16.79 -7.27 -8.84
C LYS A 78 16.40 -8.71 -9.17
N GLU A 79 15.14 -9.06 -8.93
CA GLU A 79 14.65 -10.41 -9.21
C GLU A 79 13.39 -10.36 -10.06
N GLU A 80 12.96 -11.53 -10.55
CA GLU A 80 11.76 -11.61 -11.37
C GLU A 80 10.74 -12.59 -10.81
N GLY A 81 9.56 -12.60 -11.41
CA GLY A 81 8.48 -13.46 -10.96
C GLY A 81 7.18 -12.68 -10.95
N GLU A 82 6.19 -13.08 -10.14
CA GLU A 82 4.96 -12.31 -10.11
C GLU A 82 5.00 -11.39 -8.90
N TYR A 83 5.15 -10.09 -9.14
CA TYR A 83 5.23 -9.15 -8.03
C TYR A 83 3.86 -8.59 -7.78
N VAL A 84 3.43 -8.71 -6.54
CA VAL A 84 2.10 -8.27 -6.17
C VAL A 84 2.16 -7.10 -5.23
N LEU A 85 1.64 -5.98 -5.71
CA LEU A 85 1.62 -4.76 -4.93
C LEU A 85 0.28 -4.60 -4.23
N VAL A 86 0.31 -4.85 -2.93
CA VAL A 86 -0.88 -4.71 -2.11
C VAL A 86 -0.69 -3.52 -1.20
N LEU A 87 -1.67 -2.65 -1.11
CA LEU A 87 -1.53 -1.51 -0.23
C LEU A 87 -2.83 -1.17 0.47
N LYS A 88 -2.71 -0.69 1.71
CA LYS A 88 -3.91 -0.30 2.46
C LYS A 88 -4.02 1.23 2.52
N PHE A 89 -5.09 1.75 1.93
CA PHE A 89 -5.35 3.19 1.94
C PHE A 89 -6.47 3.46 2.94
N ALA A 90 -6.40 4.57 3.67
CA ALA A 90 -7.46 4.86 4.65
C ALA A 90 -7.60 6.35 4.95
N GLU A 91 -8.80 6.72 5.44
CA GLU A 91 -9.10 8.11 5.80
C GLU A 91 -8.91 9.06 4.61
N VAL A 92 -9.55 10.22 4.69
CA VAL A 92 -9.44 11.21 3.63
C VAL A 92 -10.09 12.54 4.02
N TYR A 93 -10.73 12.55 5.20
CA TYR A 93 -11.40 13.75 5.71
C TYR A 93 -12.61 14.09 4.85
N PHE A 94 -13.69 14.52 5.50
CA PHE A 94 -14.93 14.89 4.82
C PHE A 94 -15.63 13.66 4.23
N ALA A 95 -16.91 13.50 4.56
CA ALA A 95 -17.69 12.37 4.08
C ALA A 95 -18.35 12.70 2.75
N GLN A 96 -17.60 12.59 1.66
CA GLN A 96 -18.12 12.88 0.33
C GLN A 96 -17.73 11.78 -0.65
N SER A 97 -18.55 11.60 -1.68
CA SER A 97 -18.30 10.56 -2.68
C SER A 97 -18.06 11.13 -4.07
N GLN A 98 -17.30 10.37 -4.86
CA GLN A 98 -16.97 10.75 -6.24
C GLN A 98 -16.45 12.18 -6.34
N GLN A 99 -15.88 12.70 -5.26
CA GLN A 99 -15.34 14.04 -5.25
C GLN A 99 -13.85 14.00 -4.95
N LYS A 100 -13.49 13.29 -3.89
CA LYS A 100 -12.09 13.14 -3.51
C LYS A 100 -11.49 11.98 -4.28
N VAL A 101 -11.17 12.23 -5.54
CA VAL A 101 -10.59 11.19 -6.40
C VAL A 101 -9.12 11.50 -6.69
N PHE A 102 -8.29 10.45 -6.74
CA PHE A 102 -6.85 10.64 -6.97
C PHE A 102 -6.30 9.73 -8.07
N ASP A 103 -4.99 9.83 -8.32
CA ASP A 103 -4.34 9.00 -9.33
C ASP A 103 -3.21 8.17 -8.74
N VAL A 104 -3.15 6.90 -9.15
CA VAL A 104 -2.12 5.98 -8.67
C VAL A 104 -1.42 5.26 -9.83
N ARG A 105 -0.08 5.33 -9.83
CA ARG A 105 0.74 4.72 -10.87
C ARG A 105 1.80 3.78 -10.31
N VAL A 106 2.10 2.75 -11.11
CA VAL A 106 3.09 1.75 -10.76
C VAL A 106 4.20 1.73 -11.80
N ASN A 107 5.42 2.05 -11.39
CA ASN A 107 6.53 2.13 -12.30
C ASN A 107 6.18 3.09 -13.43
N GLY A 108 5.28 4.01 -13.11
CA GLY A 108 4.82 4.98 -14.07
C GLY A 108 3.58 4.55 -14.82
N HIS A 109 2.82 3.62 -14.24
CA HIS A 109 1.63 3.11 -14.89
C HIS A 109 0.35 3.32 -14.09
N THR A 110 -0.55 4.18 -14.57
CA THR A 110 -1.81 4.42 -13.86
C THR A 110 -2.66 3.17 -13.86
N VAL A 111 -2.92 2.66 -12.67
CA VAL A 111 -3.75 1.47 -12.53
C VAL A 111 -5.05 1.84 -11.84
N VAL A 112 -5.00 2.85 -10.98
CA VAL A 112 -6.22 3.29 -10.30
C VAL A 112 -6.32 4.80 -10.38
N LYS A 113 -6.96 5.29 -11.45
CA LYS A 113 -7.11 6.73 -11.65
C LYS A 113 -8.50 7.19 -11.35
N ASP A 114 -8.71 7.33 -10.07
CA ASP A 114 -9.96 7.77 -9.48
C ASP A 114 -10.04 7.26 -8.04
N LEU A 115 -8.90 7.22 -7.37
CA LEU A 115 -8.87 6.72 -6.01
C LEU A 115 -9.69 7.57 -5.06
N ASP A 116 -10.94 7.16 -4.89
CA ASP A 116 -11.85 7.81 -3.99
C ASP A 116 -12.08 6.86 -2.83
N ILE A 117 -11.19 6.94 -1.85
CA ILE A 117 -11.21 6.03 -0.71
C ILE A 117 -12.59 5.95 -0.05
N PHE A 118 -13.27 7.08 0.07
CA PHE A 118 -14.60 7.11 0.69
C PHE A 118 -15.60 6.26 -0.09
N ASP A 119 -15.90 6.67 -1.33
CA ASP A 119 -16.84 5.94 -2.16
C ASP A 119 -16.48 4.44 -2.26
N ARG A 120 -15.21 4.12 -2.12
CA ARG A 120 -14.76 2.73 -2.22
C ARG A 120 -15.33 1.85 -1.10
N VAL A 121 -15.00 2.17 0.15
CA VAL A 121 -15.50 1.38 1.28
C VAL A 121 -16.65 2.07 2.02
N GLY A 122 -16.52 3.37 2.21
CA GLY A 122 -17.54 4.13 2.92
C GLY A 122 -16.95 4.79 4.14
N HIS A 123 -17.28 4.26 5.31
CA HIS A 123 -16.74 4.79 6.55
C HIS A 123 -15.23 4.57 6.56
N SER A 124 -14.53 5.16 7.52
CA SER A 124 -13.08 5.02 7.61
C SER A 124 -12.64 3.62 7.18
N THR A 125 -12.76 2.65 8.08
CA THR A 125 -12.40 1.27 7.79
C THR A 125 -11.07 1.18 7.04
N ALA A 126 -10.80 0.03 6.43
CA ALA A 126 -9.57 -0.15 5.68
C ALA A 126 -9.87 -0.34 4.20
N HIS A 127 -9.06 0.27 3.33
CA HIS A 127 -9.22 0.12 1.89
C HIS A 127 -8.03 -0.66 1.34
N ASP A 128 -8.24 -1.46 0.31
CA ASP A 128 -7.15 -2.27 -0.25
C ASP A 128 -7.21 -2.40 -1.76
N GLU A 129 -6.05 -2.23 -2.40
CA GLU A 129 -5.94 -2.39 -3.84
C GLU A 129 -4.91 -3.48 -4.14
N ILE A 130 -5.31 -4.43 -4.96
CA ILE A 130 -4.45 -5.54 -5.35
C ILE A 130 -4.06 -5.43 -6.83
N ILE A 131 -2.76 -5.35 -7.09
CA ILE A 131 -2.27 -5.20 -8.45
C ILE A 131 -1.17 -6.21 -8.82
N PRO A 132 -1.53 -7.42 -9.32
CA PRO A 132 -0.53 -8.42 -9.73
C PRO A 132 0.33 -7.92 -10.88
N ILE A 133 1.60 -8.33 -10.89
CA ILE A 133 2.53 -7.92 -11.93
C ILE A 133 3.38 -9.10 -12.39
N SER A 134 3.92 -9.01 -13.60
CA SER A 134 4.77 -10.07 -14.13
C SER A 134 6.05 -9.51 -14.75
N ILE A 135 7.17 -9.76 -14.08
CA ILE A 135 8.47 -9.31 -14.56
C ILE A 135 9.31 -10.50 -15.01
N LYS A 136 9.80 -10.45 -16.24
CA LYS A 136 10.60 -11.54 -16.79
C LYS A 136 11.68 -11.00 -17.74
N LYS A 137 12.87 -11.58 -17.66
CA LYS A 137 13.99 -11.17 -18.49
C LYS A 137 14.37 -9.71 -18.22
N GLY A 138 13.87 -9.17 -17.12
CA GLY A 138 14.17 -7.80 -16.77
C GLY A 138 13.15 -6.80 -17.29
N LYS A 139 12.01 -7.30 -17.76
CA LYS A 139 10.97 -6.42 -18.27
C LYS A 139 9.72 -6.45 -17.38
N LEU A 140 8.86 -5.43 -17.51
CA LEU A 140 7.68 -5.32 -16.66
C LEU A 140 6.38 -5.39 -17.47
N SER A 141 5.40 -6.10 -16.92
CA SER A 141 4.08 -6.22 -17.54
C SER A 141 3.01 -5.88 -16.51
N VAL A 142 2.35 -4.73 -16.70
CA VAL A 142 1.30 -4.28 -15.78
C VAL A 142 -0.09 -4.47 -16.41
N GLN A 143 -0.88 -5.34 -15.81
CA GLN A 143 -2.24 -5.63 -16.30
C GLN A 143 -2.25 -6.06 -17.77
N GLY A 144 -2.31 -5.07 -18.67
CA GLY A 144 -2.33 -5.38 -20.09
C GLY A 144 -1.43 -4.47 -20.91
N GLU A 145 -0.44 -3.88 -20.25
CA GLU A 145 0.51 -2.99 -20.93
C GLU A 145 1.93 -3.45 -20.65
N VAL A 146 2.78 -3.41 -21.67
CA VAL A 146 4.16 -3.84 -21.52
C VAL A 146 5.12 -2.65 -21.50
N SER A 147 6.10 -2.75 -20.61
CA SER A 147 7.11 -1.71 -20.45
C SER A 147 8.28 -2.28 -19.68
N THR A 148 9.47 -2.14 -20.23
CA THR A 148 10.66 -2.68 -19.58
C THR A 148 10.90 -2.05 -18.21
N PHE A 149 11.46 -2.86 -17.30
CA PHE A 149 11.77 -2.43 -15.94
C PHE A 149 13.06 -1.61 -15.93
N THR A 150 13.11 -0.57 -15.10
CA THR A 150 14.29 0.29 -15.05
C THR A 150 14.68 0.69 -13.62
N GLY A 151 15.62 -0.06 -13.05
CA GLY A 151 16.12 0.25 -11.71
C GLY A 151 15.19 -0.09 -10.56
N LYS A 152 14.00 0.50 -10.53
CA LYS A 152 13.08 0.23 -9.42
C LYS A 152 11.62 0.42 -9.82
N LEU A 153 10.73 -0.03 -8.92
CA LEU A 153 9.30 0.14 -9.14
C LEU A 153 8.91 1.48 -8.53
N SER A 154 8.08 2.28 -9.20
CA SER A 154 7.76 3.58 -8.65
C SER A 154 6.28 3.83 -8.50
N VAL A 155 5.82 3.93 -7.25
CA VAL A 155 4.41 4.18 -7.00
C VAL A 155 4.20 5.65 -6.73
N GLU A 156 3.76 6.36 -7.75
CA GLU A 156 3.54 7.80 -7.65
C GLU A 156 2.07 8.14 -7.70
N PHE A 157 1.59 8.88 -6.71
CA PHE A 157 0.19 9.28 -6.74
C PHE A 157 0.08 10.80 -6.80
N VAL A 158 -0.68 11.24 -7.80
CA VAL A 158 -0.87 12.67 -8.06
C VAL A 158 -2.15 13.21 -7.45
N LYS A 159 -2.03 14.45 -6.98
CA LYS A 159 -3.13 15.18 -6.35
C LYS A 159 -4.36 15.22 -7.25
N GLY A 160 -5.53 15.23 -6.62
CA GLY A 160 -6.78 15.29 -7.36
C GLY A 160 -7.66 16.44 -6.91
N TYR A 161 -7.90 16.51 -5.60
CA TYR A 161 -8.72 17.57 -5.03
C TYR A 161 -8.26 17.92 -3.62
N TYR A 162 -7.01 18.36 -3.49
CA TYR A 162 -6.44 18.75 -2.20
C TYR A 162 -6.31 17.55 -1.27
N ASP A 163 -5.37 17.65 -0.33
CA ASP A 163 -5.14 16.59 0.65
C ASP A 163 -4.83 15.25 -0.03
N ASN A 164 -3.59 15.12 -0.50
CA ASN A 164 -3.16 13.89 -1.15
C ASN A 164 -3.48 12.69 -0.27
N PRO A 165 -3.63 11.47 -0.84
CA PRO A 165 -3.93 10.27 -0.07
C PRO A 165 -3.38 10.33 1.35
N LYS A 166 -4.28 10.59 2.29
CA LYS A 166 -3.94 10.73 3.70
C LYS A 166 -3.14 9.54 4.24
N VAL A 167 -3.80 8.39 4.43
CA VAL A 167 -3.10 7.21 4.96
C VAL A 167 -2.59 6.31 3.86
N CYS A 168 -1.33 5.88 4.00
CA CYS A 168 -0.71 5.00 3.01
C CYS A 168 -0.06 3.80 3.69
N ALA A 169 -0.37 2.61 3.18
CA ALA A 169 0.12 1.35 3.73
C ALA A 169 0.88 0.50 2.72
N LEU A 170 1.64 1.15 1.83
CA LEU A 170 2.43 0.45 0.82
C LEU A 170 2.95 -0.89 1.33
N PHE A 171 2.72 -1.95 0.54
CA PHE A 171 3.18 -3.28 0.90
C PHE A 171 3.50 -4.09 -0.36
N ILE A 172 4.80 -4.28 -0.67
CA ILE A 172 5.16 -5.05 -1.87
C ILE A 172 5.88 -6.37 -1.53
N MET A 173 5.31 -7.44 -2.08
CA MET A 173 5.84 -8.78 -1.90
C MET A 173 6.21 -9.38 -3.25
N LYS A 174 6.97 -10.47 -3.24
CA LYS A 174 7.40 -11.07 -4.50
C LYS A 174 6.96 -12.51 -4.70
N GLY A 175 6.71 -12.78 -5.96
CA GLY A 175 6.38 -14.10 -6.47
C GLY A 175 4.92 -14.40 -6.78
N THR A 176 3.94 -13.90 -6.00
CA THR A 176 2.52 -14.19 -6.29
C THR A 176 1.53 -13.59 -5.30
N ALA A 177 0.29 -13.45 -5.76
CA ALA A 177 -0.81 -12.95 -4.94
C ALA A 177 -1.45 -14.08 -4.15
N ASP A 178 -1.33 -15.30 -4.68
CA ASP A 178 -1.91 -16.48 -4.05
C ASP A 178 -1.37 -16.69 -2.64
N ASP A 179 -0.11 -16.34 -2.43
CA ASP A 179 0.52 -16.51 -1.12
C ASP A 179 -0.28 -15.78 -0.06
N VAL A 180 -0.71 -14.56 -0.38
CA VAL A 180 -1.51 -13.73 0.55
C VAL A 180 -2.51 -14.59 1.35
N PRO A 181 -2.21 -14.94 2.62
CA PRO A 181 -3.14 -15.74 3.44
C PRO A 181 -4.54 -15.17 3.46
N MET A 182 -5.54 -16.06 3.40
CA MET A 182 -6.93 -15.65 3.40
C MET A 182 -7.83 -16.75 3.99
N LEU A 183 -8.09 -16.65 5.28
CA LEU A 183 -8.93 -17.64 5.96
C LEU A 183 -10.40 -17.26 5.87
N GLN A 184 -11.15 -18.01 5.08
CA GLN A 184 -12.58 -17.75 4.91
C GLN A 184 -13.31 -17.86 6.26
N PRO A 185 -14.30 -16.98 6.56
CA PRO A 185 -15.04 -17.05 7.83
C PRO A 185 -15.43 -18.48 8.19
N HIS A 186 -15.28 -18.83 9.47
CA HIS A 186 -15.64 -20.16 9.93
C HIS A 186 -16.46 -20.08 11.22
N PRO A 187 -17.67 -20.71 11.27
CA PRO A 187 -18.51 -20.68 12.47
C PRO A 187 -18.10 -21.76 13.46
N GLY A 188 -19.03 -22.12 14.34
CA GLY A 188 -18.75 -23.16 15.31
C GLY A 188 -17.59 -22.82 16.23
N LEU A 189 -17.03 -23.83 16.87
CA LEU A 189 -15.90 -23.62 17.79
C LEU A 189 -14.63 -24.25 17.24
N GLU A 190 -13.60 -23.43 17.03
CA GLU A 190 -12.33 -23.90 16.51
C GLU A 190 -11.49 -24.55 17.62
N GLY A 1 7.56 -21.19 11.99
CA GLY A 1 7.35 -20.78 10.57
C GLY A 1 7.24 -21.98 9.64
N ALA A 2 6.09 -22.65 9.67
CA ALA A 2 5.87 -23.81 8.82
C ALA A 2 4.53 -23.71 8.09
N MET A 3 3.64 -22.88 8.62
CA MET A 3 2.31 -22.69 8.01
C MET A 3 2.27 -21.43 7.17
N SER A 4 2.82 -20.34 7.71
CA SER A 4 2.85 -19.07 6.99
C SER A 4 4.27 -18.75 6.51
N GLY A 5 4.36 -18.18 5.30
CA GLY A 5 5.66 -17.85 4.75
C GLY A 5 5.61 -16.60 3.88
N LEU A 6 4.75 -15.66 4.27
CA LEU A 6 4.61 -14.41 3.53
C LEU A 6 5.86 -13.56 3.69
N ALA A 7 6.32 -13.46 4.92
CA ALA A 7 7.52 -12.69 5.25
C ALA A 7 8.75 -13.25 4.51
N ASP A 8 8.65 -14.51 4.10
CA ASP A 8 9.75 -15.18 3.41
C ASP A 8 9.88 -14.70 1.97
N LYS A 9 8.94 -13.88 1.53
CA LYS A 9 8.99 -13.38 0.15
C LYS A 9 9.00 -11.85 0.09
N VAL A 10 8.52 -11.20 1.16
CA VAL A 10 8.51 -9.74 1.22
C VAL A 10 9.81 -9.17 0.72
N ILE A 11 9.77 -8.00 0.09
CA ILE A 11 11.00 -7.39 -0.38
C ILE A 11 11.05 -5.91 -0.04
N TRP A 12 9.88 -5.31 0.17
CA TRP A 12 9.84 -3.88 0.48
C TRP A 12 8.41 -3.45 0.84
N ALA A 13 8.28 -2.63 1.90
CA ALA A 13 6.96 -2.17 2.35
C ALA A 13 7.06 -0.84 3.12
N VAL A 14 6.04 0.03 2.98
CA VAL A 14 6.06 1.31 3.69
C VAL A 14 4.68 1.82 4.10
N ASN A 15 4.53 2.21 5.37
CA ASN A 15 3.28 2.77 5.83
C ASN A 15 3.43 4.22 6.25
N ALA A 16 3.27 5.12 5.29
CA ALA A 16 3.36 6.54 5.58
C ALA A 16 2.30 6.89 6.60
N GLY A 17 2.76 7.08 7.83
CA GLY A 17 1.87 7.42 8.93
C GLY A 17 2.49 7.17 10.29
N GLY A 18 3.08 6.00 10.47
CA GLY A 18 3.68 5.66 11.74
C GLY A 18 5.19 5.61 11.68
N GLU A 19 5.77 4.53 12.18
CA GLU A 19 7.22 4.36 12.16
C GLU A 19 7.60 2.91 12.40
N SER A 20 8.28 2.33 11.41
CA SER A 20 8.76 0.94 11.48
C SER A 20 7.74 0.01 12.15
N HIS A 21 6.92 -0.69 11.36
CA HIS A 21 5.94 -1.62 11.94
C HIS A 21 6.08 -3.03 11.41
N VAL A 22 5.70 -4.00 12.23
CA VAL A 22 5.75 -5.41 11.87
C VAL A 22 4.35 -6.02 11.96
N ASP A 23 3.73 -6.24 10.80
CA ASP A 23 2.40 -6.83 10.73
C ASP A 23 2.45 -8.30 11.10
N VAL A 24 1.32 -8.79 11.62
CA VAL A 24 1.19 -10.19 12.06
C VAL A 24 1.81 -11.19 11.08
N HIS A 25 1.45 -11.09 9.80
CA HIS A 25 1.98 -12.01 8.80
C HIS A 25 3.50 -11.96 8.81
N GLY A 26 4.03 -10.85 9.31
CA GLY A 26 5.46 -10.66 9.39
C GLY A 26 5.96 -9.72 8.32
N ILE A 27 5.13 -8.71 8.01
CA ILE A 27 5.50 -7.72 7.00
C ILE A 27 5.94 -6.42 7.67
N HIS A 28 7.17 -5.99 7.39
CA HIS A 28 7.74 -4.81 8.03
C HIS A 28 7.78 -3.56 7.16
N TYR A 29 7.38 -2.44 7.75
CA TYR A 29 7.41 -1.13 7.08
C TYR A 29 8.64 -0.37 7.59
N ARG A 30 9.39 0.24 6.67
CA ARG A 30 10.60 0.98 7.02
C ARG A 30 10.33 2.49 7.17
N LYS A 31 10.44 2.95 8.42
CA LYS A 31 10.27 4.35 8.82
C LYS A 31 10.32 5.37 7.68
N ASP A 32 9.42 6.36 7.78
CA ASP A 32 9.30 7.49 6.84
C ASP A 32 10.53 7.63 5.93
N PRO A 33 10.55 6.95 4.77
CA PRO A 33 11.69 7.01 3.86
C PRO A 33 11.55 7.98 2.68
N LEU A 34 10.39 8.63 2.50
CA LEU A 34 10.27 9.58 1.39
C LEU A 34 9.44 10.81 1.74
N GLU A 35 8.76 10.78 2.89
CA GLU A 35 7.95 11.93 3.31
C GLU A 35 8.87 12.97 3.91
N GLY A 36 9.72 13.56 3.07
CA GLY A 36 10.66 14.54 3.55
C GLY A 36 11.82 13.87 4.26
N ARG A 37 11.66 12.57 4.50
CA ARG A 37 12.69 11.78 5.18
C ARG A 37 13.18 12.49 6.44
N VAL A 38 12.24 13.13 7.13
CA VAL A 38 12.53 13.85 8.37
C VAL A 38 11.32 13.82 9.30
N GLY A 39 11.51 13.26 10.50
CA GLY A 39 10.41 13.20 11.46
C GLY A 39 10.41 11.90 12.25
N ARG A 40 9.23 11.52 12.74
CA ARG A 40 9.10 10.29 13.52
C ARG A 40 7.77 9.60 13.24
N ALA A 41 6.68 10.24 13.65
CA ALA A 41 5.33 9.69 13.45
C ALA A 41 4.29 10.73 13.79
N SER A 42 3.95 11.57 12.83
CA SER A 42 2.95 12.61 13.04
C SER A 42 1.55 12.01 13.14
N ASP A 43 1.27 11.36 14.25
CA ASP A 43 -0.01 10.72 14.50
C ASP A 43 -1.01 11.74 15.06
N TYR A 44 -0.91 12.97 14.59
CA TYR A 44 -1.77 14.05 15.05
C TYR A 44 -3.25 13.71 14.81
N GLY A 45 -3.96 13.42 15.89
CA GLY A 45 -5.37 13.10 15.80
C GLY A 45 -5.64 11.85 14.98
N MET A 46 -4.98 10.76 15.33
CA MET A 46 -5.18 9.49 14.63
C MET A 46 -6.47 8.82 15.11
N LYS A 47 -7.17 9.51 16.03
CA LYS A 47 -8.43 9.02 16.57
C LYS A 47 -9.27 8.33 15.50
N LEU A 48 -10.18 7.46 15.95
CA LEU A 48 -11.04 6.71 15.03
C LEU A 48 -10.21 5.72 14.22
N PRO A 49 -9.55 4.75 14.88
CA PRO A 49 -8.72 3.75 14.20
C PRO A 49 -9.52 2.88 13.23
N ILE A 50 -8.82 2.28 12.26
CA ILE A 50 -9.47 1.42 11.28
C ILE A 50 -10.17 0.26 11.99
N LEU A 51 -11.34 -0.11 11.48
CA LEU A 51 -12.16 -1.16 12.07
C LEU A 51 -11.80 -2.57 11.60
N ARG A 52 -11.58 -2.74 10.30
CA ARG A 52 -11.28 -4.06 9.76
C ARG A 52 -9.80 -4.44 9.91
N SER A 53 -9.17 -3.99 10.98
CA SER A 53 -7.76 -4.31 11.20
C SER A 53 -7.43 -4.44 12.70
N ASN A 54 -6.56 -5.41 13.01
CA ASN A 54 -6.13 -5.64 14.39
C ASN A 54 -5.29 -4.44 14.87
N PRO A 55 -5.29 -4.11 16.19
CA PRO A 55 -4.54 -2.95 16.72
C PRO A 55 -3.15 -2.71 16.10
N GLU A 56 -2.33 -3.76 16.02
CA GLU A 56 -0.97 -3.61 15.49
C GLU A 56 -0.97 -3.28 13.99
N ASP A 57 -1.58 -4.15 13.21
CA ASP A 57 -1.62 -3.95 11.77
C ASP A 57 -2.54 -2.77 11.45
N GLN A 58 -3.31 -2.36 12.45
CA GLN A 58 -4.20 -1.22 12.33
C GLN A 58 -3.35 0.01 12.07
N VAL A 59 -2.37 0.19 12.95
CA VAL A 59 -1.44 1.31 12.80
C VAL A 59 -0.88 1.30 11.39
N LEU A 60 -0.37 0.15 10.99
CA LEU A 60 0.21 0.00 9.64
C LEU A 60 -0.85 0.19 8.55
N TYR A 61 -2.09 0.12 8.96
CA TYR A 61 -3.24 0.26 8.05
C TYR A 61 -4.08 1.49 8.40
N GLN A 62 -3.48 2.43 9.12
CA GLN A 62 -4.21 3.63 9.54
C GLN A 62 -3.36 4.90 9.52
N THR A 63 -2.50 5.04 10.53
CA THR A 63 -1.65 6.22 10.69
C THR A 63 -1.27 6.90 9.37
N GLU A 64 -1.19 8.23 9.41
CA GLU A 64 -0.86 9.06 8.23
C GLU A 64 0.16 10.14 8.59
N ARG A 65 0.99 10.54 7.62
CA ARG A 65 1.97 11.60 7.86
C ARG A 65 1.55 12.88 7.16
N TYR A 66 2.39 13.91 7.25
CA TYR A 66 2.09 15.19 6.61
C TYR A 66 1.79 15.01 5.13
N ASN A 67 1.23 16.05 4.51
CA ASN A 67 0.90 15.99 3.09
C ASN A 67 1.38 17.25 2.37
N GLU A 68 1.94 17.06 1.18
CA GLU A 68 2.43 18.17 0.38
C GLU A 68 1.77 18.16 -1.00
N ASP A 69 2.40 17.50 -1.98
CA ASP A 69 1.85 17.43 -3.32
C ASP A 69 2.68 16.49 -4.20
N SER A 70 2.01 15.51 -4.80
CA SER A 70 2.66 14.55 -5.68
C SER A 70 3.91 13.95 -5.03
N PHE A 71 3.77 12.73 -4.50
CA PHE A 71 4.91 12.06 -3.86
C PHE A 71 4.79 10.55 -3.95
N GLY A 72 5.94 9.88 -4.02
CA GLY A 72 5.95 8.45 -4.15
C GLY A 72 7.14 7.77 -3.52
N TYR A 73 7.25 6.48 -3.80
CA TYR A 73 8.32 5.66 -3.24
C TYR A 73 9.08 4.92 -4.33
N ASP A 74 10.33 4.62 -4.03
CA ASP A 74 11.21 3.88 -4.95
C ASP A 74 11.42 2.46 -4.46
N ILE A 75 11.09 1.48 -5.29
CA ILE A 75 11.25 0.07 -4.90
C ILE A 75 12.30 -0.64 -5.75
N PRO A 76 13.57 -0.59 -5.36
CA PRO A 76 14.64 -1.30 -6.10
C PRO A 76 14.36 -2.80 -6.22
N ILE A 77 14.55 -3.35 -7.43
CA ILE A 77 14.33 -4.77 -7.66
C ILE A 77 15.56 -5.42 -8.26
N LYS A 78 15.68 -6.74 -8.06
CA LYS A 78 16.81 -7.49 -8.57
C LYS A 78 16.39 -8.92 -8.94
N GLU A 79 15.09 -9.21 -8.81
CA GLU A 79 14.57 -10.54 -9.14
C GLU A 79 13.35 -10.44 -10.04
N GLU A 80 12.88 -11.59 -10.51
CA GLU A 80 11.71 -11.63 -11.38
C GLU A 80 10.68 -12.65 -10.86
N GLY A 81 9.50 -12.59 -11.44
CA GLY A 81 8.40 -13.48 -11.05
C GLY A 81 7.10 -12.71 -11.03
N GLU A 82 6.13 -13.09 -10.19
CA GLU A 82 4.90 -12.34 -10.15
C GLU A 82 4.94 -11.40 -8.94
N TYR A 83 5.06 -10.11 -9.20
CA TYR A 83 5.14 -9.16 -8.10
C TYR A 83 3.76 -8.60 -7.85
N VAL A 84 3.35 -8.70 -6.61
CA VAL A 84 2.03 -8.26 -6.23
C VAL A 84 2.09 -7.04 -5.34
N LEU A 85 1.52 -5.96 -5.85
CA LEU A 85 1.49 -4.70 -5.13
C LEU A 85 0.24 -4.64 -4.25
N VAL A 86 0.46 -4.83 -2.96
CA VAL A 86 -0.62 -4.77 -1.98
C VAL A 86 -0.45 -3.52 -1.14
N LEU A 87 -1.53 -2.78 -0.94
CA LEU A 87 -1.43 -1.58 -0.12
C LEU A 87 -2.76 -1.20 0.48
N LYS A 88 -2.73 -0.85 1.77
CA LYS A 88 -3.94 -0.43 2.47
C LYS A 88 -4.05 1.07 2.46
N PHE A 89 -5.14 1.58 1.89
CA PHE A 89 -5.38 3.01 1.84
C PHE A 89 -6.45 3.36 2.84
N ALA A 90 -6.31 4.50 3.50
CA ALA A 90 -7.31 4.94 4.47
C ALA A 90 -7.38 6.47 4.52
N GLU A 91 -8.42 6.98 5.19
CA GLU A 91 -8.60 8.42 5.32
C GLU A 91 -9.57 8.74 6.46
N VAL A 92 -9.12 9.55 7.40
CA VAL A 92 -9.94 9.93 8.54
C VAL A 92 -9.98 11.44 8.71
N TYR A 93 -10.66 12.11 7.78
CA TYR A 93 -10.79 13.56 7.81
C TYR A 93 -12.13 14.01 7.24
N PHE A 94 -12.31 13.81 5.93
CA PHE A 94 -13.54 14.20 5.27
C PHE A 94 -14.45 12.99 5.07
N ALA A 95 -15.60 13.21 4.45
CA ALA A 95 -16.56 12.13 4.21
C ALA A 95 -17.49 12.47 3.05
N GLN A 96 -17.02 12.23 1.83
CA GLN A 96 -17.83 12.52 0.65
C GLN A 96 -17.24 11.85 -0.59
N SER A 97 -18.12 11.33 -1.45
CA SER A 97 -17.71 10.66 -2.68
C SER A 97 -17.66 11.65 -3.84
N GLN A 98 -16.99 11.25 -4.92
CA GLN A 98 -16.86 12.08 -6.11
C GLN A 98 -16.38 13.49 -5.76
N GLN A 99 -15.62 13.59 -4.67
CA GLN A 99 -15.08 14.87 -4.23
C GLN A 99 -13.61 14.72 -3.87
N LYS A 100 -13.29 13.62 -3.18
CA LYS A 100 -11.92 13.34 -2.79
C LYS A 100 -11.40 12.17 -3.62
N VAL A 101 -10.94 12.47 -4.83
CA VAL A 101 -10.42 11.46 -5.74
C VAL A 101 -8.91 11.60 -5.89
N PHE A 102 -8.22 10.49 -6.15
CA PHE A 102 -6.76 10.51 -6.26
C PHE A 102 -6.26 9.74 -7.47
N ASP A 103 -4.94 9.65 -7.63
CA ASP A 103 -4.37 8.89 -8.75
C ASP A 103 -3.26 7.95 -8.27
N VAL A 104 -3.25 6.72 -8.80
CA VAL A 104 -2.25 5.72 -8.41
C VAL A 104 -1.59 5.04 -9.61
N ARG A 105 -0.24 5.00 -9.60
CA ARG A 105 0.54 4.39 -10.69
C ARG A 105 1.73 3.56 -10.19
N VAL A 106 2.07 2.53 -10.96
CA VAL A 106 3.21 1.65 -10.65
C VAL A 106 4.28 1.76 -11.74
N ASN A 107 5.47 2.16 -11.32
CA ASN A 107 6.60 2.36 -12.21
C ASN A 107 6.21 3.30 -13.35
N GLY A 108 5.23 4.14 -13.05
CA GLY A 108 4.76 5.11 -13.99
C GLY A 108 3.54 4.65 -14.76
N HIS A 109 2.88 3.62 -14.25
CA HIS A 109 1.72 3.07 -14.91
C HIS A 109 0.43 3.23 -14.10
N THR A 110 -0.50 4.07 -14.58
CA THR A 110 -1.77 4.27 -13.88
C THR A 110 -2.62 3.00 -13.92
N VAL A 111 -2.98 2.53 -12.75
CA VAL A 111 -3.80 1.34 -12.63
C VAL A 111 -5.09 1.68 -11.91
N VAL A 112 -4.98 2.51 -10.88
CA VAL A 112 -6.16 2.92 -10.14
C VAL A 112 -6.23 4.41 -10.04
N LYS A 113 -6.88 5.01 -11.01
CA LYS A 113 -7.03 6.44 -11.04
C LYS A 113 -8.38 6.83 -10.49
N ASP A 114 -8.44 8.04 -9.99
CA ASP A 114 -9.63 8.60 -9.38
C ASP A 114 -9.94 7.83 -8.10
N LEU A 115 -8.88 7.35 -7.42
CA LEU A 115 -9.06 6.59 -6.19
C LEU A 115 -9.97 7.33 -5.21
N ASP A 116 -11.23 6.94 -5.20
CA ASP A 116 -12.22 7.52 -4.30
C ASP A 116 -12.42 6.57 -3.12
N ILE A 117 -11.47 6.62 -2.18
CA ILE A 117 -11.47 5.73 -1.02
C ILE A 117 -12.82 5.72 -0.29
N PHE A 118 -13.35 6.91 -0.01
CA PHE A 118 -14.63 7.00 0.71
C PHE A 118 -15.74 6.27 -0.02
N ASP A 119 -15.77 6.38 -1.35
CA ASP A 119 -16.80 5.73 -2.15
C ASP A 119 -16.61 4.21 -2.20
N ARG A 120 -15.37 3.75 -2.05
CA ARG A 120 -15.08 2.32 -2.11
C ARG A 120 -15.61 1.57 -0.88
N VAL A 121 -15.16 1.96 0.31
CA VAL A 121 -15.61 1.30 1.53
C VAL A 121 -16.78 2.04 2.20
N GLY A 122 -16.71 3.37 2.22
CA GLY A 122 -17.77 4.15 2.83
C GLY A 122 -17.35 4.70 4.18
N HIS A 123 -17.86 4.09 5.25
CA HIS A 123 -17.53 4.51 6.60
C HIS A 123 -16.04 4.31 6.88
N SER A 124 -15.54 4.93 7.94
CA SER A 124 -14.13 4.82 8.30
C SER A 124 -13.74 3.36 8.53
N THR A 125 -13.15 2.75 7.52
CA THR A 125 -12.72 1.36 7.58
C THR A 125 -11.42 1.17 6.80
N ALA A 126 -11.14 -0.06 6.39
CA ALA A 126 -9.91 -0.34 5.65
C ALA A 126 -10.17 -0.59 4.16
N HIS A 127 -9.36 0.04 3.31
CA HIS A 127 -9.46 -0.15 1.88
C HIS A 127 -8.25 -0.95 1.39
N ASP A 128 -8.44 -1.76 0.36
CA ASP A 128 -7.34 -2.59 -0.14
C ASP A 128 -7.32 -2.68 -1.65
N GLU A 129 -6.17 -2.32 -2.21
CA GLU A 129 -5.97 -2.40 -3.66
C GLU A 129 -4.85 -3.41 -3.98
N ILE A 130 -5.11 -4.25 -4.99
CA ILE A 130 -4.16 -5.28 -5.39
C ILE A 130 -3.88 -5.23 -6.89
N ILE A 131 -2.62 -5.30 -7.27
CA ILE A 131 -2.22 -5.26 -8.69
C ILE A 131 -1.17 -6.32 -9.01
N PRO A 132 -1.56 -7.54 -9.45
CA PRO A 132 -0.59 -8.57 -9.83
C PRO A 132 0.26 -8.12 -11.03
N ILE A 133 1.54 -8.43 -10.99
CA ILE A 133 2.46 -8.03 -12.05
C ILE A 133 3.33 -9.20 -12.49
N SER A 134 3.88 -9.11 -13.70
CA SER A 134 4.76 -10.17 -14.20
C SER A 134 6.02 -9.58 -14.84
N ILE A 135 7.14 -9.80 -14.18
CA ILE A 135 8.44 -9.32 -14.66
C ILE A 135 9.30 -10.50 -15.08
N LYS A 136 9.82 -10.45 -16.31
CA LYS A 136 10.66 -11.52 -16.84
C LYS A 136 11.67 -10.97 -17.85
N LYS A 137 12.88 -11.52 -17.83
CA LYS A 137 13.94 -11.09 -18.73
C LYS A 137 14.28 -9.62 -18.51
N GLY A 138 13.90 -9.09 -17.35
CA GLY A 138 14.19 -7.71 -17.04
C GLY A 138 13.14 -6.75 -17.56
N LYS A 139 12.00 -7.28 -18.01
CA LYS A 139 10.92 -6.44 -18.52
C LYS A 139 9.73 -6.48 -17.59
N LEU A 140 8.80 -5.54 -17.76
CA LEU A 140 7.63 -5.47 -16.88
C LEU A 140 6.32 -5.51 -17.66
N SER A 141 5.33 -6.18 -17.07
CA SER A 141 4.00 -6.27 -17.67
C SER A 141 2.95 -5.91 -16.63
N VAL A 142 2.25 -4.81 -16.86
CA VAL A 142 1.21 -4.34 -15.95
C VAL A 142 -0.18 -4.53 -16.56
N GLN A 143 -0.84 -5.62 -16.19
CA GLN A 143 -2.18 -5.93 -16.69
C GLN A 143 -2.19 -6.11 -18.21
N GLY A 144 -2.37 -5.01 -18.95
CA GLY A 144 -2.41 -5.10 -20.40
C GLY A 144 -1.45 -4.14 -21.08
N GLU A 145 -0.55 -3.53 -20.31
CA GLU A 145 0.43 -2.61 -20.87
C GLU A 145 1.84 -3.13 -20.62
N VAL A 146 2.65 -3.18 -21.68
CA VAL A 146 4.00 -3.68 -21.56
C VAL A 146 5.03 -2.55 -21.59
N SER A 147 6.05 -2.69 -20.77
CA SER A 147 7.13 -1.71 -20.69
C SER A 147 8.38 -2.37 -20.15
N THR A 148 9.50 -1.66 -20.19
CA THR A 148 10.74 -2.22 -19.69
C THR A 148 11.07 -1.72 -18.29
N PHE A 149 11.55 -2.63 -17.45
CA PHE A 149 11.92 -2.29 -16.07
C PHE A 149 13.27 -1.59 -16.06
N THR A 150 13.44 -0.60 -15.19
CA THR A 150 14.70 0.14 -15.12
C THR A 150 15.03 0.62 -13.70
N GLY A 151 15.84 -0.17 -13.00
CA GLY A 151 16.28 0.20 -11.66
C GLY A 151 15.33 -0.17 -10.54
N LYS A 152 14.15 0.44 -10.50
CA LYS A 152 13.20 0.18 -9.42
C LYS A 152 11.75 0.26 -9.88
N LEU A 153 10.85 0.04 -8.93
CA LEU A 153 9.42 0.16 -9.19
C LEU A 153 8.96 1.48 -8.61
N SER A 154 8.19 2.26 -9.36
CA SER A 154 7.82 3.57 -8.88
C SER A 154 6.33 3.68 -8.55
N VAL A 155 6.01 3.61 -7.27
CA VAL A 155 4.62 3.73 -6.85
C VAL A 155 4.35 5.11 -6.31
N GLU A 156 3.79 5.96 -7.16
CA GLU A 156 3.51 7.34 -6.76
C GLU A 156 2.06 7.71 -6.99
N PHE A 157 1.59 8.68 -6.24
CA PHE A 157 0.22 9.15 -6.38
C PHE A 157 0.17 10.67 -6.49
N VAL A 158 -0.81 11.13 -7.26
CA VAL A 158 -1.00 12.56 -7.50
C VAL A 158 -2.35 13.01 -6.96
N LYS A 159 -2.39 14.23 -6.43
CA LYS A 159 -3.61 14.79 -5.87
C LYS A 159 -4.44 15.48 -6.95
N GLY A 160 -5.76 15.42 -6.79
CA GLY A 160 -6.64 16.05 -7.76
C GLY A 160 -6.94 17.50 -7.44
N TYR A 161 -6.52 17.94 -6.25
CA TYR A 161 -6.74 19.32 -5.83
C TYR A 161 -5.68 19.75 -4.83
N TYR A 162 -5.67 19.13 -3.65
CA TYR A 162 -4.70 19.46 -2.61
C TYR A 162 -4.30 18.23 -1.80
N ASP A 163 -5.27 17.66 -1.09
CA ASP A 163 -5.04 16.48 -0.27
C ASP A 163 -4.67 15.28 -1.12
N ASN A 164 -3.88 14.38 -0.53
CA ASN A 164 -3.46 13.15 -1.18
C ASN A 164 -4.17 11.98 -0.49
N PRO A 165 -3.96 10.70 -0.87
CA PRO A 165 -4.66 9.58 -0.21
C PRO A 165 -4.61 9.64 1.32
N LYS A 166 -3.78 10.54 1.84
CA LYS A 166 -3.63 10.74 3.27
C LYS A 166 -2.83 9.62 3.92
N VAL A 167 -3.44 8.45 4.15
CA VAL A 167 -2.67 7.34 4.75
C VAL A 167 -2.33 6.30 3.70
N CYS A 168 -1.08 5.85 3.75
CA CYS A 168 -0.60 4.88 2.77
C CYS A 168 0.13 3.71 3.41
N ALA A 169 -0.43 2.53 3.24
CA ALA A 169 0.10 1.28 3.79
C ALA A 169 0.86 0.44 2.76
N LEU A 170 1.61 1.10 1.88
CA LEU A 170 2.42 0.42 0.86
C LEU A 170 2.90 -0.94 1.36
N PHE A 171 2.84 -1.94 0.48
CA PHE A 171 3.27 -3.29 0.83
C PHE A 171 3.56 -4.10 -0.44
N ILE A 172 4.83 -4.18 -0.84
CA ILE A 172 5.17 -4.95 -2.03
C ILE A 172 5.84 -6.30 -1.68
N MET A 173 5.26 -7.37 -2.21
CA MET A 173 5.75 -8.71 -2.00
C MET A 173 6.11 -9.34 -3.34
N LYS A 174 6.84 -10.45 -3.31
CA LYS A 174 7.27 -11.08 -4.55
C LYS A 174 6.78 -12.53 -4.73
N GLY A 175 6.67 -12.85 -6.00
CA GLY A 175 6.32 -14.16 -6.51
C GLY A 175 4.84 -14.42 -6.81
N THR A 176 3.90 -13.90 -6.01
CA THR A 176 2.46 -14.10 -6.28
C THR A 176 1.57 -13.51 -5.19
N ALA A 177 0.28 -13.39 -5.50
CA ALA A 177 -0.71 -12.89 -4.55
C ALA A 177 -1.18 -14.02 -3.67
N ASP A 178 -1.61 -15.10 -4.31
CA ASP A 178 -2.10 -16.28 -3.61
C ASP A 178 -0.93 -17.13 -3.14
N ASP A 179 0.29 -16.61 -3.34
CA ASP A 179 1.49 -17.32 -2.93
C ASP A 179 1.30 -17.89 -1.53
N VAL A 180 0.85 -17.03 -0.62
CA VAL A 180 0.60 -17.46 0.75
C VAL A 180 -0.81 -17.08 1.25
N PRO A 181 -1.19 -15.77 1.39
CA PRO A 181 -2.54 -15.42 1.87
C PRO A 181 -3.61 -15.87 0.88
N MET A 182 -4.65 -16.53 1.42
CA MET A 182 -5.74 -17.01 0.58
C MET A 182 -6.81 -15.94 0.42
N LEU A 183 -7.63 -16.07 -0.62
CA LEU A 183 -8.69 -15.10 -0.89
C LEU A 183 -10.03 -15.81 -1.06
N GLN A 184 -11.01 -15.41 -0.27
CA GLN A 184 -12.34 -16.01 -0.33
C GLN A 184 -12.95 -15.80 -1.72
N PRO A 185 -13.71 -16.80 -2.26
CA PRO A 185 -14.33 -16.66 -3.59
C PRO A 185 -14.99 -15.31 -3.78
N HIS A 186 -14.64 -14.62 -4.85
CA HIS A 186 -15.22 -13.32 -5.15
C HIS A 186 -15.90 -13.33 -6.52
N PRO A 187 -17.20 -12.96 -6.63
CA PRO A 187 -17.91 -12.95 -7.91
C PRO A 187 -17.64 -11.67 -8.68
N GLY A 188 -18.52 -11.35 -9.62
CA GLY A 188 -18.36 -10.13 -10.38
C GLY A 188 -17.07 -10.08 -11.14
N LEU A 189 -16.19 -9.14 -10.77
CA LEU A 189 -14.90 -8.99 -11.43
C LEU A 189 -13.90 -10.03 -10.92
N GLU A 190 -12.90 -10.33 -11.72
CA GLU A 190 -11.87 -11.30 -11.36
C GLU A 190 -12.49 -12.66 -11.05
N GLY A 1 -2.61 -23.88 -1.70
CA GLY A 1 -1.44 -23.96 -0.79
C GLY A 1 -1.39 -22.81 0.20
N ALA A 2 -1.01 -23.12 1.45
CA ALA A 2 -0.93 -22.10 2.49
C ALA A 2 -0.09 -22.60 3.67
N MET A 3 0.97 -21.88 3.99
CA MET A 3 1.84 -22.25 5.10
C MET A 3 2.30 -21.01 5.86
N SER A 4 1.56 -19.92 5.71
CA SER A 4 1.89 -18.67 6.39
C SER A 4 3.32 -18.22 6.06
N GLY A 5 3.68 -18.34 4.79
CA GLY A 5 5.01 -17.95 4.36
C GLY A 5 5.02 -16.62 3.63
N LEU A 6 4.27 -15.65 4.14
CA LEU A 6 4.20 -14.32 3.53
C LEU A 6 5.48 -13.55 3.81
N ALA A 7 5.87 -13.53 5.08
CA ALA A 7 7.08 -12.85 5.51
C ALA A 7 8.30 -13.36 4.74
N ASP A 8 8.19 -14.55 4.16
CA ASP A 8 9.29 -15.15 3.42
C ASP A 8 9.41 -14.58 2.01
N LYS A 9 8.34 -13.99 1.50
CA LYS A 9 8.37 -13.42 0.16
C LYS A 9 8.53 -11.91 0.19
N VAL A 10 8.20 -11.27 1.32
CA VAL A 10 8.33 -9.82 1.45
C VAL A 10 9.66 -9.34 0.92
N ILE A 11 9.67 -8.15 0.33
CA ILE A 11 10.92 -7.60 -0.18
C ILE A 11 11.02 -6.12 0.13
N TRP A 12 9.88 -5.47 0.32
CA TRP A 12 9.87 -4.04 0.60
C TRP A 12 8.46 -3.59 0.95
N ALA A 13 8.33 -2.74 1.98
CA ALA A 13 7.02 -2.26 2.41
C ALA A 13 7.13 -0.92 3.15
N VAL A 14 6.14 -0.04 2.96
CA VAL A 14 6.18 1.27 3.62
C VAL A 14 4.80 1.80 3.98
N ASN A 15 4.62 2.18 5.25
CA ASN A 15 3.36 2.76 5.66
C ASN A 15 3.53 4.19 6.10
N ALA A 16 3.26 5.11 5.18
CA ALA A 16 3.37 6.52 5.50
C ALA A 16 2.29 6.86 6.50
N GLY A 17 2.71 6.92 7.78
CA GLY A 17 1.81 7.20 8.86
C GLY A 17 2.50 7.16 10.22
N GLY A 18 3.10 6.03 10.54
CA GLY A 18 3.77 5.88 11.82
C GLY A 18 5.28 5.76 11.71
N GLU A 19 5.83 4.71 12.30
CA GLU A 19 7.26 4.46 12.28
C GLU A 19 7.57 2.97 12.37
N SER A 20 8.23 2.44 11.35
CA SER A 20 8.64 1.03 11.28
C SER A 20 7.70 0.09 12.04
N HIS A 21 6.89 -0.68 11.30
CA HIS A 21 5.95 -1.61 11.95
C HIS A 21 5.98 -2.99 11.31
N VAL A 22 5.70 -4.02 12.10
CA VAL A 22 5.68 -5.40 11.62
C VAL A 22 4.34 -6.06 11.85
N ASP A 23 3.56 -6.20 10.78
CA ASP A 23 2.24 -6.82 10.85
C ASP A 23 2.39 -8.29 11.24
N VAL A 24 1.32 -8.84 11.82
CA VAL A 24 1.30 -10.23 12.30
C VAL A 24 1.93 -11.22 11.30
N HIS A 25 1.52 -11.16 10.04
CA HIS A 25 2.06 -12.09 9.05
C HIS A 25 3.57 -11.94 8.93
N GLY A 26 4.08 -10.82 9.42
CA GLY A 26 5.50 -10.56 9.39
C GLY A 26 5.89 -9.59 8.29
N ILE A 27 5.02 -8.62 8.02
CA ILE A 27 5.30 -7.63 6.98
C ILE A 27 5.73 -6.31 7.63
N HIS A 28 7.01 -5.95 7.44
CA HIS A 28 7.59 -4.76 8.06
C HIS A 28 7.73 -3.56 7.12
N TYR A 29 7.37 -2.39 7.67
CA TYR A 29 7.48 -1.11 6.99
C TYR A 29 8.70 -0.39 7.51
N ARG A 30 9.48 0.22 6.62
CA ARG A 30 10.70 0.92 7.00
C ARG A 30 10.48 2.44 7.13
N LYS A 31 10.53 2.88 8.40
CA LYS A 31 10.40 4.29 8.82
C LYS A 31 10.49 5.32 7.68
N ASP A 32 9.60 6.32 7.75
CA ASP A 32 9.53 7.44 6.78
C ASP A 32 10.76 7.54 5.88
N PRO A 33 10.77 6.84 4.73
CA PRO A 33 11.91 6.85 3.81
C PRO A 33 11.79 7.80 2.60
N LEU A 34 10.65 8.45 2.39
CA LEU A 34 10.52 9.35 1.24
C LEU A 34 9.71 10.61 1.53
N GLU A 35 8.94 10.61 2.61
CA GLU A 35 8.14 11.79 2.96
C GLU A 35 8.97 12.73 3.84
N GLY A 36 9.87 13.45 3.22
CA GLY A 36 10.74 14.35 3.94
C GLY A 36 11.91 13.60 4.54
N ARG A 37 11.78 12.27 4.61
CA ARG A 37 12.83 11.43 5.15
C ARG A 37 13.30 11.96 6.51
N VAL A 38 12.34 12.13 7.42
CA VAL A 38 12.64 12.62 8.77
C VAL A 38 11.77 11.90 9.79
N GLY A 39 11.98 12.21 11.07
CA GLY A 39 11.20 11.58 12.13
C GLY A 39 10.17 12.52 12.73
N ARG A 40 8.90 12.14 12.64
CA ARG A 40 7.81 12.95 13.18
C ARG A 40 6.68 12.09 13.72
N ALA A 41 5.89 11.52 12.80
CA ALA A 41 4.77 10.66 13.18
C ALA A 41 3.68 11.45 13.91
N SER A 42 2.46 11.38 13.40
CA SER A 42 1.33 12.06 14.00
C SER A 42 0.51 11.09 14.83
N ASP A 43 0.03 10.03 14.20
CA ASP A 43 -0.78 9.02 14.88
C ASP A 43 -1.88 9.67 15.69
N TYR A 44 -2.36 10.81 15.21
CA TYR A 44 -3.43 11.55 15.88
C TYR A 44 -4.78 10.94 15.51
N GLY A 45 -4.74 9.77 14.88
CA GLY A 45 -5.97 9.10 14.48
C GLY A 45 -6.35 7.96 15.41
N MET A 46 -5.77 7.94 16.61
CA MET A 46 -6.09 6.89 17.57
C MET A 46 -7.56 6.95 17.94
N LYS A 47 -8.13 8.13 17.81
CA LYS A 47 -9.52 8.37 18.14
C LYS A 47 -10.40 8.02 16.94
N LEU A 48 -9.75 7.72 15.82
CA LEU A 48 -10.43 7.35 14.59
C LEU A 48 -9.64 6.22 13.90
N PRO A 49 -9.46 5.06 14.59
CA PRO A 49 -8.70 3.94 14.05
C PRO A 49 -9.48 3.07 13.07
N ILE A 50 -8.75 2.25 12.33
CA ILE A 50 -9.33 1.35 11.35
C ILE A 50 -9.95 0.14 12.05
N LEU A 51 -11.05 -0.38 11.49
CA LEU A 51 -11.76 -1.52 12.07
C LEU A 51 -11.34 -2.87 11.48
N ARG A 52 -11.32 -2.96 10.15
CA ARG A 52 -10.98 -4.21 9.49
C ARG A 52 -9.49 -4.55 9.56
N SER A 53 -8.83 -4.15 10.65
CA SER A 53 -7.41 -4.45 10.82
C SER A 53 -7.06 -4.70 12.29
N ASN A 54 -6.13 -5.64 12.52
CA ASN A 54 -5.68 -5.97 13.86
C ASN A 54 -5.08 -4.72 14.53
N PRO A 55 -5.18 -4.57 15.87
CA PRO A 55 -4.62 -3.40 16.57
C PRO A 55 -3.23 -2.98 16.06
N GLU A 56 -2.32 -3.95 16.01
CA GLU A 56 -0.95 -3.68 15.57
C GLU A 56 -0.91 -3.31 14.09
N ASP A 57 -1.48 -4.18 13.26
CA ASP A 57 -1.47 -3.94 11.84
C ASP A 57 -2.37 -2.75 11.51
N GLN A 58 -3.17 -2.34 12.50
CA GLN A 58 -4.04 -1.18 12.35
C GLN A 58 -3.15 0.03 12.22
N VAL A 59 -2.18 0.11 13.11
CA VAL A 59 -1.19 1.18 13.06
C VAL A 59 -0.62 1.27 11.65
N LEU A 60 -0.25 0.11 11.12
CA LEU A 60 0.31 0.02 9.76
C LEU A 60 -0.75 0.23 8.69
N TYR A 61 -2.00 0.18 9.11
CA TYR A 61 -3.13 0.33 8.19
C TYR A 61 -4.01 1.52 8.61
N GLN A 62 -3.42 2.47 9.33
CA GLN A 62 -4.17 3.65 9.79
C GLN A 62 -3.35 4.94 9.75
N THR A 63 -2.34 5.02 10.60
CA THR A 63 -1.47 6.20 10.72
C THR A 63 -1.32 6.99 9.40
N GLU A 64 -1.13 8.32 9.51
CA GLU A 64 -1.03 9.19 8.31
C GLU A 64 0.28 10.00 8.22
N ARG A 65 0.94 10.23 9.36
CA ARG A 65 2.18 11.02 9.39
C ARG A 65 1.88 12.49 9.12
N TYR A 66 1.74 12.83 7.83
CA TYR A 66 1.46 14.21 7.43
C TYR A 66 1.12 14.27 5.94
N ASN A 67 0.68 15.45 5.49
CA ASN A 67 0.31 15.63 4.08
C ASN A 67 1.45 16.28 3.31
N GLU A 68 1.35 16.26 1.98
CA GLU A 68 2.39 16.84 1.13
C GLU A 68 1.87 17.06 -0.31
N ASP A 69 2.52 16.43 -1.30
CA ASP A 69 2.12 16.59 -2.70
C ASP A 69 2.94 15.67 -3.60
N SER A 70 2.26 14.89 -4.45
CA SER A 70 2.95 13.96 -5.35
C SER A 70 3.94 13.13 -4.55
N PHE A 71 3.45 12.03 -3.98
CA PHE A 71 4.28 11.17 -3.17
C PHE A 71 4.86 10.08 -4.05
N GLY A 72 6.17 9.88 -3.95
CA GLY A 72 6.79 8.85 -4.77
C GLY A 72 7.65 7.89 -3.98
N TYR A 73 7.41 6.60 -4.20
CA TYR A 73 8.15 5.56 -3.52
C TYR A 73 9.01 4.77 -4.50
N ASP A 74 10.18 4.35 -4.03
CA ASP A 74 11.12 3.60 -4.85
C ASP A 74 11.29 2.17 -4.34
N ILE A 75 11.11 1.19 -5.21
CA ILE A 75 11.26 -0.21 -4.83
C ILE A 75 12.30 -0.92 -5.70
N PRO A 76 13.59 -0.85 -5.35
CA PRO A 76 14.66 -1.54 -6.09
C PRO A 76 14.38 -3.03 -6.27
N ILE A 77 14.49 -3.50 -7.50
CA ILE A 77 14.26 -4.92 -7.82
C ILE A 77 15.47 -5.50 -8.56
N LYS A 78 15.70 -6.80 -8.35
CA LYS A 78 16.81 -7.48 -9.00
C LYS A 78 16.42 -8.88 -9.45
N GLU A 79 15.17 -9.27 -9.20
CA GLU A 79 14.71 -10.59 -9.58
C GLU A 79 13.39 -10.50 -10.33
N GLU A 80 13.00 -11.59 -10.96
CA GLU A 80 11.74 -11.63 -11.72
C GLU A 80 10.74 -12.61 -11.10
N GLY A 81 9.55 -12.65 -11.70
CA GLY A 81 8.48 -13.50 -11.24
C GLY A 81 7.19 -12.72 -11.15
N GLU A 82 6.27 -13.07 -10.25
CA GLU A 82 5.04 -12.29 -10.15
C GLU A 82 5.10 -11.39 -8.93
N TYR A 83 5.24 -10.10 -9.13
CA TYR A 83 5.31 -9.18 -8.01
C TYR A 83 3.95 -8.63 -7.75
N VAL A 84 3.52 -8.77 -6.51
CA VAL A 84 2.20 -8.34 -6.14
C VAL A 84 2.23 -7.11 -5.25
N LEU A 85 1.79 -6.00 -5.83
CA LEU A 85 1.76 -4.75 -5.12
C LEU A 85 0.43 -4.57 -4.42
N VAL A 86 0.45 -4.77 -3.11
CA VAL A 86 -0.73 -4.63 -2.30
C VAL A 86 -0.51 -3.48 -1.34
N LEU A 87 -1.56 -2.71 -1.10
CA LEU A 87 -1.44 -1.57 -0.21
C LEU A 87 -2.77 -1.21 0.42
N LYS A 88 -2.70 -0.68 1.64
CA LYS A 88 -3.94 -0.27 2.32
C LYS A 88 -4.02 1.24 2.36
N PHE A 89 -5.15 1.76 1.88
CA PHE A 89 -5.40 3.19 1.87
C PHE A 89 -6.47 3.54 2.91
N ALA A 90 -6.38 4.73 3.49
CA ALA A 90 -7.37 5.19 4.46
C ALA A 90 -7.58 6.70 4.35
N GLU A 91 -8.76 7.17 4.77
CA GLU A 91 -9.10 8.59 4.73
C GLU A 91 -10.50 8.82 5.30
N VAL A 92 -10.65 9.86 6.12
CA VAL A 92 -11.95 10.18 6.70
C VAL A 92 -11.95 11.56 7.36
N TYR A 93 -12.89 12.40 6.94
CA TYR A 93 -13.04 13.75 7.48
C TYR A 93 -14.19 14.47 6.76
N PHE A 94 -14.17 14.41 5.43
CA PHE A 94 -15.20 15.05 4.63
C PHE A 94 -15.98 14.00 3.84
N ALA A 95 -16.95 13.38 4.50
CA ALA A 95 -17.77 12.34 3.88
C ALA A 95 -18.34 12.80 2.54
N GLN A 96 -17.79 12.27 1.45
CA GLN A 96 -18.26 12.61 0.11
C GLN A 96 -17.53 11.79 -0.94
N SER A 97 -18.27 11.35 -1.96
CA SER A 97 -17.70 10.56 -3.05
C SER A 97 -17.42 11.45 -4.25
N GLN A 98 -16.63 10.92 -5.21
CA GLN A 98 -16.28 11.65 -6.42
C GLN A 98 -15.31 12.79 -6.14
N GLN A 99 -15.77 13.78 -5.39
CA GLN A 99 -14.94 14.94 -5.04
C GLN A 99 -13.55 14.52 -4.61
N LYS A 100 -13.47 13.48 -3.78
CA LYS A 100 -12.19 12.98 -3.30
C LYS A 100 -11.65 11.88 -4.21
N VAL A 101 -11.22 12.26 -5.40
CA VAL A 101 -10.69 11.31 -6.37
C VAL A 101 -9.18 11.52 -6.53
N PHE A 102 -8.42 10.42 -6.47
CA PHE A 102 -6.97 10.50 -6.60
C PHE A 102 -6.44 9.65 -7.74
N ASP A 103 -5.12 9.68 -7.94
CA ASP A 103 -4.50 8.89 -9.00
C ASP A 103 -3.34 8.05 -8.48
N VAL A 104 -3.26 6.80 -8.95
CA VAL A 104 -2.23 5.86 -8.53
C VAL A 104 -1.54 5.19 -9.72
N ARG A 105 -0.19 5.18 -9.68
CA ARG A 105 0.62 4.59 -10.75
C ARG A 105 1.72 3.67 -10.22
N VAL A 106 2.01 2.63 -10.99
CA VAL A 106 3.07 1.68 -10.63
C VAL A 106 4.16 1.71 -11.71
N ASN A 107 5.38 2.05 -11.29
CA ASN A 107 6.50 2.19 -12.22
C ASN A 107 6.12 3.20 -13.30
N GLY A 108 5.22 4.09 -12.93
CA GLY A 108 4.76 5.11 -13.84
C GLY A 108 3.55 4.69 -14.64
N HIS A 109 2.82 3.70 -14.13
CA HIS A 109 1.65 3.18 -14.83
C HIS A 109 0.34 3.34 -14.03
N THR A 110 -0.56 4.19 -14.52
CA THR A 110 -1.85 4.37 -13.83
C THR A 110 -2.65 3.10 -13.82
N VAL A 111 -2.96 2.62 -12.62
CA VAL A 111 -3.76 1.42 -12.50
C VAL A 111 -5.08 1.77 -11.85
N VAL A 112 -5.06 2.78 -10.98
CA VAL A 112 -6.30 3.22 -10.35
C VAL A 112 -6.34 4.74 -10.35
N LYS A 113 -6.90 5.31 -11.42
CA LYS A 113 -7.00 6.76 -11.53
C LYS A 113 -8.42 7.22 -11.30
N ASP A 114 -8.72 7.27 -10.02
CA ASP A 114 -10.04 7.68 -9.52
C ASP A 114 -10.20 7.11 -8.11
N LEU A 115 -9.11 7.16 -7.33
CA LEU A 115 -9.13 6.61 -6.00
C LEU A 115 -9.95 7.43 -5.01
N ASP A 116 -11.25 7.16 -5.01
CA ASP A 116 -12.16 7.79 -4.06
C ASP A 116 -12.34 6.81 -2.91
N ILE A 117 -11.40 6.87 -1.97
CA ILE A 117 -11.37 5.96 -0.83
C ILE A 117 -12.72 5.87 -0.10
N PHE A 118 -13.43 7.00 0.00
CA PHE A 118 -14.72 7.02 0.69
C PHE A 118 -15.75 6.14 0.00
N ASP A 119 -15.86 6.28 -1.32
CA ASP A 119 -16.82 5.49 -2.08
C ASP A 119 -16.46 4.00 -2.09
N ARG A 120 -15.18 3.69 -1.96
CA ARG A 120 -14.73 2.30 -1.96
C ARG A 120 -15.22 1.53 -0.74
N VAL A 121 -14.84 2.00 0.46
CA VAL A 121 -15.25 1.31 1.69
C VAL A 121 -16.60 1.81 2.20
N GLY A 122 -16.82 3.12 2.10
CA GLY A 122 -18.08 3.70 2.56
C GLY A 122 -17.95 4.25 3.96
N HIS A 123 -17.54 3.40 4.89
CA HIS A 123 -17.37 3.80 6.28
C HIS A 123 -15.90 3.71 6.67
N SER A 124 -15.52 4.44 7.71
CA SER A 124 -14.13 4.44 8.18
C SER A 124 -13.66 3.02 8.49
N THR A 125 -13.04 2.39 7.51
CA THR A 125 -12.54 1.03 7.68
C THR A 125 -11.21 0.85 6.92
N ALA A 126 -10.99 -0.34 6.36
CA ALA A 126 -9.75 -0.61 5.63
C ALA A 126 -9.95 -0.75 4.13
N HIS A 127 -9.21 0.04 3.35
CA HIS A 127 -9.27 -0.07 1.91
C HIS A 127 -8.05 -0.82 1.41
N ASP A 128 -8.23 -1.73 0.46
CA ASP A 128 -7.12 -2.51 -0.04
C ASP A 128 -7.22 -2.80 -1.53
N GLU A 129 -6.13 -2.50 -2.24
CA GLU A 129 -6.07 -2.74 -3.67
C GLU A 129 -4.89 -3.66 -3.98
N ILE A 130 -5.14 -4.66 -4.82
CA ILE A 130 -4.12 -5.63 -5.20
C ILE A 130 -3.79 -5.50 -6.68
N ILE A 131 -2.52 -5.38 -6.99
CA ILE A 131 -2.06 -5.21 -8.37
C ILE A 131 -1.01 -6.24 -8.78
N PRO A 132 -1.43 -7.45 -9.23
CA PRO A 132 -0.47 -8.49 -9.66
C PRO A 132 0.37 -8.01 -10.84
N ILE A 133 1.65 -8.40 -10.86
CA ILE A 133 2.55 -8.00 -11.93
C ILE A 133 3.40 -9.17 -12.40
N SER A 134 3.89 -9.09 -13.64
CA SER A 134 4.72 -10.14 -14.20
C SER A 134 5.97 -9.56 -14.86
N ILE A 135 7.12 -9.74 -14.20
CA ILE A 135 8.39 -9.26 -14.72
C ILE A 135 9.20 -10.42 -15.30
N LYS A 136 9.68 -10.26 -16.53
CA LYS A 136 10.46 -11.32 -17.17
C LYS A 136 11.50 -10.73 -18.12
N LYS A 137 12.66 -11.37 -18.17
CA LYS A 137 13.76 -10.94 -19.02
C LYS A 137 14.14 -9.49 -18.73
N GLY A 138 13.77 -9.01 -17.53
CA GLY A 138 14.08 -7.66 -17.14
C GLY A 138 13.04 -6.65 -17.62
N LYS A 139 11.82 -7.11 -17.86
CA LYS A 139 10.77 -6.20 -18.31
C LYS A 139 9.55 -6.27 -17.39
N LEU A 140 8.80 -5.18 -17.31
CA LEU A 140 7.63 -5.12 -16.45
C LEU A 140 6.34 -5.10 -17.25
N SER A 141 5.44 -6.02 -16.89
CA SER A 141 4.14 -6.11 -17.55
C SER A 141 3.04 -5.85 -16.53
N VAL A 142 2.39 -4.69 -16.66
CA VAL A 142 1.32 -4.30 -15.75
C VAL A 142 -0.05 -4.48 -16.41
N GLN A 143 -0.87 -5.34 -15.82
CA GLN A 143 -2.22 -5.60 -16.34
C GLN A 143 -2.16 -6.04 -17.81
N GLY A 144 -2.25 -5.07 -18.72
CA GLY A 144 -2.21 -5.38 -20.14
C GLY A 144 -1.32 -4.44 -20.92
N GLU A 145 -0.30 -3.89 -20.25
CA GLU A 145 0.64 -2.97 -20.90
C GLU A 145 2.07 -3.42 -20.63
N VAL A 146 2.92 -3.31 -21.64
CA VAL A 146 4.32 -3.71 -21.51
C VAL A 146 5.23 -2.49 -21.41
N SER A 147 6.22 -2.58 -20.52
CA SER A 147 7.18 -1.50 -20.32
C SER A 147 8.43 -2.02 -19.62
N THR A 148 9.58 -1.81 -20.24
CA THR A 148 10.85 -2.28 -19.70
C THR A 148 11.08 -1.78 -18.27
N PHE A 149 11.65 -2.65 -17.43
CA PHE A 149 11.95 -2.31 -16.05
C PHE A 149 13.25 -1.50 -15.99
N THR A 150 13.32 -0.53 -15.10
CA THR A 150 14.53 0.31 -15.01
C THR A 150 14.90 0.66 -13.56
N GLY A 151 15.83 -0.13 -13.00
CA GLY A 151 16.31 0.14 -11.66
C GLY A 151 15.36 -0.24 -10.54
N LYS A 152 14.21 0.40 -10.47
CA LYS A 152 13.26 0.11 -9.38
C LYS A 152 11.81 0.27 -9.82
N LEU A 153 10.91 -0.02 -8.89
CA LEU A 153 9.48 0.14 -9.13
C LEU A 153 9.03 1.44 -8.46
N SER A 154 8.29 2.29 -9.16
CA SER A 154 7.92 3.57 -8.55
C SER A 154 6.43 3.78 -8.43
N VAL A 155 5.93 3.78 -7.20
CA VAL A 155 4.51 4.00 -6.97
C VAL A 155 4.29 5.48 -6.70
N GLU A 156 3.85 6.19 -7.74
CA GLU A 156 3.62 7.63 -7.63
C GLU A 156 2.14 7.93 -7.67
N PHE A 157 1.66 8.64 -6.65
CA PHE A 157 0.26 9.03 -6.64
C PHE A 157 0.14 10.54 -6.58
N VAL A 158 -0.72 11.06 -7.44
CA VAL A 158 -0.94 12.50 -7.56
C VAL A 158 -2.23 12.94 -6.87
N LYS A 159 -2.16 14.11 -6.24
CA LYS A 159 -3.30 14.67 -5.53
C LYS A 159 -4.41 15.07 -6.49
N GLY A 160 -5.65 14.98 -6.03
CA GLY A 160 -6.79 15.32 -6.85
C GLY A 160 -7.37 16.68 -6.49
N TYR A 161 -6.89 17.25 -5.39
CA TYR A 161 -7.36 18.56 -4.94
C TYR A 161 -6.31 19.25 -4.07
N TYR A 162 -6.18 18.80 -2.82
CA TYR A 162 -5.23 19.39 -1.89
C TYR A 162 -5.16 18.59 -0.59
N ASP A 163 -4.62 17.37 -0.67
CA ASP A 163 -4.50 16.51 0.51
C ASP A 163 -3.81 15.20 0.14
N ASN A 164 -4.19 14.65 -1.00
CA ASN A 164 -3.63 13.38 -1.46
C ASN A 164 -4.00 12.27 -0.46
N PRO A 165 -3.97 10.98 -0.86
CA PRO A 165 -4.29 9.88 0.05
C PRO A 165 -3.72 10.13 1.44
N LYS A 166 -4.58 10.59 2.34
CA LYS A 166 -4.18 10.91 3.70
C LYS A 166 -3.39 9.78 4.36
N VAL A 167 -3.75 8.52 4.07
CA VAL A 167 -3.03 7.39 4.66
C VAL A 167 -2.53 6.40 3.61
N CYS A 168 -1.27 5.97 3.78
CA CYS A 168 -0.66 5.03 2.83
C CYS A 168 -0.01 3.86 3.55
N ALA A 169 -0.33 2.65 3.07
CA ALA A 169 0.18 1.41 3.65
C ALA A 169 0.95 0.55 2.64
N LEU A 170 1.73 1.19 1.77
CA LEU A 170 2.54 0.50 0.76
C LEU A 170 3.00 -0.87 1.26
N PHE A 171 2.88 -1.89 0.42
CA PHE A 171 3.29 -3.24 0.80
C PHE A 171 3.59 -4.10 -0.45
N ILE A 172 4.87 -4.23 -0.83
CA ILE A 172 5.19 -5.07 -1.99
C ILE A 172 5.88 -6.38 -1.60
N MET A 173 5.28 -7.46 -2.08
CA MET A 173 5.78 -8.80 -1.84
C MET A 173 6.21 -9.42 -3.16
N LYS A 174 6.92 -10.52 -3.11
CA LYS A 174 7.42 -11.13 -4.34
C LYS A 174 6.93 -12.55 -4.61
N GLY A 175 6.79 -12.79 -5.89
CA GLY A 175 6.46 -14.08 -6.46
C GLY A 175 5.01 -14.39 -6.78
N THR A 176 4.02 -13.92 -5.98
CA THR A 176 2.61 -14.21 -6.29
C THR A 176 1.62 -13.64 -5.27
N ALA A 177 0.37 -13.51 -5.72
CA ALA A 177 -0.72 -13.04 -4.86
C ALA A 177 -1.34 -14.21 -4.10
N ASP A 178 -1.11 -15.42 -4.60
CA ASP A 178 -1.64 -16.63 -3.99
C ASP A 178 -1.15 -16.78 -2.56
N ASP A 179 0.07 -16.35 -2.31
CA ASP A 179 0.65 -16.46 -0.97
C ASP A 179 -0.25 -15.76 0.05
N VAL A 180 -0.71 -14.56 -0.30
CA VAL A 180 -1.59 -13.78 0.58
C VAL A 180 -2.58 -14.67 1.35
N PRO A 181 -2.30 -14.99 2.63
CA PRO A 181 -3.21 -15.83 3.45
C PRO A 181 -4.66 -15.34 3.39
N MET A 182 -5.59 -16.28 3.32
CA MET A 182 -7.01 -15.94 3.27
C MET A 182 -7.59 -15.78 4.68
N LEU A 183 -7.60 -14.54 5.16
CA LEU A 183 -8.14 -14.23 6.49
C LEU A 183 -7.37 -15.01 7.57
N GLN A 184 -7.72 -14.73 8.82
CA GLN A 184 -7.09 -15.39 9.96
C GLN A 184 -8.15 -16.12 10.80
N PRO A 185 -7.82 -17.29 11.41
CA PRO A 185 -8.79 -18.03 12.25
C PRO A 185 -9.53 -17.10 13.19
N HIS A 186 -10.85 -17.13 13.13
CA HIS A 186 -11.67 -16.28 13.99
C HIS A 186 -12.69 -17.12 14.77
N PRO A 187 -12.71 -17.04 16.13
CA PRO A 187 -13.66 -17.80 16.94
C PRO A 187 -15.01 -17.09 17.05
N GLY A 188 -15.76 -17.40 18.08
CA GLY A 188 -17.04 -16.75 18.29
C GLY A 188 -17.95 -17.52 19.22
N LEU A 189 -18.40 -16.87 20.28
CA LEU A 189 -19.29 -17.50 21.25
C LEU A 189 -20.70 -16.96 21.11
N GLU A 190 -21.64 -17.85 20.78
CA GLU A 190 -23.04 -17.46 20.61
C GLU A 190 -23.77 -17.47 21.95
N GLY A 1 -5.49 -22.11 7.50
CA GLY A 1 -4.10 -22.03 8.03
C GLY A 1 -3.40 -23.37 8.04
N ALA A 2 -2.35 -23.51 7.23
CA ALA A 2 -1.59 -24.74 7.15
C ALA A 2 -0.22 -24.50 6.56
N MET A 3 -0.14 -23.56 5.63
CA MET A 3 1.12 -23.23 4.96
C MET A 3 1.34 -21.73 4.94
N SER A 4 2.03 -21.21 5.95
CA SER A 4 2.32 -19.78 6.04
C SER A 4 3.74 -19.49 5.62
N GLY A 5 4.07 -18.20 5.51
CA GLY A 5 5.42 -17.81 5.12
C GLY A 5 5.41 -16.60 4.19
N LEU A 6 4.63 -15.59 4.56
CA LEU A 6 4.53 -14.37 3.76
C LEU A 6 5.80 -13.54 3.89
N ALA A 7 6.26 -13.43 5.13
CA ALA A 7 7.48 -12.69 5.43
C ALA A 7 8.66 -13.22 4.63
N ASP A 8 8.54 -14.46 4.16
CA ASP A 8 9.62 -15.10 3.41
C ASP A 8 9.71 -14.56 1.98
N LYS A 9 8.65 -13.91 1.51
CA LYS A 9 8.66 -13.35 0.15
C LYS A 9 8.86 -11.84 0.17
N VAL A 10 8.45 -11.19 1.26
CA VAL A 10 8.61 -9.74 1.38
C VAL A 10 9.97 -9.26 0.88
N ILE A 11 10.00 -8.09 0.26
CA ILE A 11 11.26 -7.54 -0.22
C ILE A 11 11.35 -6.06 0.10
N TRP A 12 10.20 -5.41 0.25
CA TRP A 12 10.16 -4.00 0.53
C TRP A 12 8.73 -3.57 0.88
N ALA A 13 8.56 -2.71 1.88
CA ALA A 13 7.22 -2.28 2.28
C ALA A 13 7.24 -0.97 3.06
N VAL A 14 6.23 -0.13 2.85
CA VAL A 14 6.16 1.14 3.57
C VAL A 14 4.75 1.62 3.86
N ASN A 15 4.53 1.99 5.13
CA ASN A 15 3.25 2.56 5.52
C ASN A 15 3.45 3.99 5.92
N ALA A 16 3.36 4.87 4.94
CA ALA A 16 3.55 6.28 5.19
C ALA A 16 2.52 6.78 6.18
N GLY A 17 2.98 7.03 7.41
CA GLY A 17 2.11 7.55 8.45
C GLY A 17 2.64 7.36 9.86
N GLY A 18 3.10 6.16 10.17
CA GLY A 18 3.61 5.88 11.51
C GLY A 18 5.12 5.80 11.59
N GLU A 19 5.61 4.73 12.23
CA GLU A 19 7.04 4.50 12.39
C GLU A 19 7.35 3.02 12.49
N SER A 20 8.15 2.52 11.55
CA SER A 20 8.59 1.11 11.50
C SER A 20 7.62 0.17 12.22
N HIS A 21 6.78 -0.54 11.47
CA HIS A 21 5.83 -1.48 12.10
C HIS A 21 5.94 -2.88 11.50
N VAL A 22 5.62 -3.88 12.32
CA VAL A 22 5.67 -5.28 11.90
C VAL A 22 4.27 -5.90 11.98
N ASP A 23 3.65 -6.11 10.81
CA ASP A 23 2.31 -6.68 10.76
C ASP A 23 2.36 -8.15 11.14
N VAL A 24 1.23 -8.67 11.64
CA VAL A 24 1.12 -10.06 12.10
C VAL A 24 1.75 -11.06 11.14
N HIS A 25 1.42 -10.97 9.85
CA HIS A 25 1.96 -11.90 8.86
C HIS A 25 3.49 -11.81 8.84
N GLY A 26 4.00 -10.73 9.40
CA GLY A 26 5.43 -10.50 9.47
C GLY A 26 5.91 -9.55 8.40
N ILE A 27 5.07 -8.56 8.09
CA ILE A 27 5.43 -7.58 7.06
C ILE A 27 5.83 -6.26 7.72
N HIS A 28 7.06 -5.82 7.45
CA HIS A 28 7.61 -4.61 8.07
C HIS A 28 7.54 -3.36 7.21
N TYR A 29 7.16 -2.25 7.85
CA TYR A 29 7.10 -0.93 7.20
C TYR A 29 8.34 -0.14 7.62
N ARG A 30 9.03 0.44 6.64
CA ARG A 30 10.24 1.22 6.90
C ARG A 30 9.94 2.70 7.16
N LYS A 31 10.13 3.10 8.42
CA LYS A 31 9.93 4.49 8.89
C LYS A 31 9.88 5.52 7.76
N ASP A 32 8.80 6.33 7.75
CA ASP A 32 8.57 7.40 6.76
C ASP A 32 9.84 7.82 6.01
N PRO A 33 10.21 7.08 4.94
CA PRO A 33 11.39 7.38 4.13
C PRO A 33 11.06 8.03 2.79
N LEU A 34 10.35 9.16 2.82
CA LEU A 34 9.98 9.84 1.58
C LEU A 34 9.79 11.34 1.79
N GLU A 35 8.65 11.73 2.34
CA GLU A 35 8.36 13.14 2.59
C GLU A 35 9.43 13.76 3.49
N GLY A 36 10.49 14.27 2.88
CA GLY A 36 11.57 14.87 3.64
C GLY A 36 12.44 13.82 4.29
N ARG A 37 11.92 12.58 4.32
CA ARG A 37 12.64 11.45 4.92
C ARG A 37 13.21 11.82 6.28
N VAL A 38 12.51 12.71 6.99
CA VAL A 38 12.94 13.15 8.31
C VAL A 38 11.74 13.51 9.18
N GLY A 39 11.84 13.20 10.47
CA GLY A 39 10.74 13.49 11.38
C GLY A 39 10.33 12.27 12.18
N ARG A 40 9.05 12.21 12.56
CA ARG A 40 8.53 11.08 13.32
C ARG A 40 7.26 10.52 12.70
N ALA A 41 6.14 11.19 12.94
CA ALA A 41 4.85 10.74 12.40
C ALA A 41 3.74 11.70 12.78
N SER A 42 2.83 11.95 11.84
CA SER A 42 1.69 12.83 12.09
C SER A 42 0.52 12.00 12.62
N ASP A 43 0.82 11.14 13.58
CA ASP A 43 -0.17 10.27 14.18
C ASP A 43 -1.10 11.04 15.13
N TYR A 44 -1.24 12.34 14.89
CA TYR A 44 -2.10 13.19 15.71
C TYR A 44 -3.49 12.58 15.82
N GLY A 45 -3.96 12.02 14.70
CA GLY A 45 -5.27 11.40 14.69
C GLY A 45 -5.19 9.89 14.72
N MET A 46 -4.38 9.37 15.64
CA MET A 46 -4.20 7.92 15.78
C MET A 46 -5.53 7.24 16.05
N LYS A 47 -6.53 8.03 16.44
CA LYS A 47 -7.85 7.51 16.73
C LYS A 47 -8.50 6.94 15.46
N LEU A 48 -9.81 6.71 15.50
CA LEU A 48 -10.51 6.14 14.36
C LEU A 48 -9.86 4.83 13.94
N PRO A 49 -9.62 3.90 14.90
CA PRO A 49 -8.97 2.61 14.62
C PRO A 49 -9.65 1.83 13.50
N ILE A 50 -8.93 1.64 12.40
CA ILE A 50 -9.46 0.89 11.27
C ILE A 50 -10.04 -0.44 11.78
N LEU A 51 -11.28 -0.71 11.40
CA LEU A 51 -11.98 -1.91 11.86
C LEU A 51 -11.64 -3.15 11.03
N ARG A 52 -11.36 -2.99 9.74
CA ARG A 52 -11.06 -4.14 8.89
C ARG A 52 -9.61 -4.61 9.09
N SER A 53 -9.11 -4.48 10.31
CA SER A 53 -7.75 -4.92 10.64
C SER A 53 -7.56 -4.98 12.16
N ASN A 54 -6.82 -5.98 12.64
CA ASN A 54 -6.57 -6.16 14.07
C ASN A 54 -5.83 -4.94 14.65
N PRO A 55 -5.80 -4.76 15.99
CA PRO A 55 -5.12 -3.60 16.63
C PRO A 55 -3.71 -3.31 16.10
N GLU A 56 -2.91 -4.34 15.89
CA GLU A 56 -1.53 -4.14 15.44
C GLU A 56 -1.49 -3.71 13.99
N ASP A 57 -2.09 -4.52 13.14
CA ASP A 57 -2.09 -4.19 11.75
C ASP A 57 -2.99 -2.98 11.49
N GLN A 58 -3.63 -2.50 12.57
CA GLN A 58 -4.48 -1.32 12.52
C GLN A 58 -3.59 -0.10 12.43
N VAL A 59 -2.74 0.10 13.43
CA VAL A 59 -1.81 1.22 13.43
C VAL A 59 -1.06 1.26 12.10
N LEU A 60 -0.72 0.09 11.55
CA LEU A 60 -0.03 0.03 10.26
C LEU A 60 -0.96 0.49 9.13
N TYR A 61 -2.00 -0.31 8.88
CA TYR A 61 -3.01 0.01 7.85
C TYR A 61 -3.63 1.39 8.09
N GLN A 62 -3.20 2.02 9.17
CA GLN A 62 -3.67 3.35 9.54
C GLN A 62 -2.51 4.34 9.51
N THR A 63 -2.37 5.14 10.57
CA THR A 63 -1.30 6.16 10.68
C THR A 63 -1.11 6.98 9.38
N GLU A 64 -1.05 8.31 9.53
CA GLU A 64 -0.90 9.21 8.37
C GLU A 64 0.25 10.20 8.53
N ARG A 65 0.85 10.57 7.40
CA ARG A 65 1.94 11.55 7.38
C ARG A 65 1.36 12.96 7.46
N TYR A 66 2.12 13.96 6.98
CA TYR A 66 1.66 15.34 7.00
C TYR A 66 0.83 15.67 5.74
N ASN A 67 1.51 16.08 4.68
CA ASN A 67 0.83 16.43 3.42
C ASN A 67 1.84 16.87 2.36
N GLU A 68 1.45 16.74 1.09
CA GLU A 68 2.31 17.12 -0.03
C GLU A 68 1.58 16.94 -1.37
N ASP A 69 2.34 16.82 -2.45
CA ASP A 69 1.77 16.66 -3.78
C ASP A 69 2.73 15.91 -4.71
N SER A 70 2.19 14.96 -5.47
CA SER A 70 3.02 14.16 -6.39
C SER A 70 4.25 13.62 -5.68
N PHE A 71 4.04 12.53 -4.93
CA PHE A 71 5.15 11.93 -4.19
C PHE A 71 4.93 10.43 -4.00
N GLY A 72 6.04 9.70 -3.86
CA GLY A 72 5.95 8.26 -3.70
C GLY A 72 7.26 7.60 -3.31
N TYR A 73 7.35 6.29 -3.54
CA TYR A 73 8.54 5.54 -3.17
C TYR A 73 9.20 4.85 -4.36
N ASP A 74 10.44 4.44 -4.13
CA ASP A 74 11.25 3.75 -5.13
C ASP A 74 11.58 2.35 -4.63
N ILE A 75 11.25 1.33 -5.41
CA ILE A 75 11.51 -0.06 -5.02
C ILE A 75 12.51 -0.74 -5.94
N PRO A 76 13.82 -0.65 -5.65
CA PRO A 76 14.85 -1.33 -6.45
C PRO A 76 14.61 -2.84 -6.55
N ILE A 77 14.59 -3.37 -7.78
CA ILE A 77 14.38 -4.80 -7.98
C ILE A 77 15.54 -5.42 -8.75
N LYS A 78 15.78 -6.71 -8.52
CA LYS A 78 16.87 -7.42 -9.18
C LYS A 78 16.44 -8.84 -9.57
N GLU A 79 15.20 -9.21 -9.24
CA GLU A 79 14.70 -10.55 -9.56
C GLU A 79 13.40 -10.48 -10.33
N GLU A 80 12.98 -11.61 -10.88
CA GLU A 80 11.74 -11.67 -11.65
C GLU A 80 10.77 -12.69 -11.06
N GLY A 81 9.54 -12.63 -11.56
CA GLY A 81 8.48 -13.51 -11.10
C GLY A 81 7.17 -12.75 -11.04
N GLU A 82 6.24 -13.13 -10.17
CA GLU A 82 5.00 -12.37 -10.09
C GLU A 82 5.05 -11.46 -8.88
N TYR A 83 5.21 -10.17 -9.10
CA TYR A 83 5.29 -9.25 -7.97
C TYR A 83 3.94 -8.69 -7.69
N VAL A 84 3.52 -8.83 -6.46
CA VAL A 84 2.21 -8.39 -6.05
C VAL A 84 2.30 -7.17 -5.16
N LEU A 85 1.79 -6.06 -5.69
CA LEU A 85 1.81 -4.79 -4.99
C LEU A 85 0.45 -4.52 -4.36
N VAL A 86 0.38 -4.69 -3.04
CA VAL A 86 -0.85 -4.45 -2.30
C VAL A 86 -0.66 -3.25 -1.37
N LEU A 87 -1.67 -2.38 -1.35
CA LEU A 87 -1.61 -1.18 -0.52
C LEU A 87 -2.90 -0.97 0.26
N LYS A 88 -2.77 -0.63 1.54
CA LYS A 88 -3.96 -0.35 2.34
C LYS A 88 -4.10 1.15 2.50
N PHE A 89 -5.16 1.71 1.94
CA PHE A 89 -5.41 3.15 2.01
C PHE A 89 -6.50 3.41 3.04
N ALA A 90 -6.36 4.48 3.82
CA ALA A 90 -7.38 4.75 4.84
C ALA A 90 -7.47 6.24 5.24
N GLU A 91 -8.51 6.54 6.02
CA GLU A 91 -8.78 7.90 6.51
C GLU A 91 -9.12 8.88 5.41
N VAL A 92 -9.93 9.88 5.76
CA VAL A 92 -10.36 10.90 4.81
C VAL A 92 -10.41 12.28 5.50
N TYR A 93 -10.83 12.28 6.76
CA TYR A 93 -10.91 13.49 7.57
C TYR A 93 -11.95 14.49 7.01
N PHE A 94 -12.80 14.03 6.10
CA PHE A 94 -13.82 14.89 5.52
C PHE A 94 -15.07 14.10 5.14
N ALA A 95 -14.87 12.89 4.62
CA ALA A 95 -15.98 12.02 4.22
C ALA A 95 -16.80 12.65 3.10
N GLN A 96 -16.58 12.15 1.88
CA GLN A 96 -17.30 12.65 0.71
C GLN A 96 -17.09 11.71 -0.48
N SER A 97 -18.10 11.58 -1.33
CA SER A 97 -18.01 10.69 -2.49
C SER A 97 -17.94 11.47 -3.81
N GLN A 98 -17.27 10.86 -4.79
CA GLN A 98 -17.11 11.45 -6.12
C GLN A 98 -16.71 12.92 -6.05
N GLN A 99 -15.94 13.28 -5.03
CA GLN A 99 -15.47 14.64 -4.86
C GLN A 99 -13.98 14.65 -4.59
N LYS A 100 -13.54 13.71 -3.77
CA LYS A 100 -12.13 13.58 -3.43
C LYS A 100 -11.55 12.35 -4.12
N VAL A 101 -11.18 12.51 -5.39
CA VAL A 101 -10.62 11.42 -6.17
C VAL A 101 -9.13 11.67 -6.42
N PHE A 102 -8.34 10.59 -6.43
CA PHE A 102 -6.90 10.72 -6.61
C PHE A 102 -6.35 9.84 -7.73
N ASP A 103 -5.03 9.87 -7.92
CA ASP A 103 -4.42 9.03 -8.96
C ASP A 103 -3.26 8.20 -8.42
N VAL A 104 -3.13 6.97 -8.95
CA VAL A 104 -2.09 6.04 -8.50
C VAL A 104 -1.46 5.28 -9.67
N ARG A 105 -0.11 5.25 -9.69
CA ARG A 105 0.65 4.58 -10.73
C ARG A 105 1.77 3.71 -10.18
N VAL A 106 2.07 2.64 -10.92
CA VAL A 106 3.14 1.72 -10.55
C VAL A 106 4.21 1.70 -11.66
N ASN A 107 5.42 2.10 -11.28
CA ASN A 107 6.53 2.22 -12.22
C ASN A 107 6.14 3.13 -13.37
N GLY A 108 5.21 4.01 -13.06
CA GLY A 108 4.73 4.96 -14.03
C GLY A 108 3.47 4.52 -14.74
N HIS A 109 2.79 3.53 -14.18
CA HIS A 109 1.60 2.99 -14.80
C HIS A 109 0.33 3.21 -13.96
N THR A 110 -0.57 4.09 -14.41
CA THR A 110 -1.81 4.34 -13.68
C THR A 110 -2.72 3.13 -13.70
N VAL A 111 -2.91 2.56 -12.51
CA VAL A 111 -3.77 1.41 -12.38
C VAL A 111 -5.09 1.81 -11.73
N VAL A 112 -5.03 2.84 -10.88
CA VAL A 112 -6.24 3.32 -10.23
C VAL A 112 -6.27 4.84 -10.27
N LYS A 113 -6.89 5.40 -11.31
CA LYS A 113 -6.97 6.84 -11.43
C LYS A 113 -8.36 7.36 -11.17
N ASP A 114 -8.60 7.56 -9.89
CA ASP A 114 -9.85 8.06 -9.34
C ASP A 114 -10.04 7.50 -7.94
N LEU A 115 -8.93 7.39 -7.21
CA LEU A 115 -8.97 6.82 -5.87
C LEU A 115 -9.81 7.65 -4.92
N ASP A 116 -11.09 7.28 -4.83
CA ASP A 116 -12.03 7.91 -3.92
C ASP A 116 -12.23 6.94 -2.76
N ILE A 117 -11.32 7.01 -1.80
CA ILE A 117 -11.30 6.10 -0.66
C ILE A 117 -12.67 5.99 0.04
N PHE A 118 -13.37 7.11 0.16
CA PHE A 118 -14.67 7.12 0.84
C PHE A 118 -15.72 6.28 0.09
N ASP A 119 -15.90 6.56 -1.19
CA ASP A 119 -16.88 5.85 -2.00
C ASP A 119 -16.47 4.39 -2.26
N ARG A 120 -15.17 4.14 -2.27
CA ARG A 120 -14.66 2.80 -2.52
C ARG A 120 -15.07 1.80 -1.44
N VAL A 121 -14.69 2.10 -0.19
CA VAL A 121 -15.00 1.19 0.92
C VAL A 121 -16.22 1.66 1.70
N GLY A 122 -16.33 2.96 1.93
CA GLY A 122 -17.46 3.49 2.67
C GLY A 122 -17.04 4.20 3.95
N HIS A 123 -17.76 3.94 5.03
CA HIS A 123 -17.46 4.55 6.32
C HIS A 123 -16.03 4.24 6.75
N SER A 124 -15.56 4.93 7.79
CA SER A 124 -14.21 4.74 8.30
C SER A 124 -13.84 3.25 8.41
N THR A 125 -13.14 2.76 7.40
CA THR A 125 -12.72 1.36 7.34
C THR A 125 -11.44 1.24 6.51
N ALA A 126 -11.00 0.01 6.30
CA ALA A 126 -9.79 -0.22 5.50
C ALA A 126 -10.09 -0.41 4.02
N HIS A 127 -9.25 0.17 3.19
CA HIS A 127 -9.39 0.05 1.75
C HIS A 127 -8.22 -0.77 1.21
N ASP A 128 -8.43 -1.52 0.13
CA ASP A 128 -7.36 -2.34 -0.42
C ASP A 128 -7.35 -2.37 -1.93
N GLU A 129 -6.15 -2.23 -2.50
CA GLU A 129 -5.96 -2.27 -3.94
C GLU A 129 -4.82 -3.24 -4.27
N ILE A 130 -5.18 -4.35 -4.91
CA ILE A 130 -4.20 -5.38 -5.28
C ILE A 130 -3.83 -5.28 -6.77
N ILE A 131 -2.54 -5.36 -7.07
CA ILE A 131 -2.07 -5.27 -8.45
C ILE A 131 -1.03 -6.35 -8.78
N PRO A 132 -1.45 -7.56 -9.19
CA PRO A 132 -0.49 -8.62 -9.58
C PRO A 132 0.33 -8.19 -10.79
N ILE A 133 1.62 -8.49 -10.76
CA ILE A 133 2.52 -8.11 -11.84
C ILE A 133 3.34 -9.28 -12.33
N SER A 134 3.80 -9.20 -13.57
CA SER A 134 4.62 -10.25 -14.16
C SER A 134 5.87 -9.65 -14.81
N ILE A 135 7.01 -9.84 -14.13
CA ILE A 135 8.29 -9.34 -14.63
C ILE A 135 9.12 -10.49 -15.19
N LYS A 136 9.57 -10.36 -16.43
CA LYS A 136 10.37 -11.40 -17.06
C LYS A 136 11.40 -10.80 -18.02
N LYS A 137 12.56 -11.43 -18.08
CA LYS A 137 13.64 -10.96 -18.95
C LYS A 137 14.08 -9.55 -18.61
N GLY A 138 13.61 -9.03 -17.48
CA GLY A 138 13.97 -7.68 -17.07
C GLY A 138 12.96 -6.64 -17.48
N LYS A 139 11.74 -7.07 -17.82
CA LYS A 139 10.70 -6.14 -18.22
C LYS A 139 9.49 -6.25 -17.30
N LEU A 140 8.73 -5.16 -17.20
CA LEU A 140 7.56 -5.11 -16.33
C LEU A 140 6.26 -5.11 -17.12
N SER A 141 5.37 -6.04 -16.78
CA SER A 141 4.08 -6.13 -17.43
C SER A 141 2.95 -5.93 -16.42
N VAL A 142 2.27 -4.79 -16.51
CA VAL A 142 1.17 -4.49 -15.61
C VAL A 142 -0.17 -4.73 -16.30
N GLN A 143 -1.11 -5.37 -15.61
CA GLN A 143 -2.43 -5.65 -16.15
C GLN A 143 -2.35 -6.10 -17.62
N GLY A 144 -2.47 -5.13 -18.53
CA GLY A 144 -2.41 -5.42 -19.95
C GLY A 144 -1.53 -4.44 -20.71
N GLU A 145 -0.33 -4.19 -20.18
CA GLU A 145 0.62 -3.27 -20.80
C GLU A 145 2.04 -3.78 -20.59
N VAL A 146 2.83 -3.79 -21.65
CA VAL A 146 4.21 -4.26 -21.58
C VAL A 146 5.18 -3.08 -21.60
N SER A 147 6.17 -3.12 -20.71
CA SER A 147 7.16 -2.06 -20.64
C SER A 147 8.47 -2.61 -20.09
N THR A 148 9.51 -1.78 -20.13
CA THR A 148 10.82 -2.19 -19.64
C THR A 148 11.03 -1.75 -18.18
N PHE A 149 11.58 -2.65 -17.38
CA PHE A 149 11.87 -2.35 -15.98
C PHE A 149 13.16 -1.54 -15.93
N THR A 150 13.12 -0.40 -15.26
CA THR A 150 14.31 0.44 -15.20
C THR A 150 14.73 0.77 -13.77
N GLY A 151 15.66 -0.04 -13.25
CA GLY A 151 16.21 0.18 -11.93
C GLY A 151 15.28 -0.15 -10.76
N LYS A 152 14.08 0.41 -10.75
CA LYS A 152 13.18 0.18 -9.62
C LYS A 152 11.72 0.34 -10.00
N LEU A 153 10.86 -0.06 -9.05
CA LEU A 153 9.42 0.09 -9.22
C LEU A 153 9.03 1.40 -8.57
N SER A 154 8.37 2.30 -9.30
CA SER A 154 8.08 3.61 -8.73
C SER A 154 6.59 3.90 -8.59
N VAL A 155 6.12 3.93 -7.35
CA VAL A 155 4.72 4.20 -7.08
C VAL A 155 4.52 5.67 -6.71
N GLU A 156 3.80 6.39 -7.56
CA GLU A 156 3.56 7.80 -7.32
C GLU A 156 2.07 8.12 -7.31
N PHE A 157 1.67 8.93 -6.36
CA PHE A 157 0.27 9.35 -6.25
C PHE A 157 0.17 10.86 -6.42
N VAL A 158 -0.74 11.28 -7.28
CA VAL A 158 -0.95 12.71 -7.55
C VAL A 158 -2.22 13.22 -6.90
N LYS A 159 -2.15 14.47 -6.42
CA LYS A 159 -3.27 15.12 -5.76
C LYS A 159 -4.47 15.24 -6.67
N GLY A 160 -5.65 15.20 -6.08
CA GLY A 160 -6.88 15.33 -6.81
C GLY A 160 -7.75 16.44 -6.24
N TYR A 161 -7.33 16.94 -5.08
CA TYR A 161 -8.05 18.00 -4.38
C TYR A 161 -7.08 18.83 -3.55
N TYR A 162 -6.37 18.17 -2.64
CA TYR A 162 -5.41 18.84 -1.77
C TYR A 162 -4.64 17.84 -0.90
N ASP A 163 -5.34 17.21 0.04
CA ASP A 163 -4.73 16.23 0.94
C ASP A 163 -4.58 14.88 0.26
N ASN A 164 -3.44 14.69 -0.38
CA ASN A 164 -3.13 13.44 -1.06
C ASN A 164 -3.44 12.27 -0.12
N PRO A 165 -3.76 11.06 -0.65
CA PRO A 165 -4.08 9.89 0.19
C PRO A 165 -3.33 9.93 1.51
N LYS A 166 -4.05 10.36 2.55
CA LYS A 166 -3.47 10.49 3.90
C LYS A 166 -2.79 9.20 4.34
N VAL A 167 -3.55 8.14 4.62
CA VAL A 167 -2.92 6.89 5.06
C VAL A 167 -2.48 6.06 3.87
N CYS A 168 -1.23 5.60 3.94
CA CYS A 168 -0.67 4.76 2.89
C CYS A 168 0.03 3.55 3.51
N ALA A 169 -0.40 2.37 3.09
CA ALA A 169 0.11 1.11 3.63
C ALA A 169 0.85 0.28 2.58
N LEU A 170 1.60 0.94 1.70
CA LEU A 170 2.36 0.27 0.66
C LEU A 170 3.00 -1.01 1.20
N PHE A 171 2.89 -2.08 0.43
CA PHE A 171 3.45 -3.37 0.83
C PHE A 171 3.79 -4.19 -0.42
N ILE A 172 5.09 -4.26 -0.80
CA ILE A 172 5.45 -5.05 -1.96
C ILE A 172 6.13 -6.38 -1.60
N MET A 173 5.52 -7.44 -2.11
CA MET A 173 6.00 -8.79 -1.92
C MET A 173 6.38 -9.40 -3.27
N LYS A 174 7.15 -10.49 -3.25
CA LYS A 174 7.58 -11.07 -4.51
C LYS A 174 7.15 -12.53 -4.72
N GLY A 175 6.86 -12.77 -5.99
CA GLY A 175 6.53 -14.08 -6.50
C GLY A 175 5.07 -14.41 -6.76
N THR A 176 4.12 -13.93 -5.93
CA THR A 176 2.70 -14.25 -6.18
C THR A 176 1.74 -13.68 -5.12
N ALA A 177 0.46 -13.57 -5.52
CA ALA A 177 -0.60 -13.11 -4.63
C ALA A 177 -1.17 -14.28 -3.82
N ASP A 178 -0.92 -15.50 -4.29
CA ASP A 178 -1.41 -16.70 -3.63
C ASP A 178 -0.83 -16.86 -2.22
N ASP A 179 0.23 -16.13 -1.93
CA ASP A 179 0.86 -16.21 -0.61
C ASP A 179 0.07 -15.40 0.41
N VAL A 180 -0.04 -14.09 0.18
CA VAL A 180 -0.79 -13.20 1.07
C VAL A 180 -2.18 -13.76 1.40
N PRO A 181 -2.41 -14.32 2.61
CA PRO A 181 -3.73 -14.85 2.98
C PRO A 181 -4.85 -13.86 2.73
N MET A 182 -5.70 -14.14 1.74
CA MET A 182 -6.82 -13.28 1.40
C MET A 182 -8.10 -14.09 1.24
N LEU A 183 -9.23 -13.41 1.28
CA LEU A 183 -10.52 -14.07 1.14
C LEU A 183 -10.89 -14.22 -0.34
N GLN A 184 -11.18 -15.45 -0.74
CA GLN A 184 -11.55 -15.74 -2.12
C GLN A 184 -12.77 -14.89 -2.53
N PRO A 185 -12.90 -14.53 -3.83
CA PRO A 185 -14.04 -13.72 -4.29
C PRO A 185 -15.37 -14.43 -4.10
N HIS A 186 -16.29 -13.77 -3.42
CA HIS A 186 -17.61 -14.34 -3.19
C HIS A 186 -18.69 -13.29 -3.46
N PRO A 187 -19.79 -13.65 -4.17
CA PRO A 187 -20.87 -12.70 -4.47
C PRO A 187 -21.76 -12.45 -3.26
N GLY A 188 -21.36 -13.02 -2.12
CA GLY A 188 -22.14 -12.86 -0.91
C GLY A 188 -22.49 -11.42 -0.62
N LEU A 189 -23.71 -11.19 -0.12
CA LEU A 189 -24.17 -9.85 0.20
C LEU A 189 -23.21 -9.15 1.16
N GLU A 190 -23.11 -7.83 1.04
CA GLU A 190 -22.23 -7.05 1.89
C GLU A 190 -22.98 -5.88 2.51
N GLY A 1 5.69 -15.76 13.34
CA GLY A 1 6.09 -16.36 12.04
C GLY A 1 5.52 -17.76 11.85
N ALA A 2 5.96 -18.43 10.79
CA ALA A 2 5.50 -19.79 10.49
C ALA A 2 3.99 -19.83 10.36
N MET A 3 3.39 -18.71 9.95
CA MET A 3 1.95 -18.63 9.79
C MET A 3 1.54 -19.01 8.36
N SER A 4 2.21 -18.43 7.38
CA SER A 4 1.92 -18.71 5.98
C SER A 4 3.17 -18.53 5.12
N GLY A 5 4.26 -18.15 5.76
CA GLY A 5 5.51 -17.94 5.03
C GLY A 5 5.47 -16.73 4.13
N LEU A 6 4.71 -15.72 4.55
CA LEU A 6 4.59 -14.49 3.78
C LEU A 6 5.85 -13.63 3.93
N ALA A 7 6.30 -13.53 5.17
CA ALA A 7 7.51 -12.78 5.50
C ALA A 7 8.70 -13.24 4.66
N ASP A 8 8.62 -14.46 4.13
CA ASP A 8 9.71 -15.03 3.36
C ASP A 8 9.77 -14.44 1.94
N LYS A 9 8.64 -13.92 1.46
CA LYS A 9 8.61 -13.36 0.11
C LYS A 9 8.78 -11.84 0.14
N VAL A 10 8.39 -11.20 1.25
CA VAL A 10 8.51 -9.75 1.38
C VAL A 10 9.85 -9.25 0.86
N ILE A 11 9.85 -8.06 0.26
CA ILE A 11 11.09 -7.50 -0.24
C ILE A 11 11.16 -6.02 0.05
N TRP A 12 10.01 -5.40 0.23
CA TRP A 12 9.96 -3.97 0.51
C TRP A 12 8.52 -3.55 0.83
N ALA A 13 8.36 -2.63 1.79
CA ALA A 13 7.02 -2.17 2.20
C ALA A 13 7.07 -0.83 2.92
N VAL A 14 6.01 -0.02 2.81
CA VAL A 14 5.98 1.28 3.48
C VAL A 14 4.60 1.71 3.96
N ASN A 15 4.52 2.12 5.22
CA ASN A 15 3.26 2.62 5.76
C ASN A 15 3.43 4.08 6.13
N ALA A 16 3.22 4.94 5.15
CA ALA A 16 3.34 6.37 5.37
C ALA A 16 2.33 6.80 6.41
N GLY A 17 2.85 7.03 7.62
CA GLY A 17 2.01 7.45 8.72
C GLY A 17 2.62 7.16 10.09
N GLY A 18 3.55 6.23 10.16
CA GLY A 18 4.15 5.89 11.45
C GLY A 18 5.66 5.72 11.39
N GLU A 19 6.14 4.63 12.00
CA GLU A 19 7.56 4.34 12.03
C GLU A 19 7.81 2.84 12.15
N SER A 20 8.51 2.29 11.14
CA SER A 20 8.87 0.87 11.08
C SER A 20 7.91 -0.04 11.83
N HIS A 21 7.10 -0.82 11.11
CA HIS A 21 6.15 -1.73 11.76
C HIS A 21 6.13 -3.11 11.12
N VAL A 22 6.06 -4.15 11.98
CA VAL A 22 6.00 -5.53 11.52
C VAL A 22 4.62 -6.14 11.78
N ASP A 23 3.83 -6.23 10.72
CA ASP A 23 2.49 -6.79 10.79
C ASP A 23 2.57 -8.27 11.16
N VAL A 24 1.46 -8.78 11.71
CA VAL A 24 1.36 -10.18 12.17
C VAL A 24 1.97 -11.18 11.18
N HIS A 25 1.57 -11.12 9.92
CA HIS A 25 2.08 -12.05 8.92
C HIS A 25 3.60 -11.97 8.86
N GLY A 26 4.13 -10.86 9.34
CA GLY A 26 5.56 -10.64 9.35
C GLY A 26 6.00 -9.69 8.27
N ILE A 27 5.17 -8.69 7.98
CA ILE A 27 5.49 -7.72 6.94
C ILE A 27 5.93 -6.40 7.58
N HIS A 28 7.21 -6.07 7.40
CA HIS A 28 7.81 -4.88 7.99
C HIS A 28 7.89 -3.70 7.04
N TYR A 29 7.46 -2.54 7.54
CA TYR A 29 7.50 -1.28 6.79
C TYR A 29 8.76 -0.54 7.23
N ARG A 30 9.49 0.01 6.26
CA ARG A 30 10.73 0.74 6.54
C ARG A 30 10.49 2.24 6.74
N LYS A 31 10.61 2.66 8.01
CA LYS A 31 10.48 4.05 8.44
C LYS A 31 10.43 5.07 7.30
N ASP A 32 9.43 5.95 7.39
CA ASP A 32 9.18 7.04 6.43
C ASP A 32 10.39 7.36 5.53
N PRO A 33 10.56 6.64 4.40
CA PRO A 33 11.64 6.86 3.46
C PRO A 33 11.16 7.59 2.20
N LEU A 34 9.93 8.06 2.25
CA LEU A 34 9.30 8.75 1.12
C LEU A 34 10.09 9.99 0.69
N GLU A 35 10.48 10.84 1.64
CA GLU A 35 11.25 12.04 1.28
C GLU A 35 12.21 12.49 2.38
N GLY A 36 12.95 11.54 2.95
CA GLY A 36 13.92 11.90 3.98
C GLY A 36 13.26 12.22 5.30
N ARG A 37 11.94 12.11 5.31
CA ARG A 37 11.13 12.40 6.49
C ARG A 37 11.33 11.33 7.56
N VAL A 38 12.54 11.21 8.07
CA VAL A 38 12.85 10.22 9.09
C VAL A 38 13.02 10.88 10.46
N GLY A 39 12.21 10.43 11.41
CA GLY A 39 12.28 10.97 12.77
C GLY A 39 11.02 11.75 13.14
N ARG A 40 9.89 11.37 12.56
CA ARG A 40 8.63 12.04 12.85
C ARG A 40 7.43 11.19 12.43
N ALA A 41 6.23 11.62 12.81
CA ALA A 41 5.00 10.91 12.49
C ALA A 41 3.80 11.78 12.81
N SER A 42 3.23 12.42 11.79
CA SER A 42 2.07 13.28 11.98
C SER A 42 0.82 12.44 12.24
N ASP A 43 0.72 11.91 13.46
CA ASP A 43 -0.42 11.09 13.85
C ASP A 43 -1.61 11.97 14.24
N TYR A 44 -1.80 13.06 13.49
CA TYR A 44 -2.91 13.99 13.74
C TYR A 44 -4.22 13.22 13.83
N GLY A 45 -4.89 13.35 14.97
CA GLY A 45 -6.14 12.64 15.17
C GLY A 45 -5.95 11.14 15.05
N MET A 46 -5.01 10.62 15.84
CA MET A 46 -4.70 9.20 15.83
C MET A 46 -5.95 8.34 16.02
N LYS A 47 -7.01 8.98 16.51
CA LYS A 47 -8.28 8.28 16.73
C LYS A 47 -8.82 7.72 15.41
N LEU A 48 -10.04 7.20 15.45
CA LEU A 48 -10.66 6.63 14.27
C LEU A 48 -9.83 5.47 13.71
N PRO A 49 -9.52 4.45 14.55
CA PRO A 49 -8.72 3.29 14.11
C PRO A 49 -9.44 2.47 13.04
N ILE A 50 -8.69 1.91 12.11
CA ILE A 50 -9.28 1.11 11.05
C ILE A 50 -10.05 -0.07 11.67
N LEU A 51 -11.20 -0.39 11.09
CA LEU A 51 -12.04 -1.47 11.59
C LEU A 51 -11.64 -2.83 11.02
N ARG A 52 -11.48 -2.92 9.70
CA ARG A 52 -11.13 -4.17 9.05
C ARG A 52 -9.66 -4.55 9.22
N SER A 53 -9.08 -4.27 10.37
CA SER A 53 -7.68 -4.61 10.63
C SER A 53 -7.41 -4.86 12.12
N ASN A 54 -6.59 -5.86 12.40
CA ASN A 54 -6.20 -6.20 13.77
C ASN A 54 -5.37 -5.05 14.37
N PRO A 55 -5.44 -4.80 15.70
CA PRO A 55 -4.71 -3.70 16.35
C PRO A 55 -3.29 -3.41 15.83
N GLU A 56 -2.46 -4.43 15.66
CA GLU A 56 -1.09 -4.20 15.22
C GLU A 56 -1.03 -3.80 13.76
N ASP A 57 -1.57 -4.65 12.92
CA ASP A 57 -1.56 -4.39 11.51
C ASP A 57 -2.48 -3.21 11.22
N GLN A 58 -3.25 -2.83 12.25
CA GLN A 58 -4.12 -1.68 12.15
C GLN A 58 -3.22 -0.48 11.99
N VAL A 59 -2.21 -0.43 12.83
CA VAL A 59 -1.22 0.64 12.78
C VAL A 59 -0.61 0.74 11.38
N LEU A 60 -0.03 -0.37 10.93
CA LEU A 60 0.62 -0.40 9.62
C LEU A 60 -0.40 -0.16 8.49
N TYR A 61 -1.68 -0.27 8.83
CA TYR A 61 -2.76 -0.07 7.87
C TYR A 61 -3.54 1.22 8.16
N GLN A 62 -3.05 1.98 9.13
CA GLN A 62 -3.71 3.22 9.54
C GLN A 62 -2.72 4.39 9.59
N THR A 63 -2.32 4.79 10.79
CA THR A 63 -1.41 5.93 10.97
C THR A 63 -1.71 7.03 9.94
N GLU A 64 -0.72 7.89 9.61
CA GLU A 64 -0.92 8.96 8.61
C GLU A 64 0.24 9.96 8.59
N ARG A 65 0.76 10.25 7.39
CA ARG A 65 1.86 11.20 7.23
C ARG A 65 1.37 12.50 6.61
N TYR A 66 2.29 13.42 6.35
CA TYR A 66 1.95 14.71 5.75
C TYR A 66 1.51 14.52 4.29
N ASN A 67 1.38 15.63 3.57
CA ASN A 67 0.98 15.58 2.17
C ASN A 67 1.40 16.85 1.42
N GLU A 68 1.42 16.76 0.10
CA GLU A 68 1.80 17.90 -0.74
C GLU A 68 1.21 17.77 -2.15
N ASP A 69 1.97 17.18 -3.08
CA ASP A 69 1.50 17.00 -4.46
C ASP A 69 2.48 16.15 -5.27
N SER A 70 1.95 15.20 -6.02
CA SER A 70 2.78 14.31 -6.86
C SER A 70 3.96 13.79 -6.06
N PHE A 71 3.74 12.71 -5.31
CA PHE A 71 4.82 12.14 -4.50
C PHE A 71 4.59 10.66 -4.20
N GLY A 72 5.68 9.94 -3.93
CA GLY A 72 5.58 8.53 -3.64
C GLY A 72 6.89 7.88 -3.26
N TYR A 73 6.92 6.55 -3.36
CA TYR A 73 8.10 5.79 -2.97
C TYR A 73 8.82 5.14 -4.15
N ASP A 74 9.95 4.54 -3.84
CA ASP A 74 10.79 3.86 -4.82
C ASP A 74 11.08 2.44 -4.33
N ILE A 75 11.06 1.46 -5.24
CA ILE A 75 11.30 0.07 -4.87
C ILE A 75 12.35 -0.61 -5.74
N PRO A 76 13.64 -0.54 -5.38
CA PRO A 76 14.70 -1.23 -6.14
C PRO A 76 14.41 -2.73 -6.25
N ILE A 77 14.58 -3.28 -7.45
CA ILE A 77 14.34 -4.71 -7.68
C ILE A 77 15.54 -5.39 -8.31
N LYS A 78 15.67 -6.70 -8.09
CA LYS A 78 16.78 -7.47 -8.65
C LYS A 78 16.35 -8.89 -8.98
N GLU A 79 15.06 -9.20 -8.81
CA GLU A 79 14.55 -10.53 -9.11
C GLU A 79 13.30 -10.46 -9.98
N GLU A 80 12.84 -11.60 -10.46
CA GLU A 80 11.65 -11.65 -11.29
C GLU A 80 10.63 -12.66 -10.75
N GLY A 81 9.46 -12.67 -11.36
CA GLY A 81 8.38 -13.55 -10.95
C GLY A 81 7.08 -12.77 -10.91
N GLU A 82 6.13 -13.15 -10.03
CA GLU A 82 4.90 -12.40 -9.97
C GLU A 82 4.95 -11.47 -8.77
N TYR A 83 5.10 -10.16 -9.01
CA TYR A 83 5.18 -9.23 -7.91
C TYR A 83 3.81 -8.68 -7.62
N VAL A 84 3.42 -8.80 -6.37
CA VAL A 84 2.10 -8.35 -5.98
C VAL A 84 2.18 -7.14 -5.09
N LEU A 85 1.76 -6.02 -5.67
CA LEU A 85 1.78 -4.73 -4.99
C LEU A 85 0.41 -4.42 -4.39
N VAL A 86 0.34 -4.56 -3.06
CA VAL A 86 -0.89 -4.31 -2.32
C VAL A 86 -0.75 -3.05 -1.49
N LEU A 87 -1.84 -2.28 -1.38
CA LEU A 87 -1.81 -1.05 -0.60
C LEU A 87 -3.05 -0.91 0.25
N LYS A 88 -2.87 -0.55 1.53
CA LYS A 88 -4.03 -0.30 2.37
C LYS A 88 -4.18 1.21 2.52
N PHE A 89 -5.24 1.75 1.89
CA PHE A 89 -5.51 3.18 1.93
C PHE A 89 -6.62 3.43 2.92
N ALA A 90 -6.55 4.53 3.68
CA ALA A 90 -7.60 4.78 4.66
C ALA A 90 -7.71 6.24 5.11
N GLU A 91 -8.77 6.50 5.88
CA GLU A 91 -9.05 7.81 6.45
C GLU A 91 -9.10 8.93 5.41
N VAL A 92 -9.62 10.07 5.86
CA VAL A 92 -9.75 11.25 5.02
C VAL A 92 -10.39 12.38 5.82
N TYR A 93 -9.85 13.59 5.69
CA TYR A 93 -10.37 14.73 6.43
C TYR A 93 -11.82 15.03 6.07
N PHE A 94 -12.03 15.43 4.82
CA PHE A 94 -13.37 15.77 4.35
C PHE A 94 -14.12 14.53 3.85
N ALA A 95 -15.43 14.51 4.09
CA ALA A 95 -16.26 13.39 3.68
C ALA A 95 -17.08 13.74 2.45
N GLN A 96 -16.61 13.30 1.29
CA GLN A 96 -17.31 13.57 0.03
C GLN A 96 -17.01 12.48 -1.01
N SER A 97 -18.03 12.10 -1.76
CA SER A 97 -17.88 11.05 -2.78
C SER A 97 -17.66 11.66 -4.17
N GLN A 98 -16.99 10.89 -5.02
CA GLN A 98 -16.70 11.31 -6.40
C GLN A 98 -15.74 12.50 -6.46
N GLN A 99 -16.24 13.67 -6.07
CA GLN A 99 -15.44 14.90 -6.09
C GLN A 99 -14.00 14.65 -5.63
N LYS A 100 -13.84 13.89 -4.55
CA LYS A 100 -12.51 13.59 -4.03
C LYS A 100 -11.94 12.34 -4.68
N VAL A 101 -11.42 12.51 -5.89
CA VAL A 101 -10.83 11.40 -6.64
C VAL A 101 -9.31 11.61 -6.76
N PHE A 102 -8.54 10.52 -6.69
CA PHE A 102 -7.09 10.62 -6.79
C PHE A 102 -6.50 9.74 -7.89
N ASP A 103 -5.18 9.82 -8.07
CA ASP A 103 -4.49 9.02 -9.09
C ASP A 103 -3.35 8.21 -8.49
N VAL A 104 -3.19 6.96 -8.98
CA VAL A 104 -2.14 6.07 -8.49
C VAL A 104 -1.48 5.29 -9.64
N ARG A 105 -0.14 5.27 -9.64
CA ARG A 105 0.64 4.58 -10.67
C ARG A 105 1.76 3.73 -10.11
N VAL A 106 2.08 2.67 -10.87
CA VAL A 106 3.16 1.74 -10.53
C VAL A 106 4.21 1.75 -11.63
N ASN A 107 5.45 2.13 -11.27
CA ASN A 107 6.53 2.26 -12.23
C ASN A 107 6.12 3.23 -13.33
N GLY A 108 5.24 4.15 -12.96
CA GLY A 108 4.76 5.13 -13.90
C GLY A 108 3.51 4.70 -14.64
N HIS A 109 2.85 3.67 -14.12
CA HIS A 109 1.66 3.15 -14.76
C HIS A 109 0.39 3.34 -13.93
N THR A 110 -0.52 4.23 -14.39
CA THR A 110 -1.77 4.46 -13.67
C THR A 110 -2.67 3.24 -13.73
N VAL A 111 -2.81 2.58 -12.59
CA VAL A 111 -3.65 1.41 -12.49
C VAL A 111 -4.96 1.77 -11.84
N VAL A 112 -4.92 2.72 -10.90
CA VAL A 112 -6.14 3.17 -10.24
C VAL A 112 -6.22 4.68 -10.30
N LYS A 113 -6.85 5.19 -11.35
CA LYS A 113 -6.99 6.62 -11.50
C LYS A 113 -8.42 7.06 -11.29
N ASP A 114 -8.72 7.18 -10.02
CA ASP A 114 -10.03 7.57 -9.52
C ASP A 114 -10.16 7.08 -8.10
N LEU A 115 -9.05 7.14 -7.36
CA LEU A 115 -9.05 6.66 -5.99
C LEU A 115 -9.82 7.56 -5.05
N ASP A 116 -11.12 7.31 -4.99
CA ASP A 116 -12.00 8.01 -4.07
C ASP A 116 -12.21 7.09 -2.88
N ILE A 117 -11.27 7.12 -1.94
CA ILE A 117 -11.28 6.24 -0.79
C ILE A 117 -12.64 6.25 -0.08
N PHE A 118 -13.22 7.44 0.06
CA PHE A 118 -14.52 7.57 0.72
C PHE A 118 -15.60 6.79 -0.01
N ASP A 119 -15.76 7.07 -1.30
CA ASP A 119 -16.78 6.38 -2.11
C ASP A 119 -16.51 4.89 -2.21
N ARG A 120 -15.24 4.49 -2.10
CA ARG A 120 -14.87 3.09 -2.21
C ARG A 120 -15.48 2.23 -1.09
N VAL A 121 -15.16 2.56 0.17
CA VAL A 121 -15.70 1.77 1.28
C VAL A 121 -16.82 2.51 2.02
N GLY A 122 -16.63 3.81 2.22
CA GLY A 122 -17.63 4.60 2.91
C GLY A 122 -17.04 5.44 4.04
N HIS A 123 -17.39 5.09 5.28
CA HIS A 123 -16.90 5.83 6.43
C HIS A 123 -15.69 5.13 7.07
N SER A 124 -14.54 5.80 7.00
CA SER A 124 -13.30 5.26 7.57
C SER A 124 -13.01 3.86 7.02
N THR A 125 -12.78 2.89 7.91
CA THR A 125 -12.47 1.51 7.51
C THR A 125 -11.26 1.45 6.59
N ALA A 126 -10.83 0.23 6.27
CA ALA A 126 -9.67 0.04 5.40
C ALA A 126 -10.06 -0.23 3.96
N HIS A 127 -9.32 0.37 3.05
CA HIS A 127 -9.54 0.19 1.62
C HIS A 127 -8.40 -0.65 1.06
N ASP A 128 -8.67 -1.43 0.02
CA ASP A 128 -7.63 -2.30 -0.52
C ASP A 128 -7.53 -2.25 -2.03
N GLU A 129 -6.30 -2.20 -2.51
CA GLU A 129 -6.00 -2.20 -3.94
C GLU A 129 -4.95 -3.27 -4.24
N ILE A 130 -5.38 -4.33 -4.90
CA ILE A 130 -4.50 -5.44 -5.27
C ILE A 130 -4.04 -5.30 -6.71
N ILE A 131 -2.73 -5.37 -6.95
CA ILE A 131 -2.20 -5.22 -8.30
C ILE A 131 -1.14 -6.27 -8.65
N PRO A 132 -1.54 -7.49 -9.09
CA PRO A 132 -0.57 -8.52 -9.51
C PRO A 132 0.26 -8.06 -10.70
N ILE A 133 1.54 -8.45 -10.71
CA ILE A 133 2.44 -8.05 -11.79
C ILE A 133 3.30 -9.24 -12.24
N SER A 134 3.85 -9.14 -13.45
CA SER A 134 4.71 -10.21 -13.98
C SER A 134 5.97 -9.63 -14.61
N ILE A 135 7.09 -9.81 -13.93
CA ILE A 135 8.38 -9.33 -14.43
C ILE A 135 9.22 -10.49 -14.92
N LYS A 136 9.72 -10.39 -16.16
CA LYS A 136 10.53 -11.45 -16.74
C LYS A 136 11.53 -10.88 -17.74
N LYS A 137 12.72 -11.46 -17.76
CA LYS A 137 13.79 -11.03 -18.67
C LYS A 137 14.18 -9.58 -18.42
N GLY A 138 13.71 -9.02 -17.30
CA GLY A 138 14.04 -7.65 -16.97
C GLY A 138 12.99 -6.65 -17.42
N LYS A 139 11.81 -7.15 -17.77
CA LYS A 139 10.72 -6.28 -18.21
C LYS A 139 9.54 -6.36 -17.26
N LEU A 140 8.75 -5.28 -17.20
CA LEU A 140 7.60 -5.23 -16.31
C LEU A 140 6.28 -5.24 -17.09
N SER A 141 5.39 -6.13 -16.68
CA SER A 141 4.07 -6.24 -17.30
C SER A 141 2.99 -5.92 -16.27
N VAL A 142 2.33 -4.77 -16.46
CA VAL A 142 1.28 -4.33 -15.54
C VAL A 142 -0.10 -4.52 -16.16
N GLN A 143 -0.87 -5.47 -15.62
CA GLN A 143 -2.21 -5.75 -16.10
C GLN A 143 -2.22 -6.15 -17.59
N GLY A 144 -2.34 -5.15 -18.46
CA GLY A 144 -2.36 -5.43 -19.89
C GLY A 144 -1.43 -4.53 -20.69
N GLU A 145 -0.42 -3.97 -20.03
CA GLU A 145 0.53 -3.11 -20.69
C GLU A 145 1.95 -3.60 -20.45
N VAL A 146 2.77 -3.60 -21.50
CA VAL A 146 4.14 -4.06 -21.40
C VAL A 146 5.12 -2.89 -21.42
N SER A 147 6.13 -2.96 -20.56
CA SER A 147 7.14 -1.91 -20.47
C SER A 147 8.45 -2.50 -19.97
N THR A 148 9.51 -1.70 -20.01
CA THR A 148 10.81 -2.16 -19.56
C THR A 148 11.08 -1.72 -18.13
N PHE A 149 11.61 -2.64 -17.33
CA PHE A 149 11.95 -2.35 -15.96
C PHE A 149 13.29 -1.62 -15.95
N THR A 150 13.40 -0.59 -15.14
CA THR A 150 14.65 0.15 -15.10
C THR A 150 14.98 0.69 -13.71
N GLY A 151 15.80 -0.07 -12.98
CA GLY A 151 16.24 0.33 -11.66
C GLY A 151 15.30 -0.04 -10.53
N LYS A 152 14.10 0.56 -10.51
CA LYS A 152 13.17 0.29 -9.43
C LYS A 152 11.72 0.45 -9.84
N LEU A 153 10.84 0.05 -8.94
CA LEU A 153 9.40 0.20 -9.15
C LEU A 153 9.00 1.51 -8.48
N SER A 154 8.35 2.42 -9.22
CA SER A 154 8.03 3.72 -8.63
C SER A 154 6.54 3.99 -8.53
N VAL A 155 6.06 4.12 -7.29
CA VAL A 155 4.65 4.40 -7.06
C VAL A 155 4.47 5.86 -6.73
N GLU A 156 3.65 6.54 -7.53
CA GLU A 156 3.39 7.96 -7.35
C GLU A 156 1.89 8.22 -7.41
N PHE A 157 1.45 9.18 -6.61
CA PHE A 157 0.05 9.54 -6.60
C PHE A 157 -0.10 11.04 -6.77
N VAL A 158 -1.05 11.42 -7.61
CA VAL A 158 -1.29 12.83 -7.90
C VAL A 158 -2.60 13.32 -7.30
N LYS A 159 -2.60 14.56 -6.84
CA LYS A 159 -3.78 15.16 -6.23
C LYS A 159 -4.86 15.45 -7.28
N GLY A 160 -6.11 15.19 -6.91
CA GLY A 160 -7.22 15.45 -7.82
C GLY A 160 -7.83 16.80 -7.56
N TYR A 161 -7.60 17.33 -6.36
CA TYR A 161 -8.12 18.64 -5.96
C TYR A 161 -7.29 19.18 -4.80
N TYR A 162 -7.13 18.35 -3.77
CA TYR A 162 -6.35 18.73 -2.59
C TYR A 162 -6.33 17.57 -1.59
N ASP A 163 -5.30 17.55 -0.75
CA ASP A 163 -5.16 16.49 0.27
C ASP A 163 -5.03 15.12 -0.39
N ASN A 164 -3.86 14.84 -0.94
CA ASN A 164 -3.59 13.55 -1.58
C ASN A 164 -3.91 12.41 -0.61
N PRO A 165 -4.01 11.14 -1.09
CA PRO A 165 -4.31 10.01 -0.21
C PRO A 165 -3.64 10.15 1.15
N LYS A 166 -4.47 10.36 2.18
CA LYS A 166 -3.98 10.56 3.53
C LYS A 166 -3.21 9.34 4.05
N VAL A 167 -3.89 8.23 4.35
CA VAL A 167 -3.19 7.05 4.85
C VAL A 167 -2.69 6.17 3.74
N CYS A 168 -1.41 5.76 3.86
CA CYS A 168 -0.80 4.90 2.84
C CYS A 168 -0.10 3.70 3.48
N ALA A 169 -0.50 2.52 3.05
CA ALA A 169 0.04 1.26 3.58
C ALA A 169 0.78 0.42 2.56
N LEU A 170 1.54 1.07 1.66
CA LEU A 170 2.30 0.35 0.64
C LEU A 170 2.79 -1.00 1.16
N PHE A 171 2.77 -2.00 0.29
CA PHE A 171 3.22 -3.34 0.66
C PHE A 171 3.58 -4.15 -0.59
N ILE A 172 4.89 -4.30 -0.88
CA ILE A 172 5.28 -5.09 -2.04
C ILE A 172 6.00 -6.40 -1.66
N MET A 173 5.42 -7.49 -2.15
CA MET A 173 5.95 -8.82 -1.93
C MET A 173 6.32 -9.45 -3.25
N LYS A 174 7.09 -10.54 -3.24
CA LYS A 174 7.52 -11.14 -4.48
C LYS A 174 7.08 -12.59 -4.69
N GLY A 175 6.77 -12.85 -5.94
CA GLY A 175 6.44 -14.16 -6.45
C GLY A 175 4.97 -14.48 -6.69
N THR A 176 4.03 -13.97 -5.88
CA THR A 176 2.60 -14.27 -6.11
C THR A 176 1.65 -13.69 -5.07
N ALA A 177 0.38 -13.55 -5.47
CA ALA A 177 -0.70 -13.08 -4.58
C ALA A 177 -1.27 -14.25 -3.78
N ASP A 178 -1.01 -15.46 -4.25
CA ASP A 178 -1.52 -16.67 -3.60
C ASP A 178 -0.96 -16.83 -2.19
N ASP A 179 0.17 -16.21 -1.91
CA ASP A 179 0.79 -16.31 -0.59
C ASP A 179 0.01 -15.52 0.44
N VAL A 180 -0.08 -14.20 0.26
CA VAL A 180 -0.81 -13.32 1.18
C VAL A 180 -2.20 -13.90 1.52
N PRO A 181 -2.39 -14.50 2.73
CA PRO A 181 -3.68 -15.06 3.13
C PRO A 181 -4.83 -14.09 2.93
N MET A 182 -5.91 -14.58 2.33
CA MET A 182 -7.10 -13.76 2.07
C MET A 182 -8.36 -14.63 2.02
N LEU A 183 -9.16 -14.55 3.08
CA LEU A 183 -10.39 -15.33 3.17
C LEU A 183 -11.58 -14.55 2.62
N GLN A 184 -12.27 -15.13 1.66
CA GLN A 184 -13.44 -14.49 1.05
C GLN A 184 -14.55 -14.32 2.10
N PRO A 185 -15.40 -13.27 1.99
CA PRO A 185 -16.48 -13.05 2.96
C PRO A 185 -17.50 -14.17 2.95
N HIS A 186 -17.75 -14.76 4.11
CA HIS A 186 -18.71 -15.84 4.23
C HIS A 186 -19.61 -15.61 5.45
N PRO A 187 -20.96 -15.72 5.31
CA PRO A 187 -21.87 -15.52 6.45
C PRO A 187 -21.80 -16.67 7.45
N GLY A 188 -22.75 -17.60 7.36
CA GLY A 188 -22.76 -18.74 8.26
C GLY A 188 -23.83 -18.64 9.32
N LEU A 189 -24.24 -19.78 9.87
CA LEU A 189 -25.26 -19.82 10.91
C LEU A 189 -24.63 -20.01 12.28
N GLU A 190 -25.38 -19.65 13.32
CA GLU A 190 -24.89 -19.79 14.68
C GLU A 190 -25.33 -21.11 15.29
N GLY A 1 10.51 -21.07 14.50
CA GLY A 1 9.64 -20.24 13.61
C GLY A 1 8.94 -21.07 12.56
N ALA A 2 7.95 -21.83 12.96
CA ALA A 2 7.19 -22.67 12.04
C ALA A 2 5.93 -21.95 11.56
N MET A 3 5.68 -20.78 12.12
CA MET A 3 4.50 -19.99 11.75
C MET A 3 4.89 -18.82 10.85
N SER A 4 5.14 -19.12 9.58
CA SER A 4 5.52 -18.10 8.61
C SER A 4 5.20 -18.55 7.19
N GLY A 5 5.22 -17.60 6.25
CA GLY A 5 4.93 -17.93 4.86
C GLY A 5 4.96 -16.71 3.97
N LEU A 6 4.34 -15.62 4.42
CA LEU A 6 4.30 -14.39 3.65
C LEU A 6 5.59 -13.61 3.82
N ALA A 7 6.04 -13.52 5.07
CA ALA A 7 7.28 -12.84 5.42
C ALA A 7 8.47 -13.37 4.62
N ASP A 8 8.32 -14.59 4.09
CA ASP A 8 9.39 -15.24 3.34
C ASP A 8 9.54 -14.68 1.93
N LYS A 9 8.49 -14.03 1.43
CA LYS A 9 8.54 -13.48 0.08
C LYS A 9 8.68 -11.96 0.09
N VAL A 10 8.30 -11.32 1.19
CA VAL A 10 8.41 -9.87 1.31
C VAL A 10 9.75 -9.37 0.79
N ILE A 11 9.77 -8.19 0.18
CA ILE A 11 11.02 -7.65 -0.30
C ILE A 11 11.15 -6.18 0.02
N TRP A 12 10.01 -5.53 0.23
CA TRP A 12 10.01 -4.10 0.54
C TRP A 12 8.58 -3.64 0.84
N ALA A 13 8.43 -2.74 1.82
CA ALA A 13 7.09 -2.26 2.18
C ALA A 13 7.14 -0.94 2.93
N VAL A 14 6.14 -0.08 2.71
CA VAL A 14 6.08 1.20 3.39
C VAL A 14 4.67 1.70 3.67
N ASN A 15 4.47 2.12 4.91
CA ASN A 15 3.21 2.70 5.32
C ASN A 15 3.42 4.14 5.70
N ALA A 16 3.19 5.03 4.74
CA ALA A 16 3.33 6.44 5.03
C ALA A 16 2.33 6.77 6.11
N GLY A 17 2.86 6.76 7.34
CA GLY A 17 2.04 7.05 8.49
C GLY A 17 2.81 7.02 9.80
N GLY A 18 3.33 5.86 10.15
CA GLY A 18 4.08 5.73 11.39
C GLY A 18 5.57 5.64 11.16
N GLU A 19 6.17 4.53 11.58
CA GLU A 19 7.59 4.31 11.40
C GLU A 19 7.98 2.90 11.82
N SER A 20 8.67 2.22 10.90
CA SER A 20 9.14 0.86 11.14
C SER A 20 8.08 -0.03 11.81
N HIS A 21 7.14 -0.57 11.04
CA HIS A 21 6.11 -1.44 11.64
C HIS A 21 6.26 -2.88 11.19
N VAL A 22 5.81 -3.79 12.05
CA VAL A 22 5.85 -5.21 11.77
C VAL A 22 4.46 -5.81 11.91
N ASP A 23 3.81 -6.09 10.79
CA ASP A 23 2.48 -6.67 10.80
C ASP A 23 2.55 -8.14 11.17
N VAL A 24 1.47 -8.64 11.78
CA VAL A 24 1.39 -10.03 12.24
C VAL A 24 1.95 -11.04 11.24
N HIS A 25 1.55 -10.96 9.96
CA HIS A 25 2.03 -11.92 8.97
C HIS A 25 3.55 -11.86 8.87
N GLY A 26 4.11 -10.77 9.35
CA GLY A 26 5.54 -10.58 9.33
C GLY A 26 5.99 -9.64 8.23
N ILE A 27 5.16 -8.63 7.96
CA ILE A 27 5.50 -7.65 6.93
C ILE A 27 5.98 -6.37 7.60
N HIS A 28 7.19 -5.93 7.25
CA HIS A 28 7.78 -4.75 7.87
C HIS A 28 7.85 -3.52 6.97
N TYR A 29 7.41 -2.38 7.52
CA TYR A 29 7.47 -1.09 6.81
C TYR A 29 8.72 -0.36 7.26
N ARG A 30 9.49 0.17 6.30
CA ARG A 30 10.75 0.87 6.57
C ARG A 30 10.66 1.91 7.68
N LYS A 31 10.74 3.18 7.29
CA LYS A 31 10.71 4.30 8.25
C LYS A 31 10.83 5.65 7.54
N ASP A 32 9.69 6.32 7.34
CA ASP A 32 9.64 7.65 6.72
C ASP A 32 10.76 7.86 5.67
N PRO A 33 10.64 7.19 4.50
CA PRO A 33 11.66 7.30 3.43
C PRO A 33 11.72 8.67 2.77
N LEU A 34 10.70 9.03 1.99
CA LEU A 34 10.69 10.31 1.27
C LEU A 34 10.11 11.44 2.12
N GLU A 35 9.49 11.13 3.24
CA GLU A 35 8.91 12.16 4.10
C GLU A 35 9.94 12.77 5.02
N GLY A 36 10.86 13.54 4.46
CA GLY A 36 11.89 14.17 5.25
C GLY A 36 12.99 13.21 5.60
N ARG A 37 12.82 11.96 5.16
CA ARG A 37 13.80 10.89 5.41
C ARG A 37 14.37 10.99 6.82
N VAL A 38 13.50 11.24 7.79
CA VAL A 38 13.89 11.35 9.19
C VAL A 38 12.76 10.86 10.10
N GLY A 39 13.03 10.84 11.40
CA GLY A 39 12.02 10.39 12.35
C GLY A 39 11.03 11.48 12.70
N ARG A 40 9.74 11.11 12.75
CA ARG A 40 8.69 12.08 13.08
C ARG A 40 7.40 11.36 13.47
N ALA A 41 6.78 10.68 12.50
CA ALA A 41 5.54 9.94 12.73
C ALA A 41 4.45 10.85 13.30
N SER A 42 3.91 11.73 12.46
CA SER A 42 2.86 12.64 12.88
C SER A 42 1.51 11.92 12.84
N ASP A 43 1.23 11.14 13.88
CA ASP A 43 -0.01 10.40 13.97
C ASP A 43 -1.16 11.28 14.45
N TYR A 44 -1.46 12.32 13.68
CA TYR A 44 -2.56 13.24 14.02
C TYR A 44 -3.88 12.64 13.57
N GLY A 45 -4.96 12.99 14.24
CA GLY A 45 -6.26 12.45 13.89
C GLY A 45 -6.25 10.94 13.97
N MET A 46 -5.33 10.41 14.78
CA MET A 46 -5.17 8.98 14.96
C MET A 46 -6.40 8.37 15.62
N LYS A 47 -7.39 9.21 15.93
CA LYS A 47 -8.62 8.74 16.55
C LYS A 47 -9.57 8.14 15.51
N LEU A 48 -9.06 7.16 14.79
CA LEU A 48 -9.83 6.48 13.75
C LEU A 48 -9.29 5.07 13.52
N PRO A 49 -9.31 4.22 14.57
CA PRO A 49 -8.80 2.84 14.49
C PRO A 49 -9.43 2.04 13.36
N ILE A 50 -8.67 1.82 12.29
CA ILE A 50 -9.16 1.05 11.16
C ILE A 50 -9.68 -0.31 11.64
N LEU A 51 -10.88 -0.64 11.21
CA LEU A 51 -11.47 -1.91 11.58
C LEU A 51 -11.02 -2.96 10.57
N ARG A 52 -11.51 -4.17 10.74
CA ARG A 52 -11.17 -5.26 9.84
C ARG A 52 -9.71 -5.71 10.02
N SER A 53 -8.87 -4.83 10.56
CA SER A 53 -7.46 -5.15 10.78
C SER A 53 -7.17 -5.42 12.25
N ASN A 54 -5.94 -5.87 12.53
CA ASN A 54 -5.50 -6.16 13.89
C ASN A 54 -4.88 -4.89 14.49
N PRO A 55 -4.97 -4.66 15.82
CA PRO A 55 -4.40 -3.45 16.46
C PRO A 55 -3.03 -3.04 15.91
N GLU A 56 -2.11 -3.99 15.87
CA GLU A 56 -0.76 -3.70 15.39
C GLU A 56 -0.78 -3.30 13.91
N ASP A 57 -1.33 -4.18 13.10
CA ASP A 57 -1.38 -3.92 11.67
C ASP A 57 -2.35 -2.77 11.39
N GLN A 58 -3.13 -2.39 12.41
CA GLN A 58 -4.03 -1.26 12.29
C GLN A 58 -3.17 -0.05 12.08
N VAL A 59 -2.11 0.02 12.88
CA VAL A 59 -1.13 1.09 12.77
C VAL A 59 -0.63 1.16 11.33
N LEU A 60 -0.23 0.01 10.81
CA LEU A 60 0.28 -0.10 9.44
C LEU A 60 -0.83 0.12 8.42
N TYR A 61 -2.07 0.12 8.89
CA TYR A 61 -3.25 0.29 8.03
C TYR A 61 -4.06 1.52 8.46
N GLN A 62 -3.43 2.43 9.19
CA GLN A 62 -4.12 3.65 9.68
C GLN A 62 -3.26 4.91 9.59
N THR A 63 -2.11 4.89 10.28
CA THR A 63 -1.20 6.05 10.30
C THR A 63 -1.05 6.65 8.88
N GLU A 64 -0.79 7.97 8.80
CA GLU A 64 -0.71 8.65 7.50
C GLU A 64 0.47 9.61 7.34
N ARG A 65 0.92 10.22 8.43
CA ARG A 65 2.02 11.20 8.37
C ARG A 65 1.55 12.45 7.64
N TYR A 66 2.47 13.39 7.39
CA TYR A 66 2.14 14.62 6.69
C TYR A 66 2.01 14.35 5.19
N ASN A 67 1.26 15.21 4.50
CA ASN A 67 1.05 15.08 3.06
C ASN A 67 1.22 16.41 2.34
N GLU A 68 1.69 16.36 1.09
CA GLU A 68 1.91 17.57 0.31
C GLU A 68 1.26 17.45 -1.07
N ASP A 69 2.05 17.17 -2.11
CA ASP A 69 1.52 17.05 -3.47
C ASP A 69 2.51 16.32 -4.40
N SER A 70 2.00 15.32 -5.11
CA SER A 70 2.83 14.53 -6.04
C SER A 70 4.06 13.99 -5.36
N PHE A 71 3.98 12.74 -4.90
CA PHE A 71 5.11 12.10 -4.24
C PHE A 71 4.95 10.59 -4.18
N GLY A 72 6.04 9.89 -3.90
CA GLY A 72 5.97 8.45 -3.85
C GLY A 72 7.15 7.79 -3.17
N TYR A 73 7.47 6.58 -3.63
CA TYR A 73 8.55 5.80 -3.08
C TYR A 73 9.31 5.04 -4.15
N ASP A 74 10.48 4.52 -3.78
CA ASP A 74 11.33 3.77 -4.69
C ASP A 74 11.52 2.33 -4.20
N ILE A 75 11.39 1.37 -5.12
CA ILE A 75 11.56 -0.04 -4.76
C ILE A 75 12.59 -0.73 -5.68
N PRO A 76 13.88 -0.67 -5.34
CA PRO A 76 14.91 -1.35 -6.13
C PRO A 76 14.65 -2.86 -6.24
N ILE A 77 14.49 -3.35 -7.47
CA ILE A 77 14.24 -4.78 -7.69
C ILE A 77 15.43 -5.44 -8.38
N LYS A 78 15.60 -6.74 -8.12
CA LYS A 78 16.69 -7.50 -8.71
C LYS A 78 16.28 -8.93 -9.03
N GLU A 79 15.00 -9.25 -8.82
CA GLU A 79 14.51 -10.60 -9.08
C GLU A 79 13.25 -10.55 -9.95
N GLU A 80 12.81 -11.71 -10.42
CA GLU A 80 11.61 -11.76 -11.25
C GLU A 80 10.59 -12.77 -10.71
N GLY A 81 9.40 -12.72 -11.28
CA GLY A 81 8.30 -13.58 -10.85
C GLY A 81 7.02 -12.79 -10.84
N GLU A 82 6.02 -13.20 -10.06
CA GLU A 82 4.80 -12.42 -10.01
C GLU A 82 4.86 -11.49 -8.82
N TYR A 83 5.02 -10.19 -9.06
CA TYR A 83 5.12 -9.25 -7.96
C TYR A 83 3.76 -8.68 -7.69
N VAL A 84 3.35 -8.80 -6.45
CA VAL A 84 2.04 -8.34 -6.07
C VAL A 84 2.12 -7.11 -5.19
N LEU A 85 1.66 -6.02 -5.78
CA LEU A 85 1.67 -4.73 -5.12
C LEU A 85 0.29 -4.38 -4.61
N VAL A 86 0.12 -4.49 -3.31
CA VAL A 86 -1.14 -4.17 -2.66
C VAL A 86 -0.95 -3.03 -1.68
N LEU A 87 -1.94 -2.15 -1.60
CA LEU A 87 -1.83 -1.01 -0.71
C LEU A 87 -3.08 -0.86 0.14
N LYS A 88 -2.91 -0.64 1.44
CA LYS A 88 -4.07 -0.40 2.29
C LYS A 88 -4.27 1.10 2.37
N PHE A 89 -5.34 1.58 1.78
CA PHE A 89 -5.62 3.01 1.79
C PHE A 89 -6.72 3.31 2.79
N ALA A 90 -6.60 4.45 3.46
CA ALA A 90 -7.60 4.84 4.44
C ALA A 90 -7.71 6.37 4.52
N GLU A 91 -8.82 6.87 5.06
CA GLU A 91 -9.03 8.32 5.19
C GLU A 91 -10.36 8.63 5.88
N VAL A 92 -11.37 9.01 5.09
CA VAL A 92 -12.68 9.33 5.63
C VAL A 92 -12.60 10.43 6.69
N TYR A 93 -12.78 11.68 6.26
CA TYR A 93 -12.73 12.82 7.16
C TYR A 93 -14.06 13.54 7.22
N PHE A 94 -14.77 13.57 6.09
CA PHE A 94 -16.07 14.24 6.02
C PHE A 94 -17.11 13.35 5.35
N ALA A 95 -16.69 12.16 4.92
CA ALA A 95 -17.57 11.20 4.29
C ALA A 95 -18.20 11.78 3.02
N GLN A 96 -17.58 11.52 1.87
CA GLN A 96 -18.08 12.02 0.60
C GLN A 96 -17.67 11.08 -0.55
N SER A 97 -18.56 10.92 -1.51
CA SER A 97 -18.30 10.03 -2.65
C SER A 97 -18.17 10.80 -3.96
N GLN A 98 -17.48 10.17 -4.92
CA GLN A 98 -17.26 10.73 -6.26
C GLN A 98 -16.79 12.18 -6.19
N GLN A 99 -16.13 12.54 -5.10
CA GLN A 99 -15.61 13.89 -4.94
C GLN A 99 -14.14 13.82 -4.54
N LYS A 100 -13.85 12.90 -3.62
CA LYS A 100 -12.48 12.69 -3.16
C LYS A 100 -11.83 11.61 -4.01
N VAL A 101 -11.41 11.97 -5.21
CA VAL A 101 -10.80 11.02 -6.14
C VAL A 101 -9.30 11.33 -6.25
N PHE A 102 -8.50 10.28 -6.42
CA PHE A 102 -7.06 10.44 -6.49
C PHE A 102 -6.45 9.68 -7.66
N ASP A 103 -5.13 9.81 -7.82
CA ASP A 103 -4.43 9.09 -8.89
C ASP A 103 -3.30 8.23 -8.34
N VAL A 104 -3.19 7.00 -8.87
CA VAL A 104 -2.19 6.05 -8.41
C VAL A 104 -1.47 5.36 -9.58
N ARG A 105 -0.13 5.32 -9.50
CA ARG A 105 0.71 4.71 -10.55
C ARG A 105 1.78 3.79 -9.99
N VAL A 106 2.09 2.74 -10.76
CA VAL A 106 3.12 1.77 -10.40
C VAL A 106 4.23 1.81 -11.47
N ASN A 107 5.42 2.24 -11.05
CA ASN A 107 6.56 2.39 -11.96
C ASN A 107 6.20 3.40 -13.05
N GLY A 108 5.29 4.31 -12.69
CA GLY A 108 4.86 5.33 -13.61
C GLY A 108 3.65 4.92 -14.41
N HIS A 109 3.04 3.81 -14.02
CA HIS A 109 1.89 3.28 -14.73
C HIS A 109 0.58 3.46 -13.96
N THR A 110 -0.34 4.29 -14.48
CA THR A 110 -1.62 4.47 -13.80
C THR A 110 -2.42 3.18 -13.80
N VAL A 111 -2.88 2.80 -12.63
CA VAL A 111 -3.68 1.61 -12.51
C VAL A 111 -5.01 1.96 -11.87
N VAL A 112 -4.99 2.98 -11.00
CA VAL A 112 -6.22 3.45 -10.38
C VAL A 112 -6.25 4.97 -10.40
N LYS A 113 -6.82 5.51 -11.48
CA LYS A 113 -6.91 6.96 -11.65
C LYS A 113 -8.32 7.45 -11.40
N ASP A 114 -8.64 7.50 -10.12
CA ASP A 114 -9.93 7.95 -9.60
C ASP A 114 -10.15 7.31 -8.24
N LEU A 115 -9.05 7.02 -7.56
CA LEU A 115 -9.11 6.36 -6.27
C LEU A 115 -9.87 7.18 -5.24
N ASP A 116 -11.15 6.82 -5.07
CA ASP A 116 -12.03 7.46 -4.10
C ASP A 116 -12.26 6.48 -2.95
N ILE A 117 -11.44 6.63 -1.91
CA ILE A 117 -11.47 5.74 -0.75
C ILE A 117 -12.86 5.56 -0.13
N PHE A 118 -13.52 6.67 0.18
CA PHE A 118 -14.85 6.59 0.81
C PHE A 118 -15.81 5.70 0.02
N ASP A 119 -16.01 6.02 -1.26
CA ASP A 119 -16.91 5.26 -2.12
C ASP A 119 -16.49 3.81 -2.27
N ARG A 120 -15.19 3.54 -2.15
CA ARG A 120 -14.68 2.17 -2.33
C ARG A 120 -15.14 1.22 -1.21
N VAL A 121 -14.81 1.54 0.03
CA VAL A 121 -15.18 0.68 1.16
C VAL A 121 -16.33 1.26 1.97
N GLY A 122 -16.30 2.56 2.21
CA GLY A 122 -17.35 3.20 2.98
C GLY A 122 -16.84 3.89 4.23
N HIS A 123 -17.60 3.75 5.31
CA HIS A 123 -17.24 4.37 6.59
C HIS A 123 -15.95 3.79 7.16
N SER A 124 -14.94 4.65 7.31
CA SER A 124 -13.64 4.26 7.85
C SER A 124 -13.19 2.88 7.34
N THR A 125 -13.04 1.92 8.26
CA THR A 125 -12.61 0.58 7.90
C THR A 125 -11.34 0.61 7.05
N ALA A 126 -11.00 -0.51 6.43
CA ALA A 126 -9.80 -0.62 5.62
C ALA A 126 -10.10 -0.81 4.13
N HIS A 127 -9.33 -0.13 3.29
CA HIS A 127 -9.48 -0.25 1.85
C HIS A 127 -8.28 -1.03 1.30
N ASP A 128 -8.48 -1.80 0.23
CA ASP A 128 -7.39 -2.58 -0.33
C ASP A 128 -7.44 -2.65 -1.84
N GLU A 129 -6.30 -2.38 -2.47
CA GLU A 129 -6.18 -2.44 -3.91
C GLU A 129 -5.04 -3.40 -4.29
N ILE A 130 -5.41 -4.54 -4.85
CA ILE A 130 -4.43 -5.55 -5.26
C ILE A 130 -4.08 -5.41 -6.73
N ILE A 131 -2.78 -5.38 -7.03
CA ILE A 131 -2.30 -5.21 -8.40
C ILE A 131 -1.23 -6.25 -8.77
N PRO A 132 -1.62 -7.46 -9.23
CA PRO A 132 -0.64 -8.48 -9.62
C PRO A 132 0.22 -8.00 -10.79
N ILE A 133 1.49 -8.40 -10.79
CA ILE A 133 2.43 -7.99 -11.83
C ILE A 133 3.27 -9.18 -12.29
N SER A 134 3.85 -9.08 -13.48
CA SER A 134 4.70 -10.15 -13.99
C SER A 134 5.98 -9.58 -14.60
N ILE A 135 7.10 -9.81 -13.90
CA ILE A 135 8.41 -9.34 -14.35
C ILE A 135 9.23 -10.52 -14.87
N LYS A 136 9.72 -10.41 -16.10
CA LYS A 136 10.52 -11.47 -16.70
C LYS A 136 11.52 -10.91 -17.71
N LYS A 137 12.70 -11.50 -17.77
CA LYS A 137 13.75 -11.07 -18.69
C LYS A 137 14.19 -9.65 -18.39
N GLY A 138 13.74 -9.11 -17.27
CA GLY A 138 14.11 -7.76 -16.90
C GLY A 138 13.09 -6.72 -17.31
N LYS A 139 11.88 -7.15 -17.62
CA LYS A 139 10.82 -6.22 -18.02
C LYS A 139 9.64 -6.31 -17.07
N LEU A 140 8.81 -5.26 -17.07
CA LEU A 140 7.66 -5.20 -16.17
C LEU A 140 6.34 -5.18 -16.94
N SER A 141 5.42 -6.03 -16.52
CA SER A 141 4.10 -6.12 -17.14
C SER A 141 3.02 -5.73 -16.13
N VAL A 142 2.30 -4.65 -16.41
CA VAL A 142 1.26 -4.17 -15.51
C VAL A 142 -0.13 -4.30 -16.14
N GLN A 143 -0.93 -5.21 -15.59
CA GLN A 143 -2.30 -5.45 -16.06
C GLN A 143 -2.35 -5.67 -17.58
N GLY A 144 -2.61 -4.60 -18.33
CA GLY A 144 -2.71 -4.72 -19.77
C GLY A 144 -1.75 -3.80 -20.52
N GLU A 145 -0.57 -3.58 -19.97
CA GLU A 145 0.43 -2.72 -20.60
C GLU A 145 1.83 -3.24 -20.30
N VAL A 146 2.66 -3.33 -21.32
CA VAL A 146 4.01 -3.83 -21.16
C VAL A 146 5.04 -2.70 -21.23
N SER A 147 6.12 -2.86 -20.47
CA SER A 147 7.18 -1.87 -20.44
C SER A 147 8.44 -2.50 -19.87
N THR A 148 9.55 -1.78 -19.93
CA THR A 148 10.80 -2.31 -19.42
C THR A 148 11.10 -1.79 -18.02
N PHE A 149 11.65 -2.66 -17.20
CA PHE A 149 12.01 -2.34 -15.83
C PHE A 149 13.32 -1.56 -15.82
N THR A 150 13.42 -0.55 -14.96
CA THR A 150 14.64 0.25 -14.89
C THR A 150 15.03 0.61 -13.46
N GLY A 151 15.92 -0.19 -12.88
CA GLY A 151 16.43 0.06 -11.54
C GLY A 151 15.47 -0.23 -10.41
N LYS A 152 14.30 0.40 -10.40
CA LYS A 152 13.35 0.18 -9.30
C LYS A 152 11.91 0.37 -9.73
N LEU A 153 11.01 0.10 -8.79
CA LEU A 153 9.58 0.31 -9.02
C LEU A 153 9.19 1.59 -8.31
N SER A 154 8.53 2.51 -9.01
CA SER A 154 8.20 3.79 -8.39
C SER A 154 6.69 4.00 -8.27
N VAL A 155 6.23 4.05 -7.04
CA VAL A 155 4.81 4.29 -6.78
C VAL A 155 4.58 5.77 -6.59
N GLU A 156 4.01 6.39 -7.60
CA GLU A 156 3.76 7.82 -7.56
C GLU A 156 2.28 8.13 -7.65
N PHE A 157 1.78 8.93 -6.72
CA PHE A 157 0.38 9.33 -6.75
C PHE A 157 0.29 10.84 -6.83
N VAL A 158 -0.75 11.30 -7.53
CA VAL A 158 -0.97 12.72 -7.71
C VAL A 158 -2.29 13.16 -7.10
N LYS A 159 -2.30 14.37 -6.53
CA LYS A 159 -3.47 14.93 -5.89
C LYS A 159 -4.41 15.58 -6.91
N GLY A 160 -5.70 15.53 -6.63
CA GLY A 160 -6.67 16.13 -7.51
C GLY A 160 -7.13 17.48 -6.99
N TYR A 161 -6.58 17.88 -5.85
CA TYR A 161 -6.93 19.16 -5.22
C TYR A 161 -5.78 19.67 -4.34
N TYR A 162 -5.63 19.07 -3.16
CA TYR A 162 -4.58 19.46 -2.23
C TYR A 162 -4.62 18.59 -0.98
N ASP A 163 -4.19 17.34 -1.11
CA ASP A 163 -4.18 16.41 0.02
C ASP A 163 -3.51 15.09 -0.36
N ASN A 164 -3.85 14.58 -1.54
CA ASN A 164 -3.29 13.31 -2.01
C ASN A 164 -3.72 12.18 -1.05
N PRO A 165 -3.62 10.89 -1.44
CA PRO A 165 -4.00 9.79 -0.56
C PRO A 165 -3.46 10.00 0.85
N LYS A 166 -4.36 10.41 1.74
CA LYS A 166 -4.02 10.69 3.13
C LYS A 166 -3.29 9.51 3.79
N VAL A 167 -3.99 8.39 3.98
CA VAL A 167 -3.36 7.23 4.62
C VAL A 167 -2.81 6.27 3.59
N CYS A 168 -1.54 5.83 3.80
CA CYS A 168 -0.92 4.92 2.85
C CYS A 168 -0.19 3.74 3.52
N ALA A 169 -0.52 2.53 3.07
CA ALA A 169 0.03 1.27 3.57
C ALA A 169 0.69 0.44 2.48
N LEU A 170 1.38 1.11 1.55
CA LEU A 170 2.02 0.43 0.44
C LEU A 170 2.81 -0.79 0.94
N PHE A 171 2.59 -1.92 0.29
CA PHE A 171 3.21 -3.19 0.66
C PHE A 171 3.56 -4.00 -0.59
N ILE A 172 4.86 -4.22 -0.85
CA ILE A 172 5.26 -5.00 -2.02
C ILE A 172 5.95 -6.34 -1.65
N MET A 173 5.35 -7.42 -2.18
CA MET A 173 5.84 -8.76 -1.97
C MET A 173 6.22 -9.40 -3.29
N LYS A 174 6.92 -10.52 -3.24
CA LYS A 174 7.35 -11.16 -4.48
C LYS A 174 6.86 -12.60 -4.67
N GLY A 175 6.58 -12.88 -5.93
CA GLY A 175 6.21 -14.19 -6.42
C GLY A 175 4.74 -14.47 -6.69
N THR A 176 3.79 -13.95 -5.88
CA THR A 176 2.36 -14.23 -6.16
C THR A 176 1.40 -13.62 -5.14
N ALA A 177 0.15 -13.46 -5.58
CA ALA A 177 -0.93 -12.96 -4.73
C ALA A 177 -1.57 -14.09 -3.94
N ASP A 178 -1.50 -15.30 -4.50
CA ASP A 178 -2.08 -16.48 -3.89
C ASP A 178 -1.54 -16.70 -2.49
N ASP A 179 -0.35 -16.17 -2.23
CA ASP A 179 0.27 -16.32 -0.92
C ASP A 179 -0.53 -15.54 0.13
N VAL A 180 -0.90 -14.31 -0.21
CA VAL A 180 -1.69 -13.45 0.69
C VAL A 180 -2.68 -14.26 1.53
N PRO A 181 -2.35 -14.58 2.81
CA PRO A 181 -3.27 -15.35 3.68
C PRO A 181 -4.66 -14.74 3.72
N MET A 182 -5.66 -15.57 3.43
CA MET A 182 -7.05 -15.12 3.44
C MET A 182 -7.62 -15.12 4.85
N LEU A 183 -8.46 -14.13 5.15
CA LEU A 183 -9.08 -14.02 6.46
C LEU A 183 -10.42 -14.75 6.47
N GLN A 184 -10.48 -15.84 7.22
CA GLN A 184 -11.71 -16.63 7.32
C GLN A 184 -12.89 -15.75 7.71
N PRO A 185 -14.11 -15.98 7.16
CA PRO A 185 -15.29 -15.17 7.51
C PRO A 185 -15.40 -14.93 9.00
N HIS A 186 -15.74 -13.71 9.38
CA HIS A 186 -15.89 -13.35 10.78
C HIS A 186 -17.18 -12.55 11.02
N PRO A 187 -18.09 -12.99 11.92
CA PRO A 187 -19.33 -12.27 12.19
C PRO A 187 -19.13 -11.16 13.21
N GLY A 188 -20.21 -10.76 13.87
CA GLY A 188 -20.10 -9.72 14.88
C GLY A 188 -21.46 -9.29 15.41
N LEU A 189 -22.34 -10.27 15.63
CA LEU A 189 -23.68 -9.99 16.13
C LEU A 189 -23.66 -9.87 17.65
N GLU A 190 -24.63 -9.13 18.19
CA GLU A 190 -24.73 -8.93 19.63
C GLU A 190 -25.78 -9.86 20.24
N GLY A 1 11.15 -24.81 -0.81
CA GLY A 1 11.41 -24.08 0.46
C GLY A 1 10.58 -22.83 0.59
N ALA A 2 9.41 -22.83 -0.04
CA ALA A 2 8.50 -21.69 0.01
C ALA A 2 7.13 -22.10 0.53
N MET A 3 7.01 -22.18 1.86
CA MET A 3 5.76 -22.57 2.49
C MET A 3 5.72 -22.08 3.94
N SER A 4 4.56 -21.59 4.38
CA SER A 4 4.38 -21.10 5.73
C SER A 4 5.38 -19.99 6.04
N GLY A 5 4.98 -18.75 5.82
CA GLY A 5 5.86 -17.62 6.08
C GLY A 5 5.77 -16.55 5.02
N LEU A 6 4.89 -15.58 5.23
CA LEU A 6 4.71 -14.48 4.28
C LEU A 6 5.96 -13.59 4.26
N ALA A 7 6.51 -13.37 5.44
CA ALA A 7 7.72 -12.57 5.59
C ALA A 7 8.84 -13.11 4.72
N ASP A 8 8.73 -14.37 4.30
CA ASP A 8 9.76 -15.01 3.48
C ASP A 8 9.75 -14.49 2.05
N LYS A 9 8.65 -13.89 1.62
CA LYS A 9 8.56 -13.36 0.26
C LYS A 9 8.71 -11.84 0.25
N VAL A 10 8.30 -11.19 1.34
CA VAL A 10 8.41 -9.73 1.45
C VAL A 10 9.73 -9.23 0.89
N ILE A 11 9.72 -8.04 0.31
CA ILE A 11 10.95 -7.48 -0.21
C ILE A 11 11.04 -5.99 0.08
N TRP A 12 9.88 -5.37 0.29
CA TRP A 12 9.85 -3.93 0.55
C TRP A 12 8.43 -3.50 0.92
N ALA A 13 8.31 -2.60 1.91
CA ALA A 13 6.99 -2.13 2.35
C ALA A 13 7.08 -0.79 3.06
N VAL A 14 6.04 0.06 2.89
CA VAL A 14 6.06 1.36 3.54
C VAL A 14 4.67 1.85 3.98
N ASN A 15 4.57 2.21 5.25
CA ASN A 15 3.32 2.76 5.79
C ASN A 15 3.54 4.19 6.23
N ALA A 16 3.19 5.14 5.36
CA ALA A 16 3.35 6.54 5.70
C ALA A 16 2.37 6.94 6.78
N GLY A 17 2.92 7.15 7.99
CA GLY A 17 2.15 7.54 9.14
C GLY A 17 2.90 7.38 10.44
N GLY A 18 3.05 6.15 10.89
CA GLY A 18 3.76 5.87 12.12
C GLY A 18 5.26 5.75 11.90
N GLU A 19 5.84 4.64 12.33
CA GLU A 19 7.26 4.40 12.14
C GLU A 19 7.62 2.94 12.45
N SER A 20 8.16 2.29 11.43
CA SER A 20 8.59 0.90 11.50
C SER A 20 7.55 -0.03 12.13
N HIS A 21 6.72 -0.70 11.31
CA HIS A 21 5.74 -1.62 11.90
C HIS A 21 5.82 -3.02 11.33
N VAL A 22 5.74 -4.00 12.25
CA VAL A 22 5.77 -5.40 11.89
C VAL A 22 4.37 -6.01 12.04
N ASP A 23 3.68 -6.17 10.92
CA ASP A 23 2.35 -6.75 10.91
C ASP A 23 2.39 -8.20 11.32
N VAL A 24 1.24 -8.67 11.79
CA VAL A 24 1.07 -10.03 12.25
C VAL A 24 1.73 -11.06 11.33
N HIS A 25 1.37 -11.04 10.05
CA HIS A 25 1.93 -11.99 9.10
C HIS A 25 3.45 -11.92 9.11
N GLY A 26 3.96 -10.78 9.55
CA GLY A 26 5.39 -10.57 9.62
C GLY A 26 5.89 -9.64 8.54
N ILE A 27 5.07 -8.64 8.22
CA ILE A 27 5.45 -7.66 7.18
C ILE A 27 5.91 -6.37 7.85
N HIS A 28 7.10 -5.92 7.51
CA HIS A 28 7.69 -4.73 8.13
C HIS A 28 7.71 -3.48 7.24
N TYR A 29 7.24 -2.36 7.81
CA TYR A 29 7.28 -1.07 7.13
C TYR A 29 8.47 -0.28 7.68
N ARG A 30 9.16 0.44 6.79
CA ARG A 30 10.32 1.23 7.19
C ARG A 30 9.92 2.35 8.16
N LYS A 31 10.47 3.55 7.97
CA LYS A 31 10.17 4.69 8.84
C LYS A 31 10.19 6.01 8.07
N ASP A 32 9.01 6.51 7.70
CA ASP A 32 8.90 7.78 6.95
C ASP A 32 10.05 7.97 5.96
N PRO A 33 10.10 7.18 4.88
CA PRO A 33 11.16 7.28 3.88
C PRO A 33 10.78 8.08 2.62
N LEU A 34 9.82 9.00 2.72
CA LEU A 34 9.43 9.80 1.56
C LEU A 34 9.11 11.24 1.96
N GLU A 35 8.04 11.42 2.74
CA GLU A 35 7.64 12.76 3.17
C GLU A 35 8.67 13.33 4.14
N GLY A 36 9.60 14.11 3.60
CA GLY A 36 10.65 14.68 4.42
C GLY A 36 11.74 13.68 4.74
N ARG A 37 11.38 12.40 4.65
CA ARG A 37 12.30 11.30 4.93
C ARG A 37 13.12 11.55 6.19
N VAL A 38 12.55 12.34 7.10
CA VAL A 38 13.22 12.65 8.36
C VAL A 38 12.21 12.89 9.48
N GLY A 39 12.56 12.49 10.70
CA GLY A 39 11.67 12.68 11.83
C GLY A 39 11.10 11.37 12.35
N ARG A 40 10.05 11.47 13.16
CA ARG A 40 9.41 10.30 13.74
C ARG A 40 7.90 10.34 13.50
N ALA A 41 7.18 9.42 14.14
CA ALA A 41 5.73 9.35 14.00
C ALA A 41 5.08 10.68 14.37
N SER A 42 3.79 10.80 14.04
CA SER A 42 3.02 12.00 14.32
C SER A 42 1.55 11.64 14.52
N ASP A 43 1.35 10.44 15.07
CA ASP A 43 0.02 9.91 15.35
C ASP A 43 -0.90 10.98 15.95
N TYR A 44 -1.65 11.65 15.08
CA TYR A 44 -2.57 12.71 15.52
C TYR A 44 -4.02 12.26 15.29
N GLY A 45 -4.40 12.14 14.03
CA GLY A 45 -5.74 11.70 13.70
C GLY A 45 -5.85 10.20 13.67
N MET A 46 -5.09 9.55 14.54
CA MET A 46 -5.06 8.10 14.64
C MET A 46 -6.43 7.55 15.04
N LYS A 47 -7.34 8.45 15.41
CA LYS A 47 -8.68 8.04 15.81
C LYS A 47 -9.33 7.19 14.73
N LEU A 48 -10.39 6.48 15.11
CA LEU A 48 -11.11 5.60 14.18
C LEU A 48 -10.24 4.42 13.78
N PRO A 49 -9.94 3.52 14.73
CA PRO A 49 -9.11 2.33 14.48
C PRO A 49 -9.69 1.47 13.34
N ILE A 50 -8.87 1.20 12.33
CA ILE A 50 -9.32 0.39 11.20
C ILE A 50 -9.86 -0.95 11.70
N LEU A 51 -11.10 -1.24 11.32
CA LEU A 51 -11.80 -2.45 11.75
C LEU A 51 -11.35 -3.71 11.02
N ARG A 52 -11.26 -3.64 9.69
CA ARG A 52 -10.90 -4.80 8.89
C ARG A 52 -9.42 -5.21 9.06
N SER A 53 -8.83 -4.89 10.20
CA SER A 53 -7.44 -5.27 10.45
C SER A 53 -7.19 -5.54 11.93
N ASN A 54 -6.14 -6.34 12.21
CA ASN A 54 -5.77 -6.68 13.57
C ASN A 54 -5.16 -5.46 14.28
N PRO A 55 -5.33 -5.30 15.62
CA PRO A 55 -4.78 -4.14 16.35
C PRO A 55 -3.37 -3.71 15.91
N GLU A 56 -2.42 -4.64 15.92
CA GLU A 56 -1.05 -4.31 15.54
C GLU A 56 -0.98 -3.84 14.09
N ASP A 57 -1.43 -4.70 13.19
CA ASP A 57 -1.40 -4.37 11.78
C ASP A 57 -2.39 -3.27 11.49
N GLN A 58 -3.19 -2.91 12.50
CA GLN A 58 -4.13 -1.82 12.37
C GLN A 58 -3.33 -0.55 12.27
N VAL A 59 -2.31 -0.49 13.12
CA VAL A 59 -1.38 0.64 13.12
C VAL A 59 -0.76 0.77 11.75
N LEU A 60 -0.11 -0.31 11.30
CA LEU A 60 0.53 -0.30 9.99
C LEU A 60 -0.49 0.10 8.93
N TYR A 61 -1.54 -0.70 8.81
CA TYR A 61 -2.62 -0.45 7.87
C TYR A 61 -3.17 0.96 8.04
N GLN A 62 -2.85 1.61 9.15
CA GLN A 62 -3.38 2.95 9.42
C GLN A 62 -2.28 4.00 9.56
N THR A 63 -2.20 4.63 10.74
CA THR A 63 -1.25 5.71 11.03
C THR A 63 -1.03 6.65 9.82
N GLU A 64 -1.33 7.93 10.02
CA GLU A 64 -1.21 8.93 8.95
C GLU A 64 0.04 9.78 9.05
N ARG A 65 0.56 10.16 7.87
CA ARG A 65 1.75 11.01 7.75
C ARG A 65 1.34 12.43 7.35
N TYR A 66 2.16 13.09 6.54
CA TYR A 66 1.86 14.45 6.08
C TYR A 66 1.42 14.44 4.62
N ASN A 67 1.21 15.64 4.05
CA ASN A 67 0.77 15.75 2.66
C ASN A 67 1.49 16.88 1.94
N GLU A 68 1.49 16.82 0.60
CA GLU A 68 2.15 17.84 -0.21
C GLU A 68 1.52 17.92 -1.61
N ASP A 69 2.19 17.37 -2.63
CA ASP A 69 1.68 17.39 -3.99
C ASP A 69 2.57 16.57 -4.91
N SER A 70 1.99 15.61 -5.62
CA SER A 70 2.73 14.75 -6.55
C SER A 70 3.98 14.16 -5.91
N PHE A 71 3.87 12.94 -5.41
CA PHE A 71 5.00 12.27 -4.78
C PHE A 71 4.74 10.78 -4.61
N GLY A 72 5.79 10.02 -4.29
CA GLY A 72 5.63 8.58 -4.12
C GLY A 72 6.88 7.89 -3.63
N TYR A 73 6.84 6.56 -3.65
CA TYR A 73 7.96 5.77 -3.17
C TYR A 73 8.70 5.05 -4.29
N ASP A 74 9.84 4.48 -3.93
CA ASP A 74 10.70 3.77 -4.86
C ASP A 74 10.95 2.34 -4.36
N ILE A 75 10.87 1.36 -5.26
CA ILE A 75 11.09 -0.03 -4.88
C ILE A 75 12.15 -0.71 -5.76
N PRO A 76 13.43 -0.60 -5.41
CA PRO A 76 14.51 -1.28 -6.14
C PRO A 76 14.28 -2.78 -6.28
N ILE A 77 14.40 -3.29 -7.50
CA ILE A 77 14.20 -4.71 -7.76
C ILE A 77 15.40 -5.31 -8.49
N LYS A 78 15.64 -6.60 -8.26
CA LYS A 78 16.75 -7.30 -8.89
C LYS A 78 16.36 -8.74 -9.25
N GLU A 79 15.12 -9.11 -8.95
CA GLU A 79 14.65 -10.46 -9.25
C GLU A 79 13.36 -10.42 -10.08
N GLU A 80 12.94 -11.58 -10.59
CA GLU A 80 11.73 -11.64 -11.41
C GLU A 80 10.73 -12.65 -10.84
N GLY A 81 9.54 -12.64 -11.41
CA GLY A 81 8.45 -13.51 -10.98
C GLY A 81 7.15 -12.73 -10.95
N GLU A 82 6.17 -13.14 -10.14
CA GLU A 82 4.93 -12.38 -10.09
C GLU A 82 4.97 -11.45 -8.89
N TYR A 83 5.12 -10.15 -9.13
CA TYR A 83 5.19 -9.22 -8.02
C TYR A 83 3.83 -8.65 -7.76
N VAL A 84 3.39 -8.76 -6.53
CA VAL A 84 2.08 -8.31 -6.16
C VAL A 84 2.15 -7.12 -5.23
N LEU A 85 1.68 -6.00 -5.75
CA LEU A 85 1.69 -4.76 -5.00
C LEU A 85 0.36 -4.54 -4.31
N VAL A 86 0.36 -4.78 -3.01
CA VAL A 86 -0.83 -4.62 -2.20
C VAL A 86 -0.62 -3.44 -1.28
N LEU A 87 -1.56 -2.52 -1.31
CA LEU A 87 -1.43 -1.35 -0.47
C LEU A 87 -2.74 -1.02 0.20
N LYS A 88 -2.68 -0.61 1.47
CA LYS A 88 -3.91 -0.24 2.15
C LYS A 88 -3.97 1.27 2.31
N PHE A 89 -5.05 1.86 1.80
CA PHE A 89 -5.25 3.29 1.88
C PHE A 89 -6.31 3.60 2.95
N ALA A 90 -6.11 4.68 3.68
CA ALA A 90 -7.05 5.08 4.74
C ALA A 90 -7.28 6.59 4.73
N GLU A 91 -8.48 6.99 5.15
CA GLU A 91 -8.84 8.41 5.22
C GLU A 91 -9.64 8.69 6.48
N VAL A 92 -9.18 9.65 7.28
CA VAL A 92 -9.86 9.98 8.53
C VAL A 92 -9.84 11.49 8.79
N TYR A 93 -10.42 12.27 7.89
CA TYR A 93 -10.46 13.72 8.06
C TYR A 93 -11.71 14.33 7.42
N PHE A 94 -12.17 13.76 6.31
CA PHE A 94 -13.35 14.27 5.63
C PHE A 94 -14.30 13.13 5.25
N ALA A 95 -15.51 13.50 4.83
CA ALA A 95 -16.52 12.53 4.43
C ALA A 95 -17.28 13.00 3.19
N GLN A 96 -16.88 12.50 2.03
CA GLN A 96 -17.52 12.87 0.78
C GLN A 96 -17.20 11.84 -0.32
N SER A 97 -18.21 11.54 -1.14
CA SER A 97 -18.07 10.56 -2.21
C SER A 97 -18.01 11.21 -3.59
N GLN A 98 -17.30 10.56 -4.51
CA GLN A 98 -17.16 11.02 -5.88
C GLN A 98 -16.80 12.51 -5.94
N GLN A 99 -15.93 12.95 -5.04
CA GLN A 99 -15.50 14.34 -5.00
C GLN A 99 -13.99 14.40 -4.86
N LYS A 100 -13.47 13.63 -3.91
CA LYS A 100 -12.03 13.57 -3.69
C LYS A 100 -11.45 12.34 -4.38
N VAL A 101 -11.12 12.51 -5.66
CA VAL A 101 -10.57 11.43 -6.47
C VAL A 101 -9.09 11.70 -6.74
N PHE A 102 -8.29 10.64 -6.78
CA PHE A 102 -6.85 10.77 -6.98
C PHE A 102 -6.33 9.87 -8.08
N ASP A 103 -5.02 9.96 -8.36
CA ASP A 103 -4.41 9.11 -9.37
C ASP A 103 -3.28 8.27 -8.79
N VAL A 104 -3.21 7.00 -9.23
CA VAL A 104 -2.19 6.07 -8.73
C VAL A 104 -1.54 5.27 -9.86
N ARG A 105 -0.19 5.22 -9.84
CA ARG A 105 0.58 4.52 -10.88
C ARG A 105 1.68 3.64 -10.29
N VAL A 106 2.07 2.64 -11.09
CA VAL A 106 3.15 1.71 -10.74
C VAL A 106 4.23 1.77 -11.83
N ASN A 107 5.44 2.14 -11.42
CA ASN A 107 6.55 2.33 -12.36
C ASN A 107 6.14 3.33 -13.42
N GLY A 108 5.21 4.19 -13.04
CA GLY A 108 4.71 5.21 -13.94
C GLY A 108 3.52 4.75 -14.75
N HIS A 109 2.84 3.72 -14.26
CA HIS A 109 1.69 3.17 -14.96
C HIS A 109 0.38 3.30 -14.17
N THR A 110 -0.55 4.13 -14.65
CA THR A 110 -1.83 4.29 -13.96
C THR A 110 -2.59 2.99 -13.91
N VAL A 111 -3.01 2.60 -12.72
CA VAL A 111 -3.78 1.39 -12.53
C VAL A 111 -5.09 1.73 -11.84
N VAL A 112 -5.04 2.75 -10.99
CA VAL A 112 -6.24 3.21 -10.31
C VAL A 112 -6.31 4.72 -10.39
N LYS A 113 -6.96 5.21 -11.44
CA LYS A 113 -7.10 6.64 -11.63
C LYS A 113 -8.52 7.11 -11.36
N ASP A 114 -8.64 7.66 -10.17
CA ASP A 114 -9.86 8.23 -9.60
C ASP A 114 -10.03 7.67 -8.20
N LEU A 115 -8.91 7.32 -7.60
CA LEU A 115 -8.90 6.73 -6.28
C LEU A 115 -9.60 7.61 -5.24
N ASP A 116 -10.87 7.29 -5.01
CA ASP A 116 -11.69 7.97 -4.03
C ASP A 116 -11.90 7.02 -2.84
N ILE A 117 -11.02 7.13 -1.86
CA ILE A 117 -11.03 6.25 -0.68
C ILE A 117 -12.39 6.17 0.00
N PHE A 118 -13.13 7.27 0.03
CA PHE A 118 -14.44 7.27 0.70
C PHE A 118 -15.47 6.44 -0.05
N ASP A 119 -15.68 6.74 -1.33
CA ASP A 119 -16.66 6.02 -2.14
C ASP A 119 -16.26 4.56 -2.38
N ARG A 120 -14.98 4.27 -2.37
CA ARG A 120 -14.50 2.92 -2.63
C ARG A 120 -14.76 1.95 -1.48
N VAL A 121 -14.26 2.27 -0.29
CA VAL A 121 -14.45 1.38 0.86
C VAL A 121 -15.61 1.84 1.74
N GLY A 122 -15.79 3.16 1.86
CA GLY A 122 -16.86 3.68 2.69
C GLY A 122 -16.35 4.54 3.82
N HIS A 123 -16.81 4.25 5.04
CA HIS A 123 -16.39 5.00 6.21
C HIS A 123 -15.14 4.38 6.83
N SER A 124 -14.02 5.09 6.71
CA SER A 124 -12.75 4.62 7.25
C SER A 124 -12.46 3.19 6.76
N THR A 125 -12.56 2.21 7.66
CA THR A 125 -12.31 0.81 7.31
C THR A 125 -11.00 0.65 6.52
N ALA A 126 -10.75 -0.55 6.00
CA ALA A 126 -9.53 -0.80 5.25
C ALA A 126 -9.74 -0.83 3.75
N HIS A 127 -9.03 0.05 3.03
CA HIS A 127 -9.09 0.06 1.58
C HIS A 127 -7.85 -0.66 1.06
N ASP A 128 -8.01 -1.52 0.07
CA ASP A 128 -6.86 -2.28 -0.44
C ASP A 128 -6.94 -2.54 -1.94
N GLU A 129 -5.85 -2.23 -2.62
CA GLU A 129 -5.74 -2.47 -4.05
C GLU A 129 -4.73 -3.58 -4.30
N ILE A 130 -5.17 -4.60 -5.03
CA ILE A 130 -4.34 -5.74 -5.37
C ILE A 130 -3.93 -5.65 -6.84
N ILE A 131 -2.66 -5.38 -7.09
CA ILE A 131 -2.17 -5.24 -8.46
C ILE A 131 -1.10 -6.27 -8.83
N PRO A 132 -1.51 -7.48 -9.29
CA PRO A 132 -0.54 -8.51 -9.72
C PRO A 132 0.29 -8.05 -10.90
N ILE A 133 1.58 -8.38 -10.88
CA ILE A 133 2.50 -8.00 -11.94
C ILE A 133 3.32 -9.19 -12.40
N SER A 134 3.83 -9.13 -13.62
CA SER A 134 4.66 -10.20 -14.14
C SER A 134 5.93 -9.65 -14.76
N ILE A 135 7.05 -9.84 -14.07
CA ILE A 135 8.35 -9.37 -14.53
C ILE A 135 9.19 -10.56 -14.98
N LYS A 136 9.61 -10.53 -16.25
CA LYS A 136 10.42 -11.61 -16.80
C LYS A 136 11.44 -11.06 -17.81
N LYS A 137 12.64 -11.63 -17.80
CA LYS A 137 13.70 -11.20 -18.70
C LYS A 137 14.04 -9.73 -18.49
N GLY A 138 13.70 -9.21 -17.31
CA GLY A 138 13.99 -7.83 -17.00
C GLY A 138 12.95 -6.86 -17.54
N LYS A 139 11.75 -7.36 -17.84
CA LYS A 139 10.69 -6.52 -18.35
C LYS A 139 9.50 -6.52 -17.39
N LEU A 140 8.70 -5.46 -17.44
CA LEU A 140 7.54 -5.35 -16.55
C LEU A 140 6.22 -5.36 -17.31
N SER A 141 5.30 -6.19 -16.83
CA SER A 141 3.97 -6.29 -17.44
C SER A 141 2.92 -5.88 -16.41
N VAL A 142 2.27 -4.74 -16.65
CA VAL A 142 1.26 -4.21 -15.75
C VAL A 142 -0.14 -4.36 -16.34
N GLN A 143 -0.87 -5.36 -15.86
CA GLN A 143 -2.23 -5.63 -16.33
C GLN A 143 -2.27 -5.88 -17.83
N GLY A 144 -2.51 -4.82 -18.61
CA GLY A 144 -2.58 -4.97 -20.05
C GLY A 144 -1.63 -4.05 -20.79
N GLU A 145 -0.58 -3.60 -20.11
CA GLU A 145 0.41 -2.72 -20.71
C GLU A 145 1.81 -3.24 -20.46
N VAL A 146 2.63 -3.30 -21.51
CA VAL A 146 3.99 -3.80 -21.39
C VAL A 146 5.01 -2.67 -21.44
N SER A 147 6.03 -2.79 -20.60
CA SER A 147 7.09 -1.81 -20.53
C SER A 147 8.37 -2.46 -20.03
N THR A 148 9.48 -1.73 -20.05
CA THR A 148 10.74 -2.28 -19.60
C THR A 148 11.05 -1.84 -18.17
N PHE A 149 11.54 -2.79 -17.36
CA PHE A 149 11.89 -2.48 -15.99
C PHE A 149 13.25 -1.82 -15.99
N THR A 150 13.42 -0.76 -15.21
CA THR A 150 14.70 -0.08 -15.18
C THR A 150 14.99 0.53 -13.82
N GLY A 151 15.73 -0.21 -12.99
CA GLY A 151 16.12 0.27 -11.69
C GLY A 151 15.17 -0.08 -10.56
N LYS A 152 13.98 0.51 -10.54
CA LYS A 152 13.04 0.24 -9.45
C LYS A 152 11.59 0.36 -9.87
N LEU A 153 10.70 0.07 -8.93
CA LEU A 153 9.26 0.19 -9.16
C LEU A 153 8.79 1.48 -8.49
N SER A 154 8.08 2.36 -9.20
CA SER A 154 7.71 3.63 -8.58
C SER A 154 6.21 3.84 -8.45
N VAL A 155 5.76 3.98 -7.20
CA VAL A 155 4.36 4.23 -6.94
C VAL A 155 4.16 5.73 -6.83
N GLU A 156 3.68 6.33 -7.92
CA GLU A 156 3.48 7.77 -7.97
C GLU A 156 2.01 8.13 -7.98
N PHE A 157 1.62 9.04 -7.10
CA PHE A 157 0.25 9.49 -7.04
C PHE A 157 0.18 10.99 -7.22
N VAL A 158 -0.77 11.42 -8.06
CA VAL A 158 -0.94 12.83 -8.36
C VAL A 158 -2.23 13.38 -7.75
N LYS A 159 -2.15 14.63 -7.30
CA LYS A 159 -3.29 15.31 -6.68
C LYS A 159 -4.48 15.37 -7.64
N GLY A 160 -5.67 15.24 -7.08
CA GLY A 160 -6.88 15.30 -7.89
C GLY A 160 -7.81 16.41 -7.45
N TYR A 161 -7.55 16.92 -6.25
CA TYR A 161 -8.36 18.01 -5.68
C TYR A 161 -7.55 18.76 -4.64
N TYR A 162 -7.17 18.05 -3.57
CA TYR A 162 -6.38 18.64 -2.49
C TYR A 162 -6.04 17.58 -1.45
N ASP A 163 -4.92 17.74 -0.76
CA ASP A 163 -4.49 16.79 0.25
C ASP A 163 -4.37 15.39 -0.33
N ASN A 164 -3.22 15.13 -0.98
CA ASN A 164 -2.95 13.83 -1.58
C ASN A 164 -3.28 12.71 -0.60
N PRO A 165 -3.51 11.46 -1.09
CA PRO A 165 -3.83 10.32 -0.20
C PRO A 165 -3.14 10.45 1.15
N LYS A 166 -3.91 10.85 2.14
CA LYS A 166 -3.41 11.07 3.50
C LYS A 166 -2.72 9.84 4.10
N VAL A 167 -3.47 8.78 4.36
CA VAL A 167 -2.88 7.58 4.96
C VAL A 167 -2.40 6.58 3.93
N CYS A 168 -1.18 6.07 4.13
CA CYS A 168 -0.60 5.12 3.18
C CYS A 168 -0.05 3.88 3.88
N ALA A 169 -0.32 2.72 3.29
CA ALA A 169 0.09 1.42 3.84
C ALA A 169 0.80 0.53 2.82
N LEU A 170 1.56 1.14 1.92
CA LEU A 170 2.31 0.40 0.89
C LEU A 170 2.85 -0.93 1.41
N PHE A 171 2.72 -1.97 0.59
CA PHE A 171 3.21 -3.30 0.94
C PHE A 171 3.51 -4.13 -0.32
N ILE A 172 4.78 -4.25 -0.71
CA ILE A 172 5.12 -5.04 -1.90
C ILE A 172 5.83 -6.35 -1.54
N MET A 173 5.27 -7.42 -2.08
CA MET A 173 5.77 -8.77 -1.88
C MET A 173 6.13 -9.40 -3.23
N LYS A 174 6.86 -10.51 -3.21
CA LYS A 174 7.29 -11.12 -4.46
C LYS A 174 6.80 -12.55 -4.68
N GLY A 175 6.70 -12.85 -5.96
CA GLY A 175 6.37 -14.16 -6.51
C GLY A 175 4.89 -14.46 -6.79
N THR A 176 3.94 -13.95 -5.98
CA THR A 176 2.51 -14.24 -6.22
C THR A 176 1.56 -13.61 -5.21
N ALA A 177 0.29 -13.48 -5.61
CA ALA A 177 -0.77 -12.93 -4.76
C ALA A 177 -1.38 -14.01 -3.85
N ASP A 178 -1.51 -15.22 -4.38
CA ASP A 178 -2.11 -16.32 -3.65
C ASP A 178 -1.28 -16.72 -2.43
N ASP A 179 -0.03 -16.27 -2.40
CA ASP A 179 0.86 -16.59 -1.29
C ASP A 179 0.77 -15.55 -0.19
N VAL A 180 0.02 -14.48 -0.44
CA VAL A 180 -0.14 -13.40 0.54
C VAL A 180 -0.48 -13.93 1.94
N PRO A 181 -1.58 -14.69 2.13
CA PRO A 181 -1.94 -15.20 3.48
C PRO A 181 -0.95 -16.23 4.00
N MET A 182 -0.97 -16.46 5.31
CA MET A 182 -0.07 -17.41 5.94
C MET A 182 -0.82 -18.72 6.24
N LEU A 183 -0.70 -19.67 5.32
CA LEU A 183 -1.37 -20.96 5.47
C LEU A 183 -0.61 -21.86 6.43
N GLN A 184 -1.34 -22.62 7.24
CA GLN A 184 -0.74 -23.53 8.20
C GLN A 184 -0.36 -24.85 7.52
N PRO A 185 0.78 -25.49 7.90
CA PRO A 185 1.19 -26.76 7.29
C PRO A 185 0.03 -27.74 7.15
N HIS A 186 -0.07 -28.37 5.99
CA HIS A 186 -1.13 -29.34 5.76
C HIS A 186 -0.57 -30.61 5.12
N PRO A 187 -0.93 -31.82 5.60
CA PRO A 187 -0.43 -33.08 5.03
C PRO A 187 -1.01 -33.31 3.63
N GLY A 188 -2.11 -34.07 3.56
CA GLY A 188 -2.74 -34.35 2.28
C GLY A 188 -2.19 -35.58 1.63
N LEU A 189 -3.01 -36.63 1.55
CA LEU A 189 -2.59 -37.88 0.94
C LEU A 189 -2.98 -37.90 -0.54
N GLU A 190 -2.11 -37.40 -1.40
CA GLU A 190 -2.38 -37.34 -2.83
C GLU A 190 -1.49 -38.35 -3.58
N GLY A 1 8.95 -14.43 15.89
CA GLY A 1 8.51 -15.33 14.78
C GLY A 1 8.54 -14.62 13.44
N ALA A 2 9.71 -14.58 12.82
CA ALA A 2 9.87 -13.93 11.52
C ALA A 2 9.38 -14.84 10.40
N MET A 3 9.43 -16.14 10.65
CA MET A 3 8.99 -17.13 9.66
C MET A 3 7.50 -17.41 9.81
N SER A 4 6.75 -17.21 8.73
CA SER A 4 5.31 -17.45 8.74
C SER A 4 4.82 -17.90 7.37
N GLY A 5 5.64 -17.66 6.35
CA GLY A 5 5.27 -18.04 4.99
C GLY A 5 5.20 -16.86 4.04
N LEU A 6 4.58 -15.78 4.50
CA LEU A 6 4.46 -14.58 3.69
C LEU A 6 5.72 -13.73 3.78
N ALA A 7 6.24 -13.62 4.99
CA ALA A 7 7.46 -12.87 5.25
C ALA A 7 8.62 -13.39 4.41
N ASP A 8 8.49 -14.62 3.93
CA ASP A 8 9.53 -15.25 3.13
C ASP A 8 9.60 -14.68 1.73
N LYS A 9 8.55 -13.97 1.32
CA LYS A 9 8.51 -13.38 -0.01
C LYS A 9 8.67 -11.86 0.04
N VAL A 10 8.27 -11.24 1.15
CA VAL A 10 8.40 -9.79 1.30
C VAL A 10 9.73 -9.28 0.78
N ILE A 11 9.74 -8.08 0.22
CA ILE A 11 10.99 -7.51 -0.27
C ILE A 11 11.08 -6.03 0.03
N TRP A 12 9.93 -5.39 0.21
CA TRP A 12 9.91 -3.96 0.48
C TRP A 12 8.49 -3.51 0.83
N ALA A 13 8.32 -2.83 1.96
CA ALA A 13 7.01 -2.35 2.39
C ALA A 13 7.13 -1.02 3.12
N VAL A 14 6.13 -0.14 2.94
CA VAL A 14 6.17 1.16 3.59
C VAL A 14 4.81 1.71 3.98
N ASN A 15 4.66 2.07 5.25
CA ASN A 15 3.41 2.67 5.71
C ASN A 15 3.64 4.09 6.15
N ALA A 16 3.40 5.02 5.24
CA ALA A 16 3.57 6.43 5.55
C ALA A 16 2.53 6.85 6.55
N GLY A 17 3.04 7.24 7.73
CA GLY A 17 2.22 7.69 8.83
C GLY A 17 2.80 7.29 10.17
N GLY A 18 3.13 6.01 10.31
CA GLY A 18 3.69 5.52 11.55
C GLY A 18 5.20 5.42 11.50
N GLU A 19 5.77 4.40 12.13
CA GLU A 19 7.21 4.21 12.15
C GLU A 19 7.57 2.74 12.35
N SER A 20 8.26 2.17 11.37
CA SER A 20 8.70 0.77 11.41
C SER A 20 7.68 -0.15 12.08
N HIS A 21 6.88 -0.86 11.27
CA HIS A 21 5.87 -1.76 11.84
C HIS A 21 6.04 -3.20 11.36
N VAL A 22 5.60 -4.12 12.20
CA VAL A 22 5.66 -5.54 11.88
C VAL A 22 4.26 -6.14 11.96
N ASP A 23 3.65 -6.37 10.80
CA ASP A 23 2.30 -6.93 10.73
C ASP A 23 2.33 -8.40 11.12
N VAL A 24 1.19 -8.88 11.63
CA VAL A 24 1.04 -10.27 12.09
C VAL A 24 1.68 -11.30 11.15
N HIS A 25 1.32 -11.25 9.86
CA HIS A 25 1.87 -12.21 8.91
C HIS A 25 3.39 -12.14 8.87
N GLY A 26 3.92 -11.04 9.38
CA GLY A 26 5.35 -10.84 9.43
C GLY A 26 5.84 -9.91 8.35
N ILE A 27 5.03 -8.88 8.05
CA ILE A 27 5.42 -7.91 7.03
C ILE A 27 5.89 -6.63 7.71
N HIS A 28 7.12 -6.21 7.41
CA HIS A 28 7.71 -5.04 8.05
C HIS A 28 7.78 -3.81 7.16
N TYR A 29 7.37 -2.66 7.73
CA TYR A 29 7.44 -1.37 7.04
C TYR A 29 8.67 -0.63 7.54
N ARG A 30 9.44 -0.05 6.61
CA ARG A 30 10.66 0.67 6.96
C ARG A 30 10.43 2.18 7.08
N LYS A 31 10.59 2.66 8.32
CA LYS A 31 10.46 4.08 8.71
C LYS A 31 10.40 5.08 7.54
N ASP A 32 9.52 6.08 7.71
CA ASP A 32 9.28 7.17 6.76
C ASP A 32 10.47 7.42 5.81
N PRO A 33 10.51 6.74 4.65
CA PRO A 33 11.58 6.92 3.67
C PRO A 33 11.17 7.80 2.48
N LEU A 34 10.12 8.61 2.64
CA LEU A 34 9.66 9.47 1.53
C LEU A 34 9.37 10.89 2.01
N GLU A 35 8.82 11.02 3.21
CA GLU A 35 8.51 12.34 3.77
C GLU A 35 9.77 13.02 4.26
N GLY A 36 10.64 13.44 3.33
CA GLY A 36 11.87 14.06 3.74
C GLY A 36 12.82 13.02 4.26
N ARG A 37 12.34 11.78 4.23
CA ARG A 37 13.09 10.62 4.72
C ARG A 37 13.70 10.90 6.09
N VAL A 38 13.08 11.85 6.80
CA VAL A 38 13.50 12.24 8.14
C VAL A 38 12.31 12.73 8.95
N GLY A 39 12.31 12.43 10.25
CA GLY A 39 11.21 12.87 11.10
C GLY A 39 10.92 11.91 12.23
N ARG A 40 9.77 12.09 12.88
CA ARG A 40 9.37 11.23 14.00
C ARG A 40 7.84 11.13 14.08
N ALA A 41 7.25 10.37 13.17
CA ALA A 41 5.81 10.18 13.13
C ALA A 41 5.05 11.50 13.00
N SER A 42 3.73 11.40 12.95
CA SER A 42 2.86 12.56 12.83
C SER A 42 1.40 12.14 13.03
N ASP A 43 1.23 11.02 13.73
CA ASP A 43 -0.09 10.48 14.01
C ASP A 43 -1.00 11.53 14.63
N TYR A 44 -2.25 11.56 14.17
CA TYR A 44 -3.24 12.51 14.67
C TYR A 44 -3.96 11.92 15.89
N GLY A 45 -3.82 10.61 16.06
CA GLY A 45 -4.45 9.93 17.17
C GLY A 45 -4.42 8.42 17.02
N MET A 46 -3.49 7.76 17.70
CA MET A 46 -3.37 6.31 17.63
C MET A 46 -4.66 5.64 18.06
N LYS A 47 -5.25 6.16 19.13
CA LYS A 47 -6.50 5.62 19.66
C LYS A 47 -7.64 5.86 18.67
N LEU A 48 -7.72 4.99 17.66
CA LEU A 48 -8.76 5.10 16.65
C LEU A 48 -8.64 3.93 15.67
N PRO A 49 -8.92 2.69 16.11
CA PRO A 49 -8.83 1.52 15.25
C PRO A 49 -9.55 1.73 13.92
N ILE A 50 -8.87 1.41 12.82
CA ILE A 50 -9.44 1.58 11.50
C ILE A 50 -10.79 0.85 11.41
N LEU A 51 -10.81 -0.38 11.94
CA LEU A 51 -11.99 -1.26 12.06
C LEU A 51 -11.71 -2.66 11.54
N ARG A 52 -11.56 -2.82 10.22
CA ARG A 52 -11.32 -4.13 9.63
C ARG A 52 -9.87 -4.58 9.79
N SER A 53 -9.17 -4.06 10.79
CA SER A 53 -7.77 -4.45 10.99
C SER A 53 -7.44 -4.70 12.47
N ASN A 54 -6.38 -5.48 12.68
CA ASN A 54 -5.90 -5.81 14.03
C ASN A 54 -5.29 -4.55 14.65
N PRO A 55 -5.25 -4.39 16.00
CA PRO A 55 -4.67 -3.19 16.62
C PRO A 55 -3.30 -2.83 16.03
N GLU A 56 -2.35 -3.75 16.12
CA GLU A 56 -1.00 -3.54 15.60
C GLU A 56 -1.04 -3.17 14.11
N ASP A 57 -1.67 -4.02 13.33
CA ASP A 57 -1.75 -3.80 11.90
C ASP A 57 -2.65 -2.60 11.58
N GLN A 58 -3.43 -2.14 12.57
CA GLN A 58 -4.27 -0.96 12.35
C GLN A 58 -3.33 0.20 12.13
N VAL A 59 -2.26 0.20 12.92
CA VAL A 59 -1.22 1.21 12.81
C VAL A 59 -0.69 1.23 11.38
N LEU A 60 -0.30 0.04 10.92
CA LEU A 60 0.24 -0.11 9.57
C LEU A 60 -0.84 0.07 8.50
N TYR A 61 -2.08 0.14 8.94
CA TYR A 61 -3.23 0.30 8.04
C TYR A 61 -3.98 1.59 8.37
N GLN A 62 -3.31 2.44 9.13
CA GLN A 62 -3.85 3.74 9.53
C GLN A 62 -2.77 4.82 9.41
N THR A 63 -2.23 5.27 10.54
CA THR A 63 -1.19 6.32 10.59
C THR A 63 -0.87 6.95 9.22
N GLU A 64 -1.05 8.26 9.11
CA GLU A 64 -0.82 8.99 7.84
C GLU A 64 0.39 9.93 7.90
N ARG A 65 1.00 10.12 6.72
CA ARG A 65 2.15 11.01 6.58
C ARG A 65 2.01 11.85 5.31
N TYR A 66 1.34 13.00 5.42
CA TYR A 66 1.11 13.88 4.28
C TYR A 66 2.31 14.80 4.05
N ASN A 67 2.57 15.10 2.77
CA ASN A 67 3.68 15.97 2.40
C ASN A 67 3.16 17.23 1.68
N GLU A 68 2.83 17.09 0.40
CA GLU A 68 2.32 18.21 -0.39
C GLU A 68 1.49 17.72 -1.57
N ASP A 69 2.14 17.48 -2.71
CA ASP A 69 1.44 17.02 -3.91
C ASP A 69 2.41 16.31 -4.86
N SER A 70 1.88 15.42 -5.70
CA SER A 70 2.71 14.68 -6.66
C SER A 70 3.93 14.10 -5.95
N PHE A 71 3.77 12.91 -5.39
CA PHE A 71 4.87 12.27 -4.68
C PHE A 71 4.69 10.77 -4.62
N GLY A 72 5.76 10.06 -4.25
CA GLY A 72 5.68 8.62 -4.19
C GLY A 72 6.94 7.96 -3.67
N TYR A 73 6.93 6.63 -3.70
CA TYR A 73 8.05 5.85 -3.19
C TYR A 73 8.82 5.14 -4.32
N ASP A 74 9.93 4.53 -3.93
CA ASP A 74 10.80 3.81 -4.85
C ASP A 74 11.03 2.38 -4.35
N ILE A 75 10.98 1.41 -5.25
CA ILE A 75 11.19 0.02 -4.89
C ILE A 75 12.24 -0.66 -5.78
N PRO A 76 13.53 -0.59 -5.42
CA PRO A 76 14.58 -1.25 -6.19
C PRO A 76 14.34 -2.76 -6.30
N ILE A 77 14.44 -3.30 -7.51
CA ILE A 77 14.22 -4.73 -7.72
C ILE A 77 15.43 -5.41 -8.38
N LYS A 78 15.58 -6.71 -8.13
CA LYS A 78 16.69 -7.48 -8.70
C LYS A 78 16.26 -8.89 -9.08
N GLU A 79 14.98 -9.24 -8.85
CA GLU A 79 14.49 -10.56 -9.17
C GLU A 79 13.28 -10.50 -10.09
N GLU A 80 12.89 -11.64 -10.65
CA GLU A 80 11.74 -11.71 -11.53
C GLU A 80 10.73 -12.74 -11.02
N GLY A 81 9.52 -12.64 -11.55
CA GLY A 81 8.44 -13.53 -11.15
C GLY A 81 7.13 -12.77 -11.11
N GLU A 82 6.22 -13.11 -10.20
CA GLU A 82 4.98 -12.36 -10.14
C GLU A 82 5.04 -11.42 -8.94
N TYR A 83 5.17 -10.12 -9.19
CA TYR A 83 5.24 -9.18 -8.09
C TYR A 83 3.86 -8.65 -7.81
N VAL A 84 3.45 -8.77 -6.58
CA VAL A 84 2.13 -8.35 -6.19
C VAL A 84 2.18 -7.15 -5.28
N LEU A 85 1.72 -6.03 -5.82
CA LEU A 85 1.73 -4.80 -5.07
C LEU A 85 0.36 -4.54 -4.46
N VAL A 86 0.28 -4.78 -3.17
CA VAL A 86 -0.92 -4.57 -2.42
C VAL A 86 -0.68 -3.48 -1.40
N LEU A 87 -1.65 -2.60 -1.23
CA LEU A 87 -1.48 -1.52 -0.29
C LEU A 87 -2.78 -1.19 0.42
N LYS A 88 -2.66 -0.66 1.64
CA LYS A 88 -3.85 -0.29 2.40
C LYS A 88 -3.99 1.24 2.47
N PHE A 89 -5.07 1.75 1.91
CA PHE A 89 -5.34 3.18 1.94
C PHE A 89 -6.44 3.43 2.94
N ALA A 90 -6.39 4.56 3.65
CA ALA A 90 -7.43 4.83 4.64
C ALA A 90 -7.58 6.32 4.97
N GLU A 91 -8.60 6.60 5.80
CA GLU A 91 -8.91 7.96 6.25
C GLU A 91 -9.36 8.85 5.11
N VAL A 92 -10.26 9.79 5.42
CA VAL A 92 -10.78 10.72 4.42
C VAL A 92 -10.95 12.11 5.03
N TYR A 93 -11.13 12.16 6.35
CA TYR A 93 -11.32 13.42 7.07
C TYR A 93 -12.66 14.05 6.70
N PHE A 94 -13.38 13.43 5.77
CA PHE A 94 -14.67 13.92 5.33
C PHE A 94 -15.59 12.73 4.99
N ALA A 95 -16.69 12.99 4.30
CA ALA A 95 -17.62 11.94 3.94
C ALA A 95 -18.42 12.30 2.68
N GLN A 96 -18.00 11.75 1.54
CA GLN A 96 -18.68 12.01 0.27
C GLN A 96 -18.08 11.17 -0.85
N SER A 97 -18.94 10.66 -1.73
CA SER A 97 -18.50 9.83 -2.85
C SER A 97 -18.37 10.66 -4.11
N GLN A 98 -17.52 10.21 -5.02
CA GLN A 98 -17.30 10.90 -6.30
C GLN A 98 -16.91 12.35 -6.08
N GLN A 99 -15.85 12.56 -5.30
CA GLN A 99 -15.35 13.90 -5.02
C GLN A 99 -13.86 13.83 -4.76
N LYS A 100 -13.47 12.91 -3.87
CA LYS A 100 -12.06 12.70 -3.56
C LYS A 100 -11.51 11.64 -4.50
N VAL A 101 -11.23 12.05 -5.72
CA VAL A 101 -10.71 11.14 -6.74
C VAL A 101 -9.24 11.43 -7.02
N PHE A 102 -8.39 10.49 -6.63
CA PHE A 102 -6.95 10.64 -6.79
C PHE A 102 -6.37 9.77 -7.91
N ASP A 103 -5.05 9.89 -8.12
CA ASP A 103 -4.37 9.11 -9.14
C ASP A 103 -3.23 8.30 -8.56
N VAL A 104 -3.08 7.06 -9.03
CA VAL A 104 -2.04 6.16 -8.56
C VAL A 104 -1.42 5.35 -9.70
N ARG A 105 -0.07 5.30 -9.73
CA ARG A 105 0.65 4.58 -10.77
C ARG A 105 1.77 3.71 -10.22
N VAL A 106 2.07 2.64 -10.97
CA VAL A 106 3.14 1.71 -10.63
C VAL A 106 4.20 1.73 -11.73
N ASN A 107 5.42 2.13 -11.37
CA ASN A 107 6.51 2.27 -12.33
C ASN A 107 6.09 3.25 -13.41
N GLY A 108 5.21 4.16 -13.03
CA GLY A 108 4.71 5.15 -13.96
C GLY A 108 3.49 4.70 -14.71
N HIS A 109 2.80 3.70 -14.18
CA HIS A 109 1.63 3.16 -14.84
C HIS A 109 0.35 3.32 -14.01
N THR A 110 -0.57 4.19 -14.46
CA THR A 110 -1.83 4.40 -13.74
C THR A 110 -2.65 3.13 -13.71
N VAL A 111 -2.90 2.63 -12.52
CA VAL A 111 -3.70 1.45 -12.35
C VAL A 111 -5.01 1.83 -11.70
N VAL A 112 -4.96 2.84 -10.83
CA VAL A 112 -6.16 3.31 -10.16
C VAL A 112 -6.25 4.82 -10.26
N LYS A 113 -6.90 5.30 -11.31
CA LYS A 113 -7.06 6.73 -11.51
C LYS A 113 -8.48 7.14 -11.22
N ASP A 114 -8.72 7.32 -9.94
CA ASP A 114 -10.01 7.71 -9.39
C ASP A 114 -10.12 7.16 -7.97
N LEU A 115 -9.01 7.22 -7.23
CA LEU A 115 -8.99 6.67 -5.89
C LEU A 115 -9.87 7.44 -4.93
N ASP A 116 -11.13 7.03 -4.88
CA ASP A 116 -12.12 7.56 -3.96
C ASP A 116 -12.30 6.55 -2.84
N ILE A 117 -11.44 6.65 -1.82
CA ILE A 117 -11.45 5.70 -0.71
C ILE A 117 -12.85 5.52 -0.11
N PHE A 118 -13.55 6.64 0.09
CA PHE A 118 -14.89 6.59 0.67
C PHE A 118 -15.80 5.64 -0.11
N ASP A 119 -15.96 5.92 -1.40
CA ASP A 119 -16.81 5.10 -2.26
C ASP A 119 -16.35 3.64 -2.29
N ARG A 120 -15.05 3.41 -2.08
CA ARG A 120 -14.51 2.06 -2.13
C ARG A 120 -15.08 1.16 -1.02
N VAL A 121 -14.88 1.54 0.24
CA VAL A 121 -15.39 0.74 1.35
C VAL A 121 -16.48 1.48 2.14
N GLY A 122 -16.28 2.77 2.35
CA GLY A 122 -17.26 3.54 3.10
C GLY A 122 -16.62 4.59 4.00
N HIS A 123 -17.03 4.60 5.27
CA HIS A 123 -16.49 5.55 6.23
C HIS A 123 -15.33 4.94 7.01
N SER A 124 -14.13 5.46 6.74
CA SER A 124 -12.91 4.99 7.42
C SER A 124 -12.64 3.52 7.08
N THR A 125 -12.39 2.69 8.11
CA THR A 125 -12.10 1.28 7.92
C THR A 125 -10.87 1.10 7.03
N ALA A 126 -10.64 -0.11 6.54
CA ALA A 126 -9.47 -0.39 5.72
C ALA A 126 -9.82 -0.61 4.25
N HIS A 127 -9.03 0.02 3.38
CA HIS A 127 -9.20 -0.12 1.94
C HIS A 127 -8.00 -0.87 1.37
N ASP A 128 -8.20 -1.64 0.30
CA ASP A 128 -7.11 -2.40 -0.27
C ASP A 128 -7.17 -2.49 -1.80
N GLU A 129 -6.03 -2.29 -2.43
CA GLU A 129 -5.91 -2.41 -3.87
C GLU A 129 -4.83 -3.42 -4.21
N ILE A 130 -5.20 -4.46 -4.96
CA ILE A 130 -4.27 -5.51 -5.35
C ILE A 130 -3.91 -5.39 -6.82
N ILE A 131 -2.61 -5.34 -7.10
CA ILE A 131 -2.14 -5.20 -8.48
C ILE A 131 -1.09 -6.26 -8.85
N PRO A 132 -1.50 -7.48 -9.30
CA PRO A 132 -0.53 -8.51 -9.71
C PRO A 132 0.31 -8.04 -10.89
N ILE A 133 1.58 -8.43 -10.91
CA ILE A 133 2.50 -8.03 -11.98
C ILE A 133 3.36 -9.21 -12.42
N SER A 134 3.91 -9.11 -13.63
CA SER A 134 4.77 -10.17 -14.14
C SER A 134 6.04 -9.59 -14.78
N ILE A 135 7.17 -9.81 -14.11
CA ILE A 135 8.47 -9.33 -14.61
C ILE A 135 9.30 -10.50 -15.11
N LYS A 136 9.81 -10.38 -16.33
CA LYS A 136 10.63 -11.44 -16.93
C LYS A 136 11.71 -10.85 -17.83
N LYS A 137 12.90 -11.43 -17.78
CA LYS A 137 14.04 -10.97 -18.59
C LYS A 137 14.37 -9.51 -18.29
N GLY A 138 13.84 -9.00 -17.19
CA GLY A 138 14.10 -7.62 -16.82
C GLY A 138 13.06 -6.65 -17.36
N LYS A 139 11.89 -7.17 -17.69
CA LYS A 139 10.81 -6.34 -18.22
C LYS A 139 9.60 -6.38 -17.30
N LEU A 140 8.81 -5.30 -17.30
CA LEU A 140 7.64 -5.23 -16.43
C LEU A 140 6.33 -5.25 -17.21
N SER A 141 5.40 -6.09 -16.75
CA SER A 141 4.10 -6.20 -17.37
C SER A 141 3.01 -5.86 -16.36
N VAL A 142 2.37 -4.71 -16.55
CA VAL A 142 1.32 -4.26 -15.64
C VAL A 142 -0.07 -4.46 -16.26
N GLN A 143 -0.84 -5.37 -15.67
CA GLN A 143 -2.18 -5.69 -16.15
C GLN A 143 -2.21 -6.06 -17.63
N GLY A 144 -2.33 -5.06 -18.49
CA GLY A 144 -2.38 -5.32 -19.93
C GLY A 144 -1.48 -4.40 -20.73
N GLU A 145 -0.42 -3.92 -20.11
CA GLU A 145 0.53 -3.04 -20.79
C GLU A 145 1.96 -3.48 -20.51
N VAL A 146 2.80 -3.44 -21.53
CA VAL A 146 4.20 -3.85 -21.39
C VAL A 146 5.12 -2.65 -21.36
N SER A 147 6.11 -2.70 -20.46
CA SER A 147 7.09 -1.64 -20.31
C SER A 147 8.33 -2.17 -19.62
N THR A 148 9.49 -1.89 -20.21
CA THR A 148 10.76 -2.36 -19.66
C THR A 148 10.97 -1.84 -18.24
N PHE A 149 11.56 -2.69 -17.40
CA PHE A 149 11.87 -2.33 -16.01
C PHE A 149 13.14 -1.47 -15.98
N THR A 150 13.14 -0.44 -15.15
CA THR A 150 14.30 0.44 -15.06
C THR A 150 14.70 0.78 -13.63
N GLY A 151 15.65 0.02 -13.10
CA GLY A 151 16.17 0.25 -11.76
C GLY A 151 15.22 -0.10 -10.62
N LYS A 152 14.05 0.53 -10.58
CA LYS A 152 13.12 0.26 -9.48
C LYS A 152 11.67 0.49 -9.87
N LEU A 153 10.78 0.04 -9.00
CA LEU A 153 9.34 0.21 -9.21
C LEU A 153 8.93 1.51 -8.53
N SER A 154 8.27 2.41 -9.26
CA SER A 154 7.94 3.70 -8.65
C SER A 154 6.45 3.93 -8.51
N VAL A 155 6.00 4.08 -7.28
CA VAL A 155 4.60 4.35 -7.02
C VAL A 155 4.37 5.84 -6.94
N GLU A 156 3.92 6.40 -8.05
CA GLU A 156 3.68 7.83 -8.13
C GLU A 156 2.20 8.14 -8.08
N PHE A 157 1.84 9.20 -7.38
CA PHE A 157 0.46 9.60 -7.29
C PHE A 157 0.32 11.09 -7.59
N VAL A 158 -0.79 11.45 -8.22
CA VAL A 158 -1.05 12.85 -8.56
C VAL A 158 -2.29 13.36 -7.83
N LYS A 159 -2.21 14.61 -7.37
CA LYS A 159 -3.31 15.24 -6.64
C LYS A 159 -4.60 15.27 -7.44
N GLY A 160 -5.72 15.19 -6.73
CA GLY A 160 -7.02 15.23 -7.36
C GLY A 160 -7.89 16.34 -6.81
N TYR A 161 -7.63 16.70 -5.55
CA TYR A 161 -8.38 17.75 -4.87
C TYR A 161 -7.79 18.03 -3.48
N TYR A 162 -6.47 18.24 -3.45
CA TYR A 162 -5.76 18.51 -2.19
C TYR A 162 -5.87 17.33 -1.23
N ASP A 163 -4.95 17.26 -0.27
CA ASP A 163 -4.94 16.17 0.71
C ASP A 163 -4.91 14.83 0.01
N ASN A 164 -3.70 14.35 -0.18
CA ASN A 164 -3.45 13.07 -0.81
C ASN A 164 -4.28 11.98 -0.12
N PRO A 165 -4.29 10.72 -0.60
CA PRO A 165 -5.05 9.64 0.05
C PRO A 165 -4.92 9.67 1.58
N LYS A 166 -3.92 10.41 2.06
CA LYS A 166 -3.64 10.59 3.48
C LYS A 166 -2.99 9.33 4.08
N VAL A 167 -3.76 8.27 4.36
CA VAL A 167 -3.16 7.06 4.92
C VAL A 167 -2.55 6.20 3.86
N CYS A 168 -1.30 5.78 4.08
CA CYS A 168 -0.62 4.95 3.09
C CYS A 168 0.08 3.76 3.75
N ALA A 169 -0.28 2.58 3.28
CA ALA A 169 0.21 1.31 3.81
C ALA A 169 0.95 0.46 2.76
N LEU A 170 1.70 1.11 1.88
CA LEU A 170 2.46 0.40 0.83
C LEU A 170 2.98 -0.96 1.33
N PHE A 171 2.76 -2.00 0.53
CA PHE A 171 3.20 -3.35 0.87
C PHE A 171 3.51 -4.15 -0.40
N ILE A 172 4.80 -4.25 -0.77
CA ILE A 172 5.15 -5.03 -1.97
C ILE A 172 5.88 -6.34 -1.62
N MET A 173 5.29 -7.43 -2.14
CA MET A 173 5.83 -8.76 -1.94
C MET A 173 6.26 -9.34 -3.28
N LYS A 174 7.06 -10.39 -3.27
CA LYS A 174 7.56 -10.94 -4.50
C LYS A 174 7.17 -12.41 -4.74
N GLY A 175 6.82 -12.65 -5.99
CA GLY A 175 6.52 -13.98 -6.51
C GLY A 175 5.06 -14.33 -6.76
N THR A 176 4.09 -13.86 -5.95
CA THR A 176 2.67 -14.22 -6.22
C THR A 176 1.68 -13.65 -5.21
N ALA A 177 0.42 -13.51 -5.65
CA ALA A 177 -0.67 -13.03 -4.82
C ALA A 177 -1.28 -14.19 -4.03
N ASP A 178 -1.07 -15.40 -4.54
CA ASP A 178 -1.61 -16.61 -3.92
C ASP A 178 -1.07 -16.80 -2.51
N ASP A 179 0.18 -16.40 -2.31
CA ASP A 179 0.81 -16.55 -0.99
C ASP A 179 -0.02 -15.85 0.08
N VAL A 180 -0.47 -14.64 -0.22
CA VAL A 180 -1.29 -13.85 0.71
C VAL A 180 -2.34 -14.73 1.42
N PRO A 181 -2.11 -15.15 2.69
CA PRO A 181 -3.07 -16.00 3.41
C PRO A 181 -4.47 -15.38 3.43
N MET A 182 -5.41 -16.05 2.76
CA MET A 182 -6.78 -15.57 2.70
C MET A 182 -7.66 -16.32 3.70
N LEU A 183 -8.41 -15.57 4.50
CA LEU A 183 -9.29 -16.15 5.51
C LEU A 183 -8.50 -16.98 6.52
N GLN A 184 -8.42 -16.48 7.75
CA GLN A 184 -7.69 -17.17 8.81
C GLN A 184 -8.14 -18.63 8.91
N PRO A 185 -7.27 -19.56 9.37
CA PRO A 185 -7.63 -20.99 9.47
C PRO A 185 -8.77 -21.21 10.46
N HIS A 186 -9.82 -21.85 9.98
CA HIS A 186 -10.99 -22.14 10.80
C HIS A 186 -11.42 -23.61 10.62
N PRO A 187 -11.88 -24.31 11.67
CA PRO A 187 -12.29 -25.72 11.57
C PRO A 187 -13.63 -25.87 10.87
N GLY A 188 -14.54 -24.92 11.13
CA GLY A 188 -15.85 -24.96 10.53
C GLY A 188 -16.06 -23.85 9.53
N LEU A 189 -17.31 -23.49 9.27
CA LEU A 189 -17.64 -22.43 8.34
C LEU A 189 -17.62 -21.07 9.03
N GLU A 190 -17.42 -20.01 8.25
CA GLU A 190 -17.38 -18.66 8.78
C GLU A 190 -16.30 -18.52 9.85
N GLY A 1 -2.71 -27.70 0.74
CA GLY A 1 -1.71 -26.75 0.18
C GLY A 1 -1.83 -25.36 0.76
N ALA A 2 -0.76 -24.88 1.38
CA ALA A 2 -0.74 -23.56 1.98
C ALA A 2 0.69 -23.04 2.12
N MET A 3 1.50 -23.76 2.88
CA MET A 3 2.90 -23.38 3.10
C MET A 3 3.00 -21.98 3.68
N SER A 4 2.94 -21.89 5.01
CA SER A 4 3.02 -20.61 5.69
C SER A 4 4.37 -19.94 5.44
N GLY A 5 4.45 -18.64 5.72
CA GLY A 5 5.69 -17.92 5.52
C GLY A 5 5.54 -16.80 4.51
N LEU A 6 4.85 -15.72 4.90
CA LEU A 6 4.64 -14.58 4.01
C LEU A 6 5.87 -13.69 4.00
N ALA A 7 6.45 -13.47 5.17
CA ALA A 7 7.65 -12.68 5.32
C ALA A 7 8.77 -13.22 4.44
N ASP A 8 8.65 -14.49 4.06
CA ASP A 8 9.66 -15.15 3.24
C ASP A 8 9.69 -14.57 1.83
N LYS A 9 8.62 -13.89 1.44
CA LYS A 9 8.54 -13.30 0.11
C LYS A 9 8.69 -11.78 0.16
N VAL A 10 8.29 -11.16 1.27
CA VAL A 10 8.41 -9.71 1.40
C VAL A 10 9.76 -9.21 0.91
N ILE A 11 9.78 -8.01 0.31
CA ILE A 11 11.03 -7.45 -0.17
C ILE A 11 11.10 -5.97 0.13
N TRP A 12 9.94 -5.33 0.28
CA TRP A 12 9.92 -3.90 0.55
C TRP A 12 8.50 -3.45 0.91
N ALA A 13 8.36 -2.77 2.06
CA ALA A 13 7.05 -2.31 2.52
C ALA A 13 7.16 -0.96 3.23
N VAL A 14 6.18 -0.07 3.00
CA VAL A 14 6.22 1.25 3.64
C VAL A 14 4.84 1.81 3.96
N ASN A 15 4.64 2.19 5.22
CA ASN A 15 3.37 2.79 5.62
C ASN A 15 3.57 4.21 6.09
N ALA A 16 3.37 5.16 5.19
CA ALA A 16 3.52 6.56 5.54
C ALA A 16 2.48 6.95 6.57
N GLY A 17 2.97 7.29 7.77
CA GLY A 17 2.09 7.68 8.84
C GLY A 17 2.73 7.63 10.21
N GLY A 18 3.25 6.47 10.58
CA GLY A 18 3.88 6.32 11.89
C GLY A 18 5.37 6.05 11.80
N GLU A 19 5.79 4.91 12.35
CA GLU A 19 7.20 4.55 12.33
C GLU A 19 7.40 3.04 12.42
N SER A 20 8.05 2.49 11.38
CA SER A 20 8.39 1.07 11.28
C SER A 20 7.50 0.13 12.11
N HIS A 21 6.75 -0.75 11.43
CA HIS A 21 5.87 -1.69 12.15
C HIS A 21 5.93 -3.09 11.54
N VAL A 22 5.69 -4.09 12.39
CA VAL A 22 5.71 -5.48 11.97
C VAL A 22 4.32 -6.12 12.08
N ASP A 23 3.68 -6.36 10.94
CA ASP A 23 2.36 -6.96 10.91
C ASP A 23 2.46 -8.44 11.29
N VAL A 24 1.35 -8.97 11.83
CA VAL A 24 1.28 -10.36 12.29
C VAL A 24 1.92 -11.36 11.32
N HIS A 25 1.51 -11.33 10.06
CA HIS A 25 2.05 -12.26 9.07
C HIS A 25 3.56 -12.17 9.02
N GLY A 26 4.08 -11.04 9.51
CA GLY A 26 5.51 -10.82 9.52
C GLY A 26 5.94 -9.86 8.44
N ILE A 27 5.10 -8.87 8.16
CA ILE A 27 5.43 -7.87 7.14
C ILE A 27 5.89 -6.58 7.82
N HIS A 28 7.11 -6.15 7.52
CA HIS A 28 7.70 -4.99 8.16
C HIS A 28 7.73 -3.74 7.27
N TYR A 29 7.23 -2.64 7.84
CA TYR A 29 7.24 -1.34 7.15
C TYR A 29 8.40 -0.54 7.72
N ARG A 30 9.12 0.18 6.86
CA ARG A 30 10.28 0.97 7.31
C ARG A 30 9.96 2.47 7.37
N LYS A 31 10.21 3.04 8.55
CA LYS A 31 10.03 4.45 8.88
C LYS A 31 9.98 5.39 7.67
N ASP A 32 9.08 6.39 7.77
CA ASP A 32 8.86 7.43 6.76
C ASP A 32 10.12 7.71 5.94
N PRO A 33 10.29 7.03 4.78
CA PRO A 33 11.45 7.21 3.91
C PRO A 33 11.19 8.07 2.67
N LEU A 34 9.98 8.61 2.52
CA LEU A 34 9.67 9.41 1.33
C LEU A 34 9.39 10.88 1.68
N GLU A 35 8.86 11.14 2.87
CA GLU A 35 8.58 12.51 3.29
C GLU A 35 9.87 13.21 3.73
N GLY A 36 10.72 13.55 2.77
CA GLY A 36 11.97 14.20 3.11
C GLY A 36 12.94 13.22 3.70
N ARG A 37 12.48 11.97 3.81
CA ARG A 37 13.28 10.88 4.37
C ARG A 37 14.03 11.35 5.61
N VAL A 38 13.26 11.72 6.64
CA VAL A 38 13.81 12.19 7.89
C VAL A 38 12.92 11.77 9.07
N GLY A 39 13.54 11.51 10.21
CA GLY A 39 12.80 11.09 11.38
C GLY A 39 11.80 12.13 11.87
N ARG A 40 10.51 11.79 11.80
CA ARG A 40 9.45 12.70 12.23
C ARG A 40 8.24 11.91 12.72
N ALA A 41 7.46 11.36 11.77
CA ALA A 41 6.27 10.59 12.11
C ALA A 41 5.30 11.42 12.94
N SER A 42 4.38 12.10 12.27
CA SER A 42 3.39 12.93 12.94
C SER A 42 2.12 12.14 13.22
N ASP A 43 2.08 11.49 14.38
CA ASP A 43 0.93 10.70 14.77
C ASP A 43 -0.23 11.62 15.19
N TYR A 44 -1.12 11.89 14.24
CA TYR A 44 -2.27 12.77 14.50
C TYR A 44 -3.57 11.97 14.57
N GLY A 45 -4.02 11.48 13.42
CA GLY A 45 -5.26 10.72 13.36
C GLY A 45 -5.11 9.31 13.91
N MET A 46 -4.12 9.11 14.76
CA MET A 46 -3.88 7.81 15.37
C MET A 46 -5.03 7.43 16.29
N LYS A 47 -5.89 8.40 16.57
CA LYS A 47 -7.04 8.17 17.44
C LYS A 47 -8.24 7.71 16.64
N LEU A 48 -7.99 7.26 15.42
CA LEU A 48 -9.04 6.76 14.53
C LEU A 48 -8.66 5.36 14.02
N PRO A 49 -8.60 4.37 14.93
CA PRO A 49 -8.23 2.99 14.59
C PRO A 49 -9.08 2.40 13.46
N ILE A 50 -8.41 1.73 12.52
CA ILE A 50 -9.10 1.08 11.41
C ILE A 50 -9.87 -0.13 11.95
N LEU A 51 -11.00 -0.45 11.32
CA LEU A 51 -11.84 -1.55 11.77
C LEU A 51 -11.60 -2.84 10.97
N ARG A 52 -11.36 -2.71 9.68
CA ARG A 52 -11.15 -3.88 8.82
C ARG A 52 -9.71 -4.40 8.88
N SER A 53 -9.10 -4.37 10.07
CA SER A 53 -7.74 -4.88 10.24
C SER A 53 -7.49 -5.36 11.67
N ASN A 54 -6.40 -6.11 11.86
CA ASN A 54 -6.03 -6.62 13.17
C ASN A 54 -5.42 -5.51 14.03
N PRO A 55 -5.62 -5.50 15.37
CA PRO A 55 -5.07 -4.45 16.25
C PRO A 55 -3.65 -4.00 15.90
N GLU A 56 -2.72 -4.94 15.84
CA GLU A 56 -1.33 -4.61 15.53
C GLU A 56 -1.20 -4.06 14.11
N ASP A 57 -1.64 -4.83 13.14
CA ASP A 57 -1.54 -4.39 11.77
C ASP A 57 -2.53 -3.25 11.50
N GLN A 58 -3.31 -2.89 12.52
CA GLN A 58 -4.24 -1.78 12.43
C GLN A 58 -3.44 -0.51 12.46
N VAL A 59 -2.65 -0.34 13.51
CA VAL A 59 -1.81 0.84 13.60
C VAL A 59 -1.01 0.94 12.31
N LEU A 60 -0.62 -0.21 11.75
CA LEU A 60 0.13 -0.22 10.49
C LEU A 60 -0.74 0.34 9.37
N TYR A 61 -1.77 -0.45 9.00
CA TYR A 61 -2.72 -0.09 7.94
C TYR A 61 -3.36 1.28 8.17
N GLN A 62 -3.01 1.88 9.29
CA GLN A 62 -3.54 3.20 9.67
C GLN A 62 -2.45 4.25 9.57
N THR A 63 -2.06 4.81 10.73
CA THR A 63 -1.02 5.87 10.84
C THR A 63 -0.90 6.78 9.60
N GLU A 64 -1.06 8.08 9.82
CA GLU A 64 -0.94 9.09 8.75
C GLU A 64 0.06 10.18 9.15
N ARG A 65 0.76 10.73 8.17
CA ARG A 65 1.72 11.80 8.42
C ARG A 65 1.59 12.90 7.37
N TYR A 66 2.51 13.86 7.41
CA TYR A 66 2.50 14.99 6.48
C TYR A 66 2.35 14.54 5.02
N ASN A 67 1.71 15.39 4.23
CA ASN A 67 1.50 15.11 2.81
C ASN A 67 1.80 16.35 1.96
N GLU A 68 1.64 16.23 0.64
CA GLU A 68 1.91 17.36 -0.25
C GLU A 68 1.14 17.20 -1.57
N ASP A 69 1.85 17.16 -2.71
CA ASP A 69 1.21 17.03 -4.01
C ASP A 69 2.16 16.36 -5.01
N SER A 70 1.67 15.33 -5.69
CA SER A 70 2.47 14.60 -6.68
C SER A 70 3.74 14.06 -6.05
N PHE A 71 3.68 12.83 -5.54
CA PHE A 71 4.84 12.21 -4.92
C PHE A 71 4.62 10.71 -4.77
N GLY A 72 5.71 9.99 -4.52
CA GLY A 72 5.61 8.55 -4.38
C GLY A 72 6.87 7.89 -3.86
N TYR A 73 6.84 6.56 -3.83
CA TYR A 73 7.98 5.79 -3.33
C TYR A 73 8.73 5.07 -4.45
N ASP A 74 9.92 4.59 -4.09
CA ASP A 74 10.79 3.88 -5.02
C ASP A 74 11.08 2.48 -4.48
N ILE A 75 10.83 1.46 -5.31
CA ILE A 75 11.08 0.08 -4.90
C ILE A 75 12.12 -0.61 -5.78
N PRO A 76 13.42 -0.48 -5.46
CA PRO A 76 14.48 -1.16 -6.23
C PRO A 76 14.27 -2.68 -6.29
N ILE A 77 14.41 -3.26 -7.48
CA ILE A 77 14.25 -4.70 -7.65
C ILE A 77 15.47 -5.34 -8.28
N LYS A 78 15.68 -6.63 -8.00
CA LYS A 78 16.81 -7.38 -8.54
C LYS A 78 16.40 -8.79 -8.93
N GLU A 79 15.11 -9.12 -8.75
CA GLU A 79 14.62 -10.45 -9.08
C GLU A 79 13.37 -10.39 -9.96
N GLU A 80 12.95 -11.54 -10.48
CA GLU A 80 11.76 -11.60 -11.32
C GLU A 80 10.74 -12.57 -10.76
N GLY A 81 9.59 -12.65 -11.42
CA GLY A 81 8.50 -13.51 -10.99
C GLY A 81 7.20 -12.75 -10.99
N GLU A 82 6.23 -13.10 -10.15
CA GLU A 82 4.99 -12.35 -10.13
C GLU A 82 5.00 -11.43 -8.92
N TYR A 83 5.14 -10.13 -9.14
CA TYR A 83 5.19 -9.20 -8.02
C TYR A 83 3.83 -8.64 -7.78
N VAL A 84 3.40 -8.75 -6.53
CA VAL A 84 2.09 -8.32 -6.15
C VAL A 84 2.14 -7.14 -5.20
N LEU A 85 1.56 -6.03 -5.68
CA LEU A 85 1.55 -4.81 -4.90
C LEU A 85 0.26 -4.68 -4.09
N VAL A 86 0.41 -4.90 -2.78
CA VAL A 86 -0.69 -4.80 -1.85
C VAL A 86 -0.49 -3.56 -1.00
N LEU A 87 -1.50 -2.70 -0.94
CA LEU A 87 -1.37 -1.49 -0.14
C LEU A 87 -2.69 -1.07 0.46
N LYS A 88 -2.66 -0.72 1.75
CA LYS A 88 -3.87 -0.28 2.44
C LYS A 88 -3.94 1.24 2.50
N PHE A 89 -4.99 1.81 1.93
CA PHE A 89 -5.19 3.25 1.95
C PHE A 89 -6.28 3.56 2.97
N ALA A 90 -6.10 4.59 3.80
CA ALA A 90 -7.13 4.88 4.81
C ALA A 90 -7.27 6.38 5.09
N GLU A 91 -8.29 6.73 5.87
CA GLU A 91 -8.58 8.11 6.26
C GLU A 91 -8.82 9.00 5.05
N VAL A 92 -9.15 10.27 5.31
CA VAL A 92 -9.43 11.23 4.25
C VAL A 92 -9.70 12.62 4.83
N TYR A 93 -10.03 12.66 6.12
CA TYR A 93 -10.34 13.92 6.82
C TYR A 93 -11.71 14.43 6.41
N PHE A 94 -11.85 14.86 5.15
CA PHE A 94 -13.12 15.38 4.65
C PHE A 94 -13.97 14.25 4.07
N ALA A 95 -15.27 14.29 4.35
CA ALA A 95 -16.18 13.27 3.84
C ALA A 95 -16.77 13.69 2.50
N GLN A 96 -16.21 13.16 1.42
CA GLN A 96 -16.68 13.48 0.08
C GLN A 96 -16.64 12.26 -0.82
N SER A 97 -17.60 12.15 -1.72
CA SER A 97 -17.67 11.04 -2.65
C SER A 97 -17.58 11.50 -4.09
N GLN A 98 -16.74 10.80 -4.87
CA GLN A 98 -16.53 11.11 -6.29
C GLN A 98 -15.74 12.40 -6.47
N GLN A 99 -16.28 13.51 -5.97
CA GLN A 99 -15.63 14.81 -6.08
C GLN A 99 -14.15 14.71 -5.72
N LYS A 100 -13.83 13.89 -4.72
CA LYS A 100 -12.45 13.70 -4.29
C LYS A 100 -11.89 12.39 -4.83
N VAL A 101 -11.44 12.44 -6.08
CA VAL A 101 -10.86 11.28 -6.76
C VAL A 101 -9.37 11.52 -7.01
N PHE A 102 -8.57 10.48 -6.82
CA PHE A 102 -7.13 10.59 -6.98
C PHE A 102 -6.59 9.66 -8.06
N ASP A 103 -5.28 9.75 -8.32
CA ASP A 103 -4.65 8.88 -9.31
C ASP A 103 -3.44 8.15 -8.76
N VAL A 104 -3.32 6.87 -9.16
CA VAL A 104 -2.24 6.00 -8.70
C VAL A 104 -1.57 5.24 -9.87
N ARG A 105 -0.23 5.17 -9.85
CA ARG A 105 0.52 4.51 -10.91
C ARG A 105 1.65 3.61 -10.38
N VAL A 106 2.03 2.63 -11.22
CA VAL A 106 3.09 1.69 -10.93
C VAL A 106 4.15 1.77 -12.03
N ASN A 107 5.40 2.04 -11.65
CA ASN A 107 6.48 2.23 -12.62
C ASN A 107 6.05 3.29 -13.63
N GLY A 108 5.16 4.17 -13.18
CA GLY A 108 4.67 5.22 -14.03
C GLY A 108 3.46 4.81 -14.84
N HIS A 109 2.81 3.74 -14.42
CA HIS A 109 1.66 3.20 -15.12
C HIS A 109 0.36 3.34 -14.31
N THR A 110 -0.58 4.17 -14.77
CA THR A 110 -1.84 4.31 -14.05
C THR A 110 -2.59 3.00 -14.03
N VAL A 111 -2.97 2.57 -12.84
CA VAL A 111 -3.72 1.34 -12.69
C VAL A 111 -5.00 1.63 -11.95
N VAL A 112 -4.96 2.64 -11.08
CA VAL A 112 -6.16 3.04 -10.34
C VAL A 112 -6.28 4.55 -10.40
N LYS A 113 -6.95 5.03 -11.46
CA LYS A 113 -7.14 6.46 -11.66
C LYS A 113 -8.58 6.87 -11.35
N ASP A 114 -8.83 6.95 -10.06
CA ASP A 114 -10.13 7.33 -9.51
C ASP A 114 -10.20 6.84 -8.08
N LEU A 115 -9.09 6.97 -7.38
CA LEU A 115 -9.02 6.49 -6.02
C LEU A 115 -9.64 7.45 -5.01
N ASP A 116 -10.93 7.23 -4.75
CA ASP A 116 -11.68 8.00 -3.78
C ASP A 116 -11.91 7.11 -2.56
N ILE A 117 -10.99 7.18 -1.61
CA ILE A 117 -11.04 6.34 -0.41
C ILE A 117 -12.38 6.38 0.31
N PHE A 118 -13.07 7.52 0.26
CA PHE A 118 -14.36 7.65 0.92
C PHE A 118 -15.45 6.89 0.15
N ASP A 119 -15.56 7.15 -1.14
CA ASP A 119 -16.57 6.49 -1.98
C ASP A 119 -16.41 4.97 -1.97
N ARG A 120 -15.19 4.49 -1.75
CA ARG A 120 -14.91 3.06 -1.76
C ARG A 120 -15.37 2.36 -0.48
N VAL A 121 -14.85 2.79 0.67
CA VAL A 121 -15.21 2.16 1.94
C VAL A 121 -16.20 3.00 2.74
N GLY A 122 -15.98 4.31 2.77
CA GLY A 122 -16.87 5.19 3.52
C GLY A 122 -16.19 5.86 4.68
N HIS A 123 -16.77 5.71 5.87
CA HIS A 123 -16.22 6.32 7.08
C HIS A 123 -14.95 5.61 7.54
N SER A 124 -13.82 6.31 7.39
CA SER A 124 -12.52 5.77 7.78
C SER A 124 -12.31 4.35 7.24
N THR A 125 -12.33 3.35 8.12
CA THR A 125 -12.12 1.96 7.72
C THR A 125 -10.87 1.81 6.86
N ALA A 126 -10.62 0.61 6.36
CA ALA A 126 -9.45 0.37 5.53
C ALA A 126 -9.81 0.02 4.09
N HIS A 127 -9.06 0.59 3.15
CA HIS A 127 -9.26 0.34 1.73
C HIS A 127 -8.10 -0.52 1.24
N ASP A 128 -8.33 -1.33 0.22
CA ASP A 128 -7.27 -2.21 -0.28
C ASP A 128 -7.20 -2.24 -1.80
N GLU A 129 -5.97 -2.19 -2.30
CA GLU A 129 -5.72 -2.25 -3.74
C GLU A 129 -4.69 -3.34 -4.02
N ILE A 130 -5.06 -4.28 -4.88
CA ILE A 130 -4.18 -5.38 -5.25
C ILE A 130 -3.90 -5.36 -6.76
N ILE A 131 -2.63 -5.31 -7.13
CA ILE A 131 -2.24 -5.26 -8.53
C ILE A 131 -1.14 -6.29 -8.86
N PRO A 132 -1.51 -7.50 -9.37
CA PRO A 132 -0.50 -8.50 -9.77
C PRO A 132 0.37 -8.00 -10.90
N ILE A 133 1.63 -8.44 -10.93
CA ILE A 133 2.56 -8.02 -11.98
C ILE A 133 3.41 -9.18 -12.44
N SER A 134 3.94 -9.08 -13.66
CA SER A 134 4.79 -10.14 -14.20
C SER A 134 6.07 -9.56 -14.81
N ILE A 135 7.20 -9.83 -14.14
CA ILE A 135 8.50 -9.37 -14.60
C ILE A 135 9.35 -10.54 -15.05
N LYS A 136 9.89 -10.45 -16.27
CA LYS A 136 10.73 -11.51 -16.82
C LYS A 136 11.79 -10.95 -17.76
N LYS A 137 13.00 -11.49 -17.65
CA LYS A 137 14.12 -11.06 -18.50
C LYS A 137 14.46 -9.59 -18.26
N GLY A 138 13.92 -9.01 -17.18
CA GLY A 138 14.19 -7.62 -16.88
C GLY A 138 13.12 -6.68 -17.39
N LYS A 139 12.03 -7.23 -17.91
CA LYS A 139 10.93 -6.42 -18.42
C LYS A 139 9.73 -6.48 -17.49
N LEU A 140 8.77 -5.58 -17.69
CA LEU A 140 7.59 -5.53 -16.83
C LEU A 140 6.28 -5.56 -17.61
N SER A 141 5.29 -6.19 -17.01
CA SER A 141 3.96 -6.27 -17.60
C SER A 141 2.91 -5.91 -16.55
N VAL A 142 2.29 -4.75 -16.71
CA VAL A 142 1.27 -4.27 -15.78
C VAL A 142 -0.11 -4.31 -16.42
N GLN A 143 -0.96 -5.21 -15.93
CA GLN A 143 -2.31 -5.36 -16.44
C GLN A 143 -2.30 -5.78 -17.91
N GLY A 144 -2.28 -4.81 -18.81
CA GLY A 144 -2.28 -5.11 -20.23
C GLY A 144 -1.30 -4.25 -21.01
N GLU A 145 -0.38 -3.61 -20.30
CA GLU A 145 0.62 -2.76 -20.93
C GLU A 145 2.01 -3.32 -20.68
N VAL A 146 2.79 -3.44 -21.75
CA VAL A 146 4.14 -3.98 -21.64
C VAL A 146 5.18 -2.87 -21.75
N SER A 147 6.13 -2.88 -20.82
CA SER A 147 7.19 -1.88 -20.79
C SER A 147 8.44 -2.50 -20.19
N THR A 148 9.53 -1.74 -20.18
CA THR A 148 10.77 -2.24 -19.64
C THR A 148 11.01 -1.75 -18.22
N PHE A 149 11.50 -2.63 -17.35
CA PHE A 149 11.79 -2.27 -15.97
C PHE A 149 13.12 -1.51 -15.92
N THR A 150 13.17 -0.47 -15.10
CA THR A 150 14.39 0.33 -15.01
C THR A 150 14.73 0.75 -13.59
N GLY A 151 15.60 -0.03 -12.94
CA GLY A 151 16.05 0.29 -11.59
C GLY A 151 15.08 -0.03 -10.48
N LYS A 152 13.83 0.43 -10.57
CA LYS A 152 12.88 0.20 -9.49
C LYS A 152 11.43 0.30 -9.92
N LEU A 153 10.55 -0.03 -8.96
CA LEU A 153 9.11 0.07 -9.15
C LEU A 153 8.66 1.40 -8.55
N SER A 154 7.99 2.26 -9.32
CA SER A 154 7.64 3.57 -8.77
C SER A 154 6.14 3.77 -8.61
N VAL A 155 5.72 3.95 -7.36
CA VAL A 155 4.31 4.19 -7.07
C VAL A 155 4.10 5.68 -6.96
N GLU A 156 3.64 6.29 -8.05
CA GLU A 156 3.42 7.72 -8.09
C GLU A 156 1.93 8.05 -8.11
N PHE A 157 1.55 9.01 -7.29
CA PHE A 157 0.16 9.44 -7.24
C PHE A 157 0.05 10.93 -7.46
N VAL A 158 -0.90 11.30 -8.31
CA VAL A 158 -1.13 12.71 -8.64
C VAL A 158 -2.40 13.23 -7.97
N LYS A 159 -2.34 14.48 -7.52
CA LYS A 159 -3.47 15.11 -6.84
C LYS A 159 -4.58 15.49 -7.82
N GLY A 160 -5.82 15.34 -7.37
CA GLY A 160 -6.96 15.68 -8.19
C GLY A 160 -7.65 16.93 -7.69
N TYR A 161 -7.31 17.33 -6.47
CA TYR A 161 -7.88 18.51 -5.84
C TYR A 161 -6.98 19.01 -4.72
N TYR A 162 -6.83 18.19 -3.68
CA TYR A 162 -5.99 18.54 -2.54
C TYR A 162 -5.94 17.38 -1.53
N ASP A 163 -4.94 17.41 -0.65
CA ASP A 163 -4.77 16.38 0.37
C ASP A 163 -4.65 15.00 -0.27
N ASN A 164 -3.52 14.76 -0.91
CA ASN A 164 -3.24 13.49 -1.55
C ASN A 164 -3.51 12.35 -0.55
N PRO A 165 -3.85 11.12 -1.03
CA PRO A 165 -4.12 9.99 -0.13
C PRO A 165 -3.34 10.09 1.18
N LYS A 166 -4.07 10.43 2.24
CA LYS A 166 -3.49 10.63 3.57
C LYS A 166 -2.76 9.37 4.07
N VAL A 167 -3.50 8.34 4.49
CA VAL A 167 -2.83 7.13 4.99
C VAL A 167 -2.33 6.26 3.86
N CYS A 168 -1.08 5.83 4.01
CA CYS A 168 -0.46 4.98 3.00
C CYS A 168 0.14 3.75 3.68
N ALA A 169 -0.28 2.58 3.20
CA ALA A 169 0.15 1.30 3.76
C ALA A 169 0.92 0.44 2.77
N LEU A 170 1.72 1.07 1.91
CA LEU A 170 2.52 0.35 0.93
C LEU A 170 3.04 -0.98 1.47
N PHE A 171 2.85 -2.03 0.71
CA PHE A 171 3.29 -3.37 1.09
C PHE A 171 3.58 -4.19 -0.17
N ILE A 172 4.84 -4.27 -0.60
CA ILE A 172 5.16 -5.04 -1.79
C ILE A 172 5.84 -6.38 -1.45
N MET A 173 5.24 -7.43 -1.99
CA MET A 173 5.74 -8.79 -1.82
C MET A 173 6.11 -9.36 -3.17
N LYS A 174 6.90 -10.42 -3.18
CA LYS A 174 7.33 -10.99 -4.45
C LYS A 174 6.93 -12.46 -4.67
N GLY A 175 6.68 -12.72 -5.94
CA GLY A 175 6.40 -14.04 -6.45
C GLY A 175 4.95 -14.38 -6.76
N THR A 176 3.94 -13.90 -6.00
CA THR A 176 2.55 -14.24 -6.31
C THR A 176 1.49 -13.67 -5.36
N ALA A 177 0.28 -13.50 -5.90
CA ALA A 177 -0.88 -13.03 -5.15
C ALA A 177 -1.60 -14.21 -4.49
N ASP A 178 -1.55 -15.36 -5.16
CA ASP A 178 -2.22 -16.56 -4.68
C ASP A 178 -1.77 -16.93 -3.28
N ASP A 179 -0.64 -16.38 -2.86
CA ASP A 179 -0.12 -16.66 -1.54
C ASP A 179 -0.94 -15.95 -0.46
N VAL A 180 -0.69 -14.65 -0.29
CA VAL A 180 -1.40 -13.82 0.70
C VAL A 180 -2.18 -14.63 1.75
N PRO A 181 -1.48 -15.40 2.60
CA PRO A 181 -2.13 -16.23 3.64
C PRO A 181 -3.06 -15.41 4.54
N MET A 182 -4.32 -15.83 4.62
CA MET A 182 -5.31 -15.15 5.44
C MET A 182 -5.36 -15.76 6.84
N LEU A 183 -5.08 -14.95 7.85
CA LEU A 183 -5.09 -15.40 9.24
C LEU A 183 -4.08 -16.52 9.45
N GLN A 184 -2.95 -16.18 10.06
CA GLN A 184 -1.90 -17.15 10.33
C GLN A 184 -2.46 -18.35 11.11
N PRO A 185 -1.95 -19.59 10.90
CA PRO A 185 -2.45 -20.77 11.63
C PRO A 185 -2.62 -20.50 13.11
N HIS A 186 -3.62 -21.13 13.71
CA HIS A 186 -3.87 -20.95 15.13
C HIS A 186 -4.12 -22.32 15.80
N PRO A 187 -3.48 -22.62 16.96
CA PRO A 187 -3.67 -23.91 17.65
C PRO A 187 -5.01 -23.99 18.36
N GLY A 188 -5.59 -22.83 18.65
CA GLY A 188 -6.86 -22.78 19.35
C GLY A 188 -7.91 -23.67 18.71
N LEU A 189 -8.84 -24.17 19.52
CA LEU A 189 -9.90 -25.04 19.04
C LEU A 189 -11.23 -24.30 18.96
N GLU A 190 -11.96 -24.53 17.88
CA GLU A 190 -13.27 -23.89 17.69
C GLU A 190 -13.14 -22.38 17.75
N GLY A 1 5.85 -24.14 7.11
CA GLY A 1 7.06 -24.95 6.82
C GLY A 1 7.47 -24.88 5.36
N ALA A 2 6.54 -25.21 4.47
CA ALA A 2 6.81 -25.17 3.04
C ALA A 2 5.84 -24.23 2.32
N MET A 3 4.58 -24.26 2.75
CA MET A 3 3.55 -23.42 2.16
C MET A 3 3.23 -22.23 3.06
N SER A 4 4.05 -22.04 4.09
CA SER A 4 3.85 -20.95 5.04
C SER A 4 5.08 -20.04 5.08
N GLY A 5 4.85 -18.77 5.40
CA GLY A 5 5.94 -17.81 5.47
C GLY A 5 5.78 -16.66 4.50
N LEU A 6 4.99 -15.67 4.89
CA LEU A 6 4.75 -14.51 4.04
C LEU A 6 5.98 -13.60 4.03
N ALA A 7 6.55 -13.41 5.21
CA ALA A 7 7.75 -12.61 5.36
C ALA A 7 8.88 -13.14 4.48
N ASP A 8 8.76 -14.40 4.09
CA ASP A 8 9.78 -15.04 3.26
C ASP A 8 9.76 -14.54 1.83
N LYS A 9 8.65 -13.92 1.43
CA LYS A 9 8.53 -13.41 0.06
C LYS A 9 8.65 -11.89 0.04
N VAL A 10 8.28 -11.23 1.14
CA VAL A 10 8.37 -9.77 1.22
C VAL A 10 9.69 -9.27 0.67
N ILE A 11 9.67 -8.10 0.05
CA ILE A 11 10.91 -7.54 -0.46
C ILE A 11 10.98 -6.06 -0.16
N TRP A 12 9.82 -5.46 0.09
CA TRP A 12 9.78 -4.03 0.36
C TRP A 12 8.36 -3.62 0.78
N ALA A 13 8.24 -2.92 1.90
CA ALA A 13 6.93 -2.47 2.39
C ALA A 13 7.03 -1.18 3.17
N VAL A 14 6.07 -0.27 2.98
CA VAL A 14 6.11 1.00 3.69
C VAL A 14 4.74 1.58 4.03
N ASN A 15 4.57 2.00 5.28
CA ASN A 15 3.31 2.61 5.71
C ASN A 15 3.52 4.07 6.12
N ALA A 16 3.42 4.96 5.12
CA ALA A 16 3.59 6.38 5.35
C ALA A 16 2.58 6.86 6.38
N GLY A 17 3.08 7.25 7.55
CA GLY A 17 2.22 7.73 8.59
C GLY A 17 2.65 7.35 9.99
N GLY A 18 3.57 6.40 10.10
CA GLY A 18 4.01 5.96 11.43
C GLY A 18 5.50 5.80 11.53
N GLU A 19 5.94 4.66 12.06
CA GLU A 19 7.36 4.38 12.20
C GLU A 19 7.63 2.89 12.38
N SER A 20 8.40 2.34 11.45
CA SER A 20 8.80 0.94 11.45
C SER A 20 7.81 0.01 12.17
N HIS A 21 7.01 -0.75 11.41
CA HIS A 21 6.05 -1.66 12.04
C HIS A 21 6.08 -3.06 11.42
N VAL A 22 5.90 -4.07 12.27
CA VAL A 22 5.89 -5.47 11.81
C VAL A 22 4.53 -6.11 12.07
N ASP A 23 3.77 -6.28 10.99
CA ASP A 23 2.44 -6.89 11.09
C ASP A 23 2.56 -8.37 11.44
N VAL A 24 1.47 -8.92 11.98
CA VAL A 24 1.42 -10.31 12.42
C VAL A 24 2.06 -11.29 11.43
N HIS A 25 1.69 -11.21 10.16
CA HIS A 25 2.23 -12.11 9.16
C HIS A 25 3.75 -11.99 9.11
N GLY A 26 4.25 -10.87 9.59
CA GLY A 26 5.67 -10.61 9.61
C GLY A 26 6.08 -9.65 8.53
N ILE A 27 5.21 -8.69 8.23
CA ILE A 27 5.51 -7.70 7.20
C ILE A 27 5.90 -6.36 7.83
N HIS A 28 7.17 -6.00 7.64
CA HIS A 28 7.73 -4.77 8.23
C HIS A 28 7.76 -3.57 7.29
N TYR A 29 7.42 -2.40 7.85
CA TYR A 29 7.43 -1.13 7.14
C TYR A 29 8.65 -0.32 7.57
N ARG A 30 9.32 0.32 6.61
CA ARG A 30 10.51 1.12 6.87
C ARG A 30 10.18 2.61 7.08
N LYS A 31 10.31 3.06 8.33
CA LYS A 31 10.08 4.45 8.74
C LYS A 31 10.21 5.47 7.60
N ASP A 32 9.19 6.35 7.52
CA ASP A 32 9.12 7.45 6.54
C ASP A 32 10.36 7.56 5.63
N PRO A 33 10.45 6.73 4.58
CA PRO A 33 11.55 6.74 3.64
C PRO A 33 11.18 7.40 2.30
N LEU A 34 9.99 8.00 2.25
CA LEU A 34 9.52 8.65 1.02
C LEU A 34 10.57 9.62 0.49
N GLU A 35 10.75 10.75 1.18
CA GLU A 35 11.71 11.75 0.74
C GLU A 35 12.42 12.45 1.89
N GLY A 36 13.08 11.69 2.75
CA GLY A 36 13.82 12.29 3.84
C GLY A 36 12.95 12.75 5.00
N ARG A 37 11.64 12.56 4.88
CA ARG A 37 10.72 12.98 5.94
C ARG A 37 10.87 12.09 7.18
N VAL A 38 12.06 12.07 7.77
CA VAL A 38 12.32 11.28 8.97
C VAL A 38 12.44 12.18 10.19
N GLY A 39 11.82 11.76 11.29
CA GLY A 39 11.87 12.53 12.51
C GLY A 39 10.65 13.41 12.70
N ARG A 40 9.54 13.01 12.11
CA ARG A 40 8.29 13.77 12.21
C ARG A 40 7.11 12.84 12.43
N ALA A 41 6.87 11.96 11.46
CA ALA A 41 5.77 10.99 11.51
C ALA A 41 4.42 11.66 11.25
N SER A 42 4.19 12.82 11.87
CA SER A 42 2.94 13.55 11.70
C SER A 42 1.74 12.65 11.98
N ASP A 43 1.73 12.07 13.18
CA ASP A 43 0.63 11.20 13.59
C ASP A 43 -0.51 12.01 14.19
N TYR A 44 -0.59 13.28 13.79
CA TYR A 44 -1.64 14.17 14.28
C TYR A 44 -3.01 13.54 14.08
N GLY A 45 -3.90 13.72 15.05
CA GLY A 45 -5.23 13.15 14.95
C GLY A 45 -5.16 11.65 14.75
N MET A 46 -4.23 11.01 15.46
CA MET A 46 -4.02 9.57 15.36
C MET A 46 -5.30 8.80 15.69
N LYS A 47 -6.26 9.49 16.29
CA LYS A 47 -7.53 8.86 16.67
C LYS A 47 -8.25 8.31 15.43
N LEU A 48 -9.45 7.79 15.63
CA LEU A 48 -10.23 7.22 14.54
C LEU A 48 -9.49 6.06 13.87
N PRO A 49 -9.16 5.00 14.64
CA PRO A 49 -8.44 3.83 14.11
C PRO A 49 -9.29 2.99 13.16
N ILE A 50 -8.63 2.23 12.29
CA ILE A 50 -9.33 1.38 11.33
C ILE A 50 -10.07 0.28 12.08
N LEU A 51 -11.24 -0.11 11.54
CA LEU A 51 -12.09 -1.10 12.18
C LEU A 51 -11.75 -2.55 11.79
N ARG A 52 -11.83 -2.86 10.50
CA ARG A 52 -11.58 -4.23 10.02
C ARG A 52 -10.10 -4.63 10.07
N SER A 53 -9.37 -4.11 11.06
CA SER A 53 -7.95 -4.47 11.20
C SER A 53 -7.55 -4.72 12.65
N ASN A 54 -6.71 -5.73 12.86
CA ASN A 54 -6.21 -6.07 14.18
C ASN A 54 -5.40 -4.90 14.74
N PRO A 55 -5.42 -4.63 16.08
CA PRO A 55 -4.69 -3.50 16.68
C PRO A 55 -3.30 -3.22 16.09
N GLU A 56 -2.46 -4.24 16.01
CA GLU A 56 -1.09 -4.06 15.51
C GLU A 56 -1.10 -3.67 14.04
N ASP A 57 -1.73 -4.52 13.25
CA ASP A 57 -1.80 -4.29 11.83
C ASP A 57 -2.72 -3.11 11.54
N GLN A 58 -3.45 -2.68 12.57
CA GLN A 58 -4.33 -1.53 12.45
C GLN A 58 -3.45 -0.34 12.18
N VAL A 59 -2.37 -0.26 12.95
CA VAL A 59 -1.38 0.79 12.79
C VAL A 59 -0.84 0.77 11.37
N LEU A 60 -0.34 -0.39 10.95
CA LEU A 60 0.24 -0.54 9.61
C LEU A 60 -0.81 -0.32 8.51
N TYR A 61 -2.06 -0.32 8.90
CA TYR A 61 -3.18 -0.15 7.96
C TYR A 61 -3.82 1.22 8.16
N GLN A 62 -3.30 1.96 9.13
CA GLN A 62 -3.83 3.28 9.47
C GLN A 62 -2.75 4.37 9.39
N THR A 63 -2.32 4.86 10.55
CA THR A 63 -1.33 5.95 10.62
C THR A 63 -1.64 7.04 9.57
N GLU A 64 -0.69 7.96 9.35
CA GLU A 64 -0.89 9.03 8.35
C GLU A 64 0.30 9.99 8.32
N ARG A 65 0.84 10.23 7.13
CA ARG A 65 1.97 11.13 6.96
C ARG A 65 1.55 12.38 6.17
N TYR A 66 2.52 13.20 5.78
CA TYR A 66 2.23 14.42 5.02
C TYR A 66 3.48 14.96 4.34
N ASN A 67 3.34 15.40 3.09
CA ASN A 67 4.46 15.95 2.33
C ASN A 67 4.09 17.29 1.70
N GLU A 68 3.43 17.25 0.54
CA GLU A 68 3.03 18.47 -0.15
C GLU A 68 2.15 18.16 -1.37
N ASP A 69 2.77 17.67 -2.44
CA ASP A 69 2.04 17.35 -3.67
C ASP A 69 2.88 16.46 -4.57
N SER A 70 2.23 15.51 -5.25
CA SER A 70 2.93 14.59 -6.15
C SER A 70 4.11 13.96 -5.44
N PHE A 71 3.86 12.90 -4.68
CA PHE A 71 4.93 12.24 -3.95
C PHE A 71 4.65 10.76 -3.77
N GLY A 72 5.73 9.99 -3.68
CA GLY A 72 5.61 8.55 -3.52
C GLY A 72 6.90 7.86 -3.17
N TYR A 73 6.87 6.55 -3.23
CA TYR A 73 8.02 5.73 -2.88
C TYR A 73 8.78 5.20 -4.08
N ASP A 74 9.86 4.48 -3.76
CA ASP A 74 10.74 3.87 -4.73
C ASP A 74 11.05 2.42 -4.32
N ILE A 75 10.71 1.47 -5.18
CA ILE A 75 10.93 0.06 -4.89
C ILE A 75 12.01 -0.56 -5.78
N PRO A 76 13.30 -0.54 -5.37
CA PRO A 76 14.35 -1.16 -6.17
C PRO A 76 14.11 -2.67 -6.32
N ILE A 77 14.40 -3.22 -7.49
CA ILE A 77 14.21 -4.65 -7.73
C ILE A 77 15.44 -5.27 -8.39
N LYS A 78 15.64 -6.55 -8.13
CA LYS A 78 16.77 -7.28 -8.70
C LYS A 78 16.38 -8.72 -9.02
N GLU A 79 15.11 -9.07 -8.81
CA GLU A 79 14.63 -10.41 -9.10
C GLU A 79 13.39 -10.37 -9.98
N GLU A 80 12.91 -11.54 -10.40
CA GLU A 80 11.74 -11.61 -11.25
C GLU A 80 10.73 -12.63 -10.73
N GLY A 81 9.55 -12.61 -11.33
CA GLY A 81 8.46 -13.49 -10.94
C GLY A 81 7.17 -12.72 -10.92
N GLU A 82 6.17 -13.14 -10.14
CA GLU A 82 4.94 -12.37 -10.10
C GLU A 82 4.98 -11.43 -8.91
N TYR A 83 5.10 -10.13 -9.16
CA TYR A 83 5.16 -9.18 -8.06
C TYR A 83 3.80 -8.63 -7.83
N VAL A 84 3.35 -8.73 -6.60
CA VAL A 84 2.03 -8.29 -6.25
C VAL A 84 2.08 -7.09 -5.34
N LEU A 85 1.61 -5.97 -5.88
CA LEU A 85 1.57 -4.74 -5.14
C LEU A 85 0.25 -4.62 -4.40
N VAL A 86 0.31 -4.86 -3.10
CA VAL A 86 -0.86 -4.77 -2.26
C VAL A 86 -0.66 -3.64 -1.27
N LEU A 87 -1.67 -2.82 -1.11
CA LEU A 87 -1.55 -1.70 -0.20
C LEU A 87 -2.86 -1.37 0.47
N LYS A 88 -2.78 -0.76 1.65
CA LYS A 88 -3.99 -0.37 2.37
C LYS A 88 -4.11 1.15 2.41
N PHE A 89 -5.19 1.67 1.83
CA PHE A 89 -5.43 3.11 1.80
C PHE A 89 -6.52 3.47 2.79
N ALA A 90 -6.33 4.55 3.53
CA ALA A 90 -7.34 4.98 4.50
C ALA A 90 -7.42 6.51 4.52
N GLU A 91 -8.59 7.03 4.89
CA GLU A 91 -8.80 8.47 4.95
C GLU A 91 -10.14 8.80 5.61
N VAL A 92 -10.09 9.71 6.57
CA VAL A 92 -11.30 10.12 7.29
C VAL A 92 -11.17 11.56 7.80
N TYR A 93 -11.48 12.52 6.93
CA TYR A 93 -11.40 13.93 7.29
C TYR A 93 -12.28 14.79 6.38
N PHE A 94 -13.05 14.13 5.53
CA PHE A 94 -13.94 14.83 4.60
C PHE A 94 -15.28 14.10 4.48
N ALA A 95 -15.21 12.78 4.28
CA ALA A 95 -16.42 11.98 4.15
C ALA A 95 -17.28 12.46 2.99
N GLN A 96 -16.91 12.07 1.77
CA GLN A 96 -17.64 12.47 0.56
C GLN A 96 -17.08 11.76 -0.66
N SER A 97 -17.98 11.34 -1.55
CA SER A 97 -17.57 10.65 -2.77
C SER A 97 -17.50 11.59 -3.95
N GLN A 98 -16.80 11.14 -4.99
CA GLN A 98 -16.64 11.93 -6.19
C GLN A 98 -16.05 13.29 -5.88
N GLN A 99 -15.45 13.89 -6.90
CA GLN A 99 -14.81 15.19 -6.78
C GLN A 99 -13.53 15.10 -5.96
N LYS A 100 -13.50 14.16 -5.01
CA LYS A 100 -12.33 13.95 -4.17
C LYS A 100 -11.68 12.64 -4.59
N VAL A 101 -11.21 12.61 -5.83
CA VAL A 101 -10.58 11.42 -6.39
C VAL A 101 -9.07 11.63 -6.54
N PHE A 102 -8.31 10.54 -6.46
CA PHE A 102 -6.85 10.64 -6.56
C PHE A 102 -6.30 9.85 -7.74
N ASP A 103 -4.97 9.91 -7.91
CA ASP A 103 -4.32 9.16 -8.99
C ASP A 103 -3.16 8.32 -8.44
N VAL A 104 -3.06 7.08 -8.94
CA VAL A 104 -2.03 6.15 -8.50
C VAL A 104 -1.35 5.45 -9.67
N ARG A 105 -0.01 5.53 -9.70
CA ARG A 105 0.78 4.93 -10.77
C ARG A 105 1.91 4.03 -10.25
N VAL A 106 2.10 2.94 -10.97
CA VAL A 106 3.14 1.96 -10.67
C VAL A 106 4.14 1.89 -11.82
N ASN A 107 5.40 2.20 -11.56
CA ASN A 107 6.41 2.22 -12.60
C ASN A 107 6.04 3.27 -13.65
N GLY A 108 5.31 4.29 -13.19
CA GLY A 108 4.87 5.34 -14.09
C GLY A 108 3.64 4.92 -14.86
N HIS A 109 3.15 3.75 -14.52
CA HIS A 109 2.00 3.16 -15.18
C HIS A 109 0.72 3.28 -14.32
N THR A 110 -0.22 4.13 -14.75
CA THR A 110 -1.46 4.30 -13.99
C THR A 110 -2.34 3.06 -14.04
N VAL A 111 -2.82 2.69 -12.87
CA VAL A 111 -3.69 1.53 -12.75
C VAL A 111 -4.97 1.93 -12.04
N VAL A 112 -4.87 2.90 -11.12
CA VAL A 112 -6.05 3.38 -10.42
C VAL A 112 -6.06 4.90 -10.43
N LYS A 113 -6.70 5.47 -11.46
CA LYS A 113 -6.75 6.91 -11.60
C LYS A 113 -8.14 7.47 -11.33
N ASP A 114 -8.39 7.53 -10.06
CA ASP A 114 -9.64 8.05 -9.48
C ASP A 114 -9.87 7.41 -8.13
N LEU A 115 -8.80 7.24 -7.36
CA LEU A 115 -8.92 6.61 -6.06
C LEU A 115 -9.79 7.39 -5.11
N ASP A 116 -11.06 7.01 -5.06
CA ASP A 116 -12.02 7.62 -4.17
C ASP A 116 -12.22 6.64 -3.01
N ILE A 117 -11.33 6.72 -2.04
CA ILE A 117 -11.32 5.81 -0.90
C ILE A 117 -12.70 5.70 -0.23
N PHE A 118 -13.39 6.82 -0.09
CA PHE A 118 -14.70 6.82 0.56
C PHE A 118 -15.71 6.01 -0.25
N ASP A 119 -15.73 6.24 -1.57
CA ASP A 119 -16.66 5.54 -2.46
C ASP A 119 -16.29 4.06 -2.64
N ARG A 120 -15.01 3.75 -2.53
CA ARG A 120 -14.54 2.38 -2.73
C ARG A 120 -15.01 1.44 -1.62
N VAL A 121 -14.64 1.76 -0.38
CA VAL A 121 -15.01 0.91 0.75
C VAL A 121 -16.30 1.37 1.42
N GLY A 122 -16.50 2.69 1.51
CA GLY A 122 -17.70 3.22 2.12
C GLY A 122 -17.40 4.20 3.23
N HIS A 123 -17.77 3.82 4.45
CA HIS A 123 -17.55 4.69 5.62
C HIS A 123 -16.39 4.18 6.46
N SER A 124 -15.32 4.98 6.51
CA SER A 124 -14.13 4.64 7.29
C SER A 124 -13.60 3.24 6.92
N THR A 125 -13.10 2.52 7.93
CA THR A 125 -12.56 1.17 7.73
C THR A 125 -11.32 1.21 6.84
N ALA A 126 -10.84 0.03 6.46
CA ALA A 126 -9.64 -0.07 5.61
C ALA A 126 -9.96 -0.42 4.17
N HIS A 127 -9.24 0.24 3.25
CA HIS A 127 -9.38 0.00 1.83
C HIS A 127 -8.23 -0.86 1.34
N ASP A 128 -8.44 -1.63 0.28
CA ASP A 128 -7.37 -2.49 -0.22
C ASP A 128 -7.38 -2.62 -1.74
N GLU A 129 -6.21 -2.47 -2.34
CA GLU A 129 -6.05 -2.62 -3.78
C GLU A 129 -4.94 -3.62 -4.08
N ILE A 130 -5.24 -4.61 -4.93
CA ILE A 130 -4.28 -5.62 -5.31
C ILE A 130 -4.00 -5.56 -6.81
N ILE A 131 -2.73 -5.37 -7.17
CA ILE A 131 -2.34 -5.28 -8.57
C ILE A 131 -1.25 -6.29 -8.93
N PRO A 132 -1.61 -7.51 -9.36
CA PRO A 132 -0.61 -8.53 -9.77
C PRO A 132 0.23 -8.05 -10.94
N ILE A 133 1.51 -8.41 -10.93
CA ILE A 133 2.44 -8.01 -11.98
C ILE A 133 3.29 -9.20 -12.41
N SER A 134 3.81 -9.15 -13.63
CA SER A 134 4.67 -10.22 -14.13
C SER A 134 5.96 -9.67 -14.73
N ILE A 135 7.06 -9.85 -13.98
CA ILE A 135 8.36 -9.39 -14.43
C ILE A 135 9.23 -10.57 -14.85
N LYS A 136 9.71 -10.55 -16.09
CA LYS A 136 10.54 -11.62 -16.62
C LYS A 136 11.52 -11.09 -17.65
N LYS A 137 12.75 -11.60 -17.61
CA LYS A 137 13.80 -11.19 -18.54
C LYS A 137 14.10 -9.71 -18.37
N GLY A 138 13.85 -9.19 -17.18
CA GLY A 138 14.11 -7.79 -16.90
C GLY A 138 13.07 -6.87 -17.49
N LYS A 139 11.84 -7.36 -17.65
CA LYS A 139 10.76 -6.55 -18.20
C LYS A 139 9.55 -6.55 -17.28
N LEU A 140 8.78 -5.46 -17.32
CA LEU A 140 7.60 -5.32 -16.46
C LEU A 140 6.31 -5.38 -17.27
N SER A 141 5.39 -6.23 -16.83
CA SER A 141 4.09 -6.37 -17.47
C SER A 141 2.99 -5.96 -16.49
N VAL A 142 2.35 -4.83 -16.76
CA VAL A 142 1.29 -4.32 -15.90
C VAL A 142 -0.09 -4.50 -16.55
N GLN A 143 -0.85 -5.47 -16.04
CA GLN A 143 -2.18 -5.76 -16.55
C GLN A 143 -2.17 -6.06 -18.04
N GLY A 144 -2.33 -5.03 -18.87
CA GLY A 144 -2.36 -5.22 -20.30
C GLY A 144 -1.40 -4.31 -21.06
N GLU A 145 -0.35 -3.87 -20.39
CA GLU A 145 0.64 -2.99 -21.01
C GLU A 145 2.05 -3.47 -20.68
N VAL A 146 2.91 -3.51 -21.68
CA VAL A 146 4.29 -3.96 -21.49
C VAL A 146 5.26 -2.78 -21.51
N SER A 147 6.24 -2.82 -20.62
CA SER A 147 7.24 -1.77 -20.52
C SER A 147 8.46 -2.28 -19.77
N THR A 148 9.63 -2.11 -20.37
CA THR A 148 10.86 -2.58 -19.76
C THR A 148 11.03 -2.03 -18.35
N PHE A 149 11.61 -2.86 -17.47
CA PHE A 149 11.84 -2.46 -16.09
C PHE A 149 13.09 -1.60 -16.03
N THR A 150 12.98 -0.40 -15.47
CA THR A 150 14.13 0.49 -15.41
C THR A 150 14.58 0.79 -13.98
N GLY A 151 15.52 -0.02 -13.51
CA GLY A 151 16.11 0.15 -12.19
C GLY A 151 15.17 0.07 -10.98
N LYS A 152 13.93 0.52 -11.09
CA LYS A 152 13.05 0.51 -9.90
C LYS A 152 11.56 0.59 -10.24
N LEU A 153 10.72 0.14 -9.28
CA LEU A 153 9.27 0.23 -9.41
C LEU A 153 8.81 1.49 -8.69
N SER A 154 8.10 2.38 -9.37
CA SER A 154 7.71 3.65 -8.74
C SER A 154 6.23 3.73 -8.39
N VAL A 155 5.93 4.35 -7.26
CA VAL A 155 4.55 4.54 -6.87
C VAL A 155 4.31 5.99 -6.49
N GLU A 156 3.78 6.73 -7.45
CA GLU A 156 3.51 8.15 -7.26
C GLU A 156 2.02 8.43 -7.25
N PHE A 157 1.58 9.14 -6.23
CA PHE A 157 0.17 9.51 -6.15
C PHE A 157 0.05 11.03 -6.21
N VAL A 158 -0.89 11.48 -7.04
CA VAL A 158 -1.11 12.90 -7.23
C VAL A 158 -2.43 13.35 -6.60
N LYS A 159 -2.39 14.56 -6.03
CA LYS A 159 -3.54 15.16 -5.36
C LYS A 159 -4.69 15.40 -6.34
N GLY A 160 -5.91 15.32 -5.82
CA GLY A 160 -7.08 15.55 -6.64
C GLY A 160 -7.80 16.82 -6.22
N TYR A 161 -7.39 17.38 -5.09
CA TYR A 161 -7.98 18.60 -4.57
C TYR A 161 -6.98 19.36 -3.70
N TYR A 162 -6.39 18.65 -2.74
CA TYR A 162 -5.40 19.25 -1.84
C TYR A 162 -4.74 18.17 -0.99
N ASP A 163 -5.54 17.53 -0.14
CA ASP A 163 -5.04 16.47 0.74
C ASP A 163 -4.89 15.16 -0.01
N ASN A 164 -3.66 14.69 -0.09
CA ASN A 164 -3.33 13.45 -0.77
C ASN A 164 -4.09 12.27 -0.10
N PRO A 165 -3.93 10.99 -0.53
CA PRO A 165 -4.67 9.86 0.07
C PRO A 165 -4.62 9.84 1.61
N LYS A 166 -3.80 10.71 2.18
CA LYS A 166 -3.67 10.83 3.63
C LYS A 166 -2.83 9.68 4.22
N VAL A 167 -3.40 8.48 4.33
CA VAL A 167 -2.63 7.36 4.89
C VAL A 167 -2.33 6.31 3.84
N CYS A 168 -1.09 5.83 3.86
CA CYS A 168 -0.65 4.85 2.89
C CYS A 168 0.07 3.67 3.54
N ALA A 169 -0.45 2.48 3.30
CA ALA A 169 0.07 1.23 3.84
C ALA A 169 0.81 0.38 2.81
N LEU A 170 1.57 1.02 1.92
CA LEU A 170 2.34 0.32 0.89
C LEU A 170 2.88 -1.02 1.39
N PHE A 171 2.72 -2.07 0.57
CA PHE A 171 3.18 -3.40 0.92
C PHE A 171 3.47 -4.22 -0.34
N ILE A 172 4.73 -4.26 -0.83
CA ILE A 172 5.02 -5.07 -2.01
C ILE A 172 5.74 -6.38 -1.67
N MET A 173 5.22 -7.45 -2.23
CA MET A 173 5.75 -8.78 -2.03
C MET A 173 6.14 -9.42 -3.36
N LYS A 174 6.90 -10.51 -3.30
CA LYS A 174 7.37 -11.16 -4.52
C LYS A 174 6.84 -12.58 -4.75
N GLY A 175 6.75 -12.87 -6.03
CA GLY A 175 6.38 -14.17 -6.56
C GLY A 175 4.91 -14.46 -6.83
N THR A 176 3.96 -13.93 -6.02
CA THR A 176 2.54 -14.21 -6.28
C THR A 176 1.58 -13.58 -5.27
N ALA A 177 0.30 -13.49 -5.66
CA ALA A 177 -0.76 -12.96 -4.82
C ALA A 177 -1.32 -14.04 -3.90
N ASP A 178 -1.17 -15.29 -4.32
CA ASP A 178 -1.68 -16.43 -3.56
C ASP A 178 -0.99 -16.55 -2.21
N ASP A 179 0.17 -15.92 -2.07
CA ASP A 179 0.92 -15.98 -0.83
C ASP A 179 0.60 -14.79 0.07
N VAL A 180 -0.16 -13.84 -0.45
CA VAL A 180 -0.55 -12.64 0.32
C VAL A 180 -0.96 -12.98 1.77
N PRO A 181 -1.81 -14.00 2.01
CA PRO A 181 -2.21 -14.36 3.39
C PRO A 181 -1.15 -15.23 4.05
N MET A 182 -1.52 -15.82 5.19
CA MET A 182 -0.60 -16.69 5.92
C MET A 182 -1.32 -17.94 6.43
N LEU A 183 -0.65 -19.08 6.33
CA LEU A 183 -1.22 -20.34 6.77
C LEU A 183 -0.52 -20.82 8.04
N GLN A 184 -1.32 -21.26 9.01
CA GLN A 184 -0.79 -21.75 10.29
C GLN A 184 0.27 -22.84 10.03
N PRO A 185 1.32 -22.95 10.88
CA PRO A 185 2.37 -23.96 10.68
C PRO A 185 1.85 -25.36 10.89
N HIS A 186 2.04 -26.21 9.89
CA HIS A 186 1.59 -27.59 9.98
C HIS A 186 2.70 -28.53 9.46
N PRO A 187 3.01 -29.64 10.19
CA PRO A 187 4.05 -30.58 9.76
C PRO A 187 3.62 -31.38 8.54
N GLY A 188 3.08 -32.57 8.76
CA GLY A 188 2.63 -33.40 7.66
C GLY A 188 3.73 -34.27 7.09
N LEU A 189 3.69 -34.50 5.78
CA LEU A 189 4.69 -35.32 5.12
C LEU A 189 5.81 -34.45 4.55
N GLU A 190 7.03 -34.94 4.64
CA GLU A 190 8.19 -34.21 4.14
C GLU A 190 8.77 -34.89 2.90
N GLY A 1 0.43 -20.45 15.25
CA GLY A 1 1.82 -20.59 14.76
C GLY A 1 1.99 -20.07 13.35
N ALA A 2 1.12 -19.15 12.95
CA ALA A 2 1.17 -18.57 11.61
C ALA A 2 2.08 -17.34 11.59
N MET A 3 3.35 -17.56 11.27
CA MET A 3 4.32 -16.48 11.22
C MET A 3 5.18 -16.59 9.96
N SER A 4 5.80 -17.75 9.76
CA SER A 4 6.65 -17.97 8.60
C SER A 4 5.80 -18.26 7.36
N GLY A 5 6.11 -17.58 6.26
CA GLY A 5 5.37 -17.77 5.03
C GLY A 5 5.34 -16.53 4.18
N LEU A 6 4.48 -15.59 4.53
CA LEU A 6 4.35 -14.34 3.78
C LEU A 6 5.62 -13.50 3.92
N ALA A 7 6.11 -13.41 5.15
CA ALA A 7 7.33 -12.68 5.46
C ALA A 7 8.52 -13.19 4.64
N ASP A 8 8.41 -14.43 4.14
CA ASP A 8 9.49 -15.04 3.38
C ASP A 8 9.57 -14.49 1.95
N LYS A 9 8.52 -13.82 1.50
CA LYS A 9 8.51 -13.26 0.14
C LYS A 9 8.69 -11.74 0.17
N VAL A 10 8.25 -11.09 1.27
CA VAL A 10 8.39 -9.65 1.41
C VAL A 10 9.74 -9.15 0.89
N ILE A 11 9.74 -7.96 0.30
CA ILE A 11 10.99 -7.40 -0.20
C ILE A 11 11.07 -5.92 0.10
N TRP A 12 9.92 -5.29 0.28
CA TRP A 12 9.89 -3.86 0.55
C TRP A 12 8.46 -3.42 0.87
N ALA A 13 8.31 -2.56 1.88
CA ALA A 13 6.97 -2.09 2.29
C ALA A 13 7.07 -0.76 3.03
N VAL A 14 6.06 0.10 2.86
CA VAL A 14 6.07 1.40 3.53
C VAL A 14 4.68 1.92 3.91
N ASN A 15 4.50 2.22 5.20
CA ASN A 15 3.23 2.77 5.65
C ASN A 15 3.41 4.18 6.16
N ALA A 16 3.05 5.16 5.34
CA ALA A 16 3.18 6.53 5.75
C ALA A 16 2.18 6.79 6.89
N GLY A 17 2.73 6.86 8.11
CA GLY A 17 1.94 7.09 9.31
C GLY A 17 2.71 6.79 10.57
N GLY A 18 3.09 5.53 10.75
CA GLY A 18 3.83 5.14 11.93
C GLY A 18 5.32 5.21 11.72
N GLU A 19 6.02 4.14 12.09
CA GLU A 19 7.47 4.06 11.92
C GLU A 19 7.94 2.64 12.16
N SER A 20 8.56 2.05 11.13
CA SER A 20 9.06 0.68 11.23
C SER A 20 8.08 -0.23 11.96
N HIS A 21 7.07 -0.74 11.24
CA HIS A 21 6.07 -1.61 11.88
C HIS A 21 6.08 -3.03 11.32
N VAL A 22 5.85 -3.99 12.20
CA VAL A 22 5.81 -5.39 11.83
C VAL A 22 4.39 -5.93 11.98
N ASP A 23 3.69 -6.11 10.86
CA ASP A 23 2.33 -6.61 10.89
C ASP A 23 2.31 -8.09 11.25
N VAL A 24 1.18 -8.55 11.77
CA VAL A 24 0.99 -9.93 12.21
C VAL A 24 1.57 -10.97 11.24
N HIS A 25 1.22 -10.87 9.95
CA HIS A 25 1.72 -11.84 8.97
C HIS A 25 3.25 -11.82 8.95
N GLY A 26 3.79 -10.72 9.45
CA GLY A 26 5.23 -10.56 9.51
C GLY A 26 5.74 -9.64 8.43
N ILE A 27 4.95 -8.62 8.11
CA ILE A 27 5.33 -7.65 7.07
C ILE A 27 5.81 -6.36 7.72
N HIS A 28 7.03 -5.96 7.39
CA HIS A 28 7.64 -4.77 8.00
C HIS A 28 7.59 -3.54 7.10
N TYR A 29 7.15 -2.41 7.69
CA TYR A 29 7.11 -1.13 6.98
C TYR A 29 8.39 -0.37 7.30
N ARG A 30 9.06 0.10 6.25
CA ARG A 30 10.32 0.83 6.38
C ARG A 30 10.08 2.32 6.70
N LYS A 31 10.43 2.69 7.94
CA LYS A 31 10.34 4.07 8.46
C LYS A 31 10.33 5.14 7.36
N ASP A 32 9.43 6.12 7.55
CA ASP A 32 9.25 7.27 6.65
C ASP A 32 10.46 7.55 5.76
N PRO A 33 10.53 6.92 4.57
CA PRO A 33 11.63 7.12 3.62
C PRO A 33 11.29 8.06 2.46
N LEU A 34 10.04 8.53 2.40
CA LEU A 34 9.63 9.42 1.31
C LEU A 34 9.29 10.83 1.80
N GLU A 35 8.63 10.96 2.95
CA GLU A 35 8.27 12.28 3.49
C GLU A 35 9.49 12.99 4.05
N GLY A 36 10.38 13.44 3.16
CA GLY A 36 11.56 14.13 3.59
C GLY A 36 12.59 13.16 4.14
N ARG A 37 12.23 11.88 4.13
CA ARG A 37 13.10 10.82 4.63
C ARG A 37 13.81 11.24 5.93
N VAL A 38 13.11 12.04 6.73
CA VAL A 38 13.65 12.51 8.01
C VAL A 38 12.52 12.72 9.02
N GLY A 39 12.81 12.44 10.29
CA GLY A 39 11.82 12.60 11.33
C GLY A 39 11.25 11.28 11.82
N ARG A 40 10.17 11.35 12.60
CA ARG A 40 9.54 10.15 13.13
C ARG A 40 8.01 10.27 13.09
N ALA A 41 7.35 9.18 13.46
CA ALA A 41 5.88 9.14 13.46
C ALA A 41 5.29 10.30 14.26
N SER A 42 4.58 11.18 13.58
CA SER A 42 3.95 12.33 14.23
C SER A 42 2.69 11.86 14.96
N ASP A 43 2.02 10.87 14.39
CA ASP A 43 0.81 10.29 14.96
C ASP A 43 -0.07 11.35 15.63
N TYR A 44 -0.40 12.40 14.88
CA TYR A 44 -1.24 13.47 15.39
C TYR A 44 -2.71 13.07 15.32
N GLY A 45 -3.25 12.60 16.45
CA GLY A 45 -4.64 12.18 16.48
C GLY A 45 -4.88 10.94 15.64
N MET A 46 -4.10 9.89 15.90
CA MET A 46 -4.23 8.64 15.17
C MET A 46 -5.53 7.93 15.50
N LYS A 47 -6.36 8.56 16.34
CA LYS A 47 -7.66 7.99 16.73
C LYS A 47 -8.41 7.44 15.52
N LEU A 48 -9.58 6.85 15.77
CA LEU A 48 -10.40 6.25 14.71
C LEU A 48 -9.71 5.01 14.14
N PRO A 49 -9.53 3.96 14.98
CA PRO A 49 -8.88 2.70 14.57
C PRO A 49 -9.58 2.02 13.39
N ILE A 50 -8.81 1.55 12.42
CA ILE A 50 -9.38 0.85 11.28
C ILE A 50 -10.05 -0.43 11.76
N LEU A 51 -11.35 -0.53 11.51
CA LEU A 51 -12.16 -1.67 11.94
C LEU A 51 -11.60 -3.01 11.47
N ARG A 52 -11.39 -3.18 10.18
CA ARG A 52 -10.88 -4.44 9.64
C ARG A 52 -9.40 -4.67 9.94
N SER A 53 -8.92 -4.16 11.06
CA SER A 53 -7.52 -4.35 11.44
C SER A 53 -7.35 -4.43 12.96
N ASN A 54 -6.55 -5.41 13.40
CA ASN A 54 -6.28 -5.59 14.83
C ASN A 54 -5.42 -4.42 15.34
N PRO A 55 -5.40 -4.15 16.66
CA PRO A 55 -4.62 -3.03 17.23
C PRO A 55 -3.22 -2.81 16.61
N GLU A 56 -2.51 -3.90 16.31
CA GLU A 56 -1.15 -3.77 15.79
C GLU A 56 -1.14 -3.41 14.31
N ASP A 57 -1.79 -4.24 13.52
CA ASP A 57 -1.84 -3.99 12.10
C ASP A 57 -2.71 -2.77 11.84
N GLN A 58 -3.32 -2.27 12.92
CA GLN A 58 -4.16 -1.07 12.85
C GLN A 58 -3.26 0.15 12.70
N VAL A 59 -2.44 0.39 13.72
CA VAL A 59 -1.53 1.54 13.68
C VAL A 59 -0.82 1.56 12.34
N LEU A 60 -0.51 0.38 11.80
CA LEU A 60 0.11 0.32 10.49
C LEU A 60 -0.91 0.77 9.43
N TYR A 61 -1.95 -0.03 9.31
CA TYR A 61 -3.05 0.21 8.37
C TYR A 61 -3.92 1.42 8.74
N GLN A 62 -3.39 2.34 9.52
CA GLN A 62 -4.20 3.51 9.94
C GLN A 62 -3.42 4.81 10.05
N THR A 63 -2.47 4.85 10.99
CA THR A 63 -1.67 6.06 11.22
C THR A 63 -1.26 6.78 9.93
N GLU A 64 -1.14 8.12 10.01
CA GLU A 64 -0.76 8.96 8.85
C GLU A 64 0.30 9.99 9.25
N ARG A 65 1.13 10.40 8.28
CA ARG A 65 2.16 11.41 8.52
C ARG A 65 1.76 12.76 7.93
N TYR A 66 2.71 13.69 7.90
CA TYR A 66 2.47 15.02 7.35
C TYR A 66 2.70 15.06 5.84
N ASN A 67 2.68 16.26 5.26
CA ASN A 67 2.89 16.44 3.83
C ASN A 67 1.76 15.79 3.03
N GLU A 68 1.54 16.27 1.80
CA GLU A 68 0.48 15.72 0.96
C GLU A 68 0.57 16.22 -0.49
N ASP A 69 1.37 15.55 -1.30
CA ASP A 69 1.53 15.94 -2.71
C ASP A 69 2.41 14.96 -3.47
N SER A 70 1.90 14.40 -4.57
CA SER A 70 2.64 13.45 -5.40
C SER A 70 3.48 12.51 -4.53
N PHE A 71 2.90 11.37 -4.18
CA PHE A 71 3.58 10.41 -3.33
C PHE A 71 4.37 9.43 -4.19
N GLY A 72 5.70 9.58 -4.24
CA GLY A 72 6.50 8.69 -5.07
C GLY A 72 7.54 7.89 -4.32
N TYR A 73 7.29 6.58 -4.19
CA TYR A 73 8.23 5.69 -3.52
C TYR A 73 9.04 4.89 -4.53
N ASP A 74 10.22 4.47 -4.09
CA ASP A 74 11.13 3.70 -4.93
C ASP A 74 11.29 2.27 -4.39
N ILE A 75 11.21 1.29 -5.29
CA ILE A 75 11.36 -0.11 -4.90
C ILE A 75 12.41 -0.83 -5.74
N PRO A 76 13.69 -0.77 -5.37
CA PRO A 76 14.76 -1.47 -6.11
C PRO A 76 14.47 -2.97 -6.27
N ILE A 77 14.53 -3.46 -7.50
CA ILE A 77 14.30 -4.89 -7.76
C ILE A 77 15.50 -5.54 -8.44
N LYS A 78 15.68 -6.83 -8.19
CA LYS A 78 16.79 -7.57 -8.78
C LYS A 78 16.35 -8.97 -9.20
N GLU A 79 15.09 -9.31 -8.95
CA GLU A 79 14.57 -10.63 -9.31
C GLU A 79 13.33 -10.50 -10.18
N GLU A 80 12.89 -11.63 -10.74
CA GLU A 80 11.70 -11.65 -11.58
C GLU A 80 10.65 -12.60 -11.02
N GLY A 81 9.52 -12.69 -11.72
CA GLY A 81 8.42 -13.53 -11.29
C GLY A 81 7.15 -12.73 -11.23
N GLU A 82 6.24 -13.06 -10.31
CA GLU A 82 5.02 -12.27 -10.20
C GLU A 82 5.11 -11.37 -8.99
N TYR A 83 5.21 -10.07 -9.21
CA TYR A 83 5.29 -9.15 -8.08
C TYR A 83 3.91 -8.62 -7.81
N VAL A 84 3.50 -8.75 -6.56
CA VAL A 84 2.18 -8.32 -6.19
C VAL A 84 2.23 -7.13 -5.27
N LEU A 85 1.73 -6.01 -5.78
CA LEU A 85 1.73 -4.77 -5.02
C LEU A 85 0.38 -4.54 -4.37
N VAL A 86 0.34 -4.77 -3.07
CA VAL A 86 -0.85 -4.58 -2.29
C VAL A 86 -0.64 -3.40 -1.35
N LEU A 87 -1.67 -2.61 -1.16
CA LEU A 87 -1.53 -1.47 -0.27
C LEU A 87 -2.83 -1.13 0.43
N LYS A 88 -2.71 -0.69 1.68
CA LYS A 88 -3.91 -0.29 2.43
C LYS A 88 -4.03 1.23 2.46
N PHE A 89 -5.15 1.73 1.95
CA PHE A 89 -5.41 3.16 1.96
C PHE A 89 -6.48 3.46 3.00
N ALA A 90 -6.33 4.58 3.69
CA ALA A 90 -7.32 4.96 4.71
C ALA A 90 -7.39 6.47 4.87
N GLU A 91 -8.46 6.95 5.51
CA GLU A 91 -8.65 8.39 5.71
C GLU A 91 -9.37 8.66 7.02
N VAL A 92 -9.50 9.94 7.36
CA VAL A 92 -10.17 10.35 8.60
C VAL A 92 -10.84 11.72 8.44
N TYR A 93 -10.26 12.57 7.61
CA TYR A 93 -10.80 13.90 7.36
C TYR A 93 -11.56 13.96 6.03
N PHE A 94 -12.56 14.84 5.97
CA PHE A 94 -13.36 15.01 4.77
C PHE A 94 -14.13 13.73 4.42
N ALA A 95 -15.42 13.73 4.71
CA ALA A 95 -16.27 12.59 4.45
C ALA A 95 -17.13 12.82 3.21
N GLN A 96 -16.50 12.88 2.05
CA GLN A 96 -17.21 13.10 0.79
C GLN A 96 -16.77 12.13 -0.30
N SER A 97 -17.66 11.86 -1.23
CA SER A 97 -17.37 10.96 -2.35
C SER A 97 -17.20 11.73 -3.65
N GLN A 98 -16.62 11.07 -4.65
CA GLN A 98 -16.38 11.67 -5.97
C GLN A 98 -15.33 12.77 -5.90
N GLN A 99 -15.68 13.90 -5.29
CA GLN A 99 -14.77 15.04 -5.17
C GLN A 99 -13.39 14.59 -4.70
N LYS A 100 -13.35 13.54 -3.89
CA LYS A 100 -12.09 13.01 -3.38
C LYS A 100 -11.56 11.92 -4.31
N VAL A 101 -11.24 12.28 -5.54
CA VAL A 101 -10.73 11.33 -6.52
C VAL A 101 -9.25 11.59 -6.79
N PHE A 102 -8.45 10.52 -6.81
CA PHE A 102 -7.01 10.66 -7.04
C PHE A 102 -6.49 9.68 -8.08
N ASP A 103 -5.18 9.71 -8.35
CA ASP A 103 -4.60 8.79 -9.33
C ASP A 103 -3.43 8.00 -8.75
N VAL A 104 -3.32 6.73 -9.18
CA VAL A 104 -2.27 5.82 -8.70
C VAL A 104 -1.60 5.06 -9.86
N ARG A 105 -0.26 4.94 -9.78
CA ARG A 105 0.51 4.25 -10.83
C ARG A 105 1.59 3.34 -10.27
N VAL A 106 1.90 2.29 -11.05
CA VAL A 106 2.95 1.35 -10.71
C VAL A 106 4.08 1.47 -11.72
N ASN A 107 5.23 1.91 -11.25
CA ASN A 107 6.39 2.15 -12.10
C ASN A 107 6.04 3.20 -13.14
N GLY A 108 5.09 4.05 -12.77
CA GLY A 108 4.66 5.10 -13.64
C GLY A 108 3.48 4.69 -14.51
N HIS A 109 2.77 3.65 -14.10
CA HIS A 109 1.65 3.14 -14.87
C HIS A 109 0.33 3.19 -14.10
N THR A 110 -0.59 4.08 -14.51
CA THR A 110 -1.88 4.18 -13.82
C THR A 110 -2.60 2.86 -13.81
N VAL A 111 -3.15 2.53 -12.65
CA VAL A 111 -3.91 1.31 -12.48
C VAL A 111 -5.21 1.63 -11.76
N VAL A 112 -5.17 2.67 -10.92
CA VAL A 112 -6.37 3.10 -10.22
C VAL A 112 -6.49 4.60 -10.30
N LYS A 113 -7.17 5.08 -11.34
CA LYS A 113 -7.36 6.49 -11.51
C LYS A 113 -8.80 6.88 -11.24
N ASP A 114 -8.96 7.36 -10.03
CA ASP A 114 -10.24 7.80 -9.45
C ASP A 114 -10.29 7.32 -8.01
N LEU A 115 -9.12 7.28 -7.36
CA LEU A 115 -9.03 6.79 -5.99
C LEU A 115 -9.80 7.64 -5.00
N ASP A 116 -11.07 7.30 -4.81
CA ASP A 116 -11.92 7.94 -3.84
C ASP A 116 -12.11 6.98 -2.69
N ILE A 117 -11.17 7.02 -1.75
CA ILE A 117 -11.16 6.11 -0.61
C ILE A 117 -12.51 6.08 0.12
N PHE A 118 -13.12 7.24 0.31
CA PHE A 118 -14.40 7.32 1.01
C PHE A 118 -15.48 6.50 0.31
N ASP A 119 -15.62 6.70 -1.00
CA ASP A 119 -16.64 5.99 -1.77
C ASP A 119 -16.31 4.49 -1.90
N ARG A 120 -15.03 4.16 -1.85
CA ARG A 120 -14.60 2.76 -1.98
C ARG A 120 -15.11 1.89 -0.83
N VAL A 121 -14.74 2.24 0.40
CA VAL A 121 -15.17 1.46 1.56
C VAL A 121 -16.40 2.06 2.23
N GLY A 122 -16.45 3.38 2.33
CA GLY A 122 -17.57 4.04 2.96
C GLY A 122 -17.12 4.95 4.10
N HIS A 123 -17.25 4.47 5.32
CA HIS A 123 -16.84 5.25 6.49
C HIS A 123 -15.67 4.58 7.21
N SER A 124 -14.51 5.21 7.14
CA SER A 124 -13.30 4.68 7.77
C SER A 124 -12.94 3.30 7.20
N THR A 125 -12.82 2.31 8.08
CA THR A 125 -12.49 0.93 7.68
C THR A 125 -11.21 0.89 6.84
N ALA A 126 -10.87 -0.30 6.35
CA ALA A 126 -9.65 -0.49 5.55
C ALA A 126 -9.93 -0.64 4.05
N HIS A 127 -9.11 0.02 3.25
CA HIS A 127 -9.21 -0.08 1.79
C HIS A 127 -8.00 -0.86 1.28
N ASP A 128 -8.19 -1.68 0.25
CA ASP A 128 -7.08 -2.48 -0.25
C ASP A 128 -7.12 -2.66 -1.76
N GLU A 129 -6.01 -2.32 -2.42
CA GLU A 129 -5.88 -2.50 -3.85
C GLU A 129 -4.85 -3.59 -4.13
N ILE A 130 -5.26 -4.58 -4.92
CA ILE A 130 -4.40 -5.70 -5.29
C ILE A 130 -4.00 -5.57 -6.77
N ILE A 131 -2.71 -5.43 -7.03
CA ILE A 131 -2.23 -5.27 -8.40
C ILE A 131 -1.13 -6.28 -8.78
N PRO A 132 -1.49 -7.49 -9.28
CA PRO A 132 -0.49 -8.47 -9.71
C PRO A 132 0.36 -7.95 -10.88
N ILE A 133 1.63 -8.34 -10.91
CA ILE A 133 2.54 -7.90 -11.96
C ILE A 133 3.39 -9.07 -12.44
N SER A 134 3.93 -8.97 -13.66
CA SER A 134 4.77 -10.03 -14.21
C SER A 134 6.03 -9.47 -14.85
N ILE A 135 7.17 -9.71 -14.19
CA ILE A 135 8.46 -9.25 -14.69
C ILE A 135 9.28 -10.44 -15.20
N LYS A 136 9.77 -10.35 -16.43
CA LYS A 136 10.56 -11.44 -17.02
C LYS A 136 11.60 -10.89 -17.98
N LYS A 137 12.77 -11.52 -17.99
CA LYS A 137 13.87 -11.11 -18.86
C LYS A 137 14.30 -9.69 -18.56
N GLY A 138 13.89 -9.16 -17.41
CA GLY A 138 14.26 -7.81 -17.04
C GLY A 138 13.26 -6.76 -17.50
N LYS A 139 12.06 -7.19 -17.87
CA LYS A 139 11.04 -6.26 -18.32
C LYS A 139 9.79 -6.34 -17.44
N LEU A 140 8.97 -5.28 -17.46
CA LEU A 140 7.78 -5.23 -16.61
C LEU A 140 6.49 -5.27 -17.44
N SER A 141 5.52 -6.03 -16.94
CA SER A 141 4.23 -6.14 -17.59
C SER A 141 3.12 -5.79 -16.60
N VAL A 142 2.41 -4.70 -16.88
CA VAL A 142 1.34 -4.23 -15.99
C VAL A 142 -0.04 -4.38 -16.65
N GLN A 143 -0.74 -5.44 -16.28
CA GLN A 143 -2.07 -5.73 -16.80
C GLN A 143 -2.08 -5.92 -18.31
N GLY A 144 -2.21 -4.83 -19.06
CA GLY A 144 -2.25 -4.92 -20.51
C GLY A 144 -1.26 -3.98 -21.19
N GLU A 145 -0.31 -3.47 -20.43
CA GLU A 145 0.70 -2.56 -20.97
C GLU A 145 2.10 -3.07 -20.64
N VAL A 146 2.97 -3.06 -21.64
CA VAL A 146 4.34 -3.52 -21.46
C VAL A 146 5.32 -2.35 -21.41
N SER A 147 6.27 -2.43 -20.49
CA SER A 147 7.27 -1.39 -20.30
C SER A 147 8.47 -1.98 -19.56
N THR A 148 9.62 -1.93 -20.21
CA THR A 148 10.83 -2.49 -19.62
C THR A 148 11.11 -1.91 -18.23
N PHE A 149 11.68 -2.75 -17.37
CA PHE A 149 12.00 -2.38 -16.00
C PHE A 149 13.31 -1.57 -15.98
N THR A 150 13.38 -0.57 -15.10
CA THR A 150 14.57 0.27 -15.02
C THR A 150 14.95 0.61 -13.58
N GLY A 151 15.88 -0.17 -13.03
CA GLY A 151 16.38 0.07 -11.68
C GLY A 151 15.43 -0.29 -10.55
N LYS A 152 14.26 0.33 -10.50
CA LYS A 152 13.32 0.05 -9.41
C LYS A 152 11.87 0.25 -9.81
N LEU A 153 10.97 -0.28 -8.99
CA LEU A 153 9.53 -0.09 -9.24
C LEU A 153 9.15 1.26 -8.68
N SER A 154 8.39 2.04 -9.44
CA SER A 154 8.09 3.40 -9.02
C SER A 154 6.59 3.69 -8.87
N VAL A 155 6.13 3.75 -7.63
CA VAL A 155 4.71 4.04 -7.38
C VAL A 155 4.51 5.52 -7.16
N GLU A 156 3.59 6.12 -7.93
CA GLU A 156 3.33 7.55 -7.82
C GLU A 156 1.85 7.87 -7.86
N PHE A 157 1.37 8.63 -6.87
CA PHE A 157 -0.02 9.03 -6.85
C PHE A 157 -0.10 10.53 -7.10
N VAL A 158 -0.78 10.91 -8.17
CA VAL A 158 -0.89 12.32 -8.52
C VAL A 158 -2.12 12.96 -7.88
N LYS A 159 -1.95 14.21 -7.49
CA LYS A 159 -3.01 15.00 -6.86
C LYS A 159 -4.25 15.08 -7.74
N GLY A 160 -5.41 15.14 -7.10
CA GLY A 160 -6.66 15.24 -7.83
C GLY A 160 -7.61 16.23 -7.19
N TYR A 161 -7.24 16.72 -6.01
CA TYR A 161 -8.05 17.69 -5.29
C TYR A 161 -7.18 18.59 -4.41
N TYR A 162 -6.61 18.02 -3.36
CA TYR A 162 -5.74 18.76 -2.44
C TYR A 162 -5.16 17.83 -1.38
N ASP A 163 -6.03 17.27 -0.55
CA ASP A 163 -5.60 16.37 0.51
C ASP A 163 -5.41 14.96 -0.03
N ASN A 164 -4.30 14.77 -0.72
CA ASN A 164 -3.94 13.47 -1.28
C ASN A 164 -4.10 12.38 -0.22
N PRO A 165 -4.31 11.09 -0.63
CA PRO A 165 -4.46 9.99 0.32
C PRO A 165 -3.67 10.21 1.61
N LYS A 166 -4.37 10.62 2.65
CA LYS A 166 -3.76 10.92 3.93
C LYS A 166 -3.04 9.70 4.52
N VAL A 167 -3.68 8.52 4.50
CA VAL A 167 -3.06 7.32 5.05
C VAL A 167 -2.55 6.40 3.96
N CYS A 168 -1.31 5.92 4.11
CA CYS A 168 -0.73 5.03 3.12
C CYS A 168 -0.09 3.79 3.77
N ALA A 169 -0.34 2.64 3.16
CA ALA A 169 0.16 1.36 3.66
C ALA A 169 0.91 0.55 2.61
N LEU A 170 1.66 1.24 1.73
CA LEU A 170 2.44 0.56 0.70
C LEU A 170 2.96 -0.79 1.19
N PHE A 171 2.76 -1.84 0.38
CA PHE A 171 3.21 -3.18 0.76
C PHE A 171 3.53 -4.01 -0.49
N ILE A 172 4.83 -4.16 -0.81
CA ILE A 172 5.19 -4.96 -1.98
C ILE A 172 5.90 -6.27 -1.60
N MET A 173 5.39 -7.34 -2.18
CA MET A 173 5.91 -8.68 -1.96
C MET A 173 6.29 -9.32 -3.30
N LYS A 174 7.01 -10.44 -3.25
CA LYS A 174 7.47 -11.07 -4.48
C LYS A 174 6.95 -12.49 -4.75
N GLY A 175 6.91 -12.76 -6.04
CA GLY A 175 6.57 -14.05 -6.62
C GLY A 175 5.10 -14.36 -6.89
N THR A 176 4.15 -13.90 -6.06
CA THR A 176 2.72 -14.20 -6.31
C THR A 176 1.76 -13.65 -5.26
N ALA A 177 0.49 -13.53 -5.65
CA ALA A 177 -0.58 -13.07 -4.75
C ALA A 177 -1.15 -14.24 -3.97
N ASP A 178 -0.77 -15.45 -4.36
CA ASP A 178 -1.27 -16.67 -3.73
C ASP A 178 -0.97 -16.68 -2.23
N ASP A 179 0.25 -16.28 -1.89
CA ASP A 179 0.65 -16.26 -0.49
C ASP A 179 -0.19 -15.26 0.30
N VAL A 180 -0.42 -14.09 -0.30
CA VAL A 180 -1.23 -13.04 0.33
C VAL A 180 -2.55 -13.62 0.88
N PRO A 181 -2.66 -13.82 2.22
CA PRO A 181 -3.89 -14.37 2.82
C PRO A 181 -5.15 -13.63 2.36
N MET A 182 -6.25 -14.37 2.24
CA MET A 182 -7.51 -13.79 1.81
C MET A 182 -8.65 -14.20 2.75
N LEU A 183 -9.06 -13.27 3.60
CA LEU A 183 -10.14 -13.54 4.55
C LEU A 183 -11.38 -12.74 4.18
N GLN A 184 -12.42 -13.45 3.74
CA GLN A 184 -13.68 -12.80 3.35
C GLN A 184 -14.31 -12.08 4.55
N PRO A 185 -14.99 -10.92 4.34
CA PRO A 185 -15.63 -10.19 5.45
C PRO A 185 -16.38 -11.10 6.41
N HIS A 186 -16.10 -10.96 7.70
CA HIS A 186 -16.75 -11.76 8.73
C HIS A 186 -17.54 -10.87 9.69
N PRO A 187 -18.72 -11.31 10.19
CA PRO A 187 -19.52 -10.49 11.12
C PRO A 187 -18.85 -10.37 12.49
N GLY A 188 -19.22 -11.25 13.42
CA GLY A 188 -18.65 -11.21 14.74
C GLY A 188 -19.41 -10.31 15.68
N LEU A 189 -20.68 -10.08 15.38
CA LEU A 189 -21.53 -9.23 16.20
C LEU A 189 -22.43 -10.06 17.10
N GLU A 190 -22.61 -9.61 18.33
CA GLU A 190 -23.45 -10.33 19.30
C GLU A 190 -24.84 -9.70 19.35
N GLY A 1 -1.30 -25.16 12.75
CA GLY A 1 -2.23 -24.03 13.05
C GLY A 1 -2.45 -23.14 11.84
N ALA A 2 -1.35 -22.71 11.22
CA ALA A 2 -1.42 -21.84 10.05
C ALA A 2 -0.23 -22.07 9.13
N MET A 3 0.96 -21.80 9.65
CA MET A 3 2.20 -21.98 8.88
C MET A 3 2.17 -21.15 7.60
N SER A 4 2.63 -19.91 7.70
CA SER A 4 2.65 -19.01 6.55
C SER A 4 3.98 -18.26 6.46
N GLY A 5 4.69 -18.47 5.36
CA GLY A 5 5.97 -17.81 5.16
C GLY A 5 5.87 -16.59 4.28
N LEU A 6 4.99 -15.66 4.65
CA LEU A 6 4.80 -14.44 3.87
C LEU A 6 6.05 -13.57 3.92
N ALA A 7 6.60 -13.44 5.12
CA ALA A 7 7.82 -12.67 5.33
C ALA A 7 8.98 -13.17 4.48
N ASP A 8 8.87 -14.42 4.04
CA ASP A 8 9.92 -15.04 3.24
C ASP A 8 9.96 -14.48 1.82
N LYS A 9 8.89 -13.80 1.41
CA LYS A 9 8.84 -13.24 0.07
C LYS A 9 8.93 -11.72 0.09
N VAL A 10 8.51 -11.09 1.21
CA VAL A 10 8.59 -9.63 1.32
C VAL A 10 9.90 -9.09 0.78
N ILE A 11 9.86 -7.91 0.17
CA ILE A 11 11.09 -7.31 -0.33
C ILE A 11 11.11 -5.81 -0.08
N TRP A 12 9.95 -5.23 0.17
CA TRP A 12 9.86 -3.80 0.42
C TRP A 12 8.45 -3.41 0.87
N ALA A 13 8.34 -2.55 1.88
CA ALA A 13 7.03 -2.14 2.40
C ALA A 13 7.09 -0.85 3.22
N VAL A 14 6.07 0.02 3.09
CA VAL A 14 6.04 1.28 3.84
C VAL A 14 4.63 1.74 4.24
N ASN A 15 4.48 2.16 5.50
CA ASN A 15 3.20 2.71 5.94
C ASN A 15 3.36 4.17 6.34
N ALA A 16 3.07 5.06 5.39
CA ALA A 16 3.16 6.48 5.65
C ALA A 16 2.11 6.85 6.67
N GLY A 17 2.56 7.08 7.90
CA GLY A 17 1.68 7.44 8.98
C GLY A 17 2.22 7.11 10.35
N GLY A 18 2.86 5.95 10.47
CA GLY A 18 3.40 5.53 11.74
C GLY A 18 4.91 5.54 11.79
N GLU A 19 5.49 4.48 12.34
CA GLU A 19 6.93 4.37 12.44
C GLU A 19 7.34 2.91 12.66
N SER A 20 8.14 2.39 11.72
CA SER A 20 8.64 1.01 11.78
C SER A 20 7.62 0.05 12.39
N HIS A 21 6.82 -0.62 11.56
CA HIS A 21 5.83 -1.56 12.07
C HIS A 21 6.09 -2.99 11.63
N VAL A 22 5.66 -3.94 12.44
CA VAL A 22 5.80 -5.34 12.14
C VAL A 22 4.44 -6.03 12.23
N ASP A 23 3.86 -6.30 11.06
CA ASP A 23 2.55 -6.94 10.99
C ASP A 23 2.66 -8.40 11.38
N VAL A 24 1.58 -8.94 11.96
CA VAL A 24 1.53 -10.32 12.44
C VAL A 24 2.16 -11.32 11.47
N HIS A 25 1.81 -11.25 10.19
CA HIS A 25 2.36 -12.18 9.21
C HIS A 25 3.87 -12.08 9.16
N GLY A 26 4.37 -10.93 9.58
CA GLY A 26 5.80 -10.70 9.60
C GLY A 26 6.24 -9.73 8.54
N ILE A 27 5.39 -8.74 8.26
CA ILE A 27 5.72 -7.73 7.25
C ILE A 27 6.13 -6.44 7.95
N HIS A 28 7.31 -5.93 7.62
CA HIS A 28 7.85 -4.74 8.29
C HIS A 28 7.90 -3.48 7.44
N TYR A 29 7.38 -2.38 8.00
CA TYR A 29 7.43 -1.07 7.33
C TYR A 29 8.62 -0.29 7.88
N ARG A 30 9.39 0.33 7.00
CA ARG A 30 10.58 1.07 7.39
C ARG A 30 10.29 2.57 7.57
N LYS A 31 10.24 2.99 8.83
CA LYS A 31 10.02 4.38 9.26
C LYS A 31 10.31 5.43 8.19
N ASP A 32 9.37 6.40 8.08
CA ASP A 32 9.46 7.55 7.15
C ASP A 32 10.77 7.57 6.34
N PRO A 33 10.81 6.86 5.20
CA PRO A 33 12.01 6.79 4.35
C PRO A 33 11.98 7.65 3.07
N LEU A 34 10.85 8.26 2.73
CA LEU A 34 10.78 9.06 1.48
C LEU A 34 10.51 10.54 1.71
N GLU A 35 9.85 10.90 2.81
CA GLU A 35 9.58 12.30 3.10
C GLU A 35 10.78 12.94 3.79
N GLY A 36 11.89 13.05 3.07
CA GLY A 36 13.09 13.62 3.65
C GLY A 36 13.84 12.59 4.47
N ARG A 37 13.28 11.37 4.51
CA ARG A 37 13.84 10.25 5.25
C ARG A 37 14.35 10.70 6.62
N VAL A 38 13.40 11.03 7.49
CA VAL A 38 13.71 11.47 8.85
C VAL A 38 12.65 10.95 9.82
N GLY A 39 12.83 11.25 11.10
CA GLY A 39 11.88 10.80 12.11
C GLY A 39 10.49 11.40 11.91
N ARG A 40 9.77 11.55 13.01
CA ARG A 40 8.41 12.11 12.99
C ARG A 40 7.42 11.17 12.31
N ALA A 41 6.18 11.19 12.79
CA ALA A 41 5.11 10.37 12.24
C ALA A 41 3.83 11.18 12.10
N SER A 42 3.75 12.27 12.85
CA SER A 42 2.58 13.15 12.82
C SER A 42 1.29 12.33 12.97
N ASP A 43 1.12 11.74 14.15
CA ASP A 43 -0.06 10.94 14.45
C ASP A 43 -1.18 11.81 15.00
N TYR A 44 -1.42 12.95 14.36
CA TYR A 44 -2.47 13.87 14.79
C TYR A 44 -3.82 13.18 14.77
N GLY A 45 -4.22 12.71 13.60
CA GLY A 45 -5.50 12.02 13.47
C GLY A 45 -5.38 10.56 13.86
N MET A 46 -4.73 10.30 14.99
CA MET A 46 -4.52 8.95 15.47
C MET A 46 -5.85 8.25 15.72
N LYS A 47 -6.92 9.03 15.82
CA LYS A 47 -8.25 8.49 16.05
C LYS A 47 -8.76 7.75 14.81
N LEU A 48 -10.01 7.31 14.87
CA LEU A 48 -10.63 6.59 13.76
C LEU A 48 -9.89 5.28 13.47
N PRO A 49 -9.83 4.37 14.45
CA PRO A 49 -9.15 3.08 14.28
C PRO A 49 -9.82 2.21 13.21
N ILE A 50 -9.02 1.69 12.29
CA ILE A 50 -9.55 0.83 11.22
C ILE A 50 -10.19 -0.41 11.82
N LEU A 51 -11.29 -0.86 11.20
CA LEU A 51 -12.06 -2.01 11.68
C LEU A 51 -11.65 -3.32 11.01
N ARG A 52 -11.55 -3.32 9.69
CA ARG A 52 -11.22 -4.54 8.94
C ARG A 52 -9.75 -4.94 9.07
N SER A 53 -9.15 -4.71 10.24
CA SER A 53 -7.75 -5.10 10.45
C SER A 53 -7.47 -5.44 11.92
N ASN A 54 -6.35 -6.12 12.15
CA ASN A 54 -5.93 -6.50 13.49
C ASN A 54 -5.29 -5.29 14.18
N PRO A 55 -5.39 -5.14 15.53
CA PRO A 55 -4.81 -3.99 16.26
C PRO A 55 -3.42 -3.56 15.76
N GLU A 56 -2.47 -4.48 15.80
CA GLU A 56 -1.11 -4.17 15.37
C GLU A 56 -1.09 -3.69 13.91
N ASP A 57 -1.60 -4.52 13.03
CA ASP A 57 -1.61 -4.18 11.63
C ASP A 57 -2.58 -3.04 11.38
N GLN A 58 -3.38 -2.69 12.39
CA GLN A 58 -4.30 -1.57 12.28
C GLN A 58 -3.44 -0.34 12.11
N VAL A 59 -2.41 -0.27 12.94
CA VAL A 59 -1.46 0.82 12.88
C VAL A 59 -0.89 0.90 11.47
N LEU A 60 -0.44 -0.25 10.97
CA LEU A 60 0.14 -0.32 9.61
C LEU A 60 -0.93 -0.10 8.54
N TYR A 61 -2.18 -0.08 8.96
CA TYR A 61 -3.33 0.09 8.06
C TYR A 61 -4.17 1.30 8.47
N GLN A 62 -3.59 2.19 9.27
CA GLN A 62 -4.33 3.36 9.75
C GLN A 62 -3.49 4.64 9.79
N THR A 63 -2.56 4.70 10.74
CA THR A 63 -1.69 5.88 10.92
C THR A 63 -1.46 6.69 9.64
N GLU A 64 -1.45 8.04 9.78
CA GLU A 64 -1.26 8.96 8.65
C GLU A 64 -0.18 10.01 8.97
N ARG A 65 0.52 10.48 7.95
CA ARG A 65 1.55 11.51 8.12
C ARG A 65 1.45 12.57 7.02
N TYR A 66 1.60 13.83 7.40
CA TYR A 66 1.52 14.94 6.45
C TYR A 66 2.80 15.08 5.64
N ASN A 67 2.66 15.43 4.36
CA ASN A 67 3.82 15.61 3.49
C ASN A 67 3.70 16.91 2.67
N GLU A 68 3.08 16.82 1.48
CA GLU A 68 2.90 18.00 0.63
C GLU A 68 2.07 17.67 -0.62
N ASP A 69 2.73 17.37 -1.73
CA ASP A 69 2.05 17.04 -2.99
C ASP A 69 2.95 16.21 -3.89
N SER A 70 2.34 15.36 -4.73
CA SER A 70 3.12 14.51 -5.64
C SER A 70 4.22 13.80 -4.88
N PHE A 71 3.87 12.72 -4.21
CA PHE A 71 4.86 11.98 -3.44
C PHE A 71 4.68 10.48 -3.65
N GLY A 72 5.78 9.73 -3.50
CA GLY A 72 5.71 8.30 -3.69
C GLY A 72 6.87 7.54 -3.11
N TYR A 73 7.12 6.37 -3.70
CA TYR A 73 8.19 5.51 -3.24
C TYR A 73 9.01 4.92 -4.39
N ASP A 74 10.25 4.58 -4.06
CA ASP A 74 11.19 4.01 -5.03
C ASP A 74 11.61 2.61 -4.58
N ILE A 75 11.09 1.58 -5.26
CA ILE A 75 11.41 0.20 -4.91
C ILE A 75 12.39 -0.43 -5.90
N PRO A 76 13.66 -0.71 -5.51
CA PRO A 76 14.62 -1.34 -6.42
C PRO A 76 14.41 -2.84 -6.53
N ILE A 77 14.41 -3.35 -7.76
CA ILE A 77 14.22 -4.78 -7.99
C ILE A 77 15.41 -5.40 -8.71
N LYS A 78 15.66 -6.67 -8.41
CA LYS A 78 16.77 -7.40 -9.04
C LYS A 78 16.36 -8.82 -9.38
N GLU A 79 15.14 -9.21 -9.01
CA GLU A 79 14.65 -10.55 -9.29
C GLU A 79 13.38 -10.50 -10.13
N GLU A 80 12.91 -11.66 -10.56
CA GLU A 80 11.69 -11.73 -11.36
C GLU A 80 10.65 -12.64 -10.73
N GLY A 81 9.50 -12.71 -11.37
CA GLY A 81 8.40 -13.51 -10.89
C GLY A 81 7.14 -12.66 -10.87
N GLU A 82 6.12 -13.06 -10.13
CA GLU A 82 4.92 -12.23 -10.10
C GLU A 82 4.96 -11.31 -8.90
N TYR A 83 5.11 -10.01 -9.16
CA TYR A 83 5.19 -9.07 -8.06
C TYR A 83 3.84 -8.48 -7.78
N VAL A 84 3.44 -8.60 -6.54
CA VAL A 84 2.13 -8.15 -6.13
C VAL A 84 2.21 -6.97 -5.19
N LEU A 85 1.66 -5.87 -5.65
CA LEU A 85 1.65 -4.64 -4.88
C LEU A 85 0.39 -4.54 -4.04
N VAL A 86 0.55 -4.78 -2.75
CA VAL A 86 -0.56 -4.70 -1.81
C VAL A 86 -0.44 -3.40 -1.03
N LEU A 87 -1.45 -2.57 -1.14
CA LEU A 87 -1.42 -1.29 -0.44
C LEU A 87 -2.74 -1.03 0.26
N LYS A 88 -2.67 -0.59 1.51
CA LYS A 88 -3.90 -0.26 2.24
C LYS A 88 -4.06 1.25 2.33
N PHE A 89 -5.17 1.75 1.79
CA PHE A 89 -5.44 3.18 1.83
C PHE A 89 -6.52 3.42 2.88
N ALA A 90 -6.39 4.48 3.66
CA ALA A 90 -7.38 4.74 4.71
C ALA A 90 -7.58 6.25 4.96
N GLU A 91 -8.60 6.54 5.78
CA GLU A 91 -8.97 7.91 6.16
C GLU A 91 -9.81 8.59 5.09
N VAL A 92 -10.84 9.31 5.55
CA VAL A 92 -11.75 10.03 4.66
C VAL A 92 -12.23 11.30 5.33
N TYR A 93 -11.50 12.39 5.10
CA TYR A 93 -11.84 13.69 5.68
C TYR A 93 -13.29 14.07 5.39
N PHE A 94 -13.62 14.20 4.11
CA PHE A 94 -14.96 14.58 3.70
C PHE A 94 -15.75 13.36 3.21
N ALA A 95 -17.04 13.34 3.54
CA ALA A 95 -17.91 12.23 3.14
C ALA A 95 -18.49 12.44 1.75
N GLN A 96 -17.70 12.12 0.72
CA GLN A 96 -18.15 12.26 -0.65
C GLN A 96 -17.36 11.33 -1.58
N SER A 97 -17.93 11.05 -2.74
CA SER A 97 -17.30 10.17 -3.71
C SER A 97 -16.54 10.95 -4.79
N GLN A 98 -17.28 11.52 -5.73
CA GLN A 98 -16.67 12.28 -6.82
C GLN A 98 -16.23 13.67 -6.37
N GLN A 99 -15.29 13.71 -5.44
CA GLN A 99 -14.76 14.97 -4.93
C GLN A 99 -13.28 14.79 -4.62
N LYS A 100 -12.97 13.72 -3.91
CA LYS A 100 -11.59 13.41 -3.56
C LYS A 100 -11.10 12.24 -4.43
N VAL A 101 -10.75 12.57 -5.67
CA VAL A 101 -10.28 11.59 -6.63
C VAL A 101 -8.80 11.77 -6.88
N PHE A 102 -8.01 10.77 -6.46
CA PHE A 102 -6.57 10.83 -6.59
C PHE A 102 -6.04 9.98 -7.74
N ASP A 103 -4.73 10.06 -7.96
CA ASP A 103 -4.09 9.29 -9.01
C ASP A 103 -3.00 8.38 -8.45
N VAL A 104 -2.92 7.16 -8.98
CA VAL A 104 -1.92 6.20 -8.53
C VAL A 104 -1.23 5.50 -9.70
N ARG A 105 0.11 5.61 -9.71
CA ARG A 105 0.94 5.02 -10.76
C ARG A 105 1.90 3.96 -10.24
N VAL A 106 2.21 3.01 -11.11
CA VAL A 106 3.11 1.89 -10.82
C VAL A 106 4.22 1.84 -11.87
N ASN A 107 5.43 2.17 -11.46
CA ASN A 107 6.56 2.24 -12.38
C ASN A 107 6.22 3.20 -13.49
N GLY A 108 5.33 4.14 -13.18
CA GLY A 108 4.90 5.13 -14.15
C GLY A 108 3.64 4.72 -14.87
N HIS A 109 2.95 3.72 -14.34
CA HIS A 109 1.74 3.22 -14.97
C HIS A 109 0.47 3.49 -14.13
N THR A 110 -0.41 4.38 -14.60
CA THR A 110 -1.65 4.66 -13.87
C THR A 110 -2.57 3.47 -13.92
N VAL A 111 -2.76 2.85 -12.77
CA VAL A 111 -3.63 1.70 -12.67
C VAL A 111 -4.91 2.08 -11.95
N VAL A 112 -4.81 3.07 -11.06
CA VAL A 112 -6.00 3.54 -10.36
C VAL A 112 -6.03 5.05 -10.35
N LYS A 113 -6.66 5.64 -11.38
CA LYS A 113 -6.75 7.07 -11.48
C LYS A 113 -8.17 7.56 -11.26
N ASP A 114 -8.47 7.72 -9.99
CA ASP A 114 -9.77 8.17 -9.49
C ASP A 114 -9.98 7.59 -8.11
N LEU A 115 -8.89 7.52 -7.35
CA LEU A 115 -8.95 6.93 -6.02
C LEU A 115 -9.86 7.67 -5.07
N ASP A 116 -11.12 7.27 -5.06
CA ASP A 116 -12.11 7.81 -4.15
C ASP A 116 -12.30 6.80 -3.02
N ILE A 117 -11.43 6.87 -2.02
CA ILE A 117 -11.44 5.92 -0.91
C ILE A 117 -12.84 5.79 -0.30
N PHE A 118 -13.62 6.86 -0.36
CA PHE A 118 -14.98 6.85 0.19
C PHE A 118 -15.90 5.95 -0.62
N ASP A 119 -15.80 6.05 -1.94
CA ASP A 119 -16.64 5.24 -2.84
C ASP A 119 -16.25 3.76 -2.79
N ARG A 120 -15.00 3.48 -2.48
CA ARG A 120 -14.51 2.11 -2.43
C ARG A 120 -15.06 1.33 -1.23
N VAL A 121 -14.80 1.83 -0.02
CA VAL A 121 -15.26 1.15 1.19
C VAL A 121 -16.58 1.71 1.70
N GLY A 122 -16.70 3.04 1.65
CA GLY A 122 -17.92 3.67 2.14
C GLY A 122 -17.64 4.58 3.33
N HIS A 123 -17.76 4.03 4.53
CA HIS A 123 -17.51 4.81 5.74
C HIS A 123 -16.29 4.27 6.50
N SER A 124 -15.21 5.04 6.49
CA SER A 124 -13.98 4.67 7.18
C SER A 124 -13.53 3.25 6.79
N THR A 125 -13.27 2.41 7.80
CA THR A 125 -12.82 1.03 7.57
C THR A 125 -11.52 1.00 6.76
N ALA A 126 -11.18 -0.18 6.23
CA ALA A 126 -9.95 -0.34 5.47
C ALA A 126 -10.18 -0.52 3.98
N HIS A 127 -9.33 0.12 3.18
CA HIS A 127 -9.39 0.00 1.73
C HIS A 127 -8.19 -0.81 1.24
N ASP A 128 -8.36 -1.55 0.16
CA ASP A 128 -7.27 -2.38 -0.34
C ASP A 128 -7.22 -2.45 -1.86
N GLU A 129 -6.06 -2.15 -2.41
CA GLU A 129 -5.85 -2.22 -3.83
C GLU A 129 -4.72 -3.20 -4.14
N ILE A 130 -5.06 -4.29 -4.83
CA ILE A 130 -4.10 -5.32 -5.19
C ILE A 130 -3.77 -5.23 -6.68
N ILE A 131 -2.48 -5.15 -6.99
CA ILE A 131 -2.05 -5.04 -8.37
C ILE A 131 -1.03 -6.12 -8.75
N PRO A 132 -1.48 -7.32 -9.19
CA PRO A 132 -0.57 -8.39 -9.62
C PRO A 132 0.26 -7.97 -10.83
N ILE A 133 1.53 -8.34 -10.83
CA ILE A 133 2.43 -7.98 -11.92
C ILE A 133 3.24 -9.19 -12.38
N SER A 134 3.69 -9.15 -13.63
CA SER A 134 4.49 -10.24 -14.18
C SER A 134 5.79 -9.71 -14.76
N ILE A 135 6.89 -10.00 -14.07
CA ILE A 135 8.21 -9.58 -14.51
C ILE A 135 9.03 -10.79 -14.93
N LYS A 136 9.51 -10.79 -16.17
CA LYS A 136 10.29 -11.90 -16.70
C LYS A 136 11.33 -11.40 -17.70
N LYS A 137 12.50 -12.02 -17.68
CA LYS A 137 13.59 -11.64 -18.58
C LYS A 137 14.05 -10.22 -18.32
N GLY A 138 13.52 -9.62 -17.24
CA GLY A 138 13.90 -8.26 -16.90
C GLY A 138 12.93 -7.23 -17.43
N LYS A 139 11.70 -7.65 -17.74
CA LYS A 139 10.70 -6.73 -18.26
C LYS A 139 9.47 -6.70 -17.35
N LEU A 140 8.71 -5.61 -17.40
CA LEU A 140 7.54 -5.44 -16.53
C LEU A 140 6.24 -5.41 -17.32
N SER A 141 5.27 -6.20 -16.88
CA SER A 141 3.96 -6.25 -17.51
C SER A 141 2.89 -5.91 -16.49
N VAL A 142 2.27 -4.74 -16.64
CA VAL A 142 1.24 -4.28 -15.71
C VAL A 142 -0.16 -4.45 -16.32
N GLN A 143 -0.90 -5.43 -15.78
CA GLN A 143 -2.25 -5.72 -16.25
C GLN A 143 -2.31 -5.96 -17.76
N GLY A 144 -2.55 -4.89 -18.52
CA GLY A 144 -2.65 -5.03 -19.97
C GLY A 144 -1.72 -4.10 -20.73
N GLU A 145 -0.51 -3.91 -20.20
CA GLU A 145 0.47 -3.05 -20.86
C GLU A 145 1.88 -3.58 -20.62
N VAL A 146 2.69 -3.57 -21.68
CA VAL A 146 4.05 -4.06 -21.59
C VAL A 146 5.05 -2.91 -21.58
N SER A 147 6.03 -2.99 -20.70
CA SER A 147 7.05 -1.95 -20.56
C SER A 147 8.23 -2.52 -19.80
N THR A 148 9.40 -2.50 -20.41
CA THR A 148 10.59 -3.03 -19.79
C THR A 148 10.78 -2.45 -18.38
N PHE A 149 11.40 -3.24 -17.50
CA PHE A 149 11.64 -2.83 -16.14
C PHE A 149 12.81 -1.87 -16.06
N THR A 150 12.56 -0.68 -15.51
CA THR A 150 13.60 0.31 -15.34
C THR A 150 14.47 -0.11 -14.16
N GLY A 151 15.37 0.73 -13.71
CA GLY A 151 16.20 0.33 -12.59
C GLY A 151 15.44 0.23 -11.29
N LYS A 152 14.21 0.74 -11.27
CA LYS A 152 13.41 0.70 -10.04
C LYS A 152 11.91 0.88 -10.33
N LEU A 153 11.08 0.30 -9.46
CA LEU A 153 9.63 0.45 -9.58
C LEU A 153 9.24 1.73 -8.88
N SER A 154 8.18 2.40 -9.34
CA SER A 154 7.83 3.67 -8.70
C SER A 154 6.33 3.86 -8.50
N VAL A 155 5.91 3.92 -7.24
CA VAL A 155 4.51 4.14 -6.96
C VAL A 155 4.29 5.61 -6.64
N GLU A 156 3.86 6.36 -7.65
CA GLU A 156 3.66 7.79 -7.49
C GLU A 156 2.19 8.15 -7.49
N PHE A 157 1.78 8.97 -6.52
CA PHE A 157 0.41 9.40 -6.43
C PHE A 157 0.34 10.91 -6.43
N VAL A 158 -0.52 11.43 -7.31
CA VAL A 158 -0.70 12.86 -7.47
C VAL A 158 -1.97 13.36 -6.79
N LYS A 159 -1.88 14.57 -6.24
CA LYS A 159 -2.99 15.20 -5.54
C LYS A 159 -4.27 15.19 -6.38
N GLY A 160 -5.40 15.11 -5.71
CA GLY A 160 -6.68 15.11 -6.40
C GLY A 160 -7.53 16.28 -5.98
N TYR A 161 -7.09 16.96 -4.93
CA TYR A 161 -7.80 18.13 -4.40
C TYR A 161 -6.89 18.94 -3.49
N TYR A 162 -6.40 18.29 -2.43
CA TYR A 162 -5.51 18.95 -1.47
C TYR A 162 -5.03 17.95 -0.41
N ASP A 163 -5.86 16.94 -0.13
CA ASP A 163 -5.53 15.94 0.88
C ASP A 163 -4.79 14.76 0.28
N ASN A 164 -3.81 15.07 -0.55
CA ASN A 164 -2.98 14.04 -1.14
C ASN A 164 -2.38 13.18 -0.03
N PRO A 165 -1.90 13.79 1.10
CA PRO A 165 -1.37 13.05 2.26
C PRO A 165 -2.44 12.17 2.91
N LYS A 166 -2.79 11.09 2.22
CA LYS A 166 -3.78 10.16 2.74
C LYS A 166 -3.07 8.98 3.39
N VAL A 167 -3.79 8.17 4.17
CA VAL A 167 -3.14 7.05 4.84
C VAL A 167 -2.58 6.08 3.82
N CYS A 168 -1.34 5.68 4.02
CA CYS A 168 -0.70 4.76 3.08
C CYS A 168 -0.06 3.59 3.79
N ALA A 169 -0.36 2.40 3.28
CA ALA A 169 0.15 1.15 3.83
C ALA A 169 0.89 0.34 2.79
N LEU A 170 1.63 1.03 1.93
CA LEU A 170 2.44 0.39 0.90
C LEU A 170 2.98 -0.94 1.40
N PHE A 171 2.88 -1.98 0.57
CA PHE A 171 3.35 -3.31 0.94
C PHE A 171 3.61 -4.16 -0.29
N ILE A 172 4.87 -4.22 -0.77
CA ILE A 172 5.16 -5.06 -1.93
C ILE A 172 5.91 -6.34 -1.57
N MET A 173 5.36 -7.43 -2.07
CA MET A 173 5.90 -8.75 -1.87
C MET A 173 6.15 -9.37 -3.25
N LYS A 174 7.05 -10.35 -3.34
CA LYS A 174 7.37 -10.90 -4.63
C LYS A 174 7.02 -12.38 -4.81
N GLY A 175 6.72 -12.69 -6.07
CA GLY A 175 6.45 -14.01 -6.55
C GLY A 175 4.98 -14.36 -6.81
N THR A 176 4.02 -13.82 -6.04
CA THR A 176 2.59 -14.15 -6.28
C THR A 176 1.61 -13.50 -5.30
N ALA A 177 0.35 -13.38 -5.76
CA ALA A 177 -0.73 -12.85 -4.94
C ALA A 177 -1.39 -13.97 -4.13
N ASP A 178 -1.23 -15.20 -4.62
CA ASP A 178 -1.82 -16.37 -3.96
C ASP A 178 -1.26 -16.57 -2.56
N ASP A 179 0.04 -16.30 -2.40
CA ASP A 179 0.68 -16.47 -1.11
C ASP A 179 -0.04 -15.64 -0.04
N VAL A 180 -0.46 -14.43 -0.41
CA VAL A 180 -1.18 -13.54 0.51
C VAL A 180 -2.25 -14.32 1.30
N PRO A 181 -2.00 -14.67 2.58
CA PRO A 181 -2.99 -15.41 3.40
C PRO A 181 -4.36 -14.76 3.37
N MET A 182 -5.40 -15.59 3.40
CA MET A 182 -6.78 -15.10 3.38
C MET A 182 -7.64 -15.86 4.38
N LEU A 183 -7.75 -15.31 5.60
CA LEU A 183 -8.55 -15.93 6.65
C LEU A 183 -9.39 -14.89 7.37
N GLN A 184 -10.71 -15.02 7.27
CA GLN A 184 -11.63 -14.11 7.93
C GLN A 184 -11.37 -14.07 9.43
N PRO A 185 -11.65 -12.94 10.12
CA PRO A 185 -11.43 -12.84 11.57
C PRO A 185 -12.31 -13.80 12.36
N HIS A 186 -11.68 -14.63 13.18
CA HIS A 186 -12.41 -15.60 13.98
C HIS A 186 -11.91 -15.57 15.45
N PRO A 187 -12.81 -15.43 16.45
CA PRO A 187 -12.40 -15.40 17.86
C PRO A 187 -12.22 -16.81 18.42
N GLY A 188 -12.31 -16.93 19.74
CA GLY A 188 -12.19 -18.24 20.36
C GLY A 188 -12.24 -18.18 21.87
N LEU A 189 -12.58 -19.30 22.49
CA LEU A 189 -12.67 -19.38 23.95
C LEU A 189 -11.34 -19.84 24.55
N GLU A 190 -11.05 -19.36 25.76
CA GLU A 190 -9.82 -19.73 26.44
C GLU A 190 -10.05 -19.85 27.94
N GLY A 1 -1.90 -26.40 2.95
CA GLY A 1 -2.16 -24.95 3.06
C GLY A 1 -1.86 -24.41 4.44
N ALA A 2 -0.85 -24.98 5.09
CA ALA A 2 -0.45 -24.55 6.43
C ALA A 2 0.99 -24.08 6.44
N MET A 3 1.54 -23.85 5.25
CA MET A 3 2.91 -23.39 5.12
C MET A 3 3.11 -22.02 5.77
N SER A 4 2.35 -21.04 5.32
CA SER A 4 2.43 -19.68 5.87
C SER A 4 3.86 -19.15 5.80
N GLY A 5 4.19 -18.52 4.67
CA GLY A 5 5.52 -17.97 4.49
C GLY A 5 5.52 -16.66 3.72
N LEU A 6 4.66 -15.74 4.15
CA LEU A 6 4.55 -14.44 3.49
C LEU A 6 5.82 -13.63 3.74
N ALA A 7 6.23 -13.57 5.00
CA ALA A 7 7.43 -12.86 5.41
C ALA A 7 8.64 -13.32 4.60
N ASP A 8 8.55 -14.52 4.03
CA ASP A 8 9.65 -15.08 3.25
C ASP A 8 9.72 -14.49 1.84
N LYS A 9 8.62 -13.94 1.35
CA LYS A 9 8.60 -13.37 0.01
C LYS A 9 8.77 -11.86 0.04
N VAL A 10 8.38 -11.23 1.16
CA VAL A 10 8.50 -9.78 1.30
C VAL A 10 9.85 -9.27 0.82
N ILE A 11 9.87 -8.06 0.27
CA ILE A 11 11.13 -7.49 -0.19
C ILE A 11 11.21 -6.02 0.15
N TRP A 12 10.05 -5.39 0.35
CA TRP A 12 10.03 -3.96 0.65
C TRP A 12 8.60 -3.52 0.99
N ALA A 13 8.44 -2.76 2.08
CA ALA A 13 7.11 -2.30 2.50
C ALA A 13 7.18 -0.97 3.24
N VAL A 14 6.17 -0.11 3.05
CA VAL A 14 6.16 1.19 3.72
C VAL A 14 4.76 1.71 4.08
N ASN A 15 4.56 2.06 5.35
CA ASN A 15 3.28 2.63 5.76
C ASN A 15 3.48 4.06 6.22
N ALA A 16 3.14 5.01 5.34
CA ALA A 16 3.27 6.40 5.67
C ALA A 16 2.20 6.77 6.69
N GLY A 17 2.65 6.91 7.95
CA GLY A 17 1.75 7.24 9.01
C GLY A 17 2.35 7.07 10.40
N GLY A 18 3.01 5.93 10.61
CA GLY A 18 3.60 5.66 11.92
C GLY A 18 5.11 5.56 11.87
N GLU A 19 5.64 4.42 12.33
CA GLU A 19 7.08 4.20 12.35
C GLU A 19 7.42 2.73 12.54
N SER A 20 8.13 2.17 11.55
CA SER A 20 8.57 0.78 11.56
C SER A 20 7.57 -0.18 12.22
N HIS A 21 6.78 -0.88 11.40
CA HIS A 21 5.81 -1.84 11.98
C HIS A 21 5.88 -3.21 11.33
N VAL A 22 5.76 -4.24 12.15
CA VAL A 22 5.78 -5.62 11.67
C VAL A 22 4.44 -6.29 11.89
N ASP A 23 3.69 -6.41 10.80
CA ASP A 23 2.37 -7.05 10.83
C ASP A 23 2.51 -8.51 11.22
N VAL A 24 1.42 -9.07 11.75
CA VAL A 24 1.40 -10.47 12.20
C VAL A 24 2.06 -11.44 11.21
N HIS A 25 1.68 -11.36 9.93
CA HIS A 25 2.25 -12.26 8.93
C HIS A 25 3.76 -12.10 8.86
N GLY A 26 4.23 -10.97 9.39
CA GLY A 26 5.65 -10.68 9.41
C GLY A 26 6.05 -9.68 8.34
N ILE A 27 5.16 -8.72 8.06
CA ILE A 27 5.45 -7.71 7.05
C ILE A 27 5.82 -6.38 7.71
N HIS A 28 7.09 -5.99 7.54
CA HIS A 28 7.64 -4.77 8.16
C HIS A 28 7.68 -3.55 7.24
N TYR A 29 7.26 -2.41 7.80
CA TYR A 29 7.28 -1.12 7.09
C TYR A 29 8.49 -0.33 7.57
N ARG A 30 9.20 0.27 6.61
CA ARG A 30 10.42 1.05 6.90
C ARG A 30 10.10 2.51 7.23
N LYS A 31 10.32 2.87 8.49
CA LYS A 31 10.12 4.23 9.00
C LYS A 31 10.19 5.31 7.93
N ASP A 32 9.23 6.24 8.02
CA ASP A 32 9.08 7.41 7.13
C ASP A 32 10.29 7.62 6.21
N PRO A 33 10.34 6.92 5.05
CA PRO A 33 11.43 7.04 4.09
C PRO A 33 11.06 7.87 2.85
N LEU A 34 9.96 8.62 2.91
CA LEU A 34 9.53 9.41 1.76
C LEU A 34 9.23 10.87 2.15
N GLU A 35 8.63 11.08 3.32
CA GLU A 35 8.31 12.42 3.78
C GLU A 35 9.51 13.01 4.52
N GLY A 36 10.36 13.72 3.79
CA GLY A 36 11.53 14.31 4.39
C GLY A 36 12.58 13.25 4.67
N ARG A 37 12.23 12.01 4.35
CA ARG A 37 13.12 10.86 4.55
C ARG A 37 13.83 10.94 5.90
N VAL A 38 13.05 11.19 6.95
CA VAL A 38 13.58 11.30 8.31
C VAL A 38 12.58 10.73 9.30
N GLY A 39 12.97 10.68 10.58
CA GLY A 39 12.09 10.15 11.60
C GLY A 39 11.22 11.20 12.25
N ARG A 40 9.90 11.04 12.12
CA ARG A 40 8.94 11.98 12.71
C ARG A 40 7.65 11.27 13.09
N ALA A 41 7.10 10.51 12.13
CA ALA A 41 5.85 9.75 12.34
C ALA A 41 4.65 10.68 12.40
N SER A 42 4.56 11.50 13.44
CA SER A 42 3.46 12.44 13.61
C SER A 42 2.14 11.68 13.76
N ASP A 43 2.08 10.79 14.73
CA ASP A 43 0.87 10.00 14.99
C ASP A 43 -0.17 10.84 15.73
N TYR A 44 -0.80 11.76 15.02
CA TYR A 44 -1.82 12.63 15.60
C TYR A 44 -3.04 11.83 16.03
N GLY A 45 -2.98 11.27 17.24
CA GLY A 45 -4.09 10.49 17.74
C GLY A 45 -4.24 9.15 17.03
N MET A 46 -4.02 8.07 17.77
CA MET A 46 -4.15 6.72 17.21
C MET A 46 -5.61 6.30 17.22
N LYS A 47 -6.45 7.20 17.71
CA LYS A 47 -7.88 6.97 17.80
C LYS A 47 -8.47 6.63 16.43
N LEU A 48 -9.77 6.33 16.41
CA LEU A 48 -10.44 5.95 15.16
C LEU A 48 -9.70 4.78 14.50
N PRO A 49 -9.52 3.66 15.23
CA PRO A 49 -8.82 2.47 14.71
C PRO A 49 -9.55 1.79 13.57
N ILE A 50 -8.82 1.46 12.52
CA ILE A 50 -9.39 0.77 11.37
C ILE A 50 -9.99 -0.57 11.83
N LEU A 51 -11.25 -0.79 11.46
CA LEU A 51 -11.99 -1.98 11.87
C LEU A 51 -11.53 -3.29 11.22
N ARG A 52 -11.36 -3.30 9.90
CA ARG A 52 -10.97 -4.54 9.21
C ARG A 52 -9.50 -4.91 9.43
N SER A 53 -8.92 -4.45 10.53
CA SER A 53 -7.53 -4.78 10.83
C SER A 53 -7.30 -4.92 12.33
N ASN A 54 -6.41 -5.85 12.70
CA ASN A 54 -6.08 -6.09 14.11
C ASN A 54 -5.37 -4.86 14.69
N PRO A 55 -5.44 -4.61 16.02
CA PRO A 55 -4.80 -3.43 16.65
C PRO A 55 -3.40 -3.12 16.11
N GLU A 56 -2.47 -4.06 16.22
CA GLU A 56 -1.10 -3.83 15.77
C GLU A 56 -1.07 -3.47 14.27
N ASP A 57 -1.64 -4.33 13.46
CA ASP A 57 -1.65 -4.09 12.03
C ASP A 57 -2.55 -2.92 11.69
N GLN A 58 -3.36 -2.47 12.66
CA GLN A 58 -4.21 -1.31 12.42
C GLN A 58 -3.29 -0.12 12.29
N VAL A 59 -2.27 -0.10 13.13
CA VAL A 59 -1.26 0.96 13.08
C VAL A 59 -0.72 1.02 11.67
N LEU A 60 -0.33 -0.15 11.17
CA LEU A 60 0.21 -0.26 9.81
C LEU A 60 -0.88 -0.03 8.77
N TYR A 61 -2.11 -0.06 9.22
CA TYR A 61 -3.28 0.10 8.36
C TYR A 61 -4.15 1.27 8.81
N GLN A 62 -3.54 2.28 9.44
CA GLN A 62 -4.31 3.46 9.90
C GLN A 62 -3.47 4.73 9.95
N THR A 63 -2.45 4.74 10.79
CA THR A 63 -1.58 5.90 10.97
C THR A 63 -1.37 6.70 9.68
N GLU A 64 -1.21 8.02 9.80
CA GLU A 64 -1.05 8.90 8.65
C GLU A 64 0.03 9.96 8.86
N ARG A 65 0.70 10.35 7.76
CA ARG A 65 1.73 11.39 7.79
C ARG A 65 1.28 12.61 6.99
N TYR A 66 2.15 13.59 6.84
CA TYR A 66 1.84 14.80 6.09
C TYR A 66 1.65 14.46 4.60
N ASN A 67 1.19 15.44 3.81
CA ASN A 67 0.97 15.23 2.38
C ASN A 67 1.34 16.47 1.57
N GLU A 68 1.52 16.28 0.26
CA GLU A 68 1.87 17.37 -0.64
C GLU A 68 1.21 17.16 -2.02
N ASP A 69 2.02 17.02 -3.07
CA ASP A 69 1.51 16.82 -4.42
C ASP A 69 2.55 16.13 -5.32
N SER A 70 2.11 15.13 -6.09
CA SER A 70 3.00 14.40 -6.98
C SER A 70 4.21 13.87 -6.23
N PHE A 71 4.05 12.72 -5.59
CA PHE A 71 5.13 12.11 -4.83
C PHE A 71 4.84 10.64 -4.56
N GLY A 72 5.90 9.89 -4.26
CA GLY A 72 5.74 8.48 -4.01
C GLY A 72 6.98 7.83 -3.43
N TYR A 73 6.96 6.51 -3.41
CA TYR A 73 8.07 5.74 -2.86
C TYR A 73 8.88 5.04 -3.95
N ASP A 74 10.06 4.59 -3.56
CA ASP A 74 10.95 3.90 -4.47
C ASP A 74 11.20 2.46 -4.01
N ILE A 75 11.26 1.54 -4.96
CA ILE A 75 11.48 0.13 -4.65
C ILE A 75 12.50 -0.49 -5.60
N PRO A 76 13.73 -0.83 -5.16
CA PRO A 76 14.71 -1.44 -6.06
C PRO A 76 14.49 -2.94 -6.22
N ILE A 77 14.53 -3.44 -7.46
CA ILE A 77 14.32 -4.86 -7.73
C ILE A 77 15.53 -5.48 -8.44
N LYS A 78 15.69 -6.79 -8.27
CA LYS A 78 16.78 -7.52 -8.91
C LYS A 78 16.34 -8.91 -9.35
N GLU A 79 15.07 -9.25 -9.09
CA GLU A 79 14.54 -10.56 -9.45
C GLU A 79 13.26 -10.45 -10.26
N GLU A 80 12.83 -11.56 -10.84
CA GLU A 80 11.60 -11.60 -11.63
C GLU A 80 10.57 -12.52 -10.99
N GLY A 81 9.43 -12.66 -11.66
CA GLY A 81 8.35 -13.49 -11.17
C GLY A 81 7.07 -12.69 -11.12
N GLU A 82 6.15 -13.00 -10.21
CA GLU A 82 4.92 -12.22 -10.13
C GLU A 82 4.98 -11.31 -8.92
N TYR A 83 5.12 -10.00 -9.16
CA TYR A 83 5.19 -9.08 -8.03
C TYR A 83 3.82 -8.51 -7.78
N VAL A 84 3.42 -8.58 -6.52
CA VAL A 84 2.10 -8.15 -6.14
C VAL A 84 2.16 -6.98 -5.17
N LEU A 85 1.63 -5.83 -5.60
CA LEU A 85 1.62 -4.66 -4.76
C LEU A 85 0.39 -4.67 -3.86
N VAL A 86 0.62 -4.96 -2.60
CA VAL A 86 -0.44 -4.97 -1.62
C VAL A 86 -0.35 -3.67 -0.83
N LEU A 87 -1.38 -2.85 -0.87
CA LEU A 87 -1.33 -1.59 -0.15
C LEU A 87 -2.67 -1.18 0.40
N LYS A 88 -2.69 -0.72 1.65
CA LYS A 88 -3.95 -0.27 2.25
C LYS A 88 -4.00 1.26 2.25
N PHE A 89 -5.13 1.81 1.81
CA PHE A 89 -5.33 3.25 1.77
C PHE A 89 -6.41 3.63 2.79
N ALA A 90 -6.30 4.83 3.37
CA ALA A 90 -7.32 5.29 4.34
C ALA A 90 -7.55 6.80 4.23
N GLU A 91 -8.71 7.23 4.70
CA GLU A 91 -9.08 8.65 4.68
C GLU A 91 -9.91 9.00 5.90
N VAL A 92 -9.54 10.07 6.58
CA VAL A 92 -10.24 10.50 7.80
C VAL A 92 -11.37 11.47 7.47
N TYR A 93 -11.02 12.65 6.97
CA TYR A 93 -12.01 13.66 6.63
C TYR A 93 -12.43 13.55 5.17
N PHE A 94 -13.08 14.61 4.66
CA PHE A 94 -13.54 14.65 3.27
C PHE A 94 -14.57 13.56 3.02
N ALA A 95 -15.72 13.67 3.68
CA ALA A 95 -16.80 12.70 3.53
C ALA A 95 -17.63 13.00 2.28
N GLN A 96 -17.11 12.59 1.13
CA GLN A 96 -17.80 12.81 -0.14
C GLN A 96 -17.33 11.82 -1.20
N SER A 97 -18.28 11.33 -2.01
CA SER A 97 -17.98 10.38 -3.06
C SER A 97 -17.98 11.05 -4.44
N GLN A 98 -17.29 10.42 -5.38
CA GLN A 98 -17.20 10.93 -6.75
C GLN A 98 -16.92 12.43 -6.78
N GLN A 99 -15.91 12.84 -6.02
CA GLN A 99 -15.52 14.24 -5.94
C GLN A 99 -14.05 14.31 -5.57
N LYS A 100 -13.68 13.53 -4.57
CA LYS A 100 -12.30 13.45 -4.12
C LYS A 100 -11.65 12.25 -4.79
N VAL A 101 -11.22 12.44 -6.02
CA VAL A 101 -10.62 11.37 -6.82
C VAL A 101 -9.12 11.61 -6.99
N PHE A 102 -8.34 10.54 -6.81
CA PHE A 102 -6.89 10.63 -6.93
C PHE A 102 -6.33 9.75 -8.05
N ASP A 103 -5.02 9.85 -8.27
CA ASP A 103 -4.36 9.05 -9.31
C ASP A 103 -3.22 8.22 -8.73
N VAL A 104 -3.09 6.98 -9.19
CA VAL A 104 -2.04 6.07 -8.72
C VAL A 104 -1.40 5.28 -9.86
N ARG A 105 -0.06 5.26 -9.88
CA ARG A 105 0.70 4.57 -10.93
C ARG A 105 1.82 3.69 -10.38
N VAL A 106 2.16 2.68 -11.19
CA VAL A 106 3.22 1.74 -10.86
C VAL A 106 4.30 1.74 -11.93
N ASN A 107 5.54 1.98 -11.52
CA ASN A 107 6.65 2.07 -12.45
C ASN A 107 6.30 3.07 -13.53
N GLY A 108 5.42 4.00 -13.16
CA GLY A 108 4.99 5.02 -14.08
C GLY A 108 3.77 4.62 -14.89
N HIS A 109 2.94 3.74 -14.32
CA HIS A 109 1.76 3.25 -15.02
C HIS A 109 0.47 3.40 -14.20
N THR A 110 -0.43 4.31 -14.62
CA THR A 110 -1.69 4.50 -13.90
C THR A 110 -2.60 3.29 -14.01
N VAL A 111 -2.84 2.66 -12.88
CA VAL A 111 -3.71 1.50 -12.83
C VAL A 111 -5.00 1.87 -12.13
N VAL A 112 -4.89 2.75 -11.13
CA VAL A 112 -6.07 3.19 -10.42
C VAL A 112 -6.15 4.70 -10.46
N LYS A 113 -6.81 5.23 -11.49
CA LYS A 113 -6.96 6.66 -11.62
C LYS A 113 -8.40 7.06 -11.39
N ASP A 114 -8.68 7.21 -10.11
CA ASP A 114 -10.00 7.58 -9.61
C ASP A 114 -10.11 7.11 -8.16
N LEU A 115 -8.98 7.13 -7.45
CA LEU A 115 -8.97 6.65 -6.09
C LEU A 115 -9.80 7.51 -5.15
N ASP A 116 -11.09 7.19 -5.10
CA ASP A 116 -12.03 7.85 -4.20
C ASP A 116 -12.17 6.94 -2.99
N ILE A 117 -11.21 7.02 -2.09
CA ILE A 117 -11.16 6.16 -0.92
C ILE A 117 -12.50 6.14 -0.16
N PHE A 118 -13.15 7.29 -0.08
CA PHE A 118 -14.44 7.37 0.62
C PHE A 118 -15.52 6.52 -0.04
N ASP A 119 -15.61 6.61 -1.36
CA ASP A 119 -16.60 5.82 -2.10
C ASP A 119 -16.24 4.33 -2.11
N ARG A 120 -14.95 4.04 -2.02
CA ARG A 120 -14.47 2.65 -2.04
C ARG A 120 -15.02 1.85 -0.87
N VAL A 121 -14.75 2.30 0.35
CA VAL A 121 -15.23 1.59 1.53
C VAL A 121 -16.49 2.23 2.13
N GLY A 122 -16.51 3.56 2.16
CA GLY A 122 -17.65 4.27 2.70
C GLY A 122 -17.30 5.05 3.95
N HIS A 123 -17.39 4.40 5.10
CA HIS A 123 -17.08 5.04 6.37
C HIS A 123 -15.82 4.45 7.00
N SER A 124 -14.76 5.24 7.03
CA SER A 124 -13.48 4.82 7.61
C SER A 124 -13.07 3.42 7.12
N THR A 125 -12.98 2.46 8.05
CA THR A 125 -12.58 1.09 7.73
C THR A 125 -11.29 1.08 6.90
N ALA A 126 -10.96 -0.06 6.30
CA ALA A 126 -9.74 -0.16 5.51
C ALA A 126 -10.00 -0.39 4.03
N HIS A 127 -9.21 0.29 3.19
CA HIS A 127 -9.29 0.13 1.75
C HIS A 127 -8.08 -0.68 1.31
N ASP A 128 -8.24 -1.52 0.30
CA ASP A 128 -7.13 -2.36 -0.15
C ASP A 128 -7.11 -2.56 -1.66
N GLU A 129 -5.95 -2.25 -2.24
CA GLU A 129 -5.75 -2.42 -3.67
C GLU A 129 -4.66 -3.45 -3.94
N ILE A 130 -4.98 -4.43 -4.77
CA ILE A 130 -4.05 -5.49 -5.12
C ILE A 130 -3.74 -5.44 -6.62
N ILE A 131 -2.47 -5.28 -6.97
CA ILE A 131 -2.06 -5.17 -8.36
C ILE A 131 -1.01 -6.21 -8.76
N PRO A 132 -1.42 -7.41 -9.23
CA PRO A 132 -0.46 -8.45 -9.68
C PRO A 132 0.37 -7.98 -10.88
N ILE A 133 1.60 -8.48 -10.98
CA ILE A 133 2.49 -8.10 -12.06
C ILE A 133 3.36 -9.28 -12.52
N SER A 134 3.85 -9.21 -13.75
CA SER A 134 4.71 -10.27 -14.27
C SER A 134 5.95 -9.68 -14.96
N ILE A 135 7.11 -9.87 -14.32
CA ILE A 135 8.38 -9.37 -14.85
C ILE A 135 9.21 -10.53 -15.40
N LYS A 136 9.84 -10.33 -16.56
CA LYS A 136 10.66 -11.37 -17.17
C LYS A 136 11.86 -10.79 -17.90
N LYS A 137 13.04 -11.33 -17.62
CA LYS A 137 14.27 -10.86 -18.25
C LYS A 137 14.45 -9.37 -18.03
N GLY A 138 13.75 -8.82 -17.03
CA GLY A 138 13.85 -7.42 -16.74
C GLY A 138 12.76 -6.60 -17.41
N LYS A 139 11.64 -7.24 -17.71
CA LYS A 139 10.52 -6.54 -18.35
C LYS A 139 9.35 -6.44 -17.38
N LEU A 140 8.47 -5.47 -17.58
CA LEU A 140 7.34 -5.30 -16.68
C LEU A 140 6.01 -5.32 -17.41
N SER A 141 5.12 -6.19 -16.96
CA SER A 141 3.79 -6.29 -17.52
C SER A 141 2.76 -5.92 -16.45
N VAL A 142 2.14 -4.75 -16.64
CA VAL A 142 1.15 -4.23 -15.71
C VAL A 142 -0.26 -4.44 -16.26
N GLN A 143 -0.93 -5.49 -15.78
CA GLN A 143 -2.29 -5.80 -16.22
C GLN A 143 -2.35 -6.10 -17.72
N GLY A 144 -2.46 -5.05 -18.53
CA GLY A 144 -2.53 -5.24 -19.97
C GLY A 144 -1.60 -4.33 -20.75
N GLU A 145 -0.48 -3.97 -20.14
CA GLU A 145 0.50 -3.10 -20.79
C GLU A 145 1.91 -3.63 -20.58
N VAL A 146 2.70 -3.63 -21.65
CA VAL A 146 4.07 -4.11 -21.57
C VAL A 146 5.05 -2.93 -21.59
N SER A 147 6.04 -2.99 -20.71
CA SER A 147 7.02 -1.91 -20.59
C SER A 147 8.23 -2.40 -19.82
N THR A 148 9.42 -2.20 -20.37
CA THR A 148 10.63 -2.64 -19.71
C THR A 148 10.73 -2.12 -18.28
N PHE A 149 11.31 -2.95 -17.40
CA PHE A 149 11.48 -2.60 -16.00
C PHE A 149 12.66 -1.67 -15.83
N THR A 150 12.40 -0.49 -15.28
CA THR A 150 13.46 0.48 -15.04
C THR A 150 14.26 0.04 -13.83
N GLY A 151 15.34 0.72 -13.51
CA GLY A 151 16.15 0.32 -12.39
C GLY A 151 15.39 0.20 -11.08
N LYS A 152 14.13 0.64 -11.05
CA LYS A 152 13.36 0.57 -9.81
C LYS A 152 11.84 0.68 -10.06
N LEU A 153 11.08 0.06 -9.14
CA LEU A 153 9.61 0.10 -9.18
C LEU A 153 9.16 1.42 -8.59
N SER A 154 8.28 2.18 -9.27
CA SER A 154 7.90 3.49 -8.73
C SER A 154 6.41 3.65 -8.48
N VAL A 155 6.03 3.91 -7.24
CA VAL A 155 4.62 4.13 -6.92
C VAL A 155 4.37 5.60 -6.67
N GLU A 156 3.80 6.27 -7.67
CA GLU A 156 3.53 7.70 -7.57
C GLU A 156 2.04 8.01 -7.65
N PHE A 157 1.66 9.09 -6.99
CA PHE A 157 0.28 9.52 -6.98
C PHE A 157 0.20 11.02 -7.20
N VAL A 158 -0.79 11.43 -7.99
CA VAL A 158 -1.00 12.84 -8.30
C VAL A 158 -2.32 13.33 -7.75
N LYS A 159 -2.32 14.59 -7.31
CA LYS A 159 -3.51 15.21 -6.75
C LYS A 159 -4.61 15.33 -7.79
N GLY A 160 -5.84 15.07 -7.37
CA GLY A 160 -6.96 15.18 -8.27
C GLY A 160 -7.82 16.39 -7.94
N TYR A 161 -7.45 17.06 -6.85
CA TYR A 161 -8.17 18.24 -6.38
C TYR A 161 -7.38 18.92 -5.27
N TYR A 162 -7.04 18.16 -4.23
CA TYR A 162 -6.29 18.69 -3.09
C TYR A 162 -6.01 17.59 -2.07
N ASP A 163 -4.88 17.70 -1.37
CA ASP A 163 -4.50 16.71 -0.36
C ASP A 163 -4.46 15.29 -0.94
N ASN A 164 -3.30 14.93 -1.48
CA ASN A 164 -3.09 13.60 -2.06
C ASN A 164 -3.46 12.53 -1.02
N PRO A 165 -3.61 11.24 -1.43
CA PRO A 165 -3.95 10.16 -0.49
C PRO A 165 -3.28 10.37 0.87
N LYS A 166 -4.09 10.79 1.83
CA LYS A 166 -3.62 11.10 3.18
C LYS A 166 -2.94 9.90 3.86
N VAL A 167 -3.61 8.74 3.93
CA VAL A 167 -3.02 7.58 4.59
C VAL A 167 -2.50 6.54 3.61
N CYS A 168 -1.28 6.04 3.88
CA CYS A 168 -0.66 5.04 3.00
C CYS A 168 -0.11 3.85 3.78
N ALA A 169 -0.32 2.65 3.22
CA ALA A 169 0.09 1.39 3.83
C ALA A 169 0.87 0.50 2.86
N LEU A 170 1.68 1.10 1.99
CA LEU A 170 2.48 0.35 1.02
C LEU A 170 3.01 -0.96 1.58
N PHE A 171 2.92 -2.00 0.77
CA PHE A 171 3.40 -3.33 1.13
C PHE A 171 3.70 -4.13 -0.13
N ILE A 172 4.97 -4.14 -0.57
CA ILE A 172 5.32 -4.89 -1.77
C ILE A 172 5.95 -6.25 -1.45
N MET A 173 5.36 -7.27 -2.07
CA MET A 173 5.82 -8.64 -1.90
C MET A 173 6.23 -9.20 -3.26
N LYS A 174 7.01 -10.27 -3.24
CA LYS A 174 7.51 -10.84 -4.46
C LYS A 174 7.09 -12.30 -4.71
N GLY A 175 6.76 -12.53 -5.96
CA GLY A 175 6.45 -13.84 -6.49
C GLY A 175 4.99 -14.19 -6.74
N THR A 176 4.02 -13.72 -5.92
CA THR A 176 2.61 -14.05 -6.18
C THR A 176 1.64 -13.48 -5.17
N ALA A 177 0.37 -13.36 -5.60
CA ALA A 177 -0.71 -12.89 -4.73
C ALA A 177 -1.28 -14.06 -3.94
N ASP A 178 -1.11 -15.26 -4.48
CA ASP A 178 -1.61 -16.47 -3.84
C ASP A 178 -0.99 -16.67 -2.47
N ASP A 179 0.24 -16.19 -2.30
CA ASP A 179 0.93 -16.32 -1.03
C ASP A 179 0.07 -15.75 0.10
N VAL A 180 -0.46 -14.54 -0.14
CA VAL A 180 -1.32 -13.86 0.84
C VAL A 180 -2.28 -14.85 1.53
N PRO A 181 -1.98 -15.31 2.78
CA PRO A 181 -2.86 -16.25 3.50
C PRO A 181 -4.31 -15.76 3.53
N MET A 182 -5.25 -16.70 3.35
CA MET A 182 -6.67 -16.37 3.37
C MET A 182 -7.43 -17.36 4.25
N LEU A 183 -8.42 -16.84 4.98
CA LEU A 183 -9.24 -17.68 5.85
C LEU A 183 -10.22 -18.51 5.05
N GLN A 184 -10.09 -19.84 5.14
CA GLN A 184 -10.98 -20.75 4.42
C GLN A 184 -12.43 -20.41 4.76
N PRO A 185 -13.38 -20.55 3.80
CA PRO A 185 -14.79 -20.23 4.06
C PRO A 185 -15.41 -21.15 5.09
N HIS A 186 -15.96 -20.55 6.15
CA HIS A 186 -16.60 -21.32 7.20
C HIS A 186 -17.94 -20.68 7.59
N PRO A 187 -19.02 -21.48 7.75
CA PRO A 187 -20.35 -20.93 8.11
C PRO A 187 -20.42 -20.48 9.56
N GLY A 188 -19.73 -21.21 10.44
CA GLY A 188 -19.74 -20.89 11.85
C GLY A 188 -18.58 -19.98 12.23
N LEU A 189 -18.29 -19.91 13.53
CA LEU A 189 -17.20 -19.08 14.03
C LEU A 189 -15.87 -19.83 13.95
N GLU A 190 -14.78 -19.07 13.83
CA GLU A 190 -13.44 -19.65 13.73
C GLU A 190 -13.36 -20.65 12.59
N GLY A 1 -2.45 -22.12 7.68
CA GLY A 1 -2.79 -23.57 7.61
C GLY A 1 -1.76 -24.37 6.84
N ALA A 2 -1.92 -24.43 5.53
CA ALA A 2 -1.01 -25.18 4.67
C ALA A 2 0.03 -24.24 4.05
N MET A 3 -0.45 -23.24 3.32
CA MET A 3 0.43 -22.27 2.67
C MET A 3 0.58 -21.02 3.52
N SER A 4 1.66 -20.96 4.31
CA SER A 4 1.92 -19.81 5.17
C SER A 4 3.38 -19.38 5.07
N GLY A 5 3.63 -18.33 4.31
CA GLY A 5 4.98 -17.83 4.14
C GLY A 5 5.02 -16.47 3.46
N LEU A 6 4.25 -15.52 3.99
CA LEU A 6 4.20 -14.18 3.43
C LEU A 6 5.48 -13.43 3.75
N ALA A 7 5.86 -13.46 5.01
CA ALA A 7 7.09 -12.85 5.49
C ALA A 7 8.31 -13.34 4.73
N ASP A 8 8.18 -14.50 4.07
CA ASP A 8 9.28 -15.11 3.34
C ASP A 8 9.51 -14.47 1.98
N LYS A 9 8.45 -13.93 1.37
CA LYS A 9 8.59 -13.33 0.06
C LYS A 9 8.71 -11.81 0.13
N VAL A 10 8.31 -11.21 1.26
CA VAL A 10 8.42 -9.76 1.44
C VAL A 10 9.76 -9.25 0.91
N ILE A 11 9.76 -8.06 0.34
CA ILE A 11 11.01 -7.50 -0.16
C ILE A 11 11.10 -6.01 0.13
N TRP A 12 9.95 -5.37 0.33
CA TRP A 12 9.95 -3.93 0.59
C TRP A 12 8.53 -3.45 0.90
N ALA A 13 8.37 -2.68 1.98
CA ALA A 13 7.05 -2.18 2.37
C ALA A 13 7.13 -0.82 3.07
N VAL A 14 6.10 0.01 2.85
CA VAL A 14 6.07 1.34 3.48
C VAL A 14 4.67 1.84 3.82
N ASN A 15 4.50 2.24 5.09
CA ASN A 15 3.23 2.81 5.53
C ASN A 15 3.42 4.25 5.98
N ALA A 16 2.97 5.20 5.17
CA ALA A 16 3.12 6.60 5.51
C ALA A 16 2.10 7.01 6.56
N GLY A 17 2.61 7.34 7.75
CA GLY A 17 1.78 7.77 8.86
C GLY A 17 2.29 7.25 10.20
N GLY A 18 2.93 6.10 10.16
CA GLY A 18 3.46 5.50 11.38
C GLY A 18 4.97 5.54 11.42
N GLU A 19 5.57 4.50 11.99
CA GLU A 19 7.02 4.40 12.09
C GLU A 19 7.46 2.96 12.24
N SER A 20 8.25 2.48 11.28
CA SER A 20 8.77 1.11 11.28
C SER A 20 7.84 0.14 12.02
N HIS A 21 6.96 -0.54 11.29
CA HIS A 21 6.03 -1.47 11.95
C HIS A 21 6.07 -2.87 11.35
N VAL A 22 5.77 -3.86 12.19
CA VAL A 22 5.76 -5.26 11.80
C VAL A 22 4.36 -5.85 11.91
N ASP A 23 3.69 -6.05 10.78
CA ASP A 23 2.35 -6.63 10.78
C ASP A 23 2.41 -8.10 11.16
N VAL A 24 1.31 -8.61 11.72
CA VAL A 24 1.23 -10.00 12.18
C VAL A 24 1.82 -11.00 11.19
N HIS A 25 1.42 -10.91 9.92
CA HIS A 25 1.91 -11.85 8.92
C HIS A 25 3.43 -11.80 8.84
N GLY A 26 3.99 -10.73 9.37
CA GLY A 26 5.42 -10.55 9.37
C GLY A 26 5.88 -9.59 8.30
N ILE A 27 5.05 -8.59 8.01
CA ILE A 27 5.40 -7.60 6.98
C ILE A 27 5.85 -6.30 7.65
N HIS A 28 7.08 -5.90 7.35
CA HIS A 28 7.68 -4.72 7.97
C HIS A 28 7.70 -3.48 7.07
N TYR A 29 7.28 -2.35 7.64
CA TYR A 29 7.30 -1.07 6.93
C TYR A 29 8.52 -0.29 7.41
N ARG A 30 9.27 0.29 6.47
CA ARG A 30 10.48 1.05 6.80
C ARG A 30 10.21 2.55 6.93
N LYS A 31 10.35 3.02 8.18
CA LYS A 31 10.18 4.42 8.59
C LYS A 31 10.06 5.45 7.46
N ASP A 32 9.14 6.39 7.67
CA ASP A 32 8.82 7.50 6.76
C ASP A 32 9.96 7.86 5.79
N PRO A 33 9.99 7.23 4.59
CA PRO A 33 11.02 7.52 3.56
C PRO A 33 10.96 8.97 3.03
N LEU A 34 10.81 9.13 1.70
CA LEU A 34 10.77 10.46 1.06
C LEU A 34 10.01 11.49 1.88
N GLU A 35 8.96 11.05 2.59
CA GLU A 35 8.17 11.97 3.38
C GLU A 35 9.02 12.59 4.47
N GLY A 36 9.71 13.68 4.12
CA GLY A 36 10.57 14.34 5.07
C GLY A 36 11.85 13.59 5.34
N ARG A 37 11.81 12.27 5.16
CA ARG A 37 12.97 11.42 5.39
C ARG A 37 13.64 11.74 6.73
N VAL A 38 12.82 12.12 7.71
CA VAL A 38 13.31 12.45 9.04
C VAL A 38 12.32 11.99 10.11
N GLY A 39 12.69 12.18 11.38
CA GLY A 39 11.83 11.77 12.47
C GLY A 39 10.55 12.59 12.55
N ARG A 40 9.45 12.02 12.07
CA ARG A 40 8.16 12.71 12.10
C ARG A 40 7.02 11.71 11.96
N ALA A 41 6.20 11.60 13.00
CA ALA A 41 5.06 10.69 13.01
C ALA A 41 3.79 11.44 13.38
N SER A 42 3.17 12.10 12.41
CA SER A 42 1.94 12.85 12.66
C SER A 42 0.83 11.89 13.07
N ASP A 43 0.82 11.53 14.35
CA ASP A 43 -0.17 10.61 14.89
C ASP A 43 -1.42 11.37 15.33
N TYR A 44 -1.66 12.53 14.71
CA TYR A 44 -2.82 13.35 15.04
C TYR A 44 -4.11 12.63 14.68
N GLY A 45 -4.16 12.11 13.46
CA GLY A 45 -5.35 11.40 12.99
C GLY A 45 -5.30 9.92 13.33
N MET A 46 -4.64 9.59 14.44
CA MET A 46 -4.53 8.20 14.87
C MET A 46 -5.89 7.65 15.28
N LYS A 47 -6.84 8.54 15.51
CA LYS A 47 -8.18 8.15 15.90
C LYS A 47 -8.86 7.37 14.78
N LEU A 48 -10.10 6.96 15.00
CA LEU A 48 -10.84 6.19 14.00
C LEU A 48 -10.11 4.89 13.68
N PRO A 49 -9.93 4.01 14.68
CA PRO A 49 -9.23 2.72 14.48
C PRO A 49 -9.86 1.91 13.36
N ILE A 50 -9.06 1.53 12.36
CA ILE A 50 -9.58 0.73 11.27
C ILE A 50 -10.14 -0.58 11.82
N LEU A 51 -11.42 -0.81 11.56
CA LEU A 51 -12.14 -1.98 12.06
C LEU A 51 -11.67 -3.31 11.47
N ARG A 52 -11.42 -3.35 10.16
CA ARG A 52 -11.02 -4.60 9.51
C ARG A 52 -9.52 -4.88 9.71
N SER A 53 -8.95 -4.34 10.78
CA SER A 53 -7.53 -4.55 11.06
C SER A 53 -7.30 -4.76 12.56
N ASN A 54 -6.57 -5.82 12.90
CA ASN A 54 -6.24 -6.09 14.29
C ASN A 54 -5.46 -4.90 14.88
N PRO A 55 -5.52 -4.64 16.21
CA PRO A 55 -4.82 -3.50 16.82
C PRO A 55 -3.42 -3.21 16.26
N GLU A 56 -2.64 -4.25 15.98
CA GLU A 56 -1.27 -4.06 15.50
C GLU A 56 -1.26 -3.63 14.05
N ASP A 57 -1.87 -4.42 13.20
CA ASP A 57 -1.91 -4.11 11.79
C ASP A 57 -2.82 -2.90 11.58
N GLN A 58 -3.49 -2.49 12.65
CA GLN A 58 -4.36 -1.33 12.63
C GLN A 58 -3.51 -0.09 12.51
N VAL A 59 -2.71 0.17 13.53
CA VAL A 59 -1.83 1.33 13.52
C VAL A 59 -1.06 1.39 12.20
N LEU A 60 -0.66 0.23 11.67
CA LEU A 60 0.05 0.22 10.39
C LEU A 60 -0.90 0.64 9.26
N TYR A 61 -1.88 -0.22 8.98
CA TYR A 61 -2.88 0.04 7.93
C TYR A 61 -3.63 1.35 8.17
N GLN A 62 -3.24 2.06 9.20
CA GLN A 62 -3.89 3.31 9.58
C GLN A 62 -2.89 4.47 9.62
N THR A 63 -2.85 5.18 10.76
CA THR A 63 -1.98 6.35 10.91
C THR A 63 -2.13 7.31 9.73
N GLU A 64 -1.21 8.27 9.59
CA GLU A 64 -1.28 9.23 8.49
C GLU A 64 -0.10 10.21 8.54
N ARG A 65 0.44 10.55 7.37
CA ARG A 65 1.55 11.49 7.30
C ARG A 65 1.23 12.68 6.41
N TYR A 66 2.17 13.62 6.34
CA TYR A 66 2.00 14.84 5.53
C TYR A 66 1.73 14.50 4.06
N ASN A 67 1.36 15.53 3.28
CA ASN A 67 1.07 15.33 1.87
C ASN A 67 1.57 16.53 1.04
N GLU A 68 1.56 16.38 -0.29
CA GLU A 68 2.02 17.45 -1.17
C GLU A 68 1.37 17.34 -2.56
N ASP A 69 2.14 16.93 -3.58
CA ASP A 69 1.63 16.81 -4.93
C ASP A 69 2.61 16.04 -5.81
N SER A 70 2.13 14.97 -6.46
CA SER A 70 3.00 14.16 -7.33
C SER A 70 4.26 13.76 -6.59
N PHE A 71 4.17 12.69 -5.81
CA PHE A 71 5.34 12.23 -5.04
C PHE A 71 5.20 10.76 -4.65
N GLY A 72 6.30 10.14 -4.23
CA GLY A 72 6.23 8.74 -3.86
C GLY A 72 7.53 8.09 -3.44
N TYR A 73 7.45 6.77 -3.35
CA TYR A 73 8.56 5.94 -2.91
C TYR A 73 9.27 5.22 -4.05
N ASP A 74 10.36 4.55 -3.68
CA ASP A 74 11.19 3.81 -4.62
C ASP A 74 11.43 2.38 -4.13
N ILE A 75 11.54 1.45 -5.07
CA ILE A 75 11.80 0.04 -4.74
C ILE A 75 12.76 -0.60 -5.74
N PRO A 76 13.99 -0.99 -5.34
CA PRO A 76 14.93 -1.62 -6.27
C PRO A 76 14.62 -3.11 -6.46
N ILE A 77 14.75 -3.58 -7.70
CA ILE A 77 14.48 -4.99 -8.00
C ILE A 77 15.62 -5.62 -8.78
N LYS A 78 15.82 -6.92 -8.57
CA LYS A 78 16.86 -7.66 -9.26
C LYS A 78 16.43 -9.11 -9.50
N GLU A 79 15.16 -9.40 -9.22
CA GLU A 79 14.62 -10.75 -9.43
C GLU A 79 13.37 -10.68 -10.28
N GLU A 80 12.96 -11.83 -10.83
CA GLU A 80 11.77 -11.87 -11.66
C GLU A 80 10.78 -12.92 -11.18
N GLY A 81 9.53 -12.72 -11.59
CA GLY A 81 8.45 -13.61 -11.21
C GLY A 81 7.15 -12.83 -11.17
N GLU A 82 6.25 -13.15 -10.25
CA GLU A 82 5.01 -12.39 -10.18
C GLU A 82 5.07 -11.48 -8.97
N TYR A 83 5.21 -10.17 -9.20
CA TYR A 83 5.31 -9.25 -8.09
C TYR A 83 3.94 -8.68 -7.83
N VAL A 84 3.52 -8.80 -6.59
CA VAL A 84 2.19 -8.36 -6.21
C VAL A 84 2.23 -7.20 -5.25
N LEU A 85 1.63 -6.11 -5.67
CA LEU A 85 1.60 -4.92 -4.87
C LEU A 85 0.25 -4.77 -4.18
N VAL A 86 0.24 -5.06 -2.89
CA VAL A 86 -0.95 -4.95 -2.08
C VAL A 86 -0.78 -3.76 -1.15
N LEU A 87 -1.81 -2.94 -1.02
CA LEU A 87 -1.68 -1.80 -0.15
C LEU A 87 -2.98 -1.42 0.53
N LYS A 88 -2.86 -0.84 1.72
CA LYS A 88 -4.03 -0.41 2.48
C LYS A 88 -4.11 1.12 2.48
N PHE A 89 -5.21 1.66 1.95
CA PHE A 89 -5.40 3.11 1.91
C PHE A 89 -6.46 3.50 2.94
N ALA A 90 -6.30 4.68 3.53
CA ALA A 90 -7.26 5.16 4.53
C ALA A 90 -7.45 6.67 4.41
N GLU A 91 -8.64 7.16 4.79
CA GLU A 91 -8.94 8.59 4.72
C GLU A 91 -9.74 9.01 5.95
N VAL A 92 -9.39 10.16 6.50
CA VAL A 92 -10.07 10.68 7.69
C VAL A 92 -10.17 12.21 7.65
N TYR A 93 -10.92 12.76 8.60
CA TYR A 93 -11.10 14.21 8.70
C TYR A 93 -11.82 14.78 7.48
N PHE A 94 -12.41 13.89 6.68
CA PHE A 94 -13.13 14.30 5.48
C PHE A 94 -14.27 13.32 5.19
N ALA A 95 -15.42 13.85 4.81
CA ALA A 95 -16.59 13.01 4.49
C ALA A 95 -17.22 13.43 3.18
N GLN A 96 -16.76 12.83 2.09
CA GLN A 96 -17.29 13.12 0.77
C GLN A 96 -17.03 11.97 -0.20
N SER A 97 -17.95 11.76 -1.14
CA SER A 97 -17.83 10.67 -2.11
C SER A 97 -17.95 11.18 -3.54
N GLN A 98 -17.34 10.44 -4.48
CA GLN A 98 -17.38 10.79 -5.89
C GLN A 98 -17.06 12.27 -6.12
N GLN A 99 -16.23 12.82 -5.25
CA GLN A 99 -15.84 14.23 -5.36
C GLN A 99 -14.32 14.34 -5.22
N LYS A 100 -13.78 13.73 -4.18
CA LYS A 100 -12.34 13.74 -3.94
C LYS A 100 -11.74 12.45 -4.47
N VAL A 101 -11.33 12.48 -5.73
CA VAL A 101 -10.77 11.29 -6.38
C VAL A 101 -9.27 11.48 -6.61
N PHE A 102 -8.51 10.39 -6.54
CA PHE A 102 -7.05 10.47 -6.70
C PHE A 102 -6.52 9.61 -7.85
N ASP A 103 -5.20 9.64 -8.04
CA ASP A 103 -4.55 8.86 -9.08
C ASP A 103 -3.38 8.04 -8.51
N VAL A 104 -3.26 6.80 -8.98
CA VAL A 104 -2.21 5.90 -8.51
C VAL A 104 -1.52 5.15 -9.66
N ARG A 105 -0.18 5.13 -9.61
CA ARG A 105 0.64 4.50 -10.65
C ARG A 105 1.78 3.66 -10.11
N VAL A 106 2.06 2.56 -10.82
CA VAL A 106 3.15 1.65 -10.48
C VAL A 106 4.24 1.71 -11.56
N ASN A 107 5.45 2.06 -11.13
CA ASN A 107 6.59 2.25 -12.04
C ASN A 107 6.19 3.23 -13.13
N GLY A 108 5.27 4.10 -12.76
CA GLY A 108 4.80 5.11 -13.67
C GLY A 108 3.58 4.67 -14.47
N HIS A 109 2.85 3.70 -13.95
CA HIS A 109 1.69 3.19 -14.65
C HIS A 109 0.38 3.33 -13.86
N THR A 110 -0.49 4.24 -14.29
CA THR A 110 -1.77 4.44 -13.60
C THR A 110 -2.65 3.21 -13.70
N VAL A 111 -2.92 2.61 -12.56
CA VAL A 111 -3.77 1.43 -12.50
C VAL A 111 -5.10 1.76 -11.84
N VAL A 112 -5.06 2.71 -10.91
CA VAL A 112 -6.27 3.14 -10.23
C VAL A 112 -6.39 4.65 -10.29
N LYS A 113 -7.06 5.15 -11.32
CA LYS A 113 -7.20 6.58 -11.51
C LYS A 113 -8.60 7.07 -11.20
N ASP A 114 -8.82 7.17 -9.92
CA ASP A 114 -10.06 7.64 -9.32
C ASP A 114 -10.19 7.10 -7.92
N LEU A 115 -9.07 7.01 -7.22
CA LEU A 115 -9.08 6.48 -5.87
C LEU A 115 -9.91 7.34 -4.94
N ASP A 116 -11.18 6.99 -4.83
CA ASP A 116 -12.10 7.67 -3.95
C ASP A 116 -12.27 6.79 -2.72
N ILE A 117 -11.27 6.87 -1.84
CA ILE A 117 -11.21 6.05 -0.64
C ILE A 117 -12.51 6.07 0.18
N PHE A 118 -13.02 7.26 0.46
CA PHE A 118 -14.24 7.39 1.26
C PHE A 118 -15.40 6.62 0.63
N ASP A 119 -15.67 6.84 -0.65
CA ASP A 119 -16.76 6.16 -1.33
C ASP A 119 -16.54 4.65 -1.43
N ARG A 120 -15.27 4.24 -1.49
CA ARG A 120 -14.96 2.81 -1.63
C ARG A 120 -15.41 1.99 -0.41
N VAL A 121 -14.94 2.34 0.77
CA VAL A 121 -15.31 1.59 1.97
C VAL A 121 -16.35 2.34 2.82
N GLY A 122 -16.17 3.64 2.97
CA GLY A 122 -17.10 4.43 3.76
C GLY A 122 -16.49 4.95 5.04
N HIS A 123 -17.20 4.76 6.16
CA HIS A 123 -16.73 5.21 7.47
C HIS A 123 -15.42 4.52 7.84
N SER A 124 -14.34 5.31 7.85
CA SER A 124 -13.01 4.81 8.18
C SER A 124 -12.73 3.48 7.47
N THR A 125 -12.80 2.36 8.22
CA THR A 125 -12.56 1.03 7.67
C THR A 125 -11.24 0.97 6.89
N ALA A 126 -10.91 -0.22 6.38
CA ALA A 126 -9.68 -0.40 5.61
C ALA A 126 -9.96 -0.54 4.13
N HIS A 127 -9.12 0.08 3.30
CA HIS A 127 -9.26 -0.02 1.85
C HIS A 127 -8.06 -0.79 1.31
N ASP A 128 -8.27 -1.61 0.26
CA ASP A 128 -7.17 -2.39 -0.29
C ASP A 128 -7.23 -2.54 -1.80
N GLU A 129 -6.06 -2.47 -2.42
CA GLU A 129 -5.94 -2.64 -3.86
C GLU A 129 -4.92 -3.75 -4.15
N ILE A 130 -5.29 -4.65 -5.05
CA ILE A 130 -4.42 -5.77 -5.42
C ILE A 130 -4.02 -5.66 -6.88
N ILE A 131 -2.71 -5.48 -7.12
CA ILE A 131 -2.20 -5.32 -8.48
C ILE A 131 -1.12 -6.36 -8.83
N PRO A 132 -1.49 -7.55 -9.34
CA PRO A 132 -0.50 -8.57 -9.74
C PRO A 132 0.35 -8.09 -10.91
N ILE A 133 1.63 -8.42 -10.89
CA ILE A 133 2.55 -8.02 -11.94
C ILE A 133 3.38 -9.20 -12.42
N SER A 134 3.88 -9.12 -13.64
CA SER A 134 4.71 -10.20 -14.18
C SER A 134 5.97 -9.63 -14.80
N ILE A 135 7.09 -9.83 -14.11
CA ILE A 135 8.39 -9.37 -14.59
C ILE A 135 9.21 -10.54 -15.12
N LYS A 136 9.66 -10.44 -16.36
CA LYS A 136 10.45 -11.51 -16.97
C LYS A 136 11.47 -10.93 -17.96
N LYS A 137 12.65 -11.52 -17.98
CA LYS A 137 13.73 -11.10 -18.87
C LYS A 137 14.10 -9.63 -18.61
N GLY A 138 13.73 -9.13 -17.44
CA GLY A 138 14.05 -7.76 -17.09
C GLY A 138 13.02 -6.75 -17.57
N LYS A 139 11.79 -7.21 -17.79
CA LYS A 139 10.73 -6.31 -18.24
C LYS A 139 9.53 -6.36 -17.30
N LEU A 140 8.80 -5.26 -17.23
CA LEU A 140 7.65 -5.16 -16.33
C LEU A 140 6.33 -5.15 -17.09
N SER A 141 5.43 -6.06 -16.71
CA SER A 141 4.12 -6.15 -17.33
C SER A 141 3.03 -5.81 -16.32
N VAL A 142 2.37 -4.66 -16.52
CA VAL A 142 1.33 -4.21 -15.61
C VAL A 142 -0.06 -4.40 -16.23
N GLN A 143 -0.77 -5.43 -15.75
CA GLN A 143 -2.11 -5.75 -16.22
C GLN A 143 -2.14 -6.01 -17.73
N GLY A 144 -2.33 -4.97 -18.53
CA GLY A 144 -2.40 -5.14 -19.97
C GLY A 144 -1.47 -4.20 -20.74
N GLU A 145 -0.43 -3.71 -20.07
CA GLU A 145 0.53 -2.82 -20.71
C GLU A 145 1.95 -3.27 -20.42
N VAL A 146 2.80 -3.26 -21.43
CA VAL A 146 4.18 -3.68 -21.26
C VAL A 146 5.14 -2.49 -21.25
N SER A 147 6.14 -2.57 -20.38
CA SER A 147 7.13 -1.51 -20.25
C SER A 147 8.38 -2.05 -19.58
N THR A 148 9.52 -1.91 -20.26
CA THR A 148 10.79 -2.39 -19.76
C THR A 148 11.05 -1.90 -18.33
N PHE A 149 11.66 -2.75 -17.51
CA PHE A 149 11.98 -2.41 -16.13
C PHE A 149 13.25 -1.57 -16.11
N THR A 150 13.17 -0.36 -15.57
CA THR A 150 14.34 0.50 -15.54
C THR A 150 14.90 0.71 -14.13
N GLY A 151 15.84 -0.16 -13.76
CA GLY A 151 16.53 -0.09 -12.49
C GLY A 151 15.67 -0.19 -11.23
N LYS A 152 14.46 0.38 -11.22
CA LYS A 152 13.66 0.34 -9.99
C LYS A 152 12.17 0.58 -10.24
N LEU A 153 11.35 0.00 -9.35
CA LEU A 153 9.89 0.17 -9.40
C LEU A 153 9.55 1.46 -8.66
N SER A 154 8.72 2.31 -9.25
CA SER A 154 8.40 3.58 -8.60
C SER A 154 6.91 3.76 -8.37
N VAL A 155 6.52 3.86 -7.11
CA VAL A 155 5.11 4.02 -6.77
C VAL A 155 4.81 5.45 -6.36
N GLU A 156 4.00 6.14 -7.15
CA GLU A 156 3.64 7.52 -6.84
C GLU A 156 2.18 7.79 -7.13
N PHE A 157 1.71 8.93 -6.65
CA PHE A 157 0.34 9.33 -6.84
C PHE A 157 0.25 10.82 -7.12
N VAL A 158 -0.79 11.18 -7.87
CA VAL A 158 -1.04 12.57 -8.24
C VAL A 158 -2.43 12.99 -7.78
N LYS A 159 -2.58 14.24 -7.35
CA LYS A 159 -3.86 14.73 -6.88
C LYS A 159 -4.65 15.40 -8.00
N GLY A 160 -5.97 15.24 -7.94
CA GLY A 160 -6.84 15.83 -8.94
C GLY A 160 -7.41 17.15 -8.45
N TYR A 161 -7.28 17.39 -7.15
CA TYR A 161 -7.77 18.62 -6.53
C TYR A 161 -6.80 19.10 -5.45
N TYR A 162 -6.88 18.50 -4.27
CA TYR A 162 -6.01 18.86 -3.16
C TYR A 162 -5.84 17.71 -2.18
N ASP A 163 -4.75 17.75 -1.40
CA ASP A 163 -4.47 16.72 -0.41
C ASP A 163 -4.45 15.32 -1.02
N ASN A 164 -3.29 14.93 -1.54
CA ASN A 164 -3.10 13.62 -2.14
C ASN A 164 -3.49 12.52 -1.14
N PRO A 165 -3.57 11.23 -1.57
CA PRO A 165 -3.92 10.14 -0.64
C PRO A 165 -3.22 10.31 0.70
N LYS A 166 -4.00 10.76 1.68
CA LYS A 166 -3.49 11.03 3.02
C LYS A 166 -2.84 9.81 3.67
N VAL A 167 -3.62 8.76 3.95
CA VAL A 167 -3.05 7.58 4.62
C VAL A 167 -2.57 6.54 3.63
N CYS A 168 -1.37 6.01 3.87
CA CYS A 168 -0.78 5.03 2.98
C CYS A 168 -0.22 3.81 3.72
N ALA A 169 -0.47 2.64 3.15
CA ALA A 169 -0.02 1.36 3.71
C ALA A 169 0.67 0.51 2.66
N LEU A 170 1.38 1.16 1.76
CA LEU A 170 2.08 0.51 0.67
C LEU A 170 2.83 -0.74 1.15
N PHE A 171 2.59 -1.87 0.47
CA PHE A 171 3.22 -3.14 0.82
C PHE A 171 3.56 -3.95 -0.44
N ILE A 172 4.85 -4.19 -0.70
CA ILE A 172 5.22 -4.99 -1.87
C ILE A 172 5.93 -6.30 -1.52
N MET A 173 5.43 -7.36 -2.14
CA MET A 173 5.93 -8.71 -1.95
C MET A 173 6.28 -9.32 -3.30
N LYS A 174 7.03 -10.43 -3.30
CA LYS A 174 7.43 -11.02 -4.57
C LYS A 174 7.00 -12.48 -4.77
N GLY A 175 6.86 -12.79 -6.05
CA GLY A 175 6.56 -14.11 -6.56
C GLY A 175 5.10 -14.45 -6.86
N THR A 176 4.12 -13.95 -6.07
CA THR A 176 2.71 -14.28 -6.35
C THR A 176 1.70 -13.70 -5.36
N ALA A 177 0.46 -13.57 -5.83
CA ALA A 177 -0.66 -13.09 -5.00
C ALA A 177 -1.31 -14.24 -4.23
N ASP A 178 -0.93 -15.47 -4.59
CA ASP A 178 -1.49 -16.66 -3.96
C ASP A 178 -1.22 -16.70 -2.47
N ASP A 179 0.01 -16.38 -2.09
CA ASP A 179 0.38 -16.39 -0.68
C ASP A 179 -0.43 -15.38 0.10
N VAL A 180 -0.60 -14.19 -0.47
CA VAL A 180 -1.37 -13.12 0.16
C VAL A 180 -2.68 -13.65 0.77
N PRO A 181 -2.76 -13.83 2.10
CA PRO A 181 -3.98 -14.34 2.75
C PRO A 181 -5.24 -13.59 2.31
N MET A 182 -6.28 -14.35 1.95
CA MET A 182 -7.54 -13.75 1.50
C MET A 182 -8.73 -14.47 2.15
N LEU A 183 -9.72 -13.69 2.58
CA LEU A 183 -10.91 -14.24 3.21
C LEU A 183 -12.17 -13.63 2.62
N GLN A 184 -12.97 -14.46 1.96
CA GLN A 184 -14.21 -14.00 1.35
C GLN A 184 -15.16 -13.44 2.42
N PRO A 185 -15.96 -12.37 2.14
CA PRO A 185 -16.89 -11.82 3.12
C PRO A 185 -17.68 -12.89 3.84
N HIS A 186 -17.90 -12.69 5.14
CA HIS A 186 -18.67 -13.64 5.92
C HIS A 186 -19.68 -12.91 6.81
N PRO A 187 -20.95 -13.38 6.87
CA PRO A 187 -21.98 -12.72 7.70
C PRO A 187 -21.71 -12.92 9.20
N GLY A 188 -22.36 -13.93 9.79
CA GLY A 188 -22.17 -14.19 11.20
C GLY A 188 -23.31 -13.67 12.04
N LEU A 189 -24.38 -14.46 12.15
CA LEU A 189 -25.55 -14.06 12.93
C LEU A 189 -25.37 -14.39 14.41
N GLU A 190 -25.94 -13.55 15.27
CA GLU A 190 -25.85 -13.76 16.71
C GLU A 190 -24.39 -13.83 17.16
N GLY A 1 10.49 -13.81 16.57
CA GLY A 1 10.68 -14.16 15.13
C GLY A 1 10.63 -15.66 14.89
N ALA A 2 9.81 -16.36 15.68
CA ALA A 2 9.68 -17.81 15.55
C ALA A 2 8.78 -18.18 14.37
N MET A 3 7.87 -17.25 14.03
CA MET A 3 6.95 -17.48 12.92
C MET A 3 7.52 -16.94 11.61
N SER A 4 7.50 -17.78 10.58
CA SER A 4 8.02 -17.38 9.27
C SER A 4 7.15 -17.94 8.15
N GLY A 5 6.53 -17.03 7.38
CA GLY A 5 5.68 -17.45 6.29
C GLY A 5 5.65 -16.44 5.17
N LEU A 6 4.69 -15.52 5.24
CA LEU A 6 4.56 -14.48 4.23
C LEU A 6 5.81 -13.61 4.19
N ALA A 7 6.37 -13.36 5.38
CA ALA A 7 7.57 -12.57 5.52
C ALA A 7 8.71 -13.12 4.66
N ASP A 8 8.60 -14.40 4.30
CA ASP A 8 9.64 -15.05 3.51
C ASP A 8 9.64 -14.57 2.05
N LYS A 9 8.53 -13.99 1.61
CA LYS A 9 8.44 -13.50 0.24
C LYS A 9 8.60 -11.99 0.19
N VAL A 10 8.20 -11.29 1.26
CA VAL A 10 8.34 -9.83 1.31
C VAL A 10 9.70 -9.37 0.82
N ILE A 11 9.73 -8.21 0.18
CA ILE A 11 10.99 -7.67 -0.29
C ILE A 11 11.08 -6.18 -0.01
N TRP A 12 9.92 -5.56 0.16
CA TRP A 12 9.89 -4.12 0.42
C TRP A 12 8.46 -3.69 0.75
N ALA A 13 8.30 -2.89 1.82
CA ALA A 13 6.97 -2.43 2.24
C ALA A 13 7.04 -1.12 3.01
N VAL A 14 6.04 -0.23 2.81
CA VAL A 14 6.05 1.06 3.51
C VAL A 14 4.66 1.59 3.86
N ASN A 15 4.50 2.01 5.11
CA ASN A 15 3.23 2.60 5.53
C ASN A 15 3.44 4.04 5.95
N ALA A 16 3.06 4.96 5.08
CA ALA A 16 3.19 6.36 5.40
C ALA A 16 2.19 6.73 6.47
N GLY A 17 2.70 6.91 7.69
CA GLY A 17 1.85 7.28 8.80
C GLY A 17 2.52 7.17 10.16
N GLY A 18 3.51 6.29 10.27
CA GLY A 18 4.17 6.11 11.55
C GLY A 18 5.67 5.98 11.42
N GLU A 19 6.22 4.93 12.01
CA GLU A 19 7.66 4.68 11.97
C GLU A 19 7.97 3.18 12.14
N SER A 20 8.61 2.61 11.12
CA SER A 20 9.01 1.20 11.11
C SER A 20 8.09 0.31 11.94
N HIS A 21 7.16 -0.40 11.28
CA HIS A 21 6.23 -1.28 12.00
C HIS A 21 6.19 -2.68 11.39
N VAL A 22 5.90 -3.68 12.23
CA VAL A 22 5.82 -5.07 11.80
C VAL A 22 4.41 -5.64 11.97
N ASP A 23 3.72 -5.88 10.85
CA ASP A 23 2.37 -6.43 10.89
C ASP A 23 2.40 -7.91 11.25
N VAL A 24 1.28 -8.41 11.77
CA VAL A 24 1.15 -9.80 12.22
C VAL A 24 1.75 -10.83 11.25
N HIS A 25 1.37 -10.77 9.99
CA HIS A 25 1.88 -11.74 9.01
C HIS A 25 3.40 -11.66 8.94
N GLY A 26 3.95 -10.60 9.51
CA GLY A 26 5.38 -10.41 9.53
C GLY A 26 5.84 -9.49 8.41
N ILE A 27 5.02 -8.50 8.10
CA ILE A 27 5.35 -7.54 7.03
C ILE A 27 5.81 -6.23 7.65
N HIS A 28 7.02 -5.79 7.31
CA HIS A 28 7.62 -4.59 7.90
C HIS A 28 7.58 -3.35 7.00
N TYR A 29 7.21 -2.22 7.62
CA TYR A 29 7.16 -0.93 6.93
C TYR A 29 8.46 -0.17 7.26
N ARG A 30 9.10 0.39 6.22
CA ARG A 30 10.36 1.12 6.39
C ARG A 30 10.16 2.63 6.59
N LYS A 31 10.49 3.07 7.80
CA LYS A 31 10.43 4.48 8.24
C LYS A 31 10.41 5.50 7.09
N ASP A 32 9.54 6.53 7.25
CA ASP A 32 9.39 7.65 6.30
C ASP A 32 10.52 7.76 5.28
N PRO A 33 10.45 7.01 4.16
CA PRO A 33 11.49 7.05 3.11
C PRO A 33 11.49 8.32 2.24
N LEU A 34 10.40 9.10 2.22
CA LEU A 34 10.38 10.31 1.38
C LEU A 34 9.97 11.57 2.13
N GLU A 35 9.28 11.43 3.25
CA GLU A 35 8.85 12.59 4.02
C GLU A 35 10.00 13.06 4.90
N GLY A 36 10.90 13.84 4.29
CA GLY A 36 12.05 14.33 5.00
C GLY A 36 13.07 13.24 5.21
N ARG A 37 12.64 12.00 4.98
CA ARG A 37 13.51 10.85 5.13
C ARG A 37 14.13 10.83 6.52
N VAL A 38 13.37 11.37 7.48
CA VAL A 38 13.79 11.41 8.88
C VAL A 38 12.57 11.24 9.79
N GLY A 39 12.77 10.56 10.93
CA GLY A 39 11.68 10.33 11.86
C GLY A 39 10.87 11.58 12.17
N ARG A 40 9.55 11.44 12.19
CA ARG A 40 8.67 12.57 12.49
C ARG A 40 7.31 12.08 12.98
N ALA A 41 6.57 11.40 12.10
CA ALA A 41 5.24 10.86 12.44
C ALA A 41 4.24 11.96 12.77
N SER A 42 2.97 11.65 12.54
CA SER A 42 1.88 12.59 12.82
C SER A 42 0.61 11.82 13.09
N ASP A 43 0.75 10.73 13.86
CA ASP A 43 -0.39 9.87 14.21
C ASP A 43 -1.61 10.69 14.61
N TYR A 44 -1.37 11.81 15.29
CA TYR A 44 -2.46 12.67 15.73
C TYR A 44 -3.43 11.90 16.61
N GLY A 45 -2.99 10.72 17.05
CA GLY A 45 -3.82 9.86 17.88
C GLY A 45 -4.38 8.69 17.10
N MET A 46 -4.19 7.48 17.63
CA MET A 46 -4.70 6.28 16.99
C MET A 46 -6.22 6.25 17.05
N LYS A 47 -6.76 7.29 17.66
CA LYS A 47 -8.20 7.45 17.81
C LYS A 47 -8.86 7.36 16.43
N LEU A 48 -10.15 7.02 16.39
CA LEU A 48 -10.85 6.86 15.12
C LEU A 48 -10.05 5.88 14.24
N PRO A 49 -9.74 4.69 14.78
CA PRO A 49 -8.92 3.68 14.08
C PRO A 49 -9.66 2.90 13.01
N ILE A 50 -8.89 2.19 12.19
CA ILE A 50 -9.43 1.34 11.15
C ILE A 50 -10.15 0.19 11.81
N LEU A 51 -11.27 -0.22 11.22
CA LEU A 51 -12.09 -1.29 11.79
C LEU A 51 -11.64 -2.69 11.38
N ARG A 52 -11.41 -2.92 10.09
CA ARG A 52 -11.04 -4.25 9.63
C ARG A 52 -9.57 -4.57 9.86
N SER A 53 -9.01 -4.07 10.96
CA SER A 53 -7.61 -4.33 11.28
C SER A 53 -7.41 -4.48 12.80
N ASN A 54 -6.61 -5.48 13.19
CA ASN A 54 -6.33 -5.71 14.60
C ASN A 54 -5.51 -4.54 15.17
N PRO A 55 -5.46 -4.36 16.51
CA PRO A 55 -4.73 -3.23 17.14
C PRO A 55 -3.35 -2.89 16.54
N GLU A 56 -2.51 -3.90 16.31
CA GLU A 56 -1.16 -3.64 15.81
C GLU A 56 -1.16 -3.33 14.32
N ASP A 57 -1.76 -4.21 13.53
CA ASP A 57 -1.78 -3.98 12.10
C ASP A 57 -2.70 -2.82 11.77
N GLN A 58 -3.34 -2.27 12.82
CA GLN A 58 -4.21 -1.12 12.71
C GLN A 58 -3.38 0.14 12.65
N VAL A 59 -2.58 0.38 13.69
CA VAL A 59 -1.71 1.56 13.71
C VAL A 59 -0.97 1.63 12.39
N LEU A 60 -0.62 0.46 11.84
CA LEU A 60 0.05 0.42 10.55
C LEU A 60 -0.94 0.84 9.45
N TYR A 61 -1.97 0.02 9.29
CA TYR A 61 -3.05 0.23 8.31
C TYR A 61 -3.91 1.45 8.63
N GLN A 62 -3.38 2.37 9.42
CA GLN A 62 -4.14 3.58 9.81
C GLN A 62 -3.31 4.86 9.77
N THR A 63 -2.35 4.95 10.69
CA THR A 63 -1.48 6.13 10.81
C THR A 63 -1.24 6.86 9.48
N GLU A 64 -1.14 8.20 9.55
CA GLU A 64 -0.92 9.05 8.37
C GLU A 64 0.21 10.06 8.63
N ARG A 65 0.89 10.46 7.55
CA ARG A 65 1.96 11.46 7.65
C ARG A 65 1.46 12.80 7.10
N TYR A 66 2.37 13.76 6.94
CA TYR A 66 2.01 15.07 6.40
C TYR A 66 1.51 14.96 4.97
N ASN A 67 1.16 16.11 4.38
CA ASN A 67 0.66 16.15 3.01
C ASN A 67 1.58 16.94 2.09
N GLU A 68 1.40 16.77 0.79
CA GLU A 68 2.20 17.46 -0.21
C GLU A 68 1.56 17.32 -1.60
N ASP A 69 2.39 17.33 -2.65
CA ASP A 69 1.88 17.19 -4.01
C ASP A 69 2.79 16.32 -4.87
N SER A 70 2.20 15.32 -5.52
CA SER A 70 2.95 14.42 -6.39
C SER A 70 4.16 13.84 -5.67
N PHE A 71 3.94 12.74 -4.95
CA PHE A 71 5.02 12.10 -4.22
C PHE A 71 4.76 10.60 -4.06
N GLY A 72 5.82 9.85 -3.80
CA GLY A 72 5.68 8.42 -3.65
C GLY A 72 6.90 7.73 -3.07
N TYR A 73 7.03 6.46 -3.41
CA TYR A 73 8.14 5.65 -2.92
C TYR A 73 8.91 4.99 -4.06
N ASP A 74 10.07 4.44 -3.71
CA ASP A 74 10.95 3.76 -4.65
C ASP A 74 11.17 2.31 -4.19
N ILE A 75 11.08 1.37 -5.14
CA ILE A 75 11.27 -0.04 -4.83
C ILE A 75 12.32 -0.70 -5.73
N PRO A 76 13.61 -0.63 -5.36
CA PRO A 76 14.67 -1.29 -6.14
C PRO A 76 14.44 -2.79 -6.29
N ILE A 77 14.47 -3.29 -7.54
CA ILE A 77 14.27 -4.72 -7.79
C ILE A 77 15.50 -5.33 -8.47
N LYS A 78 15.67 -6.64 -8.26
CA LYS A 78 16.79 -7.35 -8.85
C LYS A 78 16.40 -8.80 -9.18
N GLU A 79 15.12 -9.13 -9.01
CA GLU A 79 14.63 -10.47 -9.30
C GLU A 79 13.38 -10.42 -10.17
N GLU A 80 12.94 -11.57 -10.66
CA GLU A 80 11.75 -11.63 -11.50
C GLU A 80 10.75 -12.65 -10.97
N GLY A 81 9.56 -12.65 -11.59
CA GLY A 81 8.48 -13.53 -11.18
C GLY A 81 7.18 -12.77 -11.13
N GLU A 82 6.21 -13.19 -10.32
CA GLU A 82 4.97 -12.43 -10.25
C GLU A 82 5.01 -11.53 -9.04
N TYR A 83 5.11 -10.23 -9.26
CA TYR A 83 5.18 -9.29 -8.15
C TYR A 83 3.80 -8.76 -7.88
N VAL A 84 3.38 -8.89 -6.64
CA VAL A 84 2.05 -8.46 -6.28
C VAL A 84 2.07 -7.32 -5.29
N LEU A 85 1.54 -6.19 -5.73
CA LEU A 85 1.51 -5.00 -4.92
C LEU A 85 0.20 -4.89 -4.17
N VAL A 86 0.26 -5.17 -2.88
CA VAL A 86 -0.89 -5.07 -2.01
C VAL A 86 -0.71 -3.87 -1.12
N LEU A 87 -1.75 -3.08 -0.94
CA LEU A 87 -1.60 -1.91 -0.08
C LEU A 87 -2.90 -1.53 0.60
N LYS A 88 -2.77 -0.97 1.80
CA LYS A 88 -3.96 -0.54 2.55
C LYS A 88 -4.08 0.98 2.50
N PHE A 89 -5.17 1.47 1.92
CA PHE A 89 -5.41 2.91 1.85
C PHE A 89 -6.48 3.27 2.86
N ALA A 90 -6.30 4.38 3.58
CA ALA A 90 -7.30 4.78 4.57
C ALA A 90 -7.33 6.29 4.76
N GLU A 91 -8.28 6.75 5.59
CA GLU A 91 -8.43 8.17 5.87
C GLU A 91 -9.53 8.40 6.91
N VAL A 92 -9.29 9.36 7.81
CA VAL A 92 -10.27 9.67 8.86
C VAL A 92 -10.29 11.17 9.16
N TYR A 93 -10.45 11.97 8.11
CA TYR A 93 -10.50 13.43 8.26
C TYR A 93 -11.70 14.02 7.55
N PHE A 94 -12.15 13.37 6.48
CA PHE A 94 -13.29 13.84 5.72
C PHE A 94 -14.25 12.71 5.39
N ALA A 95 -15.31 13.02 4.64
CA ALA A 95 -16.31 12.03 4.26
C ALA A 95 -17.08 12.49 3.02
N GLN A 96 -16.55 12.14 1.84
CA GLN A 96 -17.21 12.51 0.59
C GLN A 96 -16.87 11.51 -0.52
N SER A 97 -17.86 11.23 -1.37
CA SER A 97 -17.69 10.30 -2.48
C SER A 97 -17.80 10.99 -3.83
N GLN A 98 -17.16 10.40 -4.84
CA GLN A 98 -17.18 10.93 -6.20
C GLN A 98 -16.80 12.41 -6.26
N GLN A 99 -16.00 12.85 -5.29
CA GLN A 99 -15.55 14.24 -5.25
C GLN A 99 -14.05 14.29 -4.97
N LYS A 100 -13.63 13.52 -3.97
CA LYS A 100 -12.22 13.44 -3.61
C LYS A 100 -11.60 12.20 -4.23
N VAL A 101 -11.16 12.33 -5.47
CA VAL A 101 -10.55 11.23 -6.19
C VAL A 101 -9.04 11.45 -6.35
N PHE A 102 -8.28 10.37 -6.41
CA PHE A 102 -6.82 10.48 -6.49
C PHE A 102 -6.23 9.70 -7.66
N ASP A 103 -4.90 9.77 -7.81
CA ASP A 103 -4.22 9.03 -8.88
C ASP A 103 -3.14 8.12 -8.31
N VAL A 104 -3.05 6.89 -8.84
CA VAL A 104 -2.06 5.92 -8.38
C VAL A 104 -1.37 5.20 -9.55
N ARG A 105 -0.02 5.25 -9.55
CA ARG A 105 0.78 4.64 -10.61
C ARG A 105 1.90 3.74 -10.07
N VAL A 106 2.26 2.74 -10.88
CA VAL A 106 3.34 1.81 -10.54
C VAL A 106 4.38 1.78 -11.65
N ASN A 107 5.63 2.14 -11.30
CA ASN A 107 6.71 2.23 -12.26
C ASN A 107 6.30 3.20 -13.37
N GLY A 108 5.41 4.12 -12.99
CA GLY A 108 4.93 5.12 -13.94
C GLY A 108 3.66 4.69 -14.65
N HIS A 109 3.02 3.65 -14.15
CA HIS A 109 1.83 3.13 -14.79
C HIS A 109 0.55 3.36 -13.96
N THR A 110 -0.35 4.21 -14.46
CA THR A 110 -1.60 4.48 -13.76
C THR A 110 -2.52 3.28 -13.81
N VAL A 111 -2.74 2.68 -12.64
CA VAL A 111 -3.62 1.52 -12.55
C VAL A 111 -4.93 1.92 -11.91
N VAL A 112 -4.87 2.81 -10.92
CA VAL A 112 -6.09 3.28 -10.27
C VAL A 112 -6.11 4.79 -10.28
N LYS A 113 -6.69 5.37 -11.33
CA LYS A 113 -6.75 6.81 -11.45
C LYS A 113 -8.16 7.34 -11.24
N ASP A 114 -8.44 7.51 -9.97
CA ASP A 114 -9.70 8.01 -9.45
C ASP A 114 -9.94 7.39 -8.08
N LEU A 115 -8.84 7.12 -7.36
CA LEU A 115 -8.95 6.48 -6.06
C LEU A 115 -9.84 7.26 -5.12
N ASP A 116 -11.07 6.81 -5.02
CA ASP A 116 -12.05 7.41 -4.13
C ASP A 116 -12.23 6.48 -2.93
N ILE A 117 -11.30 6.57 -1.99
CA ILE A 117 -11.27 5.71 -0.82
C ILE A 117 -12.62 5.67 -0.08
N PHE A 118 -13.20 6.84 0.16
CA PHE A 118 -14.49 6.91 0.86
C PHE A 118 -15.58 6.16 0.12
N ASP A 119 -15.64 6.33 -1.19
CA ASP A 119 -16.66 5.67 -2.01
C ASP A 119 -16.42 4.16 -2.12
N ARG A 120 -15.16 3.74 -2.00
CA ARG A 120 -14.82 2.33 -2.11
C ARG A 120 -15.35 1.51 -0.93
N VAL A 121 -14.94 1.87 0.28
CA VAL A 121 -15.37 1.15 1.47
C VAL A 121 -16.65 1.74 2.06
N GLY A 122 -16.74 3.07 2.09
CA GLY A 122 -17.90 3.72 2.63
C GLY A 122 -17.61 4.46 3.93
N HIS A 123 -17.60 3.73 5.04
CA HIS A 123 -17.31 4.32 6.34
C HIS A 123 -15.87 4.05 6.75
N SER A 124 -15.43 4.71 7.82
CA SER A 124 -14.08 4.55 8.33
C SER A 124 -13.71 3.08 8.48
N THR A 125 -13.02 2.54 7.48
CA THR A 125 -12.62 1.13 7.47
C THR A 125 -11.33 0.97 6.67
N ALA A 126 -10.95 -0.27 6.41
CA ALA A 126 -9.72 -0.54 5.65
C ALA A 126 -9.97 -0.78 4.17
N HIS A 127 -9.21 -0.10 3.32
CA HIS A 127 -9.31 -0.27 1.88
C HIS A 127 -8.10 -1.05 1.40
N ASP A 128 -8.28 -1.87 0.38
CA ASP A 128 -7.18 -2.69 -0.13
C ASP A 128 -7.22 -2.86 -1.64
N GLU A 129 -6.10 -2.55 -2.28
CA GLU A 129 -5.99 -2.71 -3.73
C GLU A 129 -4.95 -3.77 -4.04
N ILE A 130 -5.30 -4.65 -4.98
CA ILE A 130 -4.42 -5.74 -5.40
C ILE A 130 -4.05 -5.58 -6.87
N ILE A 131 -2.77 -5.46 -7.16
CA ILE A 131 -2.30 -5.28 -8.53
C ILE A 131 -1.21 -6.30 -8.90
N PRO A 132 -1.59 -7.48 -9.43
CA PRO A 132 -0.61 -8.50 -9.86
C PRO A 132 0.27 -7.99 -11.00
N ILE A 133 1.52 -8.43 -11.02
CA ILE A 133 2.47 -8.00 -12.04
C ILE A 133 3.32 -9.17 -12.52
N SER A 134 3.86 -9.07 -13.73
CA SER A 134 4.71 -10.13 -14.27
C SER A 134 5.98 -9.56 -14.89
N ILE A 135 7.11 -9.80 -14.20
CA ILE A 135 8.42 -9.33 -14.67
C ILE A 135 9.26 -10.50 -15.12
N LYS A 136 9.76 -10.44 -16.36
CA LYS A 136 10.58 -11.52 -16.91
C LYS A 136 11.61 -10.97 -17.90
N LYS A 137 12.81 -11.53 -17.87
CA LYS A 137 13.88 -11.12 -18.77
C LYS A 137 14.26 -9.66 -18.54
N GLY A 138 13.79 -9.09 -17.43
CA GLY A 138 14.11 -7.71 -17.12
C GLY A 138 13.05 -6.73 -17.58
N LYS A 139 11.90 -7.24 -18.02
CA LYS A 139 10.83 -6.37 -18.48
C LYS A 139 9.63 -6.45 -17.53
N LEU A 140 8.71 -5.49 -17.64
CA LEU A 140 7.55 -5.47 -16.76
C LEU A 140 6.23 -5.40 -17.52
N SER A 141 5.25 -6.14 -17.03
CA SER A 141 3.92 -6.15 -17.63
C SER A 141 2.86 -5.84 -16.58
N VAL A 142 2.18 -4.70 -16.77
CA VAL A 142 1.15 -4.24 -15.86
C VAL A 142 -0.23 -4.29 -16.53
N GLN A 143 -1.03 -5.29 -16.17
CA GLN A 143 -2.37 -5.45 -16.72
C GLN A 143 -2.34 -5.69 -18.24
N GLY A 144 -2.29 -4.61 -19.01
CA GLY A 144 -2.28 -4.75 -20.47
C GLY A 144 -1.25 -3.87 -21.16
N GLU A 145 -0.35 -3.26 -20.38
CA GLU A 145 0.69 -2.42 -20.95
C GLU A 145 2.06 -2.89 -20.50
N VAL A 146 2.90 -3.28 -21.45
CA VAL A 146 4.23 -3.78 -21.12
C VAL A 146 5.33 -2.79 -21.48
N SER A 147 6.21 -2.54 -20.51
CA SER A 147 7.33 -1.63 -20.68
C SER A 147 8.53 -2.14 -19.90
N THR A 148 9.72 -1.95 -20.46
CA THR A 148 10.94 -2.42 -19.83
C THR A 148 11.11 -1.84 -18.41
N PHE A 149 11.62 -2.69 -17.51
CA PHE A 149 11.85 -2.29 -16.12
C PHE A 149 13.15 -1.48 -16.05
N THR A 150 13.19 -0.46 -15.19
CA THR A 150 14.39 0.38 -15.10
C THR A 150 14.77 0.73 -13.66
N GLY A 151 15.70 -0.04 -13.09
CA GLY A 151 16.21 0.23 -11.76
C GLY A 151 15.28 -0.12 -10.61
N LYS A 152 14.08 0.45 -10.59
CA LYS A 152 13.16 0.18 -9.47
C LYS A 152 11.71 0.35 -9.88
N LEU A 153 10.84 0.01 -8.92
CA LEU A 153 9.40 0.18 -9.11
C LEU A 153 9.02 1.51 -8.46
N SER A 154 8.27 2.36 -9.17
CA SER A 154 7.97 3.67 -8.60
C SER A 154 6.48 3.91 -8.45
N VAL A 155 6.03 4.00 -7.21
CA VAL A 155 4.62 4.24 -6.96
C VAL A 155 4.38 5.71 -6.66
N GLU A 156 3.83 6.40 -7.65
CA GLU A 156 3.56 7.82 -7.53
C GLU A 156 2.06 8.07 -7.43
N PHE A 157 1.69 9.07 -6.65
CA PHE A 157 0.29 9.44 -6.52
C PHE A 157 0.14 10.95 -6.59
N VAL A 158 -0.88 11.38 -7.31
CA VAL A 158 -1.14 12.80 -7.50
C VAL A 158 -2.43 13.23 -6.79
N LYS A 159 -2.39 14.44 -6.24
CA LYS A 159 -3.54 14.99 -5.52
C LYS A 159 -4.64 15.42 -6.47
N GLY A 160 -5.89 15.31 -6.01
CA GLY A 160 -7.02 15.71 -6.82
C GLY A 160 -7.66 16.98 -6.31
N TYR A 161 -7.23 17.43 -5.15
CA TYR A 161 -7.76 18.65 -4.54
C TYR A 161 -6.66 19.39 -3.79
N TYR A 162 -6.10 18.75 -2.77
CA TYR A 162 -5.04 19.35 -1.97
C TYR A 162 -4.45 18.34 -0.99
N ASP A 163 -5.27 17.38 -0.57
CA ASP A 163 -4.84 16.36 0.38
C ASP A 163 -4.68 14.99 -0.29
N ASN A 164 -3.47 14.72 -0.79
CA ASN A 164 -3.18 13.45 -1.44
C ASN A 164 -3.55 12.30 -0.49
N PRO A 165 -3.64 11.03 -0.97
CA PRO A 165 -3.98 9.90 -0.11
C PRO A 165 -3.36 10.04 1.27
N LYS A 166 -4.17 10.48 2.22
CA LYS A 166 -3.73 10.71 3.59
C LYS A 166 -3.01 9.50 4.19
N VAL A 167 -3.68 8.34 4.21
CA VAL A 167 -3.05 7.14 4.78
C VAL A 167 -2.56 6.18 3.70
N CYS A 168 -1.33 5.70 3.88
CA CYS A 168 -0.75 4.76 2.92
C CYS A 168 -0.11 3.57 3.63
N ALA A 169 -0.39 2.38 3.10
CA ALA A 169 0.10 1.13 3.67
C ALA A 169 0.85 0.27 2.65
N LEU A 170 1.57 0.93 1.74
CA LEU A 170 2.35 0.24 0.71
C LEU A 170 2.88 -1.09 1.22
N PHE A 171 2.70 -2.14 0.43
CA PHE A 171 3.19 -3.46 0.81
C PHE A 171 3.49 -4.27 -0.45
N ILE A 172 4.78 -4.38 -0.83
CA ILE A 172 5.13 -5.15 -2.01
C ILE A 172 5.82 -6.49 -1.66
N MET A 173 5.20 -7.56 -2.16
CA MET A 173 5.68 -8.91 -1.95
C MET A 173 6.11 -9.52 -3.28
N LYS A 174 6.84 -10.63 -3.21
CA LYS A 174 7.34 -11.25 -4.41
C LYS A 174 6.86 -12.68 -4.66
N GLY A 175 6.68 -12.94 -5.94
CA GLY A 175 6.36 -14.25 -6.49
C GLY A 175 4.92 -14.54 -6.89
N THR A 176 3.89 -14.06 -6.16
CA THR A 176 2.51 -14.35 -6.58
C THR A 176 1.44 -13.82 -5.64
N ALA A 177 0.24 -13.64 -6.20
CA ALA A 177 -0.93 -13.23 -5.44
C ALA A 177 -1.60 -14.46 -4.84
N ASP A 178 -1.32 -15.61 -5.45
CA ASP A 178 -1.88 -16.87 -5.01
C ASP A 178 -1.44 -17.20 -3.59
N ASP A 179 -0.25 -16.74 -3.22
CA ASP A 179 0.27 -16.97 -1.88
C ASP A 179 -0.79 -16.57 -0.87
N VAL A 180 -1.13 -15.29 -0.85
CA VAL A 180 -2.16 -14.77 0.05
C VAL A 180 -1.78 -14.95 1.53
N PRO A 181 -1.88 -13.89 2.38
CA PRO A 181 -1.54 -14.01 3.81
C PRO A 181 -2.08 -15.30 4.43
N MET A 182 -1.18 -16.11 4.97
CA MET A 182 -1.56 -17.37 5.61
C MET A 182 -0.85 -17.55 6.94
N LEU A 183 -1.62 -17.80 7.99
CA LEU A 183 -1.06 -17.99 9.33
C LEU A 183 -1.65 -19.23 10.00
N GLN A 184 -0.95 -19.73 11.00
CA GLN A 184 -1.39 -20.91 11.75
C GLN A 184 -2.60 -20.54 12.62
N PRO A 185 -3.57 -21.48 12.82
CA PRO A 185 -4.76 -21.18 13.64
C PRO A 185 -4.42 -20.91 15.09
N HIS A 186 -4.86 -19.76 15.60
CA HIS A 186 -4.61 -19.40 16.98
C HIS A 186 -5.89 -18.86 17.62
N PRO A 187 -6.24 -19.28 18.86
CA PRO A 187 -7.47 -18.80 19.52
C PRO A 187 -7.35 -17.34 19.95
N GLY A 188 -7.01 -17.11 21.22
CA GLY A 188 -6.86 -15.76 21.72
C GLY A 188 -8.19 -15.12 22.07
N LEU A 189 -9.09 -15.90 22.66
CA LEU A 189 -10.40 -15.40 23.03
C LEU A 189 -10.41 -14.96 24.50
N GLU A 190 -10.09 -13.70 24.74
CA GLU A 190 -10.06 -13.16 26.09
C GLU A 190 -11.46 -13.11 26.69
N GLY A 1 6.50 -22.08 9.75
CA GLY A 1 7.37 -22.37 10.93
C GLY A 1 6.68 -22.01 12.24
N ALA A 2 6.88 -20.77 12.68
CA ALA A 2 6.29 -20.30 13.92
C ALA A 2 5.90 -18.83 13.81
N MET A 3 6.36 -18.17 12.76
CA MET A 3 6.07 -16.76 12.54
C MET A 3 5.62 -16.53 11.10
N SER A 4 4.86 -17.47 10.55
CA SER A 4 4.34 -17.38 9.19
C SER A 4 5.49 -17.36 8.19
N GLY A 5 5.16 -17.55 6.91
CA GLY A 5 6.18 -17.55 5.87
C GLY A 5 5.97 -16.45 4.85
N LEU A 6 5.02 -15.57 5.11
CA LEU A 6 4.75 -14.46 4.20
C LEU A 6 5.97 -13.55 4.13
N ALA A 7 6.57 -13.32 5.29
CA ALA A 7 7.76 -12.49 5.40
C ALA A 7 8.90 -13.08 4.56
N ASP A 8 8.80 -14.37 4.24
CA ASP A 8 9.83 -15.05 3.48
C ASP A 8 9.84 -14.57 2.03
N LYS A 9 8.76 -13.95 1.58
CA LYS A 9 8.68 -13.46 0.21
C LYS A 9 8.78 -11.94 0.15
N VAL A 10 8.36 -11.25 1.22
CA VAL A 10 8.43 -9.79 1.25
C VAL A 10 9.77 -9.30 0.75
N ILE A 11 9.76 -8.15 0.08
CA ILE A 11 11.02 -7.58 -0.39
C ILE A 11 11.07 -6.11 -0.07
N TRP A 12 9.91 -5.51 0.20
CA TRP A 12 9.86 -4.09 0.52
C TRP A 12 8.44 -3.68 0.90
N ALA A 13 8.31 -2.76 1.85
CA ALA A 13 7.00 -2.31 2.29
C ALA A 13 7.07 -0.99 3.05
N VAL A 14 6.07 -0.13 2.85
CA VAL A 14 6.06 1.15 3.54
C VAL A 14 4.67 1.67 3.87
N ASN A 15 4.47 2.04 5.14
CA ASN A 15 3.21 2.61 5.54
C ASN A 15 3.42 4.04 5.96
N ALA A 16 3.23 4.94 5.01
CA ALA A 16 3.44 6.35 5.28
C ALA A 16 2.47 6.82 6.31
N GLY A 17 2.95 6.85 7.54
CA GLY A 17 2.13 7.31 8.65
C GLY A 17 2.84 7.20 9.99
N GLY A 18 2.89 5.99 10.52
CA GLY A 18 3.53 5.75 11.80
C GLY A 18 5.04 5.74 11.72
N GLU A 19 5.65 4.66 12.20
CA GLU A 19 7.10 4.54 12.18
C GLU A 19 7.53 3.08 12.37
N SER A 20 8.26 2.55 11.39
CA SER A 20 8.77 1.16 11.43
C SER A 20 7.79 0.21 12.10
N HIS A 21 6.90 -0.43 11.32
CA HIS A 21 5.94 -1.36 11.91
C HIS A 21 6.12 -2.79 11.42
N VAL A 22 5.72 -3.75 12.26
CA VAL A 22 5.80 -5.16 11.92
C VAL A 22 4.42 -5.81 12.04
N ASP A 23 3.78 -6.06 10.90
CA ASP A 23 2.45 -6.68 10.88
C ASP A 23 2.53 -8.13 11.33
N VAL A 24 1.44 -8.62 11.91
CA VAL A 24 1.35 -9.97 12.43
C VAL A 24 1.96 -11.02 11.50
N HIS A 25 1.62 -10.98 10.21
CA HIS A 25 2.14 -11.94 9.26
C HIS A 25 3.67 -11.87 9.25
N GLY A 26 4.18 -10.69 9.53
CA GLY A 26 5.61 -10.47 9.57
C GLY A 26 6.05 -9.53 8.48
N ILE A 27 5.20 -8.57 8.16
CA ILE A 27 5.51 -7.59 7.11
C ILE A 27 5.91 -6.26 7.75
N HIS A 28 7.11 -5.78 7.41
CA HIS A 28 7.64 -4.56 8.02
C HIS A 28 7.58 -3.32 7.12
N TYR A 29 7.14 -2.20 7.71
CA TYR A 29 7.09 -0.91 7.01
C TYR A 29 8.33 -0.11 7.38
N ARG A 30 9.04 0.40 6.36
CA ARG A 30 10.27 1.17 6.56
C ARG A 30 9.99 2.63 6.90
N LYS A 31 10.35 2.99 8.12
CA LYS A 31 10.20 4.36 8.66
C LYS A 31 10.29 5.44 7.58
N ASP A 32 9.44 6.46 7.76
CA ASP A 32 9.35 7.64 6.88
C ASP A 32 10.54 7.81 5.93
N PRO A 33 10.54 7.12 4.76
CA PRO A 33 11.62 7.24 3.79
C PRO A 33 11.26 8.12 2.58
N LEU A 34 10.05 8.66 2.54
CA LEU A 34 9.64 9.52 1.43
C LEU A 34 9.12 10.87 1.88
N GLU A 35 8.05 10.88 2.68
CA GLU A 35 7.48 12.14 3.16
C GLU A 35 8.41 12.77 4.20
N GLY A 36 9.32 13.61 3.73
CA GLY A 36 10.27 14.24 4.61
C GLY A 36 11.52 13.41 4.76
N ARG A 37 11.36 12.10 4.62
CA ARG A 37 12.46 11.14 4.73
C ARG A 37 13.33 11.44 5.94
N VAL A 38 12.70 11.89 7.02
CA VAL A 38 13.40 12.20 8.26
C VAL A 38 12.59 11.73 9.47
N GLY A 39 13.28 11.23 10.48
CA GLY A 39 12.62 10.74 11.67
C GLY A 39 11.62 11.73 12.25
N ARG A 40 10.33 11.50 11.98
CA ARG A 40 9.28 12.37 12.47
C ARG A 40 8.06 11.56 12.90
N ALA A 41 7.26 11.13 11.93
CA ALA A 41 6.06 10.34 12.19
C ALA A 41 5.07 11.10 13.06
N SER A 42 3.92 11.43 12.49
CA SER A 42 2.88 12.16 13.21
C SER A 42 2.19 11.26 14.23
N ASP A 43 1.92 10.01 13.82
CA ASP A 43 1.27 9.04 14.68
C ASP A 43 0.18 9.68 15.54
N TYR A 44 -0.62 10.54 14.91
CA TYR A 44 -1.70 11.22 15.60
C TYR A 44 -3.04 10.63 15.20
N GLY A 45 -3.04 9.32 14.92
CA GLY A 45 -4.26 8.64 14.53
C GLY A 45 -4.49 7.36 15.31
N MET A 46 -3.82 7.22 16.44
CA MET A 46 -3.97 6.02 17.28
C MET A 46 -5.45 5.78 17.56
N LYS A 47 -6.20 6.87 17.65
CA LYS A 47 -7.63 6.80 17.90
C LYS A 47 -8.36 6.35 16.63
N LEU A 48 -9.57 5.83 16.79
CA LEU A 48 -10.37 5.37 15.66
C LEU A 48 -9.68 4.17 14.99
N PRO A 49 -9.53 3.06 15.72
CA PRO A 49 -8.89 1.84 15.17
C PRO A 49 -9.63 1.30 13.96
N ILE A 50 -8.91 1.03 12.87
CA ILE A 50 -9.53 0.49 11.68
C ILE A 50 -10.11 -0.90 11.98
N LEU A 51 -11.44 -0.95 11.97
CA LEU A 51 -12.21 -2.16 12.27
C LEU A 51 -11.70 -3.42 11.56
N ARG A 52 -11.55 -3.34 10.25
CA ARG A 52 -11.12 -4.50 9.46
C ARG A 52 -9.68 -4.91 9.80
N SER A 53 -9.05 -4.19 10.71
CA SER A 53 -7.67 -4.51 11.09
C SER A 53 -7.48 -4.65 12.60
N ASN A 54 -6.64 -5.62 12.99
CA ASN A 54 -6.34 -5.86 14.40
C ASN A 54 -5.51 -4.68 14.96
N PRO A 55 -5.49 -4.47 16.30
CA PRO A 55 -4.76 -3.33 16.93
C PRO A 55 -3.39 -2.97 16.32
N GLU A 56 -2.47 -3.92 16.29
CA GLU A 56 -1.12 -3.65 15.79
C GLU A 56 -1.13 -3.44 14.27
N ASP A 57 -1.69 -4.39 13.55
CA ASP A 57 -1.73 -4.30 12.12
C ASP A 57 -2.69 -3.18 11.72
N GLN A 58 -3.37 -2.63 12.72
CA GLN A 58 -4.28 -1.52 12.51
C GLN A 58 -3.48 -0.26 12.33
N VAL A 59 -2.52 -0.05 13.21
CA VAL A 59 -1.66 1.11 13.11
C VAL A 59 -1.04 1.13 11.73
N LEU A 60 -0.60 -0.03 11.26
CA LEU A 60 0.00 -0.15 9.93
C LEU A 60 -1.04 0.21 8.87
N TYR A 61 -2.08 -0.59 8.81
CA TYR A 61 -3.20 -0.37 7.87
C TYR A 61 -3.72 1.06 7.97
N GLN A 62 -3.28 1.76 9.02
CA GLN A 62 -3.71 3.12 9.27
C GLN A 62 -2.50 4.07 9.37
N THR A 63 -2.42 4.82 10.48
CA THR A 63 -1.36 5.82 10.73
C THR A 63 -1.07 6.71 9.51
N GLU A 64 -1.08 8.02 9.72
CA GLU A 64 -0.87 8.98 8.63
C GLU A 64 0.28 9.95 8.92
N ARG A 65 0.87 10.46 7.83
CA ARG A 65 1.96 11.43 7.90
C ARG A 65 1.57 12.70 7.13
N TYR A 66 2.54 13.60 6.97
CA TYR A 66 2.31 14.86 6.26
C TYR A 66 1.98 14.60 4.78
N ASN A 67 1.78 15.68 4.02
CA ASN A 67 1.45 15.56 2.60
C ASN A 67 1.82 16.83 1.84
N GLU A 68 1.89 16.74 0.52
CA GLU A 68 2.23 17.90 -0.31
C GLU A 68 1.59 17.81 -1.71
N ASP A 69 2.31 17.27 -2.68
CA ASP A 69 1.79 17.15 -4.05
C ASP A 69 2.74 16.35 -4.94
N SER A 70 2.20 15.34 -5.62
CA SER A 70 2.98 14.50 -6.54
C SER A 70 4.24 13.95 -5.88
N PHE A 71 4.13 12.74 -5.34
CA PHE A 71 5.27 12.10 -4.70
C PHE A 71 5.05 10.59 -4.59
N GLY A 72 6.14 9.84 -4.40
CA GLY A 72 6.02 8.40 -4.31
C GLY A 72 7.21 7.71 -3.73
N TYR A 73 7.09 6.39 -3.60
CA TYR A 73 8.16 5.58 -3.00
C TYR A 73 8.99 4.86 -4.07
N ASP A 74 10.17 4.43 -3.66
CA ASP A 74 11.10 3.75 -4.54
C ASP A 74 11.33 2.31 -4.09
N ILE A 75 11.05 1.35 -4.98
CA ILE A 75 11.23 -0.07 -4.67
C ILE A 75 12.30 -0.69 -5.56
N PRO A 76 13.48 -1.06 -5.04
CA PRO A 76 14.51 -1.68 -5.88
C PRO A 76 14.27 -3.18 -6.07
N ILE A 77 14.30 -3.64 -7.32
CA ILE A 77 14.09 -5.04 -7.62
C ILE A 77 15.28 -5.64 -8.35
N LYS A 78 15.53 -6.93 -8.12
CA LYS A 78 16.64 -7.63 -8.75
C LYS A 78 16.22 -9.04 -9.18
N GLU A 79 14.96 -9.40 -8.92
CA GLU A 79 14.45 -10.72 -9.28
C GLU A 79 13.23 -10.60 -10.17
N GLU A 80 12.84 -11.71 -10.79
CA GLU A 80 11.67 -11.72 -11.65
C GLU A 80 10.63 -12.71 -11.16
N GLY A 81 9.46 -12.68 -11.79
CA GLY A 81 8.36 -13.54 -11.41
C GLY A 81 7.08 -12.74 -11.33
N GLU A 82 6.16 -13.08 -10.43
CA GLU A 82 4.95 -12.31 -10.32
C GLU A 82 4.98 -11.44 -9.07
N TYR A 83 5.13 -10.13 -9.23
CA TYR A 83 5.18 -9.26 -8.09
C TYR A 83 3.82 -8.68 -7.83
N VAL A 84 3.36 -8.83 -6.60
CA VAL A 84 2.03 -8.38 -6.25
C VAL A 84 2.09 -7.23 -5.28
N LEU A 85 1.58 -6.09 -5.72
CA LEU A 85 1.59 -4.88 -4.93
C LEU A 85 0.27 -4.71 -4.18
N VAL A 86 0.33 -4.98 -2.87
CA VAL A 86 -0.82 -4.85 -1.99
C VAL A 86 -0.64 -3.61 -1.14
N LEU A 87 -1.70 -2.83 -0.97
CA LEU A 87 -1.58 -1.61 -0.17
C LEU A 87 -2.91 -1.18 0.41
N LYS A 88 -2.91 -0.81 1.69
CA LYS A 88 -4.14 -0.34 2.33
C LYS A 88 -4.15 1.18 2.32
N PHE A 89 -5.23 1.74 1.81
CA PHE A 89 -5.38 3.19 1.76
C PHE A 89 -6.40 3.62 2.81
N ALA A 90 -6.10 4.70 3.53
CA ALA A 90 -7.02 5.20 4.55
C ALA A 90 -7.19 6.72 4.43
N GLU A 91 -8.34 7.23 4.87
CA GLU A 91 -8.61 8.67 4.82
C GLU A 91 -8.96 9.22 6.19
N VAL A 92 -10.19 8.95 6.65
CA VAL A 92 -10.65 9.42 7.96
C VAL A 92 -10.77 10.95 7.99
N TYR A 93 -11.54 11.45 8.96
CA TYR A 93 -11.75 12.89 9.16
C TYR A 93 -12.83 13.44 8.22
N PHE A 94 -12.57 13.41 6.91
CA PHE A 94 -13.52 13.93 5.94
C PHE A 94 -14.55 12.89 5.55
N ALA A 95 -15.69 13.36 5.03
CA ALA A 95 -16.76 12.48 4.62
C ALA A 95 -17.33 12.88 3.26
N GLN A 96 -16.69 12.43 2.19
CA GLN A 96 -17.14 12.75 0.84
C GLN A 96 -16.88 11.61 -0.13
N SER A 97 -17.84 11.37 -1.02
CA SER A 97 -17.73 10.29 -2.02
C SER A 97 -17.89 10.82 -3.45
N GLN A 98 -17.31 10.08 -4.40
CA GLN A 98 -17.38 10.44 -5.81
C GLN A 98 -17.07 11.93 -6.05
N GLN A 99 -16.24 12.48 -5.17
CA GLN A 99 -15.85 13.88 -5.27
C GLN A 99 -14.35 13.99 -5.08
N LYS A 100 -13.86 13.34 -4.04
CA LYS A 100 -12.44 13.33 -3.74
C LYS A 100 -11.80 12.10 -4.39
N VAL A 101 -11.39 12.26 -5.63
CA VAL A 101 -10.78 11.17 -6.39
C VAL A 101 -9.29 11.43 -6.56
N PHE A 102 -8.51 10.37 -6.70
CA PHE A 102 -7.06 10.51 -6.82
C PHE A 102 -6.47 9.67 -7.94
N ASP A 103 -5.16 9.82 -8.15
CA ASP A 103 -4.48 9.04 -9.18
C ASP A 103 -3.36 8.20 -8.59
N VAL A 104 -3.23 6.97 -9.09
CA VAL A 104 -2.22 6.04 -8.60
C VAL A 104 -1.54 5.27 -9.74
N ARG A 105 -0.20 5.25 -9.71
CA ARG A 105 0.59 4.57 -10.75
C ARG A 105 1.68 3.66 -10.18
N VAL A 106 2.04 2.65 -10.98
CA VAL A 106 3.08 1.70 -10.62
C VAL A 106 4.18 1.71 -11.70
N ASN A 107 5.40 2.03 -11.28
CA ASN A 107 6.54 2.16 -12.20
C ASN A 107 6.17 3.14 -13.30
N GLY A 108 5.27 4.05 -12.95
CA GLY A 108 4.83 5.06 -13.89
C GLY A 108 3.60 4.64 -14.67
N HIS A 109 2.84 3.71 -14.12
CA HIS A 109 1.67 3.21 -14.81
C HIS A 109 0.37 3.37 -14.00
N THR A 110 -0.49 4.29 -14.43
CA THR A 110 -1.77 4.52 -13.74
C THR A 110 -2.65 3.29 -13.77
N VAL A 111 -2.92 2.73 -12.60
CA VAL A 111 -3.77 1.57 -12.48
C VAL A 111 -5.11 1.96 -11.90
N VAL A 112 -5.10 2.91 -10.97
CA VAL A 112 -6.34 3.38 -10.37
C VAL A 112 -6.41 4.90 -10.45
N LYS A 113 -7.03 5.40 -11.52
CA LYS A 113 -7.14 6.83 -11.72
C LYS A 113 -8.54 7.33 -11.45
N ASP A 114 -8.80 7.42 -10.18
CA ASP A 114 -10.07 7.89 -9.61
C ASP A 114 -10.24 7.32 -8.23
N LEU A 115 -9.12 7.04 -7.57
CA LEU A 115 -9.15 6.44 -6.26
C LEU A 115 -9.86 7.33 -5.24
N ASP A 116 -11.10 6.93 -4.94
CA ASP A 116 -11.94 7.62 -3.97
C ASP A 116 -12.14 6.69 -2.77
N ILE A 117 -11.23 6.80 -1.81
CA ILE A 117 -11.22 5.95 -0.62
C ILE A 117 -12.57 5.92 0.12
N PHE A 118 -13.09 7.09 0.46
CA PHE A 118 -14.36 7.16 1.20
C PHE A 118 -15.49 6.45 0.46
N ASP A 119 -15.53 6.60 -0.86
CA ASP A 119 -16.56 5.96 -1.67
C ASP A 119 -16.43 4.44 -1.69
N ARG A 120 -15.20 3.94 -1.55
CA ARG A 120 -14.96 2.50 -1.58
C ARG A 120 -15.38 1.79 -0.30
N VAL A 121 -14.81 2.20 0.83
CA VAL A 121 -15.13 1.58 2.12
C VAL A 121 -16.34 2.23 2.78
N GLY A 122 -16.43 3.55 2.69
CA GLY A 122 -17.53 4.26 3.29
C GLY A 122 -17.09 5.12 4.47
N HIS A 123 -17.20 4.58 5.67
CA HIS A 123 -16.81 5.31 6.87
C HIS A 123 -15.59 4.69 7.54
N SER A 124 -14.46 5.39 7.47
CA SER A 124 -13.21 4.91 8.07
C SER A 124 -12.84 3.51 7.54
N THR A 125 -12.49 2.60 8.45
CA THR A 125 -12.11 1.24 8.08
C THR A 125 -10.91 1.25 7.12
N ALA A 126 -10.56 0.08 6.56
CA ALA A 126 -9.42 0.00 5.65
C ALA A 126 -9.81 -0.36 4.22
N HIS A 127 -9.14 0.30 3.29
CA HIS A 127 -9.32 0.06 1.87
C HIS A 127 -8.17 -0.82 1.40
N ASP A 128 -8.38 -1.63 0.38
CA ASP A 128 -7.33 -2.51 -0.10
C ASP A 128 -7.38 -2.71 -1.60
N GLU A 129 -6.29 -2.37 -2.26
CA GLU A 129 -6.18 -2.54 -3.70
C GLU A 129 -5.03 -3.48 -4.02
N ILE A 130 -5.23 -4.33 -5.03
CA ILE A 130 -4.24 -5.31 -5.44
C ILE A 130 -3.88 -5.15 -6.91
N ILE A 131 -2.59 -5.21 -7.22
CA ILE A 131 -2.11 -5.07 -8.59
C ILE A 131 -1.08 -6.15 -8.96
N PRO A 132 -1.50 -7.32 -9.48
CA PRO A 132 -0.55 -8.37 -9.89
C PRO A 132 0.35 -7.90 -11.01
N ILE A 133 1.60 -8.33 -11.00
CA ILE A 133 2.56 -7.93 -12.03
C ILE A 133 3.37 -9.12 -12.52
N SER A 134 3.88 -9.03 -13.75
CA SER A 134 4.69 -10.09 -14.33
C SER A 134 5.98 -9.52 -14.93
N ILE A 135 7.10 -9.76 -14.25
CA ILE A 135 8.39 -9.29 -14.71
C ILE A 135 9.23 -10.46 -15.25
N LYS A 136 9.77 -10.29 -16.46
CA LYS A 136 10.58 -11.33 -17.08
C LYS A 136 11.67 -10.71 -17.96
N LYS A 137 12.86 -11.30 -17.92
CA LYS A 137 13.99 -10.81 -18.70
C LYS A 137 14.24 -9.34 -18.38
N GLY A 138 13.89 -8.96 -17.16
CA GLY A 138 14.09 -7.59 -16.72
C GLY A 138 13.07 -6.64 -17.32
N LYS A 139 11.88 -7.16 -17.63
CA LYS A 139 10.83 -6.32 -18.20
C LYS A 139 9.57 -6.35 -17.33
N LEU A 140 8.85 -5.24 -17.29
CA LEU A 140 7.65 -5.14 -16.45
C LEU A 140 6.37 -5.14 -17.29
N SER A 141 5.43 -5.98 -16.88
CA SER A 141 4.13 -6.06 -17.54
C SER A 141 3.01 -5.76 -16.54
N VAL A 142 2.37 -4.61 -16.72
CA VAL A 142 1.30 -4.18 -15.82
C VAL A 142 -0.07 -4.39 -16.48
N GLN A 143 -0.81 -5.37 -15.98
CA GLN A 143 -2.14 -5.70 -16.49
C GLN A 143 -2.10 -6.12 -17.96
N GLY A 144 -2.08 -5.13 -18.86
CA GLY A 144 -2.05 -5.43 -20.28
C GLY A 144 -1.10 -4.55 -21.06
N GLU A 145 -0.24 -3.82 -20.35
CA GLU A 145 0.73 -2.94 -21.00
C GLU A 145 2.14 -3.41 -20.69
N VAL A 146 3.03 -3.32 -21.68
CA VAL A 146 4.41 -3.74 -21.51
C VAL A 146 5.34 -2.53 -21.41
N SER A 147 6.28 -2.62 -20.48
CA SER A 147 7.24 -1.56 -20.26
C SER A 147 8.48 -2.10 -19.55
N THR A 148 9.64 -1.84 -20.12
CA THR A 148 10.89 -2.34 -19.56
C THR A 148 11.08 -1.85 -18.13
N PHE A 149 11.65 -2.73 -17.29
CA PHE A 149 11.91 -2.40 -15.89
C PHE A 149 13.18 -1.56 -15.81
N THR A 150 13.07 -0.36 -15.24
CA THR A 150 14.24 0.50 -15.14
C THR A 150 14.72 0.68 -13.71
N GLY A 151 15.64 -0.19 -13.31
CA GLY A 151 16.26 -0.15 -11.99
C GLY A 151 15.32 -0.25 -10.78
N LYS A 152 14.10 0.26 -10.85
CA LYS A 152 13.23 0.23 -9.67
C LYS A 152 11.74 0.42 -9.99
N LEU A 153 10.90 -0.11 -9.10
CA LEU A 153 9.44 0.06 -9.21
C LEU A 153 9.06 1.36 -8.51
N SER A 154 8.33 2.24 -9.21
CA SER A 154 8.00 3.54 -8.62
C SER A 154 6.50 3.76 -8.44
N VAL A 155 6.06 3.85 -7.21
CA VAL A 155 4.64 4.10 -6.95
C VAL A 155 4.41 5.58 -6.78
N GLU A 156 3.87 6.19 -7.83
CA GLU A 156 3.60 7.62 -7.84
C GLU A 156 2.12 7.91 -7.72
N PHE A 157 1.77 8.92 -6.93
CA PHE A 157 0.39 9.31 -6.79
C PHE A 157 0.27 10.83 -6.85
N VAL A 158 -0.77 11.28 -7.54
CA VAL A 158 -1.02 12.71 -7.71
C VAL A 158 -2.32 13.14 -7.05
N LYS A 159 -2.29 14.34 -6.48
CA LYS A 159 -3.45 14.91 -5.80
C LYS A 159 -4.60 15.11 -6.76
N GLY A 160 -5.82 14.98 -6.25
CA GLY A 160 -7.00 15.17 -7.07
C GLY A 160 -7.54 16.58 -6.95
N TYR A 161 -7.33 17.19 -5.78
CA TYR A 161 -7.80 18.55 -5.54
C TYR A 161 -6.82 19.30 -4.63
N TYR A 162 -6.54 18.74 -3.46
CA TYR A 162 -5.62 19.37 -2.51
C TYR A 162 -4.77 18.33 -1.79
N ASP A 163 -5.31 17.74 -0.73
CA ASP A 163 -4.58 16.74 0.05
C ASP A 163 -4.62 15.37 -0.62
N ASN A 164 -3.44 14.82 -0.84
CA ASN A 164 -3.28 13.50 -1.46
C ASN A 164 -3.98 12.43 -0.63
N PRO A 165 -4.11 11.18 -1.13
CA PRO A 165 -4.75 10.07 -0.39
C PRO A 165 -4.65 10.18 1.13
N LYS A 166 -3.57 10.81 1.60
CA LYS A 166 -3.34 11.04 3.03
C LYS A 166 -2.66 9.84 3.70
N VAL A 167 -3.40 8.76 3.96
CA VAL A 167 -2.82 7.59 4.62
C VAL A 167 -2.38 6.53 3.63
N CYS A 168 -1.18 5.99 3.84
CA CYS A 168 -0.64 4.99 2.93
C CYS A 168 -0.07 3.77 3.67
N ALA A 169 -0.42 2.59 3.15
CA ALA A 169 -0.01 1.30 3.74
C ALA A 169 0.71 0.41 2.75
N LEU A 170 1.49 1.02 1.86
CA LEU A 170 2.26 0.29 0.85
C LEU A 170 2.80 -1.03 1.39
N PHE A 171 2.72 -2.07 0.56
CA PHE A 171 3.20 -3.39 0.93
C PHE A 171 3.49 -4.22 -0.33
N ILE A 172 4.77 -4.32 -0.72
CA ILE A 172 5.10 -5.12 -1.89
C ILE A 172 5.76 -6.46 -1.54
N MET A 173 5.13 -7.50 -2.07
CA MET A 173 5.58 -8.87 -1.89
C MET A 173 6.00 -9.45 -3.22
N LYS A 174 6.76 -10.55 -3.19
CA LYS A 174 7.26 -11.12 -4.41
C LYS A 174 6.84 -12.56 -4.69
N GLY A 175 6.64 -12.79 -5.97
CA GLY A 175 6.35 -14.10 -6.54
C GLY A 175 4.91 -14.41 -6.95
N THR A 176 3.87 -13.95 -6.23
CA THR A 176 2.49 -14.26 -6.65
C THR A 176 1.39 -13.75 -5.73
N ALA A 177 0.20 -13.56 -6.33
CA ALA A 177 -1.00 -13.17 -5.60
C ALA A 177 -1.69 -14.42 -5.06
N ASP A 178 -1.44 -15.54 -5.75
CA ASP A 178 -2.02 -16.82 -5.38
C ASP A 178 -1.69 -17.17 -3.94
N ASP A 179 -0.49 -16.80 -3.51
CA ASP A 179 -0.07 -17.07 -2.15
C ASP A 179 -1.12 -16.53 -1.19
N VAL A 180 -1.47 -15.27 -1.37
CA VAL A 180 -2.50 -14.62 -0.54
C VAL A 180 -2.07 -14.55 0.94
N PRO A 181 -1.97 -13.34 1.55
CA PRO A 181 -1.59 -13.22 2.96
C PRO A 181 -2.36 -14.20 3.86
N MET A 182 -1.64 -15.19 4.39
CA MET A 182 -2.26 -16.19 5.26
C MET A 182 -1.25 -16.75 6.25
N LEU A 183 -1.71 -17.67 7.09
CA LEU A 183 -0.85 -18.30 8.09
C LEU A 183 -1.52 -19.55 8.66
N GLN A 184 -0.78 -20.65 8.67
CA GLN A 184 -1.29 -21.91 9.20
C GLN A 184 -1.58 -21.74 10.70
N PRO A 185 -2.64 -22.39 11.24
CA PRO A 185 -2.97 -22.25 12.68
C PRO A 185 -1.86 -22.80 13.56
N HIS A 186 -1.35 -21.96 14.45
CA HIS A 186 -0.28 -22.35 15.35
C HIS A 186 -0.59 -21.85 16.78
N PRO A 187 -0.23 -22.62 17.83
CA PRO A 187 -0.51 -22.22 19.22
C PRO A 187 0.41 -21.09 19.68
N GLY A 188 1.68 -21.18 19.29
CA GLY A 188 2.65 -20.18 19.68
C GLY A 188 2.59 -19.83 21.15
N LEU A 189 3.07 -20.73 22.00
CA LEU A 189 3.06 -20.50 23.44
C LEU A 189 3.92 -19.30 23.81
N GLU A 190 3.29 -18.24 24.28
CA GLU A 190 3.99 -17.03 24.66
C GLU A 190 3.83 -16.76 26.16
N GLY A 1 7.65 -27.89 1.40
CA GLY A 1 7.70 -27.97 2.88
C GLY A 1 6.86 -26.90 3.55
N ALA A 2 7.17 -25.64 3.28
CA ALA A 2 6.43 -24.53 3.85
C ALA A 2 5.29 -24.10 2.94
N MET A 3 4.07 -24.33 3.39
CA MET A 3 2.89 -23.97 2.61
C MET A 3 2.47 -22.52 2.87
N SER A 4 3.15 -21.89 3.83
CA SER A 4 2.86 -20.50 4.17
C SER A 4 4.13 -19.78 4.61
N GLY A 5 4.27 -18.53 4.15
CA GLY A 5 5.43 -17.74 4.49
C GLY A 5 5.46 -16.41 3.77
N LEU A 6 4.63 -15.48 4.23
CA LEU A 6 4.54 -14.15 3.63
C LEU A 6 5.83 -13.38 3.88
N ALA A 7 6.24 -13.35 5.15
CA ALA A 7 7.47 -12.69 5.56
C ALA A 7 8.67 -13.18 4.75
N ASP A 8 8.52 -14.36 4.14
CA ASP A 8 9.61 -14.95 3.36
C ASP A 8 9.72 -14.35 1.95
N LYS A 9 8.61 -13.85 1.42
CA LYS A 9 8.62 -13.29 0.06
C LYS A 9 8.79 -11.77 0.11
N VAL A 10 8.44 -11.14 1.24
CA VAL A 10 8.57 -9.70 1.38
C VAL A 10 9.91 -9.21 0.84
N ILE A 11 9.90 -8.03 0.23
CA ILE A 11 11.14 -7.47 -0.28
C ILE A 11 11.22 -5.98 0.04
N TRP A 12 10.06 -5.37 0.23
CA TRP A 12 10.02 -3.95 0.54
C TRP A 12 8.59 -3.54 0.89
N ALA A 13 8.44 -2.66 1.88
CA ALA A 13 7.11 -2.23 2.30
C ALA A 13 7.15 -0.91 3.05
N VAL A 14 6.12 -0.08 2.85
CA VAL A 14 6.04 1.20 3.55
C VAL A 14 4.62 1.63 3.86
N ASN A 15 4.42 2.02 5.13
CA ASN A 15 3.14 2.54 5.56
C ASN A 15 3.32 3.99 5.95
N ALA A 16 3.04 4.88 5.01
CA ALA A 16 3.19 6.30 5.29
C ALA A 16 2.28 6.65 6.44
N GLY A 17 2.85 6.58 7.64
CA GLY A 17 2.08 6.89 8.83
C GLY A 17 2.88 6.83 10.13
N GLY A 18 2.83 5.69 10.80
CA GLY A 18 3.52 5.53 12.07
C GLY A 18 5.03 5.58 11.97
N GLU A 19 5.65 4.51 12.42
CA GLU A 19 7.10 4.39 12.41
C GLU A 19 7.51 2.93 12.50
N SER A 20 8.23 2.48 11.47
CA SER A 20 8.73 1.10 11.40
C SER A 20 7.79 0.10 12.08
N HIS A 21 6.90 -0.54 11.32
CA HIS A 21 5.97 -1.51 11.94
C HIS A 21 6.06 -2.88 11.29
N VAL A 22 6.00 -3.92 12.13
CA VAL A 22 6.04 -5.29 11.65
C VAL A 22 4.72 -6.00 11.95
N ASP A 23 3.92 -6.16 10.90
CA ASP A 23 2.63 -6.81 11.01
C ASP A 23 2.79 -8.28 11.39
N VAL A 24 1.73 -8.85 11.98
CA VAL A 24 1.73 -10.23 12.44
C VAL A 24 2.36 -11.21 11.45
N HIS A 25 1.98 -11.12 10.18
CA HIS A 25 2.53 -12.03 9.17
C HIS A 25 4.03 -11.84 9.04
N GLY A 26 4.49 -10.69 9.49
CA GLY A 26 5.91 -10.36 9.45
C GLY A 26 6.24 -9.37 8.36
N ILE A 27 5.33 -8.43 8.11
CA ILE A 27 5.57 -7.43 7.08
C ILE A 27 5.94 -6.08 7.71
N HIS A 28 7.18 -5.65 7.47
CA HIS A 28 7.71 -4.41 8.05
C HIS A 28 7.70 -3.19 7.12
N TYR A 29 7.29 -2.06 7.70
CA TYR A 29 7.24 -0.76 6.99
C TYR A 29 8.43 0.07 7.43
N ARG A 30 9.10 0.71 6.47
CA ARG A 30 10.28 1.53 6.74
C ARG A 30 9.91 2.97 7.12
N LYS A 31 10.07 3.28 8.40
CA LYS A 31 9.80 4.61 8.97
C LYS A 31 10.11 5.76 8.01
N ASP A 32 9.20 6.73 7.98
CA ASP A 32 9.30 7.95 7.15
C ASP A 32 10.56 7.99 6.26
N PRO A 33 10.55 7.29 5.10
CA PRO A 33 11.69 7.27 4.20
C PRO A 33 11.59 8.27 3.04
N LEU A 34 10.37 8.66 2.66
CA LEU A 34 10.19 9.60 1.55
C LEU A 34 9.63 10.94 2.05
N GLU A 35 8.84 10.90 3.12
CA GLU A 35 8.27 12.13 3.67
C GLU A 35 9.36 12.93 4.34
N GLY A 36 10.15 13.64 3.53
CA GLY A 36 11.26 14.39 4.05
C GLY A 36 12.39 13.46 4.43
N ARG A 37 12.06 12.17 4.42
CA ARG A 37 13.02 11.10 4.74
C ARG A 37 13.56 11.26 6.15
N VAL A 38 12.98 12.21 6.90
CA VAL A 38 13.37 12.46 8.29
C VAL A 38 12.17 12.96 9.09
N GLY A 39 11.78 12.20 10.11
CA GLY A 39 10.65 12.58 10.93
C GLY A 39 10.53 11.75 12.19
N ARG A 40 9.30 11.38 12.54
CA ARG A 40 9.06 10.57 13.72
C ARG A 40 7.87 9.62 13.51
N ALA A 41 6.67 10.17 13.43
CA ALA A 41 5.46 9.36 13.26
C ALA A 41 4.22 10.23 13.12
N SER A 42 3.97 11.04 14.15
CA SER A 42 2.81 11.92 14.17
C SER A 42 1.51 11.11 14.15
N ASP A 43 1.50 10.02 14.91
CA ASP A 43 0.33 9.14 15.00
C ASP A 43 -0.72 9.76 15.91
N TYR A 44 -1.38 10.80 15.41
CA TYR A 44 -2.40 11.50 16.18
C TYR A 44 -3.80 11.02 15.80
N GLY A 45 -3.90 10.34 14.66
CA GLY A 45 -5.18 9.84 14.21
C GLY A 45 -5.43 8.40 14.65
N MET A 46 -4.96 8.07 15.85
CA MET A 46 -5.13 6.71 16.38
C MET A 46 -6.48 6.59 17.09
N LYS A 47 -7.19 7.72 17.17
CA LYS A 47 -8.48 7.77 17.84
C LYS A 47 -9.59 7.25 16.92
N LEU A 48 -9.21 6.55 15.86
CA LEU A 48 -10.17 5.99 14.92
C LEU A 48 -9.63 4.69 14.33
N PRO A 49 -9.40 3.68 15.18
CA PRO A 49 -8.86 2.38 14.75
C PRO A 49 -9.58 1.77 13.55
N ILE A 50 -8.82 1.47 12.48
CA ILE A 50 -9.41 0.84 11.31
C ILE A 50 -10.06 -0.47 11.74
N LEU A 51 -11.38 -0.47 11.72
CA LEU A 51 -12.20 -1.60 12.13
C LEU A 51 -11.82 -2.93 11.47
N ARG A 52 -11.78 -2.95 10.15
CA ARG A 52 -11.48 -4.19 9.42
C ARG A 52 -10.01 -4.59 9.47
N SER A 53 -9.31 -4.21 10.54
CA SER A 53 -7.90 -4.57 10.67
C SER A 53 -7.53 -4.94 12.11
N ASN A 54 -6.62 -5.91 12.24
CA ASN A 54 -6.14 -6.37 13.54
C ASN A 54 -5.41 -5.22 14.26
N PRO A 55 -5.47 -5.12 15.62
CA PRO A 55 -4.82 -4.03 16.37
C PRO A 55 -3.41 -3.64 15.87
N GLU A 56 -2.49 -4.59 15.85
CA GLU A 56 -1.11 -4.30 15.43
C GLU A 56 -1.08 -3.85 13.98
N ASP A 57 -1.65 -4.67 13.13
CA ASP A 57 -1.67 -4.38 11.72
C ASP A 57 -2.61 -3.20 11.44
N GLN A 58 -3.40 -2.82 12.45
CA GLN A 58 -4.28 -1.67 12.33
C GLN A 58 -3.38 -0.47 12.16
N VAL A 59 -2.37 -0.42 13.01
CA VAL A 59 -1.37 0.64 12.94
C VAL A 59 -0.79 0.71 11.54
N LEU A 60 -0.34 -0.45 11.04
CA LEU A 60 0.23 -0.53 9.70
C LEU A 60 -0.82 -0.34 8.62
N TYR A 61 -2.06 -0.29 9.04
CA TYR A 61 -3.19 -0.11 8.14
C TYR A 61 -3.95 1.15 8.49
N GLN A 62 -3.30 1.99 9.27
CA GLN A 62 -3.88 3.25 9.69
C GLN A 62 -2.82 4.35 9.71
N THR A 63 -2.45 4.81 10.91
CA THR A 63 -1.49 5.91 11.03
C THR A 63 -1.71 6.96 9.91
N GLU A 64 -0.70 7.77 9.54
CA GLU A 64 -0.92 8.76 8.47
C GLU A 64 0.33 9.55 8.02
N ARG A 65 1.03 10.18 8.95
CA ARG A 65 2.20 11.01 8.62
C ARG A 65 1.74 12.29 7.91
N TYR A 66 2.71 13.07 7.41
CA TYR A 66 2.40 14.32 6.71
C TYR A 66 2.14 14.07 5.23
N ASN A 67 1.83 15.13 4.49
CA ASN A 67 1.56 15.03 3.05
C ASN A 67 1.95 16.31 2.33
N GLU A 68 1.90 16.29 0.99
CA GLU A 68 2.24 17.46 0.18
C GLU A 68 1.54 17.41 -1.19
N ASP A 69 2.28 17.04 -2.24
CA ASP A 69 1.71 16.97 -3.58
C ASP A 69 2.67 16.29 -4.55
N SER A 70 2.16 15.33 -5.33
CA SER A 70 2.97 14.60 -6.31
C SER A 70 4.21 14.01 -5.67
N PHE A 71 4.12 12.76 -5.24
CA PHE A 71 5.25 12.07 -4.62
C PHE A 71 4.97 10.59 -4.48
N GLY A 72 6.01 9.83 -4.14
CA GLY A 72 5.85 8.39 -3.98
C GLY A 72 7.06 7.70 -3.41
N TYR A 73 7.29 6.47 -3.85
CA TYR A 73 8.40 5.68 -3.36
C TYR A 73 9.16 4.97 -4.46
N ASP A 74 10.28 4.37 -4.05
CA ASP A 74 11.15 3.62 -4.95
C ASP A 74 11.34 2.20 -4.43
N ILE A 75 11.27 1.22 -5.33
CA ILE A 75 11.44 -0.18 -4.95
C ILE A 75 12.45 -0.89 -5.84
N PRO A 76 13.75 -0.81 -5.50
CA PRO A 76 14.80 -1.51 -6.26
C PRO A 76 14.53 -3.01 -6.38
N ILE A 77 14.52 -3.50 -7.62
CA ILE A 77 14.30 -4.93 -7.87
C ILE A 77 15.48 -5.55 -8.60
N LYS A 78 15.70 -6.84 -8.35
CA LYS A 78 16.79 -7.56 -8.98
C LYS A 78 16.39 -8.98 -9.36
N GLU A 79 15.11 -9.32 -9.15
CA GLU A 79 14.63 -10.64 -9.49
C GLU A 79 13.32 -10.54 -10.26
N GLU A 80 12.92 -11.64 -10.89
CA GLU A 80 11.68 -11.67 -11.65
C GLU A 80 10.67 -12.64 -11.05
N GLY A 81 9.50 -12.71 -11.68
CA GLY A 81 8.43 -13.56 -11.20
C GLY A 81 7.14 -12.78 -11.14
N GLU A 82 6.24 -13.09 -10.20
CA GLU A 82 5.01 -12.33 -10.11
C GLU A 82 5.09 -11.41 -8.91
N TYR A 83 5.18 -10.10 -9.14
CA TYR A 83 5.26 -9.17 -8.03
C TYR A 83 3.89 -8.63 -7.75
N VAL A 84 3.49 -8.75 -6.50
CA VAL A 84 2.16 -8.33 -6.11
C VAL A 84 2.21 -7.16 -5.15
N LEU A 85 1.57 -6.08 -5.57
CA LEU A 85 1.52 -4.88 -4.77
C LEU A 85 0.17 -4.73 -4.11
N VAL A 86 0.14 -4.99 -2.81
CA VAL A 86 -1.07 -4.86 -2.02
C VAL A 86 -0.93 -3.66 -1.10
N LEU A 87 -1.94 -2.81 -1.05
CA LEU A 87 -1.85 -1.64 -0.19
C LEU A 87 -3.18 -1.22 0.38
N LYS A 88 -3.16 -0.85 1.66
CA LYS A 88 -4.38 -0.39 2.32
C LYS A 88 -4.37 1.13 2.34
N PHE A 89 -5.45 1.71 1.84
CA PHE A 89 -5.59 3.15 1.79
C PHE A 89 -6.61 3.63 2.83
N ALA A 90 -6.37 4.81 3.39
CA ALA A 90 -7.28 5.40 4.38
C ALA A 90 -7.35 6.91 4.18
N GLU A 91 -8.53 7.48 4.44
CA GLU A 91 -8.72 8.93 4.29
C GLU A 91 -9.10 9.56 5.62
N VAL A 92 -10.18 9.05 6.22
CA VAL A 92 -10.68 9.53 7.51
C VAL A 92 -10.81 11.06 7.55
N TYR A 93 -11.30 11.56 8.69
CA TYR A 93 -11.50 12.99 8.91
C TYR A 93 -12.65 13.54 8.06
N PHE A 94 -12.44 13.59 6.74
CA PHE A 94 -13.46 14.12 5.83
C PHE A 94 -14.42 13.02 5.38
N ALA A 95 -15.40 13.40 4.56
CA ALA A 95 -16.38 12.45 4.04
C ALA A 95 -16.92 12.92 2.70
N GLN A 96 -16.17 12.63 1.64
CA GLN A 96 -16.56 13.01 0.28
C GLN A 96 -16.31 11.87 -0.71
N SER A 97 -17.21 11.73 -1.68
CA SER A 97 -17.10 10.67 -2.68
C SER A 97 -16.49 11.15 -4.00
N GLN A 98 -17.34 11.65 -4.90
CA GLN A 98 -16.86 12.12 -6.21
C GLN A 98 -16.20 13.50 -6.10
N GLN A 99 -15.49 13.72 -5.01
CA GLN A 99 -14.80 14.98 -4.78
C GLN A 99 -13.38 14.69 -4.29
N LYS A 100 -13.26 13.71 -3.40
CA LYS A 100 -11.96 13.32 -2.88
C LYS A 100 -11.40 12.17 -3.71
N VAL A 101 -10.92 12.49 -4.90
CA VAL A 101 -10.37 11.50 -5.81
C VAL A 101 -8.86 11.65 -5.91
N PHE A 102 -8.17 10.57 -6.24
CA PHE A 102 -6.71 10.58 -6.31
C PHE A 102 -6.20 9.80 -7.51
N ASP A 103 -4.88 9.85 -7.74
CA ASP A 103 -4.30 9.09 -8.85
C ASP A 103 -3.20 8.17 -8.35
N VAL A 104 -3.18 6.93 -8.86
CA VAL A 104 -2.19 5.93 -8.44
C VAL A 104 -1.52 5.23 -9.63
N ARG A 105 -0.17 5.19 -9.60
CA ARG A 105 0.60 4.58 -10.68
C ARG A 105 1.73 3.69 -10.15
N VAL A 106 2.06 2.65 -10.93
CA VAL A 106 3.13 1.72 -10.59
C VAL A 106 4.21 1.75 -11.68
N ASN A 107 5.43 2.09 -11.27
CA ASN A 107 6.55 2.21 -12.21
C ASN A 107 6.17 3.20 -13.30
N GLY A 108 5.28 4.12 -12.94
CA GLY A 108 4.83 5.12 -13.88
C GLY A 108 3.62 4.68 -14.68
N HIS A 109 2.90 3.70 -14.16
CA HIS A 109 1.74 3.16 -14.85
C HIS A 109 0.44 3.33 -14.07
N THR A 110 -0.48 4.14 -14.57
CA THR A 110 -1.77 4.34 -13.90
C THR A 110 -2.56 3.06 -13.86
N VAL A 111 -2.93 2.64 -12.66
CA VAL A 111 -3.73 1.44 -12.49
C VAL A 111 -5.03 1.78 -11.80
N VAL A 112 -4.98 2.79 -10.92
CA VAL A 112 -6.18 3.22 -10.22
C VAL A 112 -6.24 4.74 -10.18
N LYS A 113 -6.88 5.33 -11.20
CA LYS A 113 -7.01 6.76 -11.25
C LYS A 113 -8.43 7.18 -10.88
N ASP A 114 -8.49 8.24 -10.10
CA ASP A 114 -9.73 8.80 -9.58
C ASP A 114 -10.04 8.07 -8.30
N LEU A 115 -8.99 7.43 -7.76
CA LEU A 115 -9.08 6.66 -6.55
C LEU A 115 -9.85 7.41 -5.46
N ASP A 116 -11.13 7.07 -5.32
CA ASP A 116 -11.99 7.66 -4.33
C ASP A 116 -12.17 6.69 -3.16
N ILE A 117 -11.28 6.82 -2.18
CA ILE A 117 -11.27 5.94 -1.01
C ILE A 117 -12.62 5.87 -0.32
N PHE A 118 -13.24 7.02 -0.08
CA PHE A 118 -14.53 7.08 0.59
C PHE A 118 -15.62 6.32 -0.19
N ASP A 119 -15.66 6.52 -1.50
CA ASP A 119 -16.67 5.88 -2.34
C ASP A 119 -16.40 4.39 -2.50
N ARG A 120 -15.14 3.98 -2.40
CA ARG A 120 -14.77 2.58 -2.58
C ARG A 120 -15.22 1.71 -1.40
N VAL A 121 -14.78 2.05 -0.20
CA VAL A 121 -15.14 1.27 0.99
C VAL A 121 -16.28 1.92 1.78
N GLY A 122 -16.24 3.25 1.91
CA GLY A 122 -17.27 3.94 2.66
C GLY A 122 -16.71 4.85 3.73
N HIS A 123 -17.30 4.78 4.93
CA HIS A 123 -16.85 5.60 6.05
C HIS A 123 -15.67 4.95 6.77
N SER A 124 -14.56 5.66 6.81
CA SER A 124 -13.34 5.16 7.47
C SER A 124 -13.03 3.72 7.03
N THR A 125 -12.97 2.80 7.99
CA THR A 125 -12.69 1.40 7.71
C THR A 125 -11.45 1.23 6.83
N ALA A 126 -11.25 0.02 6.29
CA ALA A 126 -10.07 -0.26 5.47
C ALA A 126 -10.36 -0.37 3.98
N HIS A 127 -9.49 0.24 3.16
CA HIS A 127 -9.59 0.11 1.72
C HIS A 127 -8.42 -0.75 1.26
N ASP A 128 -8.63 -1.62 0.29
CA ASP A 128 -7.55 -2.51 -0.15
C ASP A 128 -7.60 -2.78 -1.65
N GLU A 129 -6.54 -2.40 -2.35
CA GLU A 129 -6.44 -2.66 -3.78
C GLU A 129 -5.28 -3.60 -4.05
N ILE A 130 -5.52 -4.57 -4.93
CA ILE A 130 -4.52 -5.57 -5.31
C ILE A 130 -4.10 -5.39 -6.77
N ILE A 131 -2.78 -5.41 -7.01
CA ILE A 131 -2.27 -5.23 -8.36
C ILE A 131 -1.17 -6.24 -8.71
N PRO A 132 -1.53 -7.45 -9.21
CA PRO A 132 -0.53 -8.46 -9.61
C PRO A 132 0.30 -7.98 -10.80
N ILE A 133 1.57 -8.39 -10.83
CA ILE A 133 2.48 -7.99 -11.89
C ILE A 133 3.32 -9.17 -12.36
N SER A 134 3.82 -9.10 -13.59
CA SER A 134 4.66 -10.16 -14.14
C SER A 134 5.92 -9.59 -14.79
N ILE A 135 7.05 -9.78 -14.11
CA ILE A 135 8.34 -9.30 -14.61
C ILE A 135 9.13 -10.46 -15.19
N LYS A 136 9.58 -10.34 -16.43
CA LYS A 136 10.35 -11.41 -17.06
C LYS A 136 11.38 -10.85 -18.04
N LYS A 137 12.58 -11.42 -18.03
CA LYS A 137 13.65 -10.99 -18.90
C LYS A 137 14.02 -9.54 -18.61
N GLY A 138 13.72 -9.09 -17.40
CA GLY A 138 14.02 -7.72 -17.01
C GLY A 138 12.98 -6.74 -17.50
N LYS A 139 11.78 -7.25 -17.78
CA LYS A 139 10.69 -6.42 -18.26
C LYS A 139 9.55 -6.37 -17.25
N LEU A 140 8.71 -5.35 -17.35
CA LEU A 140 7.58 -5.21 -16.43
C LEU A 140 6.25 -5.20 -17.17
N SER A 141 5.37 -6.11 -16.80
CA SER A 141 4.05 -6.20 -17.40
C SER A 141 2.98 -5.86 -16.38
N VAL A 142 2.35 -4.70 -16.57
CA VAL A 142 1.30 -4.23 -15.66
C VAL A 142 -0.09 -4.42 -16.27
N GLN A 143 -0.81 -5.42 -15.75
CA GLN A 143 -2.16 -5.72 -16.23
C GLN A 143 -2.18 -6.01 -17.74
N GLY A 144 -2.41 -4.98 -18.54
CA GLY A 144 -2.46 -5.16 -19.98
C GLY A 144 -1.55 -4.20 -20.73
N GLU A 145 -0.38 -3.93 -20.17
CA GLU A 145 0.59 -3.03 -20.80
C GLU A 145 2.00 -3.50 -20.52
N VAL A 146 2.85 -3.46 -21.54
CA VAL A 146 4.24 -3.90 -21.40
C VAL A 146 5.18 -2.70 -21.35
N SER A 147 6.19 -2.78 -20.49
CA SER A 147 7.16 -1.72 -20.33
C SER A 147 8.41 -2.22 -19.63
N THR A 148 9.55 -1.99 -20.24
CA THR A 148 10.82 -2.43 -19.70
C THR A 148 11.06 -1.92 -18.28
N PHE A 149 11.63 -2.78 -17.44
CA PHE A 149 11.94 -2.44 -16.06
C PHE A 149 13.23 -1.63 -16.02
N THR A 150 13.27 -0.59 -15.18
CA THR A 150 14.46 0.25 -15.10
C THR A 150 14.87 0.59 -13.68
N GLY A 151 15.81 -0.19 -13.14
CA GLY A 151 16.32 0.06 -11.80
C GLY A 151 15.38 -0.28 -10.66
N LYS A 152 14.23 0.37 -10.59
CA LYS A 152 13.30 0.11 -9.49
C LYS A 152 11.84 0.29 -9.90
N LEU A 153 10.95 -0.01 -8.95
CA LEU A 153 9.51 0.15 -9.17
C LEU A 153 9.08 1.44 -8.48
N SER A 154 8.41 2.34 -9.19
CA SER A 154 8.05 3.62 -8.58
C SER A 154 6.55 3.82 -8.42
N VAL A 155 6.10 3.91 -7.18
CA VAL A 155 4.70 4.13 -6.91
C VAL A 155 4.44 5.62 -6.75
N GLU A 156 3.98 6.24 -7.83
CA GLU A 156 3.74 7.67 -7.83
C GLU A 156 2.24 7.97 -7.83
N PHE A 157 1.85 8.93 -7.01
CA PHE A 157 0.46 9.34 -6.93
C PHE A 157 0.36 10.85 -7.01
N VAL A 158 -0.67 11.32 -7.69
CA VAL A 158 -0.89 12.76 -7.88
C VAL A 158 -2.24 13.20 -7.34
N LYS A 159 -2.27 14.42 -6.79
CA LYS A 159 -3.49 14.97 -6.24
C LYS A 159 -4.37 15.56 -7.34
N GLY A 160 -5.68 15.47 -7.15
CA GLY A 160 -6.61 16.00 -8.13
C GLY A 160 -7.27 17.28 -7.66
N TYR A 161 -7.19 17.53 -6.36
CA TYR A 161 -7.77 18.73 -5.77
C TYR A 161 -6.84 19.32 -4.72
N TYR A 162 -6.56 18.54 -3.68
CA TYR A 162 -5.68 18.98 -2.61
C TYR A 162 -5.45 17.86 -1.60
N ASP A 163 -4.28 17.88 -0.95
CA ASP A 163 -3.92 16.86 0.04
C ASP A 163 -3.89 15.47 -0.58
N ASN A 164 -2.72 15.08 -1.08
CA ASN A 164 -2.53 13.76 -1.68
C ASN A 164 -2.96 12.68 -0.69
N PRO A 165 -3.06 11.39 -1.11
CA PRO A 165 -3.46 10.30 -0.21
C PRO A 165 -2.89 10.50 1.19
N LYS A 166 -3.75 10.90 2.11
CA LYS A 166 -3.36 11.16 3.48
C LYS A 166 -2.77 9.92 4.16
N VAL A 167 -3.42 8.77 4.04
CA VAL A 167 -2.92 7.56 4.69
C VAL A 167 -2.52 6.49 3.70
N CYS A 168 -1.34 5.88 3.93
CA CYS A 168 -0.85 4.85 3.03
C CYS A 168 -0.25 3.63 3.75
N ALA A 169 -0.59 2.45 3.23
CA ALA A 169 -0.13 1.17 3.76
C ALA A 169 0.54 0.33 2.68
N LEU A 170 1.31 1.00 1.83
CA LEU A 170 2.01 0.37 0.73
C LEU A 170 2.80 -0.85 1.19
N PHE A 171 2.57 -1.98 0.53
CA PHE A 171 3.22 -3.23 0.86
C PHE A 171 3.57 -4.03 -0.41
N ILE A 172 4.87 -4.24 -0.68
CA ILE A 172 5.24 -5.02 -1.86
C ILE A 172 5.97 -6.32 -1.51
N MET A 173 5.44 -7.39 -2.11
CA MET A 173 5.95 -8.73 -1.92
C MET A 173 6.30 -9.34 -3.28
N LYS A 174 7.00 -10.48 -3.26
CA LYS A 174 7.43 -11.09 -4.52
C LYS A 174 6.91 -12.51 -4.75
N GLY A 175 6.88 -12.81 -6.04
CA GLY A 175 6.54 -14.11 -6.60
C GLY A 175 5.07 -14.41 -6.84
N THR A 176 4.12 -13.93 -6.01
CA THR A 176 2.69 -14.23 -6.25
C THR A 176 1.75 -13.67 -5.19
N ALA A 177 0.47 -13.51 -5.58
CA ALA A 177 -0.57 -13.04 -4.68
C ALA A 177 -1.16 -14.22 -3.89
N ASP A 178 -1.02 -15.42 -4.44
CA ASP A 178 -1.55 -16.62 -3.82
C ASP A 178 -0.97 -16.84 -2.43
N ASP A 179 0.26 -16.38 -2.22
CA ASP A 179 0.90 -16.54 -0.93
C ASP A 179 0.16 -15.74 0.14
N VAL A 180 -0.22 -14.52 -0.20
CA VAL A 180 -0.95 -13.64 0.72
C VAL A 180 -2.07 -14.40 1.45
N PRO A 181 -1.87 -14.79 2.74
CA PRO A 181 -2.90 -15.51 3.50
C PRO A 181 -4.25 -14.82 3.46
N MET A 182 -5.32 -15.61 3.32
CA MET A 182 -6.67 -15.08 3.28
C MET A 182 -7.65 -16.06 3.91
N LEU A 183 -8.44 -15.56 4.86
CA LEU A 183 -9.43 -16.38 5.57
C LEU A 183 -8.75 -17.50 6.36
N GLN A 184 -9.00 -17.52 7.66
CA GLN A 184 -8.42 -18.54 8.54
C GLN A 184 -8.71 -19.94 7.99
N PRO A 185 -7.82 -20.93 8.24
CA PRO A 185 -8.04 -22.29 7.73
C PRO A 185 -9.23 -22.96 8.38
N HIS A 186 -10.17 -23.42 7.56
CA HIS A 186 -11.35 -24.09 8.07
C HIS A 186 -11.65 -25.37 7.27
N PRO A 187 -11.91 -26.51 7.93
CA PRO A 187 -12.20 -27.78 7.23
C PRO A 187 -13.59 -27.80 6.60
N GLY A 188 -14.55 -27.20 7.29
CA GLY A 188 -15.91 -27.16 6.80
C GLY A 188 -16.17 -25.97 5.90
N LEU A 189 -16.81 -24.93 6.44
CA LEU A 189 -17.13 -23.74 5.68
C LEU A 189 -15.84 -23.00 5.30
N GLU A 190 -15.44 -23.12 4.04
CA GLU A 190 -14.23 -22.47 3.56
C GLU A 190 -14.55 -21.08 2.97
N GLY A 1 -5.49 -21.21 3.16
CA GLY A 1 -4.07 -20.88 3.48
C GLY A 1 -3.60 -21.55 4.75
N ALA A 2 -2.44 -22.20 4.70
CA ALA A 2 -1.89 -22.89 5.85
C ALA A 2 -0.37 -22.75 5.88
N MET A 3 0.11 -21.64 6.43
CA MET A 3 1.54 -21.37 6.52
C MET A 3 2.20 -21.43 5.14
N SER A 4 2.08 -20.34 4.40
CA SER A 4 2.67 -20.27 3.07
C SER A 4 4.00 -19.52 3.09
N GLY A 5 4.16 -18.65 4.10
CA GLY A 5 5.38 -17.90 4.24
C GLY A 5 5.33 -16.56 3.53
N LEU A 6 4.59 -15.61 4.10
CA LEU A 6 4.47 -14.28 3.50
C LEU A 6 5.76 -13.50 3.73
N ALA A 7 6.20 -13.49 4.98
CA ALA A 7 7.44 -12.83 5.36
C ALA A 7 8.63 -13.33 4.54
N ASP A 8 8.47 -14.54 3.98
CA ASP A 8 9.53 -15.15 3.19
C ASP A 8 9.63 -14.55 1.79
N LYS A 9 8.57 -13.89 1.34
CA LYS A 9 8.56 -13.28 0.02
C LYS A 9 8.81 -11.77 0.09
N VAL A 10 8.50 -11.18 1.25
CA VAL A 10 8.68 -9.73 1.43
C VAL A 10 10.04 -9.28 0.91
N ILE A 11 10.08 -8.10 0.28
CA ILE A 11 11.33 -7.57 -0.20
C ILE A 11 11.43 -6.08 0.10
N TRP A 12 10.28 -5.46 0.32
CA TRP A 12 10.25 -4.04 0.62
C TRP A 12 8.82 -3.62 0.98
N ALA A 13 8.67 -2.68 1.92
CA ALA A 13 7.33 -2.25 2.33
C ALA A 13 7.35 -0.93 3.09
N VAL A 14 6.31 -0.12 2.90
CA VAL A 14 6.22 1.15 3.61
C VAL A 14 4.78 1.57 3.91
N ASN A 15 4.55 1.91 5.17
CA ASN A 15 3.26 2.41 5.59
C ASN A 15 3.42 3.87 5.95
N ALA A 16 3.31 4.70 4.94
CA ALA A 16 3.46 6.12 5.13
C ALA A 16 2.47 6.62 6.15
N GLY A 17 3.00 6.87 7.35
CA GLY A 17 2.19 7.39 8.43
C GLY A 17 2.69 7.07 9.82
N GLY A 18 3.55 6.09 9.97
CA GLY A 18 4.03 5.74 11.30
C GLY A 18 5.53 5.61 11.40
N GLU A 19 5.99 4.46 11.91
CA GLU A 19 7.42 4.22 12.03
C GLU A 19 7.73 2.75 12.31
N SER A 20 8.49 2.15 11.40
CA SER A 20 8.91 0.75 11.50
C SER A 20 7.87 -0.14 12.16
N HIS A 21 7.02 -0.80 11.37
CA HIS A 21 6.00 -1.69 11.94
C HIS A 21 6.01 -3.07 11.32
N VAL A 22 5.87 -4.09 12.16
CA VAL A 22 5.84 -5.48 11.70
C VAL A 22 4.49 -6.12 11.94
N ASP A 23 3.72 -6.28 10.86
CA ASP A 23 2.41 -6.90 10.94
C ASP A 23 2.55 -8.37 11.29
N VAL A 24 1.49 -8.93 11.86
CA VAL A 24 1.47 -10.32 12.30
C VAL A 24 2.10 -11.30 11.32
N HIS A 25 1.76 -11.19 10.03
CA HIS A 25 2.30 -12.11 9.03
C HIS A 25 3.81 -11.95 8.92
N GLY A 26 4.32 -10.88 9.48
CA GLY A 26 5.75 -10.61 9.46
C GLY A 26 6.13 -9.61 8.39
N ILE A 27 5.24 -8.66 8.11
CA ILE A 27 5.52 -7.65 7.10
C ILE A 27 5.89 -6.32 7.74
N HIS A 28 7.15 -5.93 7.58
CA HIS A 28 7.69 -4.71 8.18
C HIS A 28 7.74 -3.50 7.23
N TYR A 29 7.32 -2.36 7.78
CA TYR A 29 7.34 -1.09 7.05
C TYR A 29 8.60 -0.32 7.45
N ARG A 30 9.29 0.19 6.44
CA ARG A 30 10.54 0.93 6.62
C ARG A 30 10.30 2.41 6.93
N LYS A 31 10.47 2.76 8.21
CA LYS A 31 10.34 4.14 8.72
C LYS A 31 10.34 5.21 7.62
N ASP A 32 9.28 6.02 7.63
CA ASP A 32 9.07 7.14 6.70
C ASP A 32 10.32 7.54 5.91
N PRO A 33 10.63 6.81 4.81
CA PRO A 33 11.79 7.10 3.97
C PRO A 33 11.42 7.65 2.59
N LEU A 34 10.21 8.21 2.46
CA LEU A 34 9.76 8.74 1.18
C LEU A 34 10.73 9.81 0.69
N GLU A 35 10.65 11.00 1.27
CA GLU A 35 11.54 12.10 0.87
C GLU A 35 11.25 13.39 1.62
N GLY A 36 12.15 13.75 2.53
CA GLY A 36 12.01 14.98 3.28
C GLY A 36 11.38 14.76 4.63
N ARG A 37 11.04 13.51 4.92
CA ARG A 37 10.41 13.19 6.19
C ARG A 37 11.16 12.05 6.89
N VAL A 38 12.31 12.38 7.46
CA VAL A 38 13.11 11.39 8.17
C VAL A 38 13.07 11.61 9.67
N GLY A 39 12.66 10.59 10.42
CA GLY A 39 12.59 10.69 11.85
C GLY A 39 11.56 11.69 12.33
N ARG A 40 10.29 11.42 12.04
CA ARG A 40 9.21 12.31 12.44
C ARG A 40 7.95 11.52 12.78
N ALA A 41 7.35 10.89 11.77
CA ALA A 41 6.14 10.10 11.96
C ALA A 41 4.97 10.96 12.41
N SER A 42 3.90 10.96 11.61
CA SER A 42 2.72 11.76 11.94
C SER A 42 1.67 10.92 12.65
N ASP A 43 2.06 10.34 13.78
CA ASP A 43 1.15 9.50 14.57
C ASP A 43 0.29 10.39 15.46
N TYR A 44 0.13 11.65 15.05
CA TYR A 44 -0.67 12.61 15.80
C TYR A 44 -2.08 12.08 16.04
N GLY A 45 -2.33 11.61 17.26
CA GLY A 45 -3.64 11.09 17.60
C GLY A 45 -3.98 9.84 16.82
N MET A 46 -3.97 8.69 17.50
CA MET A 46 -4.27 7.42 16.87
C MET A 46 -5.78 7.19 16.87
N LYS A 47 -6.50 8.11 17.49
CA LYS A 47 -7.96 8.02 17.57
C LYS A 47 -8.55 7.86 16.17
N LEU A 48 -9.79 7.41 16.09
CA LEU A 48 -10.44 7.18 14.80
C LEU A 48 -9.62 6.18 13.98
N PRO A 49 -9.31 5.00 14.57
CA PRO A 49 -8.51 3.98 13.90
C PRO A 49 -9.32 3.11 12.94
N ILE A 50 -8.63 2.33 12.12
CA ILE A 50 -9.29 1.45 11.16
C ILE A 50 -9.98 0.29 11.89
N LEU A 51 -11.20 -0.01 11.45
CA LEU A 51 -12.02 -1.06 12.05
C LEU A 51 -11.78 -2.44 11.44
N ARG A 52 -11.79 -2.52 10.12
CA ARG A 52 -11.63 -3.80 9.43
C ARG A 52 -10.17 -4.28 9.42
N SER A 53 -9.43 -4.03 10.49
CA SER A 53 -8.04 -4.49 10.58
C SER A 53 -7.61 -4.74 12.03
N ASN A 54 -6.77 -5.76 12.20
CA ASN A 54 -6.24 -6.14 13.52
C ASN A 54 -5.49 -4.97 14.17
N PRO A 55 -5.55 -4.79 15.53
CA PRO A 55 -4.87 -3.68 16.23
C PRO A 55 -3.46 -3.35 15.73
N GLU A 56 -2.58 -4.35 15.68
CA GLU A 56 -1.20 -4.12 15.26
C GLU A 56 -1.16 -3.68 13.80
N ASP A 57 -1.76 -4.51 12.97
CA ASP A 57 -1.77 -4.24 11.56
C ASP A 57 -2.66 -3.03 11.28
N GLN A 58 -3.39 -2.59 12.30
CA GLN A 58 -4.23 -1.42 12.20
C GLN A 58 -3.31 -0.23 12.01
N VAL A 59 -2.31 -0.16 12.89
CA VAL A 59 -1.29 0.89 12.80
C VAL A 59 -0.71 0.91 11.39
N LEU A 60 -0.40 -0.28 10.89
CA LEU A 60 0.17 -0.40 9.53
C LEU A 60 -0.88 -0.14 8.46
N TYR A 61 -2.13 -0.11 8.88
CA TYR A 61 -3.27 0.10 7.97
C TYR A 61 -4.08 1.33 8.37
N GLN A 62 -3.46 2.23 9.12
CA GLN A 62 -4.15 3.45 9.59
C GLN A 62 -3.29 4.71 9.49
N THR A 63 -2.16 4.69 10.18
CA THR A 63 -1.25 5.83 10.23
C THR A 63 -1.10 6.55 8.87
N GLU A 64 -0.97 7.89 8.92
CA GLU A 64 -0.82 8.74 7.71
C GLU A 64 0.41 9.65 7.80
N ARG A 65 1.04 9.88 6.65
CA ARG A 65 2.22 10.73 6.57
C ARG A 65 1.87 12.05 5.90
N TYR A 66 2.82 13.00 5.90
CA TYR A 66 2.59 14.30 5.30
C TYR A 66 2.22 14.17 3.82
N ASN A 67 1.88 15.29 3.18
CA ASN A 67 1.48 15.28 1.77
C ASN A 67 1.84 16.57 1.08
N GLU A 68 1.76 16.58 -0.26
CA GLU A 68 2.07 17.76 -1.05
C GLU A 68 1.52 17.63 -2.47
N ASP A 69 2.26 16.98 -3.36
CA ASP A 69 1.84 16.81 -4.75
C ASP A 69 2.79 15.88 -5.51
N SER A 70 2.22 14.91 -6.23
CA SER A 70 3.02 13.95 -7.00
C SER A 70 4.21 13.48 -6.18
N PHE A 71 3.99 12.47 -5.35
CA PHE A 71 5.05 11.96 -4.48
C PHE A 71 4.88 10.47 -4.21
N GLY A 72 5.98 9.80 -3.84
CA GLY A 72 5.91 8.37 -3.56
C GLY A 72 7.22 7.76 -3.10
N TYR A 73 7.39 6.48 -3.44
CA TYR A 73 8.57 5.74 -3.02
C TYR A 73 9.25 5.02 -4.18
N ASP A 74 10.46 4.52 -3.90
CA ASP A 74 11.27 3.80 -4.86
C ASP A 74 11.53 2.37 -4.37
N ILE A 75 11.34 1.37 -5.24
CA ILE A 75 11.57 -0.02 -4.85
C ILE A 75 12.56 -0.73 -5.79
N PRO A 76 13.86 -0.63 -5.53
CA PRO A 76 14.89 -1.35 -6.32
C PRO A 76 14.63 -2.85 -6.40
N ILE A 77 14.70 -3.39 -7.62
CA ILE A 77 14.48 -4.82 -7.81
C ILE A 77 15.64 -5.45 -8.61
N LYS A 78 15.88 -6.73 -8.37
CA LYS A 78 16.95 -7.45 -9.05
C LYS A 78 16.53 -8.87 -9.42
N GLU A 79 15.28 -9.23 -9.10
CA GLU A 79 14.77 -10.56 -9.40
C GLU A 79 13.49 -10.49 -10.23
N GLU A 80 13.01 -11.63 -10.69
CA GLU A 80 11.79 -11.68 -11.48
C GLU A 80 10.77 -12.66 -10.90
N GLY A 81 9.54 -12.55 -11.38
CA GLY A 81 8.45 -13.38 -10.92
C GLY A 81 7.17 -12.59 -10.87
N GLU A 82 6.19 -12.99 -10.06
CA GLU A 82 4.97 -12.20 -9.99
C GLU A 82 5.04 -11.27 -8.78
N TYR A 83 5.23 -9.98 -9.04
CA TYR A 83 5.36 -9.03 -7.94
C TYR A 83 4.03 -8.41 -7.67
N VAL A 84 3.63 -8.47 -6.41
CA VAL A 84 2.32 -8.01 -6.02
C VAL A 84 2.37 -6.86 -5.03
N LEU A 85 1.74 -5.75 -5.42
CA LEU A 85 1.68 -4.58 -4.56
C LEU A 85 0.38 -4.57 -3.77
N VAL A 86 0.48 -4.87 -2.49
CA VAL A 86 -0.68 -4.87 -1.61
C VAL A 86 -0.71 -3.56 -0.83
N LEU A 87 -1.62 -2.67 -1.18
CA LEU A 87 -1.70 -1.38 -0.51
C LEU A 87 -3.02 -1.20 0.23
N LYS A 88 -2.92 -0.72 1.47
CA LYS A 88 -4.14 -0.43 2.23
C LYS A 88 -4.30 1.08 2.30
N PHE A 89 -5.37 1.57 1.72
CA PHE A 89 -5.63 3.01 1.72
C PHE A 89 -6.74 3.32 2.71
N ALA A 90 -6.63 4.46 3.39
CA ALA A 90 -7.66 4.84 4.36
C ALA A 90 -7.78 6.35 4.45
N GLU A 91 -8.95 6.83 4.87
CA GLU A 91 -9.19 8.26 4.99
C GLU A 91 -10.44 8.55 5.81
N VAL A 92 -10.46 9.71 6.46
CA VAL A 92 -11.60 10.13 7.27
C VAL A 92 -11.88 11.61 7.06
N TYR A 93 -10.88 12.34 6.59
CA TYR A 93 -11.02 13.77 6.34
C TYR A 93 -11.91 14.03 5.13
N PHE A 94 -12.83 14.99 5.28
CA PHE A 94 -13.75 15.36 4.21
C PHE A 94 -14.63 14.17 3.81
N ALA A 95 -15.83 14.14 4.37
CA ALA A 95 -16.79 13.06 4.09
C ALA A 95 -17.52 13.30 2.77
N GLN A 96 -16.84 13.00 1.66
CA GLN A 96 -17.43 13.17 0.33
C GLN A 96 -17.16 11.95 -0.54
N SER A 97 -17.98 11.76 -1.57
CA SER A 97 -17.85 10.62 -2.47
C SER A 97 -18.06 11.03 -3.92
N GLN A 98 -17.35 10.35 -4.83
CA GLN A 98 -17.44 10.61 -6.26
C GLN A 98 -17.21 12.09 -6.58
N GLN A 99 -16.47 12.76 -5.70
CA GLN A 99 -16.16 14.18 -5.88
C GLN A 99 -14.65 14.37 -5.81
N LYS A 100 -14.06 13.93 -4.71
CA LYS A 100 -12.63 14.04 -4.53
C LYS A 100 -11.97 12.74 -4.97
N VAL A 101 -11.48 12.72 -6.20
CA VAL A 101 -10.86 11.53 -6.75
C VAL A 101 -9.35 11.72 -6.89
N PHE A 102 -8.60 10.63 -6.77
CA PHE A 102 -7.13 10.69 -6.85
C PHE A 102 -6.57 9.83 -7.97
N ASP A 103 -5.23 9.82 -8.08
CA ASP A 103 -4.56 9.01 -9.10
C ASP A 103 -3.43 8.18 -8.52
N VAL A 104 -3.28 6.96 -9.06
CA VAL A 104 -2.24 6.03 -8.60
C VAL A 104 -1.54 5.32 -9.76
N ARG A 105 -0.20 5.29 -9.69
CA ARG A 105 0.64 4.67 -10.72
C ARG A 105 1.74 3.79 -10.15
N VAL A 106 2.12 2.78 -10.95
CA VAL A 106 3.16 1.85 -10.56
C VAL A 106 4.26 1.80 -11.64
N ASN A 107 5.50 2.06 -11.23
CA ASN A 107 6.62 2.11 -12.15
C ASN A 107 6.28 3.07 -13.29
N GLY A 108 5.42 4.02 -12.97
CA GLY A 108 5.00 5.00 -13.94
C GLY A 108 3.79 4.56 -14.74
N HIS A 109 2.95 3.75 -14.14
CA HIS A 109 1.77 3.22 -14.83
C HIS A 109 0.48 3.41 -14.03
N THR A 110 -0.43 4.28 -14.51
CA THR A 110 -1.71 4.49 -13.82
C THR A 110 -2.56 3.25 -13.87
N VAL A 111 -2.88 2.72 -12.69
CA VAL A 111 -3.72 1.54 -12.60
C VAL A 111 -5.04 1.91 -11.96
N VAL A 112 -5.02 2.86 -11.04
CA VAL A 112 -6.26 3.31 -10.41
C VAL A 112 -6.34 4.83 -10.47
N LYS A 113 -6.94 5.34 -11.54
CA LYS A 113 -7.07 6.78 -11.73
C LYS A 113 -8.47 7.25 -11.42
N ASP A 114 -8.73 7.35 -10.12
CA ASP A 114 -10.01 7.79 -9.57
C ASP A 114 -10.15 7.24 -8.16
N LEU A 115 -9.05 7.17 -7.43
CA LEU A 115 -9.09 6.62 -6.08
C LEU A 115 -9.90 7.50 -5.16
N ASP A 116 -11.18 7.15 -5.03
CA ASP A 116 -12.08 7.83 -4.13
C ASP A 116 -12.27 6.93 -2.93
N ILE A 117 -11.30 6.98 -2.02
CA ILE A 117 -11.29 6.13 -0.85
C ILE A 117 -12.61 6.13 -0.07
N PHE A 118 -13.25 7.30 0.02
CA PHE A 118 -14.51 7.41 0.74
C PHE A 118 -15.65 6.72 -0.01
N ASP A 119 -15.72 6.92 -1.32
CA ASP A 119 -16.77 6.29 -2.13
C ASP A 119 -16.61 4.77 -2.16
N ARG A 120 -15.37 4.30 -1.99
CA ARG A 120 -15.09 2.87 -2.04
C ARG A 120 -15.59 2.13 -0.81
N VAL A 121 -15.12 2.53 0.38
CA VAL A 121 -15.54 1.87 1.62
C VAL A 121 -16.68 2.62 2.30
N GLY A 122 -16.60 3.94 2.30
CA GLY A 122 -17.63 4.73 2.94
C GLY A 122 -17.20 5.24 4.29
N HIS A 123 -17.65 4.55 5.34
CA HIS A 123 -17.30 4.92 6.70
C HIS A 123 -15.81 4.66 6.95
N SER A 124 -15.25 5.31 7.97
CA SER A 124 -13.84 5.15 8.29
C SER A 124 -13.50 3.69 8.58
N THR A 125 -13.04 2.99 7.55
CA THR A 125 -12.67 1.59 7.67
C THR A 125 -11.40 1.31 6.87
N ALA A 126 -11.26 0.10 6.33
CA ALA A 126 -10.08 -0.26 5.56
C ALA A 126 -10.37 -0.47 4.08
N HIS A 127 -9.53 0.12 3.23
CA HIS A 127 -9.63 -0.03 1.79
C HIS A 127 -8.45 -0.85 1.28
N ASP A 128 -8.63 -1.61 0.22
CA ASP A 128 -7.55 -2.45 -0.28
C ASP A 128 -7.51 -2.49 -1.80
N GLU A 129 -6.32 -2.29 -2.35
CA GLU A 129 -6.10 -2.34 -3.78
C GLU A 129 -4.93 -3.27 -4.10
N ILE A 130 -5.23 -4.36 -4.78
CA ILE A 130 -4.22 -5.34 -5.14
C ILE A 130 -3.85 -5.20 -6.62
N ILE A 131 -2.55 -5.13 -6.90
CA ILE A 131 -2.08 -4.98 -8.27
C ILE A 131 -1.01 -6.01 -8.62
N PRO A 132 -1.39 -7.21 -9.13
CA PRO A 132 -0.42 -8.24 -9.53
C PRO A 132 0.46 -7.77 -10.70
N ILE A 133 1.68 -8.28 -10.76
CA ILE A 133 2.62 -7.91 -11.82
C ILE A 133 3.41 -9.12 -12.29
N SER A 134 3.93 -9.05 -13.51
CA SER A 134 4.74 -10.12 -14.05
C SER A 134 6.00 -9.57 -14.72
N ILE A 135 7.13 -9.77 -14.03
CA ILE A 135 8.43 -9.30 -14.54
C ILE A 135 9.23 -10.50 -15.05
N LYS A 136 9.71 -10.41 -16.30
CA LYS A 136 10.48 -11.49 -16.89
C LYS A 136 11.50 -10.95 -17.88
N LYS A 137 12.67 -11.58 -17.92
CA LYS A 137 13.73 -11.17 -18.83
C LYS A 137 14.13 -9.71 -18.61
N GLY A 138 13.68 -9.14 -17.49
CA GLY A 138 14.00 -7.76 -17.18
C GLY A 138 12.96 -6.78 -17.68
N LYS A 139 11.72 -7.26 -17.87
CA LYS A 139 10.66 -6.37 -18.34
C LYS A 139 9.48 -6.39 -17.37
N LEU A 140 8.69 -5.32 -17.36
CA LEU A 140 7.56 -5.21 -16.45
C LEU A 140 6.22 -5.23 -17.19
N SER A 141 5.33 -6.09 -16.73
CA SER A 141 3.99 -6.19 -17.31
C SER A 141 2.95 -5.81 -16.27
N VAL A 142 2.32 -4.66 -16.47
CA VAL A 142 1.31 -4.16 -15.55
C VAL A 142 -0.11 -4.38 -16.09
N GLN A 143 -0.80 -5.37 -15.53
CA GLN A 143 -2.16 -5.70 -15.96
C GLN A 143 -2.23 -6.03 -17.44
N GLY A 144 -2.49 -5.02 -18.27
CA GLY A 144 -2.60 -5.25 -19.70
C GLY A 144 -1.68 -4.36 -20.53
N GLU A 145 -0.62 -3.85 -19.91
CA GLU A 145 0.34 -3.00 -20.61
C GLU A 145 1.74 -3.53 -20.41
N VAL A 146 2.52 -3.56 -21.48
CA VAL A 146 3.89 -4.05 -21.42
C VAL A 146 4.89 -2.90 -21.48
N SER A 147 5.92 -2.97 -20.63
CA SER A 147 6.94 -1.97 -20.57
C SER A 147 8.21 -2.57 -19.99
N THR A 148 9.28 -1.80 -19.96
CA THR A 148 10.54 -2.30 -19.43
C THR A 148 10.78 -1.83 -18.00
N PHE A 149 11.36 -2.73 -17.19
CA PHE A 149 11.69 -2.40 -15.81
C PHE A 149 12.96 -1.57 -15.79
N THR A 150 12.94 -0.44 -15.09
CA THR A 150 14.10 0.43 -15.05
C THR A 150 14.57 0.76 -13.64
N GLY A 151 15.53 -0.02 -13.15
CA GLY A 151 16.13 0.21 -11.84
C GLY A 151 15.26 -0.07 -10.64
N LYS A 152 14.04 0.47 -10.60
CA LYS A 152 13.18 0.26 -9.44
C LYS A 152 11.70 0.43 -9.77
N LEU A 153 10.86 -0.06 -8.85
CA LEU A 153 9.42 0.08 -9.00
C LEU A 153 9.02 1.41 -8.36
N SER A 154 8.30 2.26 -9.09
CA SER A 154 7.96 3.56 -8.55
C SER A 154 6.47 3.73 -8.29
N VAL A 155 6.10 3.84 -7.03
CA VAL A 155 4.69 4.01 -6.68
C VAL A 155 4.41 5.45 -6.29
N GLU A 156 3.78 6.18 -7.21
CA GLU A 156 3.47 7.58 -6.97
C GLU A 156 1.99 7.87 -7.15
N PHE A 157 1.54 8.94 -6.52
CA PHE A 157 0.15 9.35 -6.60
C PHE A 157 0.07 10.86 -6.77
N VAL A 158 -0.93 11.29 -7.53
CA VAL A 158 -1.13 12.71 -7.78
C VAL A 158 -2.46 13.18 -7.20
N LYS A 159 -2.46 14.41 -6.68
CA LYS A 159 -3.65 15.00 -6.09
C LYS A 159 -4.64 15.44 -7.15
N GLY A 160 -5.93 15.30 -6.85
CA GLY A 160 -6.97 15.71 -7.78
C GLY A 160 -7.46 17.12 -7.51
N TYR A 161 -7.43 17.50 -6.23
CA TYR A 161 -7.86 18.82 -5.81
C TYR A 161 -6.97 19.32 -4.67
N TYR A 162 -6.93 18.53 -3.60
CA TYR A 162 -6.12 18.85 -2.43
C TYR A 162 -6.12 17.68 -1.45
N ASP A 163 -5.00 17.52 -0.73
CA ASP A 163 -4.86 16.44 0.24
C ASP A 163 -4.87 15.08 -0.43
N ASN A 164 -3.78 14.80 -1.14
CA ASN A 164 -3.60 13.53 -1.84
C ASN A 164 -3.88 12.37 -0.86
N PRO A 165 -3.98 11.10 -1.34
CA PRO A 165 -4.26 9.96 -0.44
C PRO A 165 -3.56 10.10 0.90
N LYS A 166 -4.37 10.32 1.92
CA LYS A 166 -3.88 10.55 3.29
C LYS A 166 -3.16 9.32 3.86
N VAL A 167 -3.90 8.24 4.15
CA VAL A 167 -3.28 7.04 4.74
C VAL A 167 -2.75 6.10 3.67
N CYS A 168 -1.50 5.65 3.87
CA CYS A 168 -0.88 4.77 2.89
C CYS A 168 -0.12 3.60 3.54
N ALA A 169 -0.52 2.38 3.14
CA ALA A 169 0.02 1.12 3.67
C ALA A 169 0.68 0.27 2.59
N LEU A 170 1.42 0.90 1.68
CA LEU A 170 2.07 0.19 0.58
C LEU A 170 2.95 -0.94 1.10
N PHE A 171 2.75 -2.13 0.54
CA PHE A 171 3.48 -3.34 0.93
C PHE A 171 3.82 -4.16 -0.31
N ILE A 172 5.12 -4.30 -0.64
CA ILE A 172 5.48 -5.07 -1.82
C ILE A 172 6.21 -6.38 -1.48
N MET A 173 5.65 -7.45 -2.04
CA MET A 173 6.16 -8.80 -1.87
C MET A 173 6.50 -9.40 -3.23
N LYS A 174 7.23 -10.51 -3.24
CA LYS A 174 7.63 -11.09 -4.51
C LYS A 174 7.14 -12.53 -4.74
N GLY A 175 6.81 -12.75 -6.01
CA GLY A 175 6.42 -14.05 -6.51
C GLY A 175 4.94 -14.30 -6.76
N THR A 176 4.01 -13.76 -5.94
CA THR A 176 2.58 -14.01 -6.19
C THR A 176 1.65 -13.37 -5.16
N ALA A 177 0.39 -13.18 -5.59
CA ALA A 177 -0.66 -12.63 -4.73
C ALA A 177 -1.31 -13.76 -3.92
N ASP A 178 -1.29 -14.96 -4.50
CA ASP A 178 -1.88 -16.13 -3.87
C ASP A 178 -1.25 -16.41 -2.51
N ASP A 179 0.01 -16.03 -2.37
CA ASP A 179 0.72 -16.24 -1.10
C ASP A 179 -0.06 -15.61 0.04
N VAL A 180 -0.45 -14.35 -0.15
CA VAL A 180 -1.23 -13.61 0.87
C VAL A 180 -2.26 -14.51 1.56
N PRO A 181 -1.98 -15.02 2.78
CA PRO A 181 -2.94 -15.89 3.51
C PRO A 181 -4.34 -15.28 3.57
N MET A 182 -5.29 -15.95 2.94
CA MET A 182 -6.68 -15.48 2.93
C MET A 182 -7.56 -16.41 3.76
N LEU A 183 -8.61 -15.86 4.37
CA LEU A 183 -9.52 -16.64 5.18
C LEU A 183 -10.90 -15.99 5.23
N GLN A 184 -11.93 -16.78 4.94
CA GLN A 184 -13.31 -16.29 4.96
C GLN A 184 -13.68 -15.85 6.38
N PRO A 185 -14.56 -14.82 6.53
CA PRO A 185 -14.95 -14.34 7.88
C PRO A 185 -15.67 -15.42 8.67
N HIS A 186 -15.18 -15.67 9.89
CA HIS A 186 -15.78 -16.67 10.75
C HIS A 186 -16.02 -16.09 12.16
N PRO A 187 -17.25 -16.22 12.73
CA PRO A 187 -17.55 -15.69 14.07
C PRO A 187 -17.15 -16.65 15.18
N GLY A 188 -17.25 -17.95 14.91
CA GLY A 188 -16.93 -18.94 15.92
C GLY A 188 -17.60 -20.27 15.68
N LEU A 189 -17.04 -21.34 16.24
CA LEU A 189 -17.59 -22.67 16.06
C LEU A 189 -18.03 -23.25 17.40
N GLU A 190 -19.01 -24.15 17.35
CA GLU A 190 -19.54 -24.78 18.56
C GLU A 190 -19.50 -26.30 18.43
N GLY A 1 3.14 -23.83 10.42
CA GLY A 1 4.42 -23.20 9.97
C GLY A 1 5.18 -24.07 9.00
N ALA A 2 4.46 -24.92 8.28
CA ALA A 2 5.08 -25.81 7.30
C ALA A 2 4.41 -25.67 5.94
N MET A 3 3.73 -24.54 5.73
CA MET A 3 3.04 -24.28 4.47
C MET A 3 3.07 -22.80 4.13
N SER A 4 2.60 -21.97 5.06
CA SER A 4 2.58 -20.53 4.86
C SER A 4 3.99 -19.97 4.87
N GLY A 5 4.12 -18.68 4.53
CA GLY A 5 5.42 -18.05 4.51
C GLY A 5 5.42 -16.76 3.71
N LEU A 6 4.73 -15.75 4.21
CA LEU A 6 4.66 -14.46 3.55
C LEU A 6 5.91 -13.64 3.82
N ALA A 7 6.28 -13.60 5.09
CA ALA A 7 7.47 -12.88 5.53
C ALA A 7 8.73 -13.32 4.76
N ASP A 8 8.67 -14.51 4.18
CA ASP A 8 9.81 -15.05 3.45
C ASP A 8 9.93 -14.47 2.03
N LYS A 9 8.83 -13.98 1.48
CA LYS A 9 8.87 -13.43 0.12
C LYS A 9 8.96 -11.90 0.13
N VAL A 10 8.55 -11.27 1.24
CA VAL A 10 8.62 -9.82 1.35
C VAL A 10 9.94 -9.29 0.82
N ILE A 11 9.92 -8.12 0.18
CA ILE A 11 11.15 -7.55 -0.31
C ILE A 11 11.23 -6.06 -0.01
N TRP A 12 10.09 -5.44 0.24
CA TRP A 12 10.05 -4.02 0.51
C TRP A 12 8.63 -3.59 0.91
N ALA A 13 8.50 -2.71 1.91
CA ALA A 13 7.18 -2.26 2.39
C ALA A 13 7.26 -0.94 3.16
N VAL A 14 6.27 -0.06 2.98
CA VAL A 14 6.27 1.21 3.70
C VAL A 14 4.88 1.75 4.04
N ASN A 15 4.68 2.11 5.31
CA ASN A 15 3.42 2.70 5.73
C ASN A 15 3.62 4.12 6.19
N ALA A 16 3.37 5.06 5.29
CA ALA A 16 3.53 6.46 5.60
C ALA A 16 2.48 6.88 6.61
N GLY A 17 2.96 7.23 7.81
CA GLY A 17 2.10 7.67 8.88
C GLY A 17 2.56 7.24 10.26
N GLY A 18 3.16 6.05 10.36
CA GLY A 18 3.62 5.57 11.64
C GLY A 18 5.12 5.51 11.76
N GLU A 19 5.63 4.38 12.25
CA GLU A 19 7.07 4.20 12.42
C GLU A 19 7.41 2.71 12.56
N SER A 20 8.25 2.22 11.64
CA SER A 20 8.69 0.81 11.63
C SER A 20 7.67 -0.13 12.25
N HIS A 21 6.84 -0.77 11.42
CA HIS A 21 5.84 -1.69 11.95
C HIS A 21 6.02 -3.11 11.44
N VAL A 22 5.60 -4.08 12.26
CA VAL A 22 5.68 -5.48 11.90
C VAL A 22 4.28 -6.11 11.96
N ASP A 23 3.69 -6.32 10.79
CA ASP A 23 2.36 -6.91 10.69
C ASP A 23 2.42 -8.39 11.08
N VAL A 24 1.29 -8.90 11.58
CA VAL A 24 1.18 -10.29 12.03
C VAL A 24 1.83 -11.28 11.06
N HIS A 25 1.50 -11.21 9.78
CA HIS A 25 2.06 -12.14 8.80
C HIS A 25 3.59 -12.04 8.78
N GLY A 26 4.08 -10.94 9.33
CA GLY A 26 5.51 -10.71 9.39
C GLY A 26 5.99 -9.75 8.34
N ILE A 27 5.16 -8.75 8.04
CA ILE A 27 5.52 -7.75 7.03
C ILE A 27 5.94 -6.45 7.71
N HIS A 28 7.17 -6.01 7.45
CA HIS A 28 7.73 -4.83 8.10
C HIS A 28 7.75 -3.57 7.23
N TYR A 29 7.33 -2.46 7.84
CA TYR A 29 7.35 -1.14 7.19
C TYR A 29 8.58 -0.38 7.65
N ARG A 30 9.31 0.20 6.69
CA ARG A 30 10.52 0.95 6.98
C ARG A 30 10.24 2.42 7.29
N LYS A 31 10.40 2.78 8.56
CA LYS A 31 10.21 4.15 9.06
C LYS A 31 10.38 5.21 7.96
N ASP A 32 9.44 6.17 7.95
CA ASP A 32 9.43 7.30 7.01
C ASP A 32 10.73 7.42 6.20
N PRO A 33 10.87 6.66 5.10
CA PRO A 33 12.08 6.70 4.27
C PRO A 33 12.00 7.59 3.03
N LEU A 34 10.80 8.09 2.69
CA LEU A 34 10.69 8.94 1.48
C LEU A 34 10.29 10.38 1.82
N GLU A 35 9.79 10.62 3.02
CA GLU A 35 9.38 11.96 3.42
C GLU A 35 10.50 12.64 4.20
N GLY A 36 11.56 13.04 3.50
CA GLY A 36 12.68 13.69 4.15
C GLY A 36 13.52 12.69 4.91
N ARG A 37 13.04 11.44 4.91
CA ARG A 37 13.71 10.34 5.60
C ARG A 37 14.40 10.82 6.88
N VAL A 38 13.60 11.28 7.83
CA VAL A 38 14.09 11.77 9.11
C VAL A 38 13.15 11.37 10.24
N GLY A 39 13.74 11.00 11.40
CA GLY A 39 12.96 10.58 12.54
C GLY A 39 11.73 11.44 12.79
N ARG A 40 10.56 10.93 12.39
CA ARG A 40 9.31 11.65 12.57
C ARG A 40 8.13 10.77 12.14
N ALA A 41 6.98 10.96 12.79
CA ALA A 41 5.77 10.19 12.47
C ALA A 41 4.51 11.03 12.69
N SER A 42 4.32 11.48 13.92
CA SER A 42 3.16 12.30 14.27
C SER A 42 1.86 11.53 14.05
N ASP A 43 1.31 10.96 15.12
CA ASP A 43 0.07 10.20 15.05
C ASP A 43 -1.11 11.09 15.43
N TYR A 44 -0.82 12.11 16.25
CA TYR A 44 -1.84 13.05 16.71
C TYR A 44 -2.87 12.35 17.58
N GLY A 45 -3.77 11.59 16.96
CA GLY A 45 -4.79 10.89 17.71
C GLY A 45 -5.22 9.61 17.03
N MET A 46 -4.92 8.47 17.64
CA MET A 46 -5.29 7.17 17.10
C MET A 46 -6.75 6.88 17.45
N LYS A 47 -7.34 7.81 18.19
CA LYS A 47 -8.72 7.69 18.66
C LYS A 47 -9.68 7.31 17.52
N LEU A 48 -9.27 7.59 16.28
CA LEU A 48 -10.08 7.24 15.12
C LEU A 48 -9.33 6.21 14.27
N PRO A 49 -9.27 4.94 14.73
CA PRO A 49 -8.53 3.89 14.04
C PRO A 49 -9.37 3.09 13.03
N ILE A 50 -8.68 2.27 12.24
CA ILE A 50 -9.32 1.43 11.24
C ILE A 50 -10.02 0.25 11.92
N LEU A 51 -11.12 -0.20 11.32
CA LEU A 51 -11.92 -1.29 11.88
C LEU A 51 -11.55 -2.66 11.31
N ARG A 52 -11.52 -2.77 9.99
CA ARG A 52 -11.23 -4.05 9.33
C ARG A 52 -9.75 -4.44 9.41
N SER A 53 -9.09 -4.14 10.52
CA SER A 53 -7.69 -4.50 10.69
C SER A 53 -7.32 -4.75 12.15
N ASN A 54 -6.36 -5.65 12.36
CA ASN A 54 -5.88 -6.00 13.70
C ASN A 54 -5.23 -4.77 14.35
N PRO A 55 -5.31 -4.59 15.70
CA PRO A 55 -4.71 -3.44 16.39
C PRO A 55 -3.30 -3.07 15.88
N GLU A 56 -2.42 -4.04 15.81
CA GLU A 56 -1.05 -3.80 15.35
C GLU A 56 -1.02 -3.42 13.88
N ASP A 57 -1.60 -4.26 13.05
CA ASP A 57 -1.62 -4.01 11.63
C ASP A 57 -2.51 -2.82 11.34
N GLN A 58 -3.27 -2.40 12.36
CA GLN A 58 -4.12 -1.23 12.27
C GLN A 58 -3.23 -0.03 12.10
N VAL A 59 -2.22 0.04 12.96
CA VAL A 59 -1.23 1.11 12.89
C VAL A 59 -0.68 1.18 11.46
N LEU A 60 -0.33 0.02 10.94
CA LEU A 60 0.23 -0.09 9.58
C LEU A 60 -0.85 0.15 8.52
N TYR A 61 -2.09 0.15 8.95
CA TYR A 61 -3.24 0.34 8.05
C TYR A 61 -4.07 1.55 8.48
N GLN A 62 -3.47 2.45 9.24
CA GLN A 62 -4.19 3.64 9.75
C GLN A 62 -3.36 4.91 9.72
N THR A 63 -2.25 4.90 10.43
CA THR A 63 -1.36 6.06 10.52
C THR A 63 -1.10 6.73 9.16
N GLU A 64 -1.14 8.08 9.15
CA GLU A 64 -0.93 8.88 7.92
C GLU A 64 0.23 9.84 8.09
N ARG A 65 0.91 10.14 6.98
CA ARG A 65 2.05 11.06 7.00
C ARG A 65 1.74 12.29 6.13
N TYR A 66 2.29 13.43 6.53
CA TYR A 66 2.06 14.69 5.81
C TYR A 66 2.85 14.73 4.50
N ASN A 67 2.29 15.43 3.51
CA ASN A 67 2.92 15.58 2.20
C ASN A 67 2.45 16.87 1.53
N GLU A 68 2.85 17.07 0.27
CA GLU A 68 2.47 18.28 -0.46
C GLU A 68 1.73 17.92 -1.76
N ASP A 69 2.47 17.37 -2.72
CA ASP A 69 1.89 16.99 -4.01
C ASP A 69 2.78 15.98 -4.71
N SER A 70 2.16 14.97 -5.33
CA SER A 70 2.92 13.93 -6.03
C SER A 70 3.94 13.31 -5.09
N PHE A 71 3.52 12.29 -4.35
CA PHE A 71 4.43 11.64 -3.40
C PHE A 71 4.35 10.13 -3.54
N GLY A 72 5.52 9.50 -3.51
CA GLY A 72 5.59 8.07 -3.65
C GLY A 72 6.82 7.46 -3.02
N TYR A 73 7.18 6.27 -3.50
CA TYR A 73 8.32 5.56 -2.99
C TYR A 73 9.12 4.91 -4.10
N ASP A 74 10.35 4.53 -3.77
CA ASP A 74 11.24 3.89 -4.73
C ASP A 74 11.56 2.46 -4.29
N ILE A 75 11.10 1.48 -5.08
CA ILE A 75 11.33 0.07 -4.77
C ILE A 75 12.39 -0.54 -5.69
N PRO A 76 13.57 -0.93 -5.20
CA PRO A 76 14.59 -1.54 -6.05
C PRO A 76 14.32 -3.03 -6.25
N ILE A 77 14.56 -3.53 -7.47
CA ILE A 77 14.34 -4.94 -7.76
C ILE A 77 15.53 -5.56 -8.48
N LYS A 78 15.71 -6.87 -8.30
CA LYS A 78 16.80 -7.60 -8.93
C LYS A 78 16.36 -9.00 -9.34
N GLU A 79 15.12 -9.36 -8.98
CA GLU A 79 14.59 -10.68 -9.31
C GLU A 79 13.35 -10.57 -10.18
N GLU A 80 12.86 -11.69 -10.67
CA GLU A 80 11.66 -11.71 -11.51
C GLU A 80 10.61 -12.68 -10.98
N GLY A 81 9.45 -12.69 -11.63
CA GLY A 81 8.34 -13.53 -11.24
C GLY A 81 7.07 -12.71 -11.19
N GLU A 82 6.15 -13.03 -10.27
CA GLU A 82 4.93 -12.23 -10.19
C GLU A 82 5.01 -11.31 -8.99
N TYR A 83 5.15 -10.01 -9.21
CA TYR A 83 5.26 -9.08 -8.10
C TYR A 83 3.91 -8.50 -7.81
N VAL A 84 3.52 -8.59 -6.56
CA VAL A 84 2.20 -8.14 -6.16
C VAL A 84 2.26 -6.95 -5.23
N LEU A 85 1.64 -5.86 -5.66
CA LEU A 85 1.61 -4.63 -4.88
C LEU A 85 0.36 -4.55 -4.04
N VAL A 86 0.55 -4.76 -2.74
CA VAL A 86 -0.54 -4.69 -1.79
C VAL A 86 -0.40 -3.41 -0.98
N LEU A 87 -1.37 -2.52 -1.10
CA LEU A 87 -1.31 -1.27 -0.36
C LEU A 87 -2.62 -0.99 0.34
N LYS A 88 -2.55 -0.60 1.61
CA LYS A 88 -3.77 -0.26 2.33
C LYS A 88 -3.93 1.25 2.37
N PHE A 89 -5.02 1.71 1.79
CA PHE A 89 -5.32 3.14 1.74
C PHE A 89 -6.44 3.40 2.73
N ALA A 90 -6.34 4.47 3.50
CA ALA A 90 -7.40 4.77 4.47
C ALA A 90 -7.48 6.26 4.80
N GLU A 91 -8.55 6.65 5.48
CA GLU A 91 -8.78 8.04 5.89
C GLU A 91 -10.14 8.18 6.55
N VAL A 92 -10.20 8.95 7.63
CA VAL A 92 -11.46 9.15 8.34
C VAL A 92 -11.58 10.59 8.85
N TYR A 93 -12.25 11.44 8.08
CA TYR A 93 -12.43 12.84 8.44
C TYR A 93 -13.78 13.37 7.96
N PHE A 94 -13.87 13.68 6.67
CA PHE A 94 -15.10 14.21 6.09
C PHE A 94 -15.96 13.08 5.53
N ALA A 95 -15.30 12.04 5.01
CA ALA A 95 -16.00 10.89 4.45
C ALA A 95 -16.97 11.30 3.35
N GLN A 96 -16.49 11.27 2.11
CA GLN A 96 -17.31 11.63 0.95
C GLN A 96 -16.54 11.37 -0.35
N SER A 97 -17.27 11.08 -1.42
CA SER A 97 -16.66 10.79 -2.72
C SER A 97 -16.40 12.06 -3.52
N GLN A 98 -15.82 11.89 -4.72
CA GLN A 98 -15.50 12.99 -5.61
C GLN A 98 -14.34 13.84 -5.08
N GLN A 99 -14.59 14.54 -3.98
CA GLN A 99 -13.55 15.38 -3.38
C GLN A 99 -12.37 14.52 -2.91
N LYS A 100 -12.61 13.22 -2.78
CA LYS A 100 -11.57 12.29 -2.36
C LYS A 100 -11.17 11.38 -3.50
N VAL A 101 -10.84 12.00 -4.64
CA VAL A 101 -10.43 11.26 -5.82
C VAL A 101 -8.93 11.48 -6.06
N PHE A 102 -8.20 10.41 -6.34
CA PHE A 102 -6.76 10.53 -6.55
C PHE A 102 -6.23 9.68 -7.70
N ASP A 103 -4.96 9.90 -8.07
CA ASP A 103 -4.37 9.10 -9.15
C ASP A 103 -3.27 8.20 -8.58
N VAL A 104 -3.24 6.95 -9.05
CA VAL A 104 -2.25 5.98 -8.56
C VAL A 104 -1.54 5.27 -9.71
N ARG A 105 -0.20 5.27 -9.66
CA ARG A 105 0.63 4.66 -10.70
C ARG A 105 1.75 3.78 -10.16
N VAL A 106 2.06 2.73 -10.93
CA VAL A 106 3.12 1.78 -10.59
C VAL A 106 4.16 1.74 -11.71
N ASN A 107 5.41 2.06 -11.37
CA ASN A 107 6.49 2.13 -12.34
C ASN A 107 6.10 3.07 -13.47
N GLY A 108 5.24 4.04 -13.13
CA GLY A 108 4.78 5.00 -14.10
C GLY A 108 3.52 4.59 -14.81
N HIS A 109 2.85 3.57 -14.28
CA HIS A 109 1.65 3.05 -14.89
C HIS A 109 0.38 3.35 -14.08
N THR A 110 -0.50 4.21 -14.59
CA THR A 110 -1.75 4.51 -13.88
C THR A 110 -2.67 3.31 -13.91
N VAL A 111 -2.89 2.74 -12.74
CA VAL A 111 -3.75 1.58 -12.62
C VAL A 111 -5.04 1.93 -11.91
N VAL A 112 -4.95 2.80 -10.92
CA VAL A 112 -6.15 3.21 -10.19
C VAL A 112 -6.29 4.71 -10.15
N LYS A 113 -6.98 5.24 -11.14
CA LYS A 113 -7.22 6.67 -11.21
C LYS A 113 -8.61 6.97 -10.74
N ASP A 114 -8.76 8.13 -10.12
CA ASP A 114 -10.02 8.58 -9.55
C ASP A 114 -10.26 7.83 -8.24
N LEU A 115 -9.16 7.53 -7.53
CA LEU A 115 -9.23 6.81 -6.28
C LEU A 115 -10.19 7.46 -5.29
N ASP A 116 -11.44 7.03 -5.33
CA ASP A 116 -12.46 7.51 -4.41
C ASP A 116 -12.68 6.46 -3.31
N ILE A 117 -11.83 6.50 -2.29
CA ILE A 117 -11.88 5.54 -1.19
C ILE A 117 -13.28 5.43 -0.60
N PHE A 118 -13.99 6.55 -0.52
CA PHE A 118 -15.33 6.56 0.04
C PHE A 118 -16.25 5.58 -0.69
N ASP A 119 -16.20 5.59 -2.01
CA ASP A 119 -17.06 4.72 -2.81
C ASP A 119 -16.62 3.26 -2.73
N ARG A 120 -15.32 3.04 -2.49
CA ARG A 120 -14.79 1.67 -2.42
C ARG A 120 -15.22 0.96 -1.13
N VAL A 121 -14.86 1.52 0.03
CA VAL A 121 -15.21 0.91 1.31
C VAL A 121 -16.59 1.37 1.79
N GLY A 122 -16.88 2.65 1.62
CA GLY A 122 -18.14 3.18 2.07
C GLY A 122 -17.98 4.17 3.20
N HIS A 123 -18.07 3.69 4.43
CA HIS A 123 -17.92 4.54 5.61
C HIS A 123 -16.69 4.15 6.41
N SER A 124 -15.67 5.01 6.40
CA SER A 124 -14.43 4.77 7.14
C SER A 124 -13.81 3.41 6.76
N THR A 125 -13.20 2.75 7.74
CA THR A 125 -12.57 1.44 7.55
C THR A 125 -11.33 1.54 6.66
N ALA A 126 -10.78 0.37 6.30
CA ALA A 126 -9.57 0.31 5.47
C ALA A 126 -9.85 -0.14 4.03
N HIS A 127 -9.14 0.48 3.10
CA HIS A 127 -9.28 0.14 1.67
C HIS A 127 -8.12 -0.74 1.25
N ASP A 128 -8.29 -1.50 0.18
CA ASP A 128 -7.24 -2.41 -0.26
C ASP A 128 -7.14 -2.49 -1.78
N GLU A 129 -6.03 -2.01 -2.32
CA GLU A 129 -5.78 -2.07 -3.75
C GLU A 129 -4.70 -3.09 -4.05
N ILE A 130 -5.08 -4.13 -4.80
CA ILE A 130 -4.16 -5.20 -5.18
C ILE A 130 -3.85 -5.12 -6.67
N ILE A 131 -2.58 -5.15 -7.02
CA ILE A 131 -2.17 -5.05 -8.41
C ILE A 131 -1.09 -6.08 -8.79
N PRO A 132 -1.48 -7.30 -9.23
CA PRO A 132 -0.50 -8.33 -9.65
C PRO A 132 0.34 -7.86 -10.83
N ILE A 133 1.59 -8.34 -10.89
CA ILE A 133 2.50 -7.97 -11.96
C ILE A 133 3.31 -9.16 -12.44
N SER A 134 3.81 -9.10 -13.68
CA SER A 134 4.62 -10.16 -14.23
C SER A 134 5.90 -9.60 -14.85
N ILE A 135 7.03 -9.84 -14.16
CA ILE A 135 8.32 -9.37 -14.63
C ILE A 135 9.17 -10.55 -15.13
N LYS A 136 9.70 -10.42 -16.34
CA LYS A 136 10.51 -11.48 -16.92
C LYS A 136 11.60 -10.89 -17.82
N LYS A 137 12.81 -11.47 -17.74
CA LYS A 137 13.93 -11.00 -18.53
C LYS A 137 14.17 -9.51 -18.32
N GLY A 138 13.80 -9.03 -17.13
CA GLY A 138 13.98 -7.62 -16.82
C GLY A 138 12.93 -6.74 -17.46
N LYS A 139 11.76 -7.30 -17.70
CA LYS A 139 10.67 -6.56 -18.33
C LYS A 139 9.44 -6.54 -17.43
N LEU A 140 8.69 -5.44 -17.46
CA LEU A 140 7.52 -5.30 -16.60
C LEU A 140 6.22 -5.25 -17.39
N SER A 141 5.25 -6.06 -16.98
CA SER A 141 3.95 -6.10 -17.61
C SER A 141 2.86 -5.90 -16.57
N VAL A 142 2.19 -4.76 -16.61
CA VAL A 142 1.13 -4.44 -15.66
C VAL A 142 -0.24 -4.62 -16.31
N GLN A 143 -1.14 -5.34 -15.65
CA GLN A 143 -2.49 -5.58 -16.18
C GLN A 143 -2.45 -6.03 -17.64
N GLY A 144 -2.50 -5.06 -18.57
CA GLY A 144 -2.49 -5.39 -19.99
C GLY A 144 -1.59 -4.47 -20.80
N GLU A 145 -0.59 -3.89 -20.16
CA GLU A 145 0.36 -3.00 -20.83
C GLU A 145 1.78 -3.52 -20.64
N VAL A 146 2.60 -3.39 -21.67
CA VAL A 146 3.97 -3.86 -21.60
C VAL A 146 4.96 -2.69 -21.46
N SER A 147 6.05 -2.93 -20.74
CA SER A 147 7.07 -1.91 -20.51
C SER A 147 8.34 -2.57 -20.02
N THR A 148 9.43 -1.82 -20.00
CA THR A 148 10.69 -2.38 -19.55
C THR A 148 10.99 -1.98 -18.11
N PHE A 149 11.52 -2.92 -17.34
CA PHE A 149 11.89 -2.63 -15.96
C PHE A 149 13.22 -1.93 -15.99
N THR A 150 13.29 -0.74 -15.40
CA THR A 150 14.53 -0.02 -15.42
C THR A 150 14.96 0.45 -14.03
N GLY A 151 15.80 -0.35 -13.40
CA GLY A 151 16.36 -0.03 -12.10
C GLY A 151 15.43 -0.14 -10.91
N LYS A 152 14.22 0.42 -10.97
CA LYS A 152 13.35 0.38 -9.80
C LYS A 152 11.87 0.59 -10.12
N LEU A 153 11.00 0.06 -9.23
CA LEU A 153 9.55 0.22 -9.35
C LEU A 153 9.15 1.52 -8.66
N SER A 154 8.35 2.36 -9.31
CA SER A 154 7.98 3.64 -8.72
C SER A 154 6.48 3.77 -8.47
N VAL A 155 6.09 3.85 -7.20
CA VAL A 155 4.68 3.98 -6.86
C VAL A 155 4.36 5.33 -6.26
N GLU A 156 3.61 6.15 -6.99
CA GLU A 156 3.25 7.48 -6.51
C GLU A 156 1.81 7.81 -6.86
N PHE A 157 1.27 8.79 -6.15
CA PHE A 157 -0.08 9.25 -6.41
C PHE A 157 -0.11 10.78 -6.47
N VAL A 158 -0.90 11.30 -7.41
CA VAL A 158 -1.01 12.74 -7.63
C VAL A 158 -2.31 13.30 -7.05
N LYS A 159 -2.21 14.53 -6.53
CA LYS A 159 -3.35 15.22 -5.94
C LYS A 159 -4.50 15.36 -6.93
N GLY A 160 -5.71 15.09 -6.46
CA GLY A 160 -6.89 15.22 -7.30
C GLY A 160 -7.78 16.36 -6.87
N TYR A 161 -7.79 16.61 -5.56
CA TYR A 161 -8.59 17.70 -4.99
C TYR A 161 -7.83 18.36 -3.85
N TYR A 162 -7.61 17.60 -2.78
CA TYR A 162 -6.89 18.11 -1.60
C TYR A 162 -6.71 17.02 -0.55
N ASP A 163 -5.65 17.15 0.24
CA ASP A 163 -5.34 16.19 1.30
C ASP A 163 -5.04 14.81 0.76
N ASN A 164 -4.29 14.76 -0.32
CA ASN A 164 -3.89 13.48 -0.88
C ASN A 164 -3.06 12.69 0.15
N PRO A 165 -2.16 13.36 0.93
CA PRO A 165 -1.37 12.72 1.99
C PRO A 165 -2.04 11.44 2.49
N LYS A 166 -3.25 11.63 3.00
CA LYS A 166 -4.08 10.55 3.53
C LYS A 166 -3.26 9.42 4.17
N VAL A 167 -3.85 8.24 4.30
CA VAL A 167 -3.17 7.11 4.90
C VAL A 167 -2.55 6.22 3.85
N CYS A 168 -1.28 5.83 4.06
CA CYS A 168 -0.60 4.99 3.09
C CYS A 168 0.09 3.80 3.76
N ALA A 169 -0.23 2.61 3.26
CA ALA A 169 0.28 1.34 3.80
C ALA A 169 1.03 0.49 2.78
N LEU A 170 1.80 1.13 1.90
CA LEU A 170 2.58 0.42 0.89
C LEU A 170 3.11 -0.91 1.42
N PHE A 171 2.97 -1.95 0.62
CA PHE A 171 3.44 -3.29 0.97
C PHE A 171 3.71 -4.10 -0.29
N ILE A 172 4.99 -4.23 -0.69
CA ILE A 172 5.30 -5.02 -1.89
C ILE A 172 6.02 -6.33 -1.57
N MET A 173 5.40 -7.40 -2.05
CA MET A 173 5.90 -8.75 -1.87
C MET A 173 6.28 -9.30 -3.24
N LYS A 174 7.10 -10.34 -3.27
CA LYS A 174 7.55 -10.86 -4.53
C LYS A 174 7.18 -12.33 -4.78
N GLY A 175 6.83 -12.56 -6.03
CA GLY A 175 6.52 -13.88 -6.56
C GLY A 175 5.06 -14.22 -6.80
N THR A 176 4.10 -13.73 -5.99
CA THR A 176 2.68 -14.07 -6.23
C THR A 176 1.71 -13.48 -5.20
N ALA A 177 0.45 -13.34 -5.64
CA ALA A 177 -0.63 -12.86 -4.78
C ALA A 177 -1.25 -14.02 -4.01
N ASP A 178 -1.15 -15.22 -4.58
CA ASP A 178 -1.72 -16.42 -3.97
C ASP A 178 -1.07 -16.72 -2.62
N ASP A 179 0.01 -16.02 -2.31
CA ASP A 179 0.71 -16.22 -1.05
C ASP A 179 -0.03 -15.53 0.10
N VAL A 180 -0.07 -14.20 0.06
CA VAL A 180 -0.75 -13.41 1.10
C VAL A 180 -2.09 -14.05 1.51
N PRO A 181 -2.15 -14.79 2.65
CA PRO A 181 -3.40 -15.43 3.10
C PRO A 181 -4.58 -14.46 3.10
N MET A 182 -5.56 -14.74 2.24
CA MET A 182 -6.75 -13.91 2.13
C MET A 182 -8.02 -14.77 2.17
N LEU A 183 -9.07 -14.23 2.76
CA LEU A 183 -10.34 -14.94 2.86
C LEU A 183 -11.30 -14.51 1.76
N GLN A 184 -11.74 -15.47 0.94
CA GLN A 184 -12.66 -15.18 -0.14
C GLN A 184 -13.91 -14.48 0.39
N PRO A 185 -14.55 -13.58 -0.40
CA PRO A 185 -15.75 -12.87 0.06
C PRO A 185 -16.92 -13.80 0.30
N HIS A 186 -17.50 -13.73 1.49
CA HIS A 186 -18.64 -14.56 1.84
C HIS A 186 -19.72 -13.72 2.52
N PRO A 187 -21.01 -13.87 2.11
CA PRO A 187 -22.11 -13.07 2.70
C PRO A 187 -22.46 -13.52 4.11
N GLY A 188 -22.40 -14.83 4.34
CA GLY A 188 -22.71 -15.37 5.64
C GLY A 188 -21.49 -15.50 6.53
N LEU A 189 -21.65 -16.14 7.68
CA LEU A 189 -20.54 -16.33 8.61
C LEU A 189 -20.15 -17.80 8.70
N GLU A 190 -18.90 -18.10 8.35
CA GLU A 190 -18.40 -19.46 8.39
C GLU A 190 -18.52 -20.06 9.79
N GLY A 1 -1.16 -29.23 6.97
CA GLY A 1 0.04 -28.48 6.48
C GLY A 1 0.25 -27.18 7.24
N ALA A 2 -0.59 -26.19 6.95
CA ALA A 2 -0.49 -24.89 7.61
C ALA A 2 0.90 -24.28 7.41
N MET A 3 1.53 -24.61 6.29
CA MET A 3 2.85 -24.09 5.97
C MET A 3 2.76 -22.71 5.33
N SER A 4 3.04 -21.68 6.11
CA SER A 4 2.99 -20.31 5.62
C SER A 4 4.30 -19.58 5.88
N GLY A 5 4.55 -18.52 5.13
CA GLY A 5 5.77 -17.75 5.31
C GLY A 5 5.79 -16.50 4.45
N LEU A 6 4.78 -15.65 4.62
CA LEU A 6 4.69 -14.41 3.86
C LEU A 6 5.94 -13.56 4.08
N ALA A 7 6.35 -13.48 5.33
CA ALA A 7 7.54 -12.73 5.73
C ALA A 7 8.76 -13.17 4.93
N ASP A 8 8.71 -14.39 4.39
CA ASP A 8 9.83 -14.93 3.64
C ASP A 8 9.90 -14.37 2.22
N LYS A 9 8.78 -13.89 1.70
CA LYS A 9 8.75 -13.35 0.34
C LYS A 9 8.88 -11.82 0.36
N VAL A 10 8.53 -11.19 1.47
CA VAL A 10 8.64 -9.73 1.58
C VAL A 10 9.95 -9.23 1.03
N ILE A 11 9.93 -8.04 0.43
CA ILE A 11 11.16 -7.46 -0.10
C ILE A 11 11.23 -5.97 0.18
N TRP A 12 10.07 -5.33 0.22
CA TRP A 12 10.03 -3.89 0.47
C TRP A 12 8.59 -3.45 0.76
N ALA A 13 8.40 -2.82 1.92
CA ALA A 13 7.07 -2.39 2.33
C ALA A 13 7.12 -1.09 3.11
N VAL A 14 6.14 -0.23 2.89
CA VAL A 14 6.07 1.03 3.60
C VAL A 14 4.65 1.53 3.84
N ASN A 15 4.38 1.90 5.10
CA ASN A 15 3.10 2.47 5.44
C ASN A 15 3.30 3.92 5.74
N ALA A 16 3.19 4.73 4.70
CA ALA A 16 3.39 6.16 4.84
C ALA A 16 2.43 6.72 5.86
N GLY A 17 2.95 6.90 7.07
CA GLY A 17 2.12 7.43 8.14
C GLY A 17 2.82 7.49 9.49
N GLY A 18 2.70 6.40 10.25
CA GLY A 18 3.28 6.36 11.58
C GLY A 18 4.77 6.10 11.57
N GLU A 19 5.17 4.98 12.17
CA GLU A 19 6.60 4.62 12.22
C GLU A 19 6.77 3.11 12.11
N SER A 20 7.89 2.69 11.51
CA SER A 20 8.24 1.27 11.33
C SER A 20 7.34 0.33 12.14
N HIS A 21 6.63 -0.56 11.45
CA HIS A 21 5.77 -1.52 12.14
C HIS A 21 5.85 -2.92 11.53
N VAL A 22 5.63 -3.92 12.37
CA VAL A 22 5.67 -5.32 11.95
C VAL A 22 4.29 -5.98 12.06
N ASP A 23 3.65 -6.17 10.91
CA ASP A 23 2.32 -6.80 10.88
C ASP A 23 2.43 -8.27 11.27
N VAL A 24 1.32 -8.81 11.78
CA VAL A 24 1.25 -10.20 12.24
C VAL A 24 1.91 -11.19 11.28
N HIS A 25 1.55 -11.13 9.99
CA HIS A 25 2.12 -12.04 9.01
C HIS A 25 3.64 -11.91 8.97
N GLY A 26 4.12 -10.80 9.50
CA GLY A 26 5.54 -10.54 9.54
C GLY A 26 5.98 -9.57 8.47
N ILE A 27 5.12 -8.60 8.17
CA ILE A 27 5.44 -7.60 7.15
C ILE A 27 5.82 -6.28 7.81
N HIS A 28 7.03 -5.82 7.52
CA HIS A 28 7.57 -4.61 8.14
C HIS A 28 7.51 -3.37 7.25
N TYR A 29 7.09 -2.26 7.87
CA TYR A 29 7.04 -0.96 7.17
C TYR A 29 8.24 -0.13 7.63
N ARG A 30 8.90 0.53 6.69
CA ARG A 30 10.09 1.34 6.98
C ARG A 30 9.75 2.79 7.29
N LYS A 31 9.89 3.14 8.56
CA LYS A 31 9.63 4.48 9.09
C LYS A 31 9.79 5.60 8.04
N ASP A 32 8.78 6.49 8.02
CA ASP A 32 8.71 7.66 7.13
C ASP A 32 10.00 7.90 6.32
N PRO A 33 10.21 7.17 5.21
CA PRO A 33 11.39 7.34 4.38
C PRO A 33 11.14 8.16 3.10
N LEU A 34 9.99 8.84 3.02
CA LEU A 34 9.67 9.64 1.83
C LEU A 34 9.63 11.13 2.14
N GLU A 35 8.71 11.57 3.02
CA GLU A 35 8.60 12.99 3.39
C GLU A 35 9.93 13.49 3.94
N GLY A 36 10.78 13.99 3.05
CA GLY A 36 12.08 14.47 3.47
C GLY A 36 13.00 13.32 3.79
N ARG A 37 12.44 12.11 3.69
CA ARG A 37 13.17 10.89 3.96
C ARG A 37 13.91 10.96 5.30
N VAL A 38 13.25 11.60 6.27
CA VAL A 38 13.81 11.75 7.61
C VAL A 38 12.71 11.63 8.66
N GLY A 39 13.10 11.70 9.94
CA GLY A 39 12.14 11.60 11.02
C GLY A 39 10.98 12.56 10.88
N ARG A 40 9.89 12.10 10.26
CA ARG A 40 8.70 12.91 10.06
C ARG A 40 7.45 12.03 10.01
N ALA A 41 7.03 11.55 11.18
CA ALA A 41 5.85 10.69 11.26
C ALA A 41 4.57 11.51 11.37
N SER A 42 4.53 12.40 12.35
CA SER A 42 3.35 13.24 12.56
C SER A 42 2.10 12.37 12.72
N ASP A 43 2.10 11.57 13.78
CA ASP A 43 0.97 10.67 14.07
C ASP A 43 -0.17 11.44 14.75
N TYR A 44 -0.57 12.56 14.14
CA TYR A 44 -1.64 13.39 14.68
C TYR A 44 -2.99 12.71 14.52
N GLY A 45 -3.31 12.32 13.29
CA GLY A 45 -4.58 11.66 13.03
C GLY A 45 -4.52 10.17 13.32
N MET A 46 -3.79 9.81 14.37
CA MET A 46 -3.64 8.42 14.77
C MET A 46 -4.96 7.85 15.28
N LYS A 47 -5.88 8.75 15.65
CA LYS A 47 -7.17 8.35 16.16
C LYS A 47 -8.04 7.76 15.05
N LEU A 48 -9.33 7.58 15.33
CA LEU A 48 -10.25 6.99 14.36
C LEU A 48 -9.67 5.69 13.80
N PRO A 49 -9.37 4.73 14.70
CA PRO A 49 -8.78 3.43 14.30
C PRO A 49 -9.60 2.70 13.25
N ILE A 50 -8.91 2.10 12.27
CA ILE A 50 -9.60 1.34 11.23
C ILE A 50 -10.41 0.24 11.90
N LEU A 51 -11.58 -0.07 11.34
CA LEU A 51 -12.47 -1.07 11.94
C LEU A 51 -12.32 -2.48 11.36
N ARG A 52 -11.81 -2.61 10.13
CA ARG A 52 -11.66 -3.93 9.52
C ARG A 52 -10.22 -4.41 9.55
N SER A 53 -9.49 -4.10 10.62
CA SER A 53 -8.10 -4.52 10.76
C SER A 53 -7.76 -4.90 12.20
N ASN A 54 -6.88 -5.89 12.35
CA ASN A 54 -6.44 -6.34 13.68
C ASN A 54 -5.72 -5.18 14.40
N PRO A 55 -5.85 -5.06 15.74
CA PRO A 55 -5.21 -3.96 16.51
C PRO A 55 -3.80 -3.59 16.05
N GLU A 56 -2.90 -4.57 16.01
CA GLU A 56 -1.51 -4.31 15.63
C GLU A 56 -1.44 -3.86 14.17
N ASP A 57 -2.01 -4.66 13.30
CA ASP A 57 -2.00 -4.37 11.90
C ASP A 57 -2.96 -3.22 11.58
N GLN A 58 -3.66 -2.74 12.62
CA GLN A 58 -4.59 -1.63 12.48
C GLN A 58 -3.79 -0.35 12.39
N VAL A 59 -2.95 -0.11 13.39
CA VAL A 59 -2.11 1.07 13.37
C VAL A 59 -1.34 1.09 12.05
N LEU A 60 -0.79 -0.06 11.65
CA LEU A 60 -0.06 -0.11 10.39
C LEU A 60 -0.97 0.32 9.24
N TYR A 61 -1.97 -0.50 8.96
CA TYR A 61 -2.95 -0.24 7.89
C TYR A 61 -3.55 1.15 8.01
N GLN A 62 -3.27 1.84 9.10
CA GLN A 62 -3.80 3.17 9.31
C GLN A 62 -2.69 4.23 9.35
N THR A 63 -2.53 4.90 10.50
CA THR A 63 -1.54 5.97 10.66
C THR A 63 -1.66 7.00 9.53
N GLU A 64 -0.73 7.96 9.48
CA GLU A 64 -0.75 9.01 8.45
C GLU A 64 0.35 10.04 8.70
N ARG A 65 0.80 10.71 7.64
CA ARG A 65 1.84 11.73 7.78
C ARG A 65 1.59 12.90 6.81
N TYR A 66 2.43 13.92 6.89
CA TYR A 66 2.32 15.11 6.06
C TYR A 66 2.24 14.76 4.58
N ASN A 67 1.62 15.65 3.80
CA ASN A 67 1.46 15.45 2.35
C ASN A 67 1.85 16.72 1.59
N GLU A 68 2.19 16.55 0.32
CA GLU A 68 2.58 17.68 -0.52
C GLU A 68 1.86 17.63 -1.89
N ASP A 69 2.51 17.04 -2.88
CA ASP A 69 1.92 16.93 -4.21
C ASP A 69 2.79 16.05 -5.12
N SER A 70 2.17 15.02 -5.71
CA SER A 70 2.88 14.10 -6.61
C SER A 70 4.18 13.61 -5.97
N PHE A 71 4.13 12.42 -5.36
CA PHE A 71 5.32 11.88 -4.72
C PHE A 71 5.21 10.37 -4.50
N GLY A 72 6.36 9.72 -4.28
CA GLY A 72 6.37 8.29 -4.06
C GLY A 72 7.71 7.73 -3.63
N TYR A 73 7.85 6.43 -3.81
CA TYR A 73 9.06 5.73 -3.40
C TYR A 73 9.75 5.01 -4.55
N ASP A 74 11.01 4.66 -4.31
CA ASP A 74 11.86 3.97 -5.25
C ASP A 74 12.19 2.56 -4.75
N ILE A 75 11.56 1.56 -5.36
CA ILE A 75 11.79 0.16 -4.96
C ILE A 75 12.84 -0.49 -5.87
N PRO A 76 14.07 -0.71 -5.41
CA PRO A 76 15.10 -1.32 -6.27
C PRO A 76 14.99 -2.85 -6.35
N ILE A 77 14.83 -3.37 -7.57
CA ILE A 77 14.74 -4.82 -7.76
C ILE A 77 15.58 -5.27 -8.95
N LYS A 78 16.04 -6.51 -8.88
CA LYS A 78 16.81 -7.13 -9.94
C LYS A 78 16.43 -8.60 -9.98
N GLU A 79 15.13 -8.85 -9.76
CA GLU A 79 14.60 -10.18 -9.72
C GLU A 79 13.31 -10.27 -10.52
N GLU A 80 13.11 -11.38 -11.22
CA GLU A 80 11.91 -11.55 -12.02
C GLU A 80 10.97 -12.58 -11.42
N GLY A 81 9.67 -12.37 -11.65
CA GLY A 81 8.64 -13.25 -11.13
C GLY A 81 7.34 -12.49 -10.99
N GLU A 82 6.43 -12.91 -10.10
CA GLU A 82 5.20 -12.16 -9.96
C GLU A 82 5.27 -11.28 -8.72
N TYR A 83 5.36 -9.98 -8.92
CA TYR A 83 5.43 -9.07 -7.79
C TYR A 83 4.05 -8.56 -7.50
N VAL A 84 3.62 -8.71 -6.27
CA VAL A 84 2.28 -8.32 -5.91
C VAL A 84 2.28 -7.14 -4.99
N LEU A 85 1.77 -6.04 -5.50
CA LEU A 85 1.69 -4.81 -4.74
C LEU A 85 0.30 -4.65 -4.15
N VAL A 86 0.22 -4.91 -2.86
CA VAL A 86 -1.03 -4.76 -2.14
C VAL A 86 -0.88 -3.63 -1.13
N LEU A 87 -1.89 -2.79 -1.02
CA LEU A 87 -1.78 -1.67 -0.11
C LEU A 87 -3.12 -1.27 0.47
N LYS A 88 -3.08 -0.96 1.76
CA LYS A 88 -4.29 -0.52 2.47
C LYS A 88 -4.36 1.00 2.47
N PHE A 89 -5.45 1.54 1.94
CA PHE A 89 -5.62 2.99 1.89
C PHE A 89 -6.65 3.43 2.93
N ALA A 90 -6.42 4.59 3.54
CA ALA A 90 -7.34 5.12 4.54
C ALA A 90 -7.47 6.63 4.40
N GLU A 91 -8.62 7.17 4.81
CA GLU A 91 -8.86 8.61 4.73
C GLU A 91 -9.68 9.09 5.91
N VAL A 92 -9.34 10.28 6.42
CA VAL A 92 -10.04 10.87 7.55
C VAL A 92 -10.10 12.39 7.42
N TYR A 93 -10.83 13.03 8.34
CA TYR A 93 -10.97 14.48 8.33
C TYR A 93 -11.66 14.97 7.07
N PHE A 94 -12.19 14.03 6.29
CA PHE A 94 -12.90 14.35 5.05
C PHE A 94 -13.98 13.32 4.78
N ALA A 95 -15.23 13.76 4.79
CA ALA A 95 -16.36 12.86 4.56
C ALA A 95 -17.20 13.30 3.36
N GLN A 96 -16.87 12.76 2.19
CA GLN A 96 -17.60 13.08 0.97
C GLN A 96 -17.21 12.15 -0.17
N SER A 97 -18.16 11.90 -1.08
CA SER A 97 -17.92 11.01 -2.22
C SER A 97 -17.84 11.78 -3.53
N GLN A 98 -17.17 11.18 -4.52
CA GLN A 98 -17.01 11.81 -5.84
C GLN A 98 -16.54 13.25 -5.73
N GLN A 99 -15.71 13.52 -4.74
CA GLN A 99 -15.17 14.86 -4.52
C GLN A 99 -13.67 14.79 -4.31
N LYS A 100 -13.27 13.85 -3.45
CA LYS A 100 -11.86 13.64 -3.16
C LYS A 100 -11.36 12.42 -3.94
N VAL A 101 -10.95 12.66 -5.18
CA VAL A 101 -10.47 11.57 -6.03
C VAL A 101 -8.96 11.70 -6.23
N PHE A 102 -8.27 10.56 -6.31
CA PHE A 102 -6.82 10.54 -6.46
C PHE A 102 -6.38 9.70 -7.64
N ASP A 103 -5.07 9.53 -7.81
CA ASP A 103 -4.55 8.69 -8.89
C ASP A 103 -3.38 7.84 -8.39
N VAL A 104 -3.28 6.62 -8.92
CA VAL A 104 -2.25 5.68 -8.51
C VAL A 104 -1.56 4.99 -9.70
N ARG A 105 -0.22 4.85 -9.60
CA ARG A 105 0.57 4.24 -10.68
C ARG A 105 1.73 3.39 -10.17
N VAL A 106 2.04 2.34 -10.95
CA VAL A 106 3.15 1.43 -10.65
C VAL A 106 4.25 1.59 -11.71
N ASN A 107 5.44 1.94 -11.23
CA ASN A 107 6.60 2.20 -12.09
C ASN A 107 6.23 3.20 -13.17
N GLY A 108 5.25 4.02 -12.83
CA GLY A 108 4.80 5.05 -13.74
C GLY A 108 3.59 4.63 -14.55
N HIS A 109 2.84 3.65 -14.06
CA HIS A 109 1.69 3.15 -14.79
C HIS A 109 0.39 3.23 -13.98
N THR A 110 -0.52 4.14 -14.36
CA THR A 110 -1.79 4.28 -13.66
C THR A 110 -2.60 3.00 -13.70
N VAL A 111 -2.89 2.46 -12.52
CA VAL A 111 -3.66 1.26 -12.42
C VAL A 111 -5.00 1.55 -11.76
N VAL A 112 -5.01 2.56 -10.89
CA VAL A 112 -6.25 2.95 -10.24
C VAL A 112 -6.37 4.46 -10.20
N LYS A 113 -7.02 5.00 -11.23
CA LYS A 113 -7.21 6.42 -11.30
C LYS A 113 -8.60 6.80 -10.84
N ASP A 114 -8.60 7.83 -10.01
CA ASP A 114 -9.80 8.39 -9.38
C ASP A 114 -10.05 7.69 -8.06
N LEU A 115 -8.97 7.29 -7.39
CA LEU A 115 -9.07 6.61 -6.11
C LEU A 115 -9.87 7.42 -5.11
N ASP A 116 -11.17 7.13 -5.04
CA ASP A 116 -12.05 7.79 -4.10
C ASP A 116 -12.22 6.88 -2.89
N ILE A 117 -11.25 6.95 -2.00
CA ILE A 117 -11.22 6.10 -0.81
C ILE A 117 -12.53 6.14 -0.03
N PHE A 118 -13.05 7.33 0.23
CA PHE A 118 -14.29 7.48 0.98
C PHE A 118 -15.44 6.77 0.29
N ASP A 119 -15.66 7.09 -0.99
CA ASP A 119 -16.73 6.47 -1.76
C ASP A 119 -16.62 4.95 -1.78
N ARG A 120 -15.40 4.44 -1.64
CA ARG A 120 -15.16 2.99 -1.68
C ARG A 120 -15.67 2.29 -0.42
N VAL A 121 -15.16 2.65 0.75
CA VAL A 121 -15.58 2.01 2.00
C VAL A 121 -16.43 2.94 2.88
N GLY A 122 -16.04 4.21 2.97
CA GLY A 122 -16.79 5.15 3.77
C GLY A 122 -16.00 5.70 4.94
N HIS A 123 -16.66 5.87 6.08
CA HIS A 123 -16.02 6.40 7.29
C HIS A 123 -14.77 5.61 7.63
N SER A 124 -13.61 6.23 7.47
CA SER A 124 -12.33 5.60 7.74
C SER A 124 -12.28 4.18 7.18
N THR A 125 -12.54 3.18 8.04
CA THR A 125 -12.52 1.77 7.64
C THR A 125 -11.26 1.43 6.86
N ALA A 126 -11.15 0.18 6.43
CA ALA A 126 -9.98 -0.26 5.68
C ALA A 126 -10.28 -0.43 4.19
N HIS A 127 -9.43 0.15 3.35
CA HIS A 127 -9.58 0.00 1.91
C HIS A 127 -8.45 -0.86 1.37
N ASP A 128 -8.73 -1.72 0.39
CA ASP A 128 -7.69 -2.61 -0.14
C ASP A 128 -7.68 -2.67 -1.66
N GLU A 129 -6.50 -2.52 -2.22
CA GLU A 129 -6.30 -2.61 -3.67
C GLU A 129 -5.12 -3.52 -3.99
N ILE A 130 -5.39 -4.59 -4.74
CA ILE A 130 -4.35 -5.56 -5.11
C ILE A 130 -3.94 -5.40 -6.57
N ILE A 131 -2.64 -5.44 -6.85
CA ILE A 131 -2.14 -5.28 -8.21
C ILE A 131 -1.05 -6.30 -8.56
N PRO A 132 -1.40 -7.51 -9.05
CA PRO A 132 -0.40 -8.50 -9.47
C PRO A 132 0.41 -8.01 -10.66
N ILE A 133 1.72 -8.25 -10.63
CA ILE A 133 2.61 -7.83 -11.70
C ILE A 133 3.46 -8.99 -12.19
N SER A 134 3.90 -8.93 -13.46
CA SER A 134 4.72 -10.00 -14.02
C SER A 134 5.94 -9.45 -14.74
N ILE A 135 7.11 -9.63 -14.13
CA ILE A 135 8.37 -9.18 -14.73
C ILE A 135 9.15 -10.38 -15.29
N LYS A 136 9.53 -10.28 -16.56
CA LYS A 136 10.26 -11.36 -17.23
C LYS A 136 11.21 -10.78 -18.27
N LYS A 137 12.38 -11.42 -18.42
CA LYS A 137 13.37 -10.96 -19.39
C LYS A 137 13.78 -9.52 -19.09
N GLY A 138 13.53 -9.09 -17.85
CA GLY A 138 13.88 -7.75 -17.45
C GLY A 138 12.86 -6.72 -17.92
N LYS A 139 11.60 -7.15 -18.06
CA LYS A 139 10.55 -6.25 -18.51
C LYS A 139 9.32 -6.34 -17.60
N LEU A 140 8.68 -5.20 -17.37
CA LEU A 140 7.52 -5.12 -16.48
C LEU A 140 6.21 -5.19 -17.25
N SER A 141 5.30 -6.02 -16.75
CA SER A 141 3.98 -6.18 -17.35
C SER A 141 2.92 -5.76 -16.33
N VAL A 142 2.16 -4.71 -16.67
CA VAL A 142 1.13 -4.20 -15.78
C VAL A 142 -0.26 -4.29 -16.42
N GLN A 143 -1.00 -5.33 -16.04
CA GLN A 143 -2.35 -5.55 -16.55
C GLN A 143 -2.39 -5.61 -18.08
N GLY A 144 -2.73 -4.50 -18.73
CA GLY A 144 -2.83 -4.47 -20.18
C GLY A 144 -1.80 -3.55 -20.84
N GLU A 145 -0.74 -3.25 -20.12
CA GLU A 145 0.32 -2.39 -20.65
C GLU A 145 1.68 -2.95 -20.28
N VAL A 146 2.66 -2.78 -21.17
CA VAL A 146 4.00 -3.29 -20.93
C VAL A 146 5.06 -2.21 -21.09
N SER A 147 6.14 -2.33 -20.32
CA SER A 147 7.23 -1.37 -20.36
C SER A 147 8.49 -1.96 -19.73
N THR A 148 9.63 -1.75 -20.40
CA THR A 148 10.91 -2.27 -19.91
C THR A 148 11.17 -1.83 -18.47
N PHE A 149 11.65 -2.76 -17.66
CA PHE A 149 11.97 -2.49 -16.26
C PHE A 149 13.33 -1.80 -16.17
N THR A 150 13.38 -0.62 -15.56
CA THR A 150 14.64 0.09 -15.44
C THR A 150 15.15 0.12 -14.00
N GLY A 151 15.94 -0.91 -13.66
CA GLY A 151 16.55 -1.06 -12.36
C GLY A 151 15.67 -0.78 -11.13
N LYS A 152 14.44 -0.31 -11.30
CA LYS A 152 13.61 0.01 -10.13
C LYS A 152 12.12 0.11 -10.44
N LEU A 153 11.31 -0.18 -9.42
CA LEU A 153 9.86 -0.06 -9.50
C LEU A 153 9.48 1.28 -8.85
N SER A 154 8.77 2.11 -9.59
CA SER A 154 8.43 3.45 -9.10
C SER A 154 6.96 3.59 -8.74
N VAL A 155 6.66 3.55 -7.44
CA VAL A 155 5.28 3.67 -7.00
C VAL A 155 4.99 5.07 -6.52
N GLU A 156 4.07 5.76 -7.20
CA GLU A 156 3.74 7.13 -6.81
C GLU A 156 2.29 7.45 -7.11
N PHE A 157 1.79 8.48 -6.45
CA PHE A 157 0.42 8.92 -6.64
C PHE A 157 0.37 10.41 -6.93
N VAL A 158 -0.63 10.80 -7.71
CA VAL A 158 -0.83 12.19 -8.08
C VAL A 158 -2.18 12.70 -7.57
N LYS A 159 -2.21 13.95 -7.13
CA LYS A 159 -3.43 14.55 -6.61
C LYS A 159 -4.32 15.05 -7.73
N GLY A 160 -5.63 14.97 -7.50
CA GLY A 160 -6.60 15.42 -8.47
C GLY A 160 -7.17 16.78 -8.10
N TYR A 161 -7.03 17.13 -6.83
CA TYR A 161 -7.52 18.41 -6.32
C TYR A 161 -6.62 18.93 -5.20
N TYR A 162 -6.73 18.34 -4.01
CA TYR A 162 -5.93 18.76 -2.87
C TYR A 162 -5.72 17.60 -1.89
N ASP A 163 -4.61 17.67 -1.14
CA ASP A 163 -4.28 16.64 -0.15
C ASP A 163 -4.22 15.26 -0.77
N ASN A 164 -3.04 14.90 -1.30
CA ASN A 164 -2.82 13.59 -1.90
C ASN A 164 -3.26 12.48 -0.93
N PRO A 165 -3.34 11.19 -1.37
CA PRO A 165 -3.76 10.10 -0.47
C PRO A 165 -3.16 10.27 0.92
N LYS A 166 -4.00 10.70 1.85
CA LYS A 166 -3.57 10.96 3.22
C LYS A 166 -2.93 9.74 3.88
N VAL A 167 -3.63 8.60 3.92
CA VAL A 167 -3.06 7.41 4.55
C VAL A 167 -2.64 6.36 3.53
N CYS A 168 -1.43 5.81 3.73
CA CYS A 168 -0.90 4.82 2.81
C CYS A 168 -0.25 3.62 3.53
N ALA A 169 -0.64 2.42 3.08
CA ALA A 169 -0.18 1.15 3.64
C ALA A 169 0.56 0.30 2.61
N LEU A 170 1.36 0.94 1.76
CA LEU A 170 2.11 0.29 0.70
C LEU A 170 2.85 -0.94 1.21
N PHE A 171 2.63 -2.06 0.54
CA PHE A 171 3.25 -3.34 0.91
C PHE A 171 3.60 -4.15 -0.34
N ILE A 172 4.91 -4.31 -0.63
CA ILE A 172 5.33 -5.09 -1.79
C ILE A 172 6.02 -6.40 -1.40
N MET A 173 5.45 -7.48 -1.93
CA MET A 173 5.95 -8.82 -1.69
C MET A 173 6.45 -9.43 -3.00
N LYS A 174 7.18 -10.54 -2.90
CA LYS A 174 7.77 -11.13 -4.08
C LYS A 174 7.28 -12.55 -4.41
N GLY A 175 7.05 -12.72 -5.70
CA GLY A 175 6.71 -13.99 -6.31
C GLY A 175 5.25 -14.28 -6.62
N THR A 176 4.27 -13.84 -5.79
CA THR A 176 2.86 -14.15 -6.08
C THR A 176 1.89 -13.62 -5.03
N ALA A 177 0.61 -13.51 -5.44
CA ALA A 177 -0.47 -13.07 -4.55
C ALA A 177 -1.04 -14.26 -3.78
N ASP A 178 -0.86 -15.45 -4.32
CA ASP A 178 -1.37 -16.67 -3.70
C ASP A 178 -0.67 -16.96 -2.38
N ASP A 179 0.34 -16.15 -2.05
CA ASP A 179 1.08 -16.33 -0.80
C ASP A 179 0.33 -15.71 0.37
N VAL A 180 0.16 -14.39 0.34
CA VAL A 180 -0.53 -13.66 1.40
C VAL A 180 -1.79 -14.41 1.87
N PRO A 181 -1.74 -15.12 3.02
CA PRO A 181 -2.91 -15.86 3.55
C PRO A 181 -4.16 -15.00 3.60
N MET A 182 -5.28 -15.59 3.18
CA MET A 182 -6.56 -14.89 3.19
C MET A 182 -7.68 -15.83 3.63
N LEU A 183 -8.26 -15.54 4.79
CA LEU A 183 -9.34 -16.35 5.36
C LEU A 183 -10.44 -16.59 4.33
N GLN A 184 -11.03 -17.78 4.37
CA GLN A 184 -12.11 -18.15 3.47
C GLN A 184 -13.38 -18.47 4.26
N PRO A 185 -14.60 -18.24 3.69
CA PRO A 185 -15.85 -18.55 4.40
C PRO A 185 -15.80 -19.91 5.09
N HIS A 186 -16.06 -19.91 6.40
CA HIS A 186 -16.04 -21.14 7.18
C HIS A 186 -17.31 -21.26 8.03
N PRO A 187 -17.95 -22.46 8.12
CA PRO A 187 -19.17 -22.64 8.93
C PRO A 187 -18.89 -22.72 10.42
N GLY A 188 -17.78 -23.37 10.77
CA GLY A 188 -17.41 -23.52 12.16
C GLY A 188 -18.53 -24.09 13.01
N LEU A 189 -18.65 -25.41 13.02
CA LEU A 189 -19.68 -26.09 13.80
C LEU A 189 -19.47 -25.87 15.29
N GLU A 190 -20.44 -25.21 15.93
CA GLU A 190 -20.35 -24.94 17.36
C GLU A 190 -21.68 -25.24 18.04
#